data_7FIZ
#
_entry.id   7FIZ
#
_cell.length_a   1.00
_cell.length_b   1.00
_cell.length_c   1.00
_cell.angle_alpha   90.00
_cell.angle_beta   90.00
_cell.angle_gamma   90.00
#
_symmetry.space_group_name_H-M   'P 1'
#
loop_
_entity.id
_entity.type
_entity.pdbx_description
1 polymer 'Lon protease'
2 polymer 'Unknown endogenous substrate'
3 non-polymer 'PHOSPHOTHIOPHOSPHORIC ACID-ADENYLATE ESTER'
4 non-polymer "ADENOSINE-5'-DIPHOSPHATE"
#
loop_
_entity_poly.entity_id
_entity_poly.type
_entity_poly.pdbx_seq_one_letter_code
_entity_poly.pdbx_strand_id
1 'polypeptide(L)'
;MRLELPVIPLRNTVILPHTTTPVDVGRAKSKRAVEEAMGADRLIFLVAQRDPEVDDPAPDDLYTWGVQAVVKQAMRLPDG
TLQVMVEARARAQVTDYIPGPYLRARGEVFSEIFPIDEAVVRVLVEELKEAFEKYVANHKSLRLDRYQLEAVKGTSDPAM
LADTIAYHATWTVAEKQEILELTDLEARLKKVLGLLSRDLERFELDKRVAQRVKEQMDTNQREYYLREQMKAIQKELGGE
DGLSDLEALRKKIEEVGMPEAVKTKALKELDRLERMQQGSPEATVARTYLDWLTEVPWSKADPEVLDINHTRQVLDEDHY
GLKDVKERILEYLAVRQLTQGLDVRNKAPILVLVGPPGVGKTSLGRSIARSMNRKFHRISLGGVRDEAEIRGHRRTYIGA
MPGKLIHAMKQVGVINPVILLDEIDKMSSDWRGDPASAMLEVLDPEQNNTFTDHYLDVPYDLSKVFFITTANTLQTIPRP
LLDRMEVIEIPGYTNMEKQAIARQYLWPKQVRESGMEGRIEVTDAAILRVISEYTREAGVRGLERELGKIARKGAKFWLE
GAWEGLRTIDASDIPTYLGIPRYRPDKAETEPQVGTAQGLAWTPVGGTLLTIEVAAVPGSGKLSLTGQLGEVMKESAQAA
LTYLRAHTQDYGLPEDFYNKVDLHVHVPDGATPKDGPSAGITMATAIASALSRRPARMDIAMTGEVSLRGKVMPIGGVKE
KLLAAHQAGIHKIVLPKDNEAQLEELPKEVLEGLEIKLVEDVGEVLEYLLLPEPTMPPVVQPSDNRQQPGAGAKLAAALE
HHHHHH
;
B,C,D,E,F,A
2 'polypeptide(L)'
;(UNK)(UNK)(UNK)(UNK)(UNK)(UNK)(UNK)(UNK)(UNK)(UNK)(UNK)(UNK)(UNK)(UNK)(UNK)(UNK)
(UNK)(UNK)(UNK)(UNK)(UNK)(UNK)
;
S
#
# COMPACT_ATOMS: atom_id res chain seq x y z
N ARG A 2 -41.46 12.32 -119.70
CA ARG A 2 -40.83 11.75 -118.52
C ARG A 2 -40.20 12.82 -117.66
N LEU A 3 -40.29 14.07 -118.12
CA LEU A 3 -39.87 15.28 -117.42
C LEU A 3 -38.39 15.26 -117.05
N GLU A 4 -37.51 15.29 -118.05
CA GLU A 4 -36.07 15.33 -117.86
C GLU A 4 -35.71 16.67 -117.23
N LEU A 5 -35.34 16.65 -115.94
CA LEU A 5 -35.06 17.84 -115.18
C LEU A 5 -33.68 17.74 -114.55
N PRO A 6 -32.96 18.85 -114.42
CA PRO A 6 -31.64 18.81 -113.78
C PRO A 6 -31.76 18.62 -112.27
N VAL A 7 -30.76 17.94 -111.71
CA VAL A 7 -30.80 17.55 -110.31
C VAL A 7 -29.75 18.33 -109.53
N ILE A 8 -30.12 18.81 -108.36
CA ILE A 8 -29.18 19.49 -107.47
C ILE A 8 -28.67 18.50 -106.42
N PRO A 9 -27.36 18.18 -106.40
CA PRO A 9 -26.84 17.28 -105.36
C PRO A 9 -26.77 17.94 -103.99
N LEU A 10 -27.68 17.53 -103.10
CA LEU A 10 -27.77 18.14 -101.79
C LEU A 10 -26.63 17.70 -100.90
N ARG A 11 -26.41 18.44 -99.81
CA ARG A 11 -25.28 18.21 -98.93
C ARG A 11 -25.68 17.90 -97.50
N ASN A 12 -26.85 18.34 -97.05
CA ASN A 12 -27.21 18.12 -95.65
C ASN A 12 -28.68 17.80 -95.39
N THR A 13 -29.49 17.65 -96.44
CA THR A 13 -30.91 17.44 -96.21
C THR A 13 -31.55 16.70 -97.38
N VAL A 14 -32.80 16.31 -97.18
CA VAL A 14 -33.72 15.91 -98.23
C VAL A 14 -34.99 16.73 -98.03
N ILE A 15 -35.45 17.38 -99.10
CA ILE A 15 -36.66 18.19 -99.00
C ILE A 15 -37.88 17.30 -98.90
N LEU A 16 -38.53 17.33 -97.74
CA LEU A 16 -39.77 16.58 -97.50
C LEU A 16 -40.89 17.16 -98.34
N PRO A 17 -41.85 16.34 -98.79
CA PRO A 17 -42.91 16.83 -99.68
C PRO A 17 -43.89 17.77 -98.98
N HIS A 18 -44.60 18.52 -99.83
CA HIS A 18 -45.79 19.32 -99.47
C HIS A 18 -45.48 20.44 -98.46
N THR A 19 -44.26 20.96 -98.51
CA THR A 19 -43.85 21.98 -97.55
C THR A 19 -42.91 22.97 -98.21
N THR A 20 -43.18 24.26 -98.00
CA THR A 20 -42.32 25.34 -98.44
C THR A 20 -41.07 25.34 -97.56
N THR A 21 -39.94 24.89 -98.11
CA THR A 21 -38.71 24.74 -97.36
C THR A 21 -37.60 25.64 -97.92
N PRO A 22 -36.65 26.06 -97.09
CA PRO A 22 -35.45 26.71 -97.63
C PRO A 22 -34.37 25.70 -98.03
N VAL A 23 -33.65 25.99 -99.10
CA VAL A 23 -32.56 25.13 -99.58
C VAL A 23 -31.28 25.96 -99.52
N ASP A 24 -30.35 25.54 -98.67
CA ASP A 24 -29.07 26.24 -98.53
C ASP A 24 -28.08 25.68 -99.53
N VAL A 25 -27.81 26.45 -100.59
CA VAL A 25 -26.83 26.08 -101.59
C VAL A 25 -25.48 26.61 -101.15
N GLY A 26 -24.67 25.75 -100.54
CA GLY A 26 -23.43 26.20 -99.93
C GLY A 26 -22.21 25.96 -100.79
N ARG A 27 -22.29 24.98 -101.69
CA ARG A 27 -21.21 24.67 -102.62
C ARG A 27 -21.35 25.54 -103.86
N ALA A 28 -20.23 25.82 -104.52
CA ALA A 28 -20.23 26.54 -105.78
C ALA A 28 -20.22 25.59 -106.97
N LYS A 29 -20.42 24.28 -106.74
CA LYS A 29 -20.55 23.30 -107.81
C LYS A 29 -21.98 22.78 -107.90
N SER A 30 -22.94 23.49 -107.32
CA SER A 30 -24.35 23.25 -107.54
C SER A 30 -25.11 24.49 -107.99
N LYS A 31 -24.40 25.57 -108.34
CA LYS A 31 -25.05 26.80 -108.79
C LYS A 31 -25.55 26.67 -110.22
N ARG A 32 -24.76 26.01 -111.08
CA ARG A 32 -25.19 25.81 -112.47
C ARG A 32 -26.35 24.84 -112.55
N ALA A 33 -26.50 23.95 -111.56
CA ALA A 33 -27.70 23.13 -111.46
C ALA A 33 -28.94 23.99 -111.20
N VAL A 34 -28.81 25.03 -110.38
CA VAL A 34 -29.92 25.94 -110.14
C VAL A 34 -30.23 26.78 -111.39
N GLU A 35 -29.18 27.24 -112.07
CA GLU A 35 -29.37 28.04 -113.28
C GLU A 35 -29.95 27.22 -114.43
N GLU A 36 -29.68 25.91 -114.47
CA GLU A 36 -30.37 25.04 -115.42
C GLU A 36 -31.74 24.62 -114.91
N ALA A 37 -31.97 24.69 -113.60
CA ALA A 37 -33.29 24.38 -113.06
C ALA A 37 -34.28 25.48 -113.36
N MET A 38 -33.82 26.74 -113.42
CA MET A 38 -34.70 27.81 -113.88
C MET A 38 -34.98 27.69 -115.37
N GLY A 39 -34.03 27.17 -116.14
CA GLY A 39 -34.16 26.96 -117.57
C GLY A 39 -34.94 25.74 -117.99
N ALA A 40 -35.47 24.98 -117.02
CA ALA A 40 -36.24 23.77 -117.31
C ALA A 40 -37.70 23.90 -116.90
N ASP A 41 -38.33 25.03 -117.21
CA ASP A 41 -39.73 25.37 -116.95
C ASP A 41 -40.01 25.36 -115.44
N ARG A 42 -39.00 25.78 -114.66
CA ARG A 42 -39.10 26.07 -113.23
C ARG A 42 -39.55 24.87 -112.40
N LEU A 43 -39.05 23.68 -112.76
CA LEU A 43 -39.33 22.45 -112.01
C LEU A 43 -38.01 21.74 -111.75
N ILE A 44 -37.82 21.31 -110.50
CA ILE A 44 -36.51 20.89 -110.01
C ILE A 44 -36.63 19.47 -109.46
N PHE A 45 -35.73 18.59 -109.88
CA PHE A 45 -35.52 17.33 -109.18
C PHE A 45 -34.39 17.47 -108.17
N LEU A 46 -34.48 16.73 -107.08
CA LEU A 46 -33.49 16.80 -106.00
C LEU A 46 -33.14 15.40 -105.52
N VAL A 47 -31.86 15.06 -105.63
CA VAL A 47 -31.33 13.80 -105.10
C VAL A 47 -30.13 14.11 -104.23
N ALA A 48 -30.20 13.69 -102.96
CA ALA A 48 -29.16 13.98 -101.98
C ALA A 48 -28.17 12.82 -101.91
N GLN A 49 -26.91 13.16 -101.70
CA GLN A 49 -25.91 12.14 -101.42
C GLN A 49 -25.79 11.92 -99.91
N ARG A 50 -25.33 10.73 -99.54
CA ARG A 50 -25.15 10.37 -98.14
C ARG A 50 -23.69 10.38 -97.72
N ASP A 51 -22.77 10.74 -98.61
CA ASP A 51 -21.44 11.19 -98.21
C ASP A 51 -21.42 12.71 -98.30
N PRO A 52 -21.66 13.42 -97.19
CA PRO A 52 -21.80 14.88 -97.27
C PRO A 52 -20.49 15.63 -97.50
N GLU A 53 -20.59 16.71 -98.28
CA GLU A 53 -19.55 17.72 -98.46
C GLU A 53 -18.27 17.14 -99.06
N VAL A 54 -18.46 16.35 -100.11
CA VAL A 54 -17.38 15.87 -100.95
C VAL A 54 -17.53 16.53 -102.31
N ASP A 55 -16.43 17.06 -102.85
CA ASP A 55 -16.44 17.82 -104.09
C ASP A 55 -16.82 16.99 -105.32
N ASP A 56 -16.67 15.67 -105.26
CA ASP A 56 -17.17 14.79 -106.30
C ASP A 56 -18.44 14.15 -105.80
N PRO A 57 -19.63 14.51 -106.33
CA PRO A 57 -20.86 13.84 -105.89
C PRO A 57 -20.92 12.39 -106.34
N ALA A 58 -20.95 11.49 -105.38
CA ALA A 58 -20.83 10.07 -105.63
C ALA A 58 -22.11 9.51 -106.25
N PRO A 59 -22.01 8.91 -107.44
CA PRO A 59 -23.15 8.17 -107.99
C PRO A 59 -23.42 6.85 -107.31
N ASP A 60 -22.54 6.41 -106.40
CA ASP A 60 -22.81 5.24 -105.56
C ASP A 60 -23.80 5.57 -104.45
N ASP A 61 -24.00 6.85 -104.14
CA ASP A 61 -24.94 7.29 -103.12
C ASP A 61 -26.26 7.79 -103.70
N LEU A 62 -26.62 7.37 -104.91
CA LEU A 62 -27.86 7.80 -105.52
C LEU A 62 -29.06 7.12 -104.87
N TYR A 63 -30.20 7.80 -104.92
CA TYR A 63 -31.43 7.35 -104.29
C TYR A 63 -32.44 6.98 -105.36
N THR A 64 -33.28 5.99 -105.03
CA THR A 64 -34.36 5.57 -105.92
C THR A 64 -35.63 6.39 -105.71
N TRP A 65 -35.56 7.47 -104.95
CA TRP A 65 -36.71 8.29 -104.62
C TRP A 65 -36.33 9.75 -104.84
N GLY A 66 -37.07 10.43 -105.73
CA GLY A 66 -36.88 11.84 -105.98
C GLY A 66 -38.02 12.64 -105.36
N VAL A 67 -37.88 13.96 -105.42
CA VAL A 67 -38.91 14.86 -104.89
C VAL A 67 -39.10 16.00 -105.88
N GLN A 68 -40.35 16.37 -106.12
CA GLN A 68 -40.68 17.46 -107.03
C GLN A 68 -40.86 18.77 -106.27
N ALA A 69 -40.43 19.86 -106.89
CA ALA A 69 -40.54 21.18 -106.29
C ALA A 69 -40.75 22.20 -107.40
N VAL A 70 -41.16 23.41 -107.02
CA VAL A 70 -41.40 24.49 -107.96
C VAL A 70 -40.57 25.69 -107.51
N VAL A 71 -40.11 26.47 -108.49
CA VAL A 71 -39.28 27.64 -108.22
C VAL A 71 -40.17 28.76 -107.68
N LYS A 72 -39.92 29.16 -106.43
CA LYS A 72 -40.62 30.29 -105.84
C LYS A 72 -39.88 31.60 -106.00
N GLN A 73 -38.58 31.63 -105.70
CA GLN A 73 -37.78 32.83 -105.91
C GLN A 73 -36.34 32.41 -106.19
N ALA A 74 -35.55 33.37 -106.67
CA ALA A 74 -34.14 33.14 -106.95
C ALA A 74 -33.40 34.44 -106.60
N MET A 75 -32.87 34.49 -105.38
CA MET A 75 -32.13 35.64 -104.88
C MET A 75 -30.70 35.21 -104.57
N ARG A 76 -29.73 35.90 -105.14
CA ARG A 76 -28.32 35.58 -104.92
C ARG A 76 -27.76 36.42 -103.79
N LEU A 77 -26.85 35.82 -103.03
CA LEU A 77 -26.20 36.44 -101.87
C LEU A 77 -24.70 36.21 -101.93
N PRO A 78 -23.90 37.26 -101.78
CA PRO A 78 -22.44 37.10 -101.89
C PRO A 78 -21.76 36.56 -100.64
N ASP A 79 -22.52 36.23 -99.58
CA ASP A 79 -21.90 35.84 -98.32
C ASP A 79 -21.36 34.41 -98.36
N GLY A 80 -21.78 33.60 -99.32
CA GLY A 80 -21.26 32.25 -99.45
C GLY A 80 -22.33 31.23 -99.82
N THR A 81 -23.55 31.46 -99.35
CA THR A 81 -24.68 30.58 -99.65
C THR A 81 -25.72 31.37 -100.43
N LEU A 82 -26.30 30.74 -101.45
CA LEU A 82 -27.31 31.36 -102.30
C LEU A 82 -28.69 30.94 -101.82
N GLN A 83 -29.41 31.87 -101.21
CA GLN A 83 -30.71 31.57 -100.62
C GLN A 83 -31.75 31.45 -101.72
N VAL A 84 -32.12 30.21 -102.04
CA VAL A 84 -33.15 29.91 -103.03
C VAL A 84 -34.29 29.21 -102.31
N MET A 85 -35.53 29.61 -102.63
CA MET A 85 -36.71 29.06 -101.97
C MET A 85 -37.52 28.25 -102.97
N VAL A 86 -37.90 27.04 -102.56
CA VAL A 86 -38.74 26.15 -103.36
C VAL A 86 -39.96 25.77 -102.54
N GLU A 87 -40.95 25.20 -103.22
CA GLU A 87 -42.12 24.62 -102.58
C GLU A 87 -42.39 23.25 -103.19
N ALA A 88 -42.41 22.22 -102.35
CA ALA A 88 -42.55 20.86 -102.84
C ALA A 88 -43.99 20.58 -103.25
N ARG A 89 -44.15 19.86 -104.36
CA ARG A 89 -45.46 19.48 -104.90
C ARG A 89 -45.72 17.99 -104.78
N ALA A 90 -44.80 17.16 -105.26
CA ALA A 90 -44.97 15.71 -105.24
C ALA A 90 -43.58 15.07 -105.13
N ARG A 91 -43.50 13.78 -105.44
CA ARG A 91 -42.26 13.03 -105.38
C ARG A 91 -42.08 12.20 -106.65
N ALA A 92 -40.86 11.74 -106.89
CA ALA A 92 -40.56 10.92 -108.07
C ALA A 92 -39.62 9.77 -107.72
N GLN A 93 -39.23 9.00 -108.73
CA GLN A 93 -38.29 7.90 -108.55
C GLN A 93 -37.21 8.00 -109.62
N VAL A 94 -35.99 7.63 -109.25
CA VAL A 94 -34.81 7.86 -110.08
C VAL A 94 -34.18 6.53 -110.47
N THR A 95 -34.07 6.29 -111.77
CA THR A 95 -33.35 5.15 -112.32
C THR A 95 -32.19 5.60 -113.21
N ASP A 96 -32.44 6.56 -114.09
CA ASP A 96 -31.42 7.13 -114.97
C ASP A 96 -30.42 7.94 -114.13
N TYR A 97 -29.19 8.04 -114.64
CA TYR A 97 -28.13 8.68 -113.90
C TYR A 97 -27.09 9.28 -114.84
N ILE A 98 -26.59 10.45 -114.46
CA ILE A 98 -25.47 11.11 -115.13
C ILE A 98 -24.41 11.34 -114.07
N PRO A 99 -23.15 11.00 -114.33
CA PRO A 99 -22.11 11.18 -113.30
C PRO A 99 -21.81 12.64 -113.03
N GLY A 100 -21.89 12.99 -111.74
CA GLY A 100 -21.67 14.35 -111.31
C GLY A 100 -20.21 14.68 -111.11
N PRO A 101 -19.88 15.99 -111.01
CA PRO A 101 -20.80 17.13 -111.10
C PRO A 101 -21.06 17.58 -112.55
N TYR A 102 -22.31 17.92 -112.90
CA TYR A 102 -23.45 17.89 -111.99
C TYR A 102 -24.31 16.65 -112.24
N LEU A 103 -25.23 16.38 -111.32
CA LEU A 103 -26.12 15.24 -111.45
C LEU A 103 -27.34 15.59 -112.29
N ARG A 104 -27.73 14.64 -113.14
CA ARG A 104 -28.93 14.78 -113.97
C ARG A 104 -29.59 13.42 -114.09
N ALA A 105 -30.91 13.38 -113.95
CA ALA A 105 -31.65 12.12 -113.96
C ALA A 105 -32.92 12.27 -114.78
N ARG A 106 -33.61 11.14 -114.97
CA ARG A 106 -34.90 11.09 -115.65
C ARG A 106 -35.90 10.40 -114.74
N GLY A 107 -37.13 10.95 -114.69
CA GLY A 107 -38.16 10.43 -113.82
C GLY A 107 -38.82 9.16 -114.36
N GLU A 108 -39.36 8.38 -113.43
CA GLU A 108 -40.06 7.14 -113.77
C GLU A 108 -41.42 7.12 -113.09
N VAL A 109 -42.20 6.10 -113.40
CA VAL A 109 -43.58 5.98 -112.94
C VAL A 109 -43.62 5.66 -111.45
N PHE A 110 -44.72 6.01 -110.80
CA PHE A 110 -44.90 5.78 -109.37
C PHE A 110 -46.39 5.78 -109.05
N SER A 111 -46.70 5.50 -107.79
CA SER A 111 -48.07 5.56 -107.29
C SER A 111 -48.04 6.01 -105.83
N GLU A 112 -49.22 6.32 -105.30
CA GLU A 112 -49.34 6.82 -103.94
C GLU A 112 -50.47 6.08 -103.21
N ILE A 113 -50.38 6.07 -101.88
CA ILE A 113 -51.34 5.38 -101.03
C ILE A 113 -51.38 6.09 -99.69
N PHE A 114 -52.56 6.12 -99.08
CA PHE A 114 -52.81 6.79 -97.82
C PHE A 114 -53.33 5.78 -96.79
N PRO A 115 -53.13 6.04 -95.48
CA PRO A 115 -53.69 5.15 -94.47
C PRO A 115 -55.22 5.23 -94.36
N ILE A 116 -55.82 4.13 -93.92
CA ILE A 116 -57.26 4.07 -93.67
C ILE A 116 -57.52 4.78 -92.34
N ASP A 117 -58.72 5.39 -92.22
CA ASP A 117 -59.19 6.15 -91.07
C ASP A 117 -58.27 7.34 -90.80
N GLU A 118 -58.27 8.32 -91.72
CA GLU A 118 -57.42 9.50 -91.64
C GLU A 118 -57.81 10.47 -90.52
N ALA A 119 -58.90 10.22 -89.78
CA ALA A 119 -59.15 10.99 -88.57
C ALA A 119 -58.10 10.66 -87.50
N VAL A 120 -57.65 9.41 -87.47
CA VAL A 120 -56.54 9.01 -86.61
C VAL A 120 -55.26 9.72 -87.03
N VAL A 121 -55.11 10.02 -88.33
CA VAL A 121 -53.98 10.82 -88.80
C VAL A 121 -54.07 12.24 -88.24
N ARG A 122 -55.28 12.79 -88.14
CA ARG A 122 -55.46 14.13 -87.58
C ARG A 122 -55.16 14.15 -86.09
N VAL A 123 -55.64 13.13 -85.36
CA VAL A 123 -55.32 12.99 -83.94
C VAL A 123 -53.82 12.80 -83.72
N LEU A 124 -53.13 12.07 -84.59
CA LEU A 124 -51.71 11.85 -84.46
C LEU A 124 -50.89 13.08 -84.88
N VAL A 125 -51.41 13.92 -85.79
CA VAL A 125 -50.79 15.22 -86.04
C VAL A 125 -50.95 16.13 -84.83
N GLU A 126 -52.09 16.03 -84.13
CA GLU A 126 -52.25 16.77 -82.87
C GLU A 126 -51.28 16.26 -81.79
N GLU A 127 -51.04 14.95 -81.76
CA GLU A 127 -50.08 14.40 -80.81
C GLU A 127 -48.64 14.77 -81.18
N LEU A 128 -48.33 14.83 -82.47
CA LEU A 128 -47.02 15.33 -82.91
C LEU A 128 -46.88 16.81 -82.61
N LYS A 129 -47.99 17.55 -82.61
CA LYS A 129 -47.96 18.96 -82.23
C LYS A 129 -47.69 19.13 -80.73
N GLU A 130 -48.29 18.27 -79.90
CA GLU A 130 -47.96 18.24 -78.47
C GLU A 130 -46.49 17.89 -78.26
N ALA A 131 -45.98 16.93 -79.04
CA ALA A 131 -44.59 16.52 -78.94
C ALA A 131 -43.64 17.63 -79.36
N PHE A 132 -43.99 18.38 -80.40
CA PHE A 132 -43.11 19.46 -80.85
C PHE A 132 -43.23 20.69 -79.95
N GLU A 133 -44.39 20.91 -79.33
CA GLU A 133 -44.51 21.96 -78.33
C GLU A 133 -43.65 21.65 -77.11
N LYS A 134 -43.62 20.39 -76.68
CA LYS A 134 -42.74 20.02 -75.59
C LYS A 134 -41.28 20.02 -76.04
N TYR A 135 -41.02 19.81 -77.33
CA TYR A 135 -39.68 19.91 -77.88
C TYR A 135 -39.16 21.34 -77.85
N VAL A 136 -40.01 22.31 -78.19
CA VAL A 136 -39.62 23.71 -78.07
C VAL A 136 -39.51 24.10 -76.60
N ALA A 137 -40.36 23.53 -75.74
CA ALA A 137 -40.39 23.93 -74.34
C ALA A 137 -39.17 23.46 -73.56
N ASN A 138 -38.47 22.44 -74.06
CA ASN A 138 -37.24 22.01 -73.40
C ASN A 138 -36.01 22.78 -73.87
N HIS A 139 -36.16 23.68 -74.84
CA HIS A 139 -35.01 24.43 -75.35
C HIS A 139 -34.57 25.48 -74.34
N LYS A 140 -33.27 25.46 -74.04
CA LYS A 140 -32.63 26.45 -73.18
C LYS A 140 -31.39 27.01 -73.87
N SER A 141 -30.96 26.36 -74.94
CA SER A 141 -29.80 26.80 -75.71
C SER A 141 -30.15 27.14 -77.15
N LEU A 142 -31.43 27.13 -77.51
CA LEU A 142 -31.88 27.51 -78.85
C LEU A 142 -32.62 28.84 -78.83
N ARG A 143 -33.37 29.12 -77.76
CA ARG A 143 -34.07 30.37 -77.50
C ARG A 143 -35.06 30.74 -78.60
N LEU A 144 -36.03 29.87 -78.87
CA LEU A 144 -37.11 30.18 -79.80
C LEU A 144 -38.24 30.85 -79.02
N ASP A 145 -38.91 31.79 -79.67
CA ASP A 145 -40.05 32.45 -79.06
C ASP A 145 -41.25 31.52 -79.01
N ARG A 146 -42.18 31.82 -78.10
CA ARG A 146 -43.39 31.04 -77.90
C ARG A 146 -44.56 31.64 -78.68
N TYR A 147 -44.27 32.65 -79.51
CA TYR A 147 -45.28 33.29 -80.34
C TYR A 147 -45.18 32.88 -81.80
N GLN A 148 -44.37 31.88 -82.13
CA GLN A 148 -44.25 31.35 -83.49
C GLN A 148 -44.72 29.92 -83.59
N LEU A 149 -45.30 29.35 -82.54
CA LEU A 149 -45.81 27.99 -82.54
C LEU A 149 -47.28 27.92 -82.94
N GLU A 150 -48.01 29.03 -82.86
CA GLU A 150 -49.42 29.06 -83.23
C GLU A 150 -49.65 29.62 -84.63
N ALA A 151 -48.60 30.05 -85.32
CA ALA A 151 -48.72 30.62 -86.66
C ALA A 151 -48.26 29.65 -87.75
N VAL A 152 -48.05 28.38 -87.41
CA VAL A 152 -47.70 27.37 -88.39
C VAL A 152 -48.77 26.28 -88.37
N LYS A 153 -49.95 26.64 -87.87
CA LYS A 153 -51.08 25.71 -87.81
C LYS A 153 -52.28 26.19 -88.61
N GLY A 154 -52.07 26.73 -89.82
CA GLY A 154 -53.18 27.31 -90.56
C GLY A 154 -53.89 26.37 -91.49
N THR A 155 -53.18 25.41 -92.08
CA THR A 155 -53.78 24.49 -93.03
C THR A 155 -54.46 23.34 -92.29
N SER A 156 -55.49 22.78 -92.90
CA SER A 156 -56.22 21.66 -92.34
C SER A 156 -55.75 20.32 -92.89
N ASP A 157 -54.68 20.31 -93.69
CA ASP A 157 -54.13 19.08 -94.22
C ASP A 157 -53.15 18.47 -93.24
N PRO A 158 -53.34 17.20 -92.87
CA PRO A 158 -52.44 16.60 -91.87
C PRO A 158 -51.07 16.27 -92.42
N ALA A 159 -50.96 16.02 -93.73
CA ALA A 159 -49.66 15.70 -94.32
C ALA A 159 -48.75 16.92 -94.37
N MET A 160 -49.32 18.10 -94.69
CA MET A 160 -48.53 19.33 -94.76
C MET A 160 -48.04 19.73 -93.37
N LEU A 161 -48.92 19.67 -92.36
CA LEU A 161 -48.51 20.00 -91.00
C LEU A 161 -47.51 18.99 -90.45
N ALA A 162 -47.70 17.70 -90.81
CA ALA A 162 -46.78 16.66 -90.39
C ALA A 162 -45.39 16.85 -90.96
N ASP A 163 -45.30 17.13 -92.26
CA ASP A 163 -44.01 17.37 -92.89
C ASP A 163 -43.39 18.70 -92.45
N THR A 164 -44.22 19.69 -92.11
CA THR A 164 -43.69 20.96 -91.63
C THR A 164 -43.08 20.81 -90.24
N ILE A 165 -43.72 20.02 -89.37
CA ILE A 165 -43.12 19.71 -88.07
C ILE A 165 -41.86 18.86 -88.26
N ALA A 166 -41.91 17.89 -89.18
CA ALA A 166 -40.81 16.95 -89.35
C ALA A 166 -39.56 17.57 -89.96
N TYR A 167 -39.71 18.52 -90.87
CA TYR A 167 -38.53 19.12 -91.52
C TYR A 167 -37.77 20.07 -90.60
N HIS A 168 -38.46 20.77 -89.70
CA HIS A 168 -37.78 21.63 -88.73
C HIS A 168 -37.40 20.87 -87.46
N ALA A 169 -37.59 19.55 -87.45
CA ALA A 169 -37.05 18.67 -86.44
C ALA A 169 -35.81 17.93 -86.96
N THR A 170 -34.94 18.66 -87.68
CA THR A 170 -33.95 18.20 -88.65
C THR A 170 -33.18 16.92 -88.34
N TRP A 171 -33.24 15.95 -89.25
CA TRP A 171 -32.56 14.68 -89.06
C TRP A 171 -31.56 14.43 -90.19
N THR A 172 -30.87 13.30 -90.09
CA THR A 172 -29.82 12.91 -91.01
C THR A 172 -30.45 12.46 -92.34
N VAL A 173 -29.66 12.59 -93.42
CA VAL A 173 -30.12 12.35 -94.78
C VAL A 173 -30.57 10.90 -94.98
N ALA A 174 -29.89 9.96 -94.31
CA ALA A 174 -30.31 8.55 -94.35
C ALA A 174 -31.65 8.35 -93.66
N GLU A 175 -31.90 9.06 -92.55
CA GLU A 175 -33.19 8.97 -91.90
C GLU A 175 -34.25 9.74 -92.68
N LYS A 176 -33.86 10.82 -93.38
CA LYS A 176 -34.79 11.49 -94.27
C LYS A 176 -35.18 10.61 -95.44
N GLN A 177 -34.26 9.77 -95.92
CA GLN A 177 -34.61 8.77 -96.93
C GLN A 177 -35.47 7.65 -96.34
N GLU A 178 -35.26 7.29 -95.07
CA GLU A 178 -36.18 6.37 -94.40
C GLU A 178 -37.58 6.96 -94.28
N ILE A 179 -37.67 8.28 -94.15
CA ILE A 179 -38.97 8.95 -94.22
C ILE A 179 -39.52 8.92 -95.64
N LEU A 180 -38.67 9.16 -96.65
CA LEU A 180 -39.09 9.18 -98.04
C LEU A 180 -39.45 7.81 -98.59
N GLU A 181 -39.06 6.72 -97.92
CA GLU A 181 -39.52 5.39 -98.30
C GLU A 181 -40.86 5.05 -97.69
N LEU A 182 -41.45 5.97 -96.92
CA LEU A 182 -42.73 5.76 -96.24
C LEU A 182 -43.78 6.63 -96.93
N THR A 183 -44.47 6.05 -97.92
CA THR A 183 -45.54 6.77 -98.61
C THR A 183 -46.79 6.88 -97.76
N ASP A 184 -46.92 6.07 -96.71
CA ASP A 184 -48.03 6.22 -95.78
C ASP A 184 -47.73 7.34 -94.79
N LEU A 185 -48.76 7.76 -94.08
CA LEU A 185 -48.68 8.92 -93.19
C LEU A 185 -48.33 8.56 -91.76
N GLU A 186 -49.01 7.55 -91.18
CA GLU A 186 -48.87 7.28 -89.75
C GLU A 186 -47.51 6.67 -89.42
N ALA A 187 -46.84 6.07 -90.42
CA ALA A 187 -45.52 5.50 -90.19
C ALA A 187 -44.49 6.58 -89.92
N ARG A 188 -44.40 7.59 -90.78
CA ARG A 188 -43.43 8.66 -90.56
C ARG A 188 -43.85 9.56 -89.40
N LEU A 189 -45.15 9.66 -89.12
CA LEU A 189 -45.62 10.33 -87.91
C LEU A 189 -45.09 9.65 -86.65
N LYS A 190 -45.24 8.32 -86.57
CA LYS A 190 -44.75 7.60 -85.40
C LYS A 190 -43.23 7.59 -85.33
N LYS A 191 -42.56 7.62 -86.50
CA LYS A 191 -41.10 7.75 -86.56
C LYS A 191 -40.62 9.07 -85.95
N VAL A 192 -41.18 10.20 -86.41
CA VAL A 192 -40.79 11.50 -85.88
C VAL A 192 -41.21 11.64 -84.42
N LEU A 193 -42.33 11.01 -84.04
CA LEU A 193 -42.81 11.03 -82.65
C LEU A 193 -41.84 10.33 -81.71
N GLY A 194 -41.38 9.13 -82.08
CA GLY A 194 -40.44 8.41 -81.24
C GLY A 194 -39.07 9.07 -81.18
N LEU A 195 -38.60 9.60 -82.31
CA LEU A 195 -37.31 10.30 -82.31
C LEU A 195 -37.35 11.60 -81.51
N LEU A 196 -38.47 12.34 -81.60
CA LEU A 196 -38.59 13.54 -80.77
C LEU A 196 -38.81 13.19 -79.30
N SER A 197 -39.37 12.03 -78.99
CA SER A 197 -39.45 11.59 -77.60
C SER A 197 -38.07 11.29 -77.04
N ARG A 198 -37.19 10.70 -77.87
CA ARG A 198 -35.79 10.54 -77.49
C ARG A 198 -35.12 11.89 -77.25
N ASP A 199 -35.44 12.88 -78.09
CA ASP A 199 -34.92 14.23 -77.88
C ASP A 199 -35.44 14.85 -76.59
N LEU A 200 -36.70 14.58 -76.25
CA LEU A 200 -37.28 15.06 -74.98
C LEU A 200 -36.55 14.45 -73.79
N GLU A 201 -36.22 13.16 -73.89
CA GLU A 201 -35.43 12.50 -72.84
C GLU A 201 -34.05 13.14 -72.69
N ARG A 202 -33.36 13.41 -73.81
CA ARG A 202 -32.01 13.97 -73.72
C ARG A 202 -32.02 15.41 -73.20
N PHE A 203 -33.02 16.20 -73.58
CA PHE A 203 -33.09 17.59 -73.12
C PHE A 203 -33.55 17.67 -71.66
N GLU A 204 -34.45 16.78 -71.24
CA GLU A 204 -34.79 16.72 -69.83
C GLU A 204 -33.65 16.14 -68.99
N LEU A 205 -32.78 15.32 -69.58
CA LEU A 205 -31.56 14.93 -68.87
C LEU A 205 -30.62 16.11 -68.70
N ASP A 206 -30.53 16.98 -69.72
CA ASP A 206 -29.80 18.26 -69.57
C ASP A 206 -30.38 19.11 -68.45
N LYS A 207 -31.71 19.21 -68.38
CA LYS A 207 -32.35 19.99 -67.32
C LYS A 207 -32.13 19.37 -65.95
N ARG A 208 -32.09 18.04 -65.87
CA ARG A 208 -31.81 17.40 -64.58
C ARG A 208 -30.35 17.53 -64.17
N VAL A 209 -29.42 17.64 -65.14
CA VAL A 209 -28.03 17.96 -64.80
C VAL A 209 -27.94 19.38 -64.24
N ALA A 210 -28.70 20.30 -64.84
CA ALA A 210 -28.80 21.66 -64.28
C ALA A 210 -29.37 21.67 -62.87
N GLN A 211 -30.43 20.89 -62.63
CA GLN A 211 -31.02 20.79 -61.30
C GLN A 211 -30.06 20.15 -60.31
N ARG A 212 -29.28 19.16 -60.76
CA ARG A 212 -28.24 18.54 -59.94
C ARG A 212 -27.21 19.56 -59.47
N VAL A 213 -26.69 20.37 -60.40
CA VAL A 213 -25.64 21.34 -60.06
C VAL A 213 -26.21 22.42 -59.15
N LYS A 214 -27.45 22.85 -59.39
CA LYS A 214 -28.03 23.92 -58.58
C LYS A 214 -28.38 23.42 -57.17
N GLU A 215 -28.95 22.22 -57.06
CA GLU A 215 -29.24 21.65 -55.74
C GLU A 215 -27.98 21.31 -54.97
N GLN A 216 -26.90 20.96 -55.66
CA GLN A 216 -25.66 20.70 -54.94
C GLN A 216 -24.99 22.01 -54.54
N MET A 217 -25.20 23.08 -55.32
CA MET A 217 -24.85 24.43 -54.88
C MET A 217 -25.62 24.80 -53.62
N ASP A 218 -26.90 24.42 -53.56
CA ASP A 218 -27.71 24.68 -52.37
C ASP A 218 -27.17 23.92 -51.18
N THR A 219 -26.87 22.64 -51.37
CA THR A 219 -26.31 21.79 -50.32
C THR A 219 -24.97 22.31 -49.84
N ASN A 220 -24.13 22.76 -50.75
CA ASN A 220 -22.78 23.16 -50.38
C ASN A 220 -22.74 24.55 -49.79
N GLN A 221 -23.52 25.49 -50.33
CA GLN A 221 -23.60 26.80 -49.68
C GLN A 221 -24.31 26.70 -48.34
N ARG A 222 -25.23 25.75 -48.19
CA ARG A 222 -25.88 25.64 -46.90
C ARG A 222 -24.99 24.95 -45.89
N GLU A 223 -24.25 23.93 -46.31
CA GLU A 223 -23.18 23.38 -45.49
C GLU A 223 -22.10 24.40 -45.21
N TYR A 224 -21.88 25.32 -46.14
CA TYR A 224 -21.02 26.46 -45.90
C TYR A 224 -21.55 27.30 -44.75
N TYR A 225 -22.84 27.63 -44.78
CA TYR A 225 -23.48 28.33 -43.67
C TYR A 225 -23.36 27.55 -42.36
N LEU A 226 -23.56 26.23 -42.44
CA LEU A 226 -23.67 25.40 -41.25
C LEU A 226 -22.31 25.18 -40.58
N ARG A 227 -21.31 24.77 -41.35
CA ARG A 227 -20.00 24.61 -40.76
C ARG A 227 -19.30 25.95 -40.59
N GLU A 228 -19.84 27.00 -41.21
CA GLU A 228 -19.43 28.37 -40.92
C GLU A 228 -19.92 28.80 -39.56
N GLN A 229 -21.10 28.33 -39.18
CA GLN A 229 -21.56 28.54 -37.82
C GLN A 229 -20.65 27.81 -36.84
N MET A 230 -20.09 26.67 -37.25
CA MET A 230 -19.09 26.01 -36.44
C MET A 230 -17.75 26.72 -36.44
N LYS A 231 -17.43 27.44 -37.52
CA LYS A 231 -16.30 28.36 -37.51
C LYS A 231 -16.46 29.38 -36.40
N ALA A 232 -17.66 29.95 -36.30
CA ALA A 232 -17.95 30.87 -35.21
C ALA A 232 -17.90 30.17 -33.85
N ILE A 233 -18.27 28.89 -33.83
CA ILE A 233 -18.18 28.13 -32.59
C ILE A 233 -16.75 28.10 -32.11
N GLN A 234 -15.82 27.68 -32.96
CA GLN A 234 -14.45 27.63 -32.48
C GLN A 234 -13.84 29.01 -32.37
N LYS A 235 -14.46 30.02 -32.99
CA LYS A 235 -14.10 31.40 -32.71
C LYS A 235 -14.39 31.73 -31.25
N GLU A 236 -15.42 31.11 -30.69
CA GLU A 236 -15.70 31.37 -29.29
C GLU A 236 -15.14 30.29 -28.38
N LEU A 237 -14.62 29.22 -28.96
CA LEU A 237 -14.08 28.15 -28.13
C LEU A 237 -12.71 28.48 -27.55
N GLY A 238 -11.78 28.82 -28.42
CA GLY A 238 -10.53 29.40 -27.95
C GLY A 238 -9.98 30.38 -28.96
N GLY A 239 -10.86 30.82 -29.89
CA GLY A 239 -10.41 31.31 -31.16
C GLY A 239 -9.84 30.22 -32.04
N GLU A 240 -10.14 28.98 -31.70
CA GLU A 240 -9.34 27.83 -32.04
C GLU A 240 -10.17 26.70 -31.46
N ASP A 241 -9.62 25.50 -31.42
CA ASP A 241 -9.98 24.42 -30.52
C ASP A 241 -11.24 23.69 -30.95
N GLY A 242 -11.86 24.05 -32.07
CA GLY A 242 -13.02 23.28 -32.51
C GLY A 242 -12.84 22.65 -33.87
N LEU A 243 -12.16 23.32 -34.78
CA LEU A 243 -11.61 22.66 -35.96
C LEU A 243 -10.26 23.22 -36.36
N SER A 244 -9.54 23.90 -35.46
CA SER A 244 -8.22 24.40 -35.86
C SER A 244 -7.12 23.37 -35.66
N ASP A 245 -6.75 23.05 -34.41
CA ASP A 245 -5.71 22.04 -34.24
C ASP A 245 -6.31 20.64 -34.12
N LEU A 246 -7.65 20.55 -34.01
CA LEU A 246 -8.32 19.28 -34.28
C LEU A 246 -8.08 18.84 -35.73
N GLU A 247 -8.15 19.78 -36.68
CA GLU A 247 -7.86 19.44 -38.06
C GLU A 247 -6.36 19.33 -38.30
N ALA A 248 -5.53 20.04 -37.51
CA ALA A 248 -4.11 19.73 -37.53
C ALA A 248 -3.82 18.32 -37.01
N LEU A 249 -4.62 17.84 -36.06
CA LEU A 249 -4.51 16.46 -35.62
C LEU A 249 -4.97 15.50 -36.69
N ARG A 250 -5.97 15.87 -37.49
CA ARG A 250 -6.34 15.01 -38.62
C ARG A 250 -5.21 14.95 -39.65
N LYS A 251 -4.51 16.07 -39.85
CA LYS A 251 -3.32 16.06 -40.69
C LYS A 251 -2.24 15.13 -40.15
N LYS A 252 -1.89 15.26 -38.87
CA LYS A 252 -0.81 14.44 -38.32
C LYS A 252 -1.21 12.98 -38.12
N ILE A 253 -2.50 12.67 -38.09
CA ILE A 253 -2.91 11.27 -38.15
C ILE A 253 -2.72 10.73 -39.56
N GLU A 254 -3.17 11.49 -40.57
CA GLU A 254 -2.96 11.06 -41.94
C GLU A 254 -1.59 11.45 -42.49
N GLU A 255 -0.73 12.01 -41.64
CA GLU A 255 0.72 11.93 -41.77
C GLU A 255 1.19 10.58 -41.23
N VAL A 256 2.48 10.49 -40.84
CA VAL A 256 3.33 9.30 -40.87
C VAL A 256 2.65 7.99 -40.50
N GLY A 257 2.88 6.98 -41.34
CA GLY A 257 2.00 5.84 -41.49
C GLY A 257 1.82 4.94 -40.29
N MET A 258 0.63 4.98 -39.73
CA MET A 258 0.25 4.02 -38.71
C MET A 258 -0.34 2.78 -39.36
N PRO A 259 -0.31 1.64 -38.68
CA PRO A 259 -1.10 0.49 -39.12
C PRO A 259 -2.59 0.81 -39.06
N GLU A 260 -3.36 0.10 -39.88
CA GLU A 260 -4.72 0.52 -40.19
C GLU A 260 -5.69 0.36 -39.02
N ALA A 261 -5.50 -0.68 -38.20
CA ALA A 261 -6.32 -0.82 -37.00
C ALA A 261 -6.05 0.31 -36.01
N VAL A 262 -4.77 0.63 -35.83
CA VAL A 262 -4.36 1.74 -34.97
C VAL A 262 -4.85 3.06 -35.55
N LYS A 263 -4.82 3.19 -36.87
CA LYS A 263 -5.26 4.42 -37.52
C LYS A 263 -6.76 4.64 -37.36
N THR A 264 -7.57 3.60 -37.58
CA THR A 264 -9.02 3.74 -37.42
C THR A 264 -9.42 3.89 -35.96
N LYS A 265 -8.63 3.31 -35.04
CA LYS A 265 -8.87 3.52 -33.61
C LYS A 265 -8.59 4.97 -33.23
N ALA A 266 -7.51 5.53 -33.75
CA ALA A 266 -7.23 6.95 -33.51
C ALA A 266 -8.26 7.83 -34.18
N LEU A 267 -8.80 7.41 -35.32
CA LEU A 267 -9.83 8.21 -35.98
C LEU A 267 -11.14 8.21 -35.21
N LYS A 268 -11.54 7.06 -34.66
CA LYS A 268 -12.76 7.06 -33.86
C LYS A 268 -12.55 7.73 -32.50
N GLU A 269 -11.31 7.71 -31.98
CA GLU A 269 -11.02 8.45 -30.76
C GLU A 269 -11.09 9.96 -31.01
N LEU A 270 -10.56 10.40 -32.15
CA LEU A 270 -10.71 11.79 -32.58
C LEU A 270 -12.16 12.12 -32.87
N ASP A 271 -12.94 11.14 -33.32
CA ASP A 271 -14.34 11.38 -33.60
C ASP A 271 -15.16 11.52 -32.32
N ARG A 272 -14.77 10.82 -31.26
CA ARG A 272 -15.42 10.99 -29.97
C ARG A 272 -14.90 12.22 -29.25
N LEU A 273 -13.74 12.73 -29.67
CA LEU A 273 -13.18 13.92 -29.03
C LEU A 273 -13.52 15.23 -29.74
N GLU A 274 -13.92 15.17 -31.03
CA GLU A 274 -14.01 16.36 -31.90
C GLU A 274 -15.06 17.36 -31.45
N ARG A 275 -16.28 16.92 -31.23
CA ARG A 275 -17.40 17.83 -31.17
C ARG A 275 -17.65 18.37 -29.78
N MET A 276 -16.72 18.20 -28.86
CA MET A 276 -16.79 18.82 -27.56
C MET A 276 -15.69 19.86 -27.43
N GLN A 277 -15.76 20.65 -26.35
CA GLN A 277 -14.73 21.65 -26.04
C GLN A 277 -14.82 22.13 -24.61
N GLN A 278 -13.66 22.31 -23.99
CA GLN A 278 -13.42 23.14 -22.80
C GLN A 278 -14.22 22.61 -21.61
N GLY A 279 -13.88 21.38 -21.25
CA GLY A 279 -14.75 20.55 -20.43
C GLY A 279 -15.46 19.54 -21.31
N SER A 280 -15.46 18.27 -20.88
CA SER A 280 -15.04 17.76 -19.56
C SER A 280 -13.52 17.55 -19.43
N PRO A 281 -13.03 17.14 -18.24
CA PRO A 281 -11.66 16.61 -18.19
C PRO A 281 -11.41 15.36 -19.03
N GLU A 282 -12.46 14.63 -19.44
CA GLU A 282 -12.26 13.53 -20.39
C GLU A 282 -11.80 14.06 -21.75
N ALA A 283 -12.22 15.27 -22.13
CA ALA A 283 -11.66 15.92 -23.31
C ALA A 283 -10.16 16.16 -23.16
N THR A 284 -9.72 16.53 -21.95
CA THR A 284 -8.30 16.74 -21.69
C THR A 284 -7.53 15.43 -21.73
N VAL A 285 -8.09 14.36 -21.15
CA VAL A 285 -7.42 13.06 -21.14
C VAL A 285 -7.32 12.50 -22.56
N ALA A 286 -8.36 12.68 -23.38
CA ALA A 286 -8.29 12.20 -24.75
C ALA A 286 -7.39 13.08 -25.61
N ARG A 287 -7.27 14.38 -25.28
CA ARG A 287 -6.34 15.24 -25.99
C ARG A 287 -4.90 14.83 -25.71
N THR A 288 -4.58 14.50 -24.45
CA THR A 288 -3.25 13.96 -24.17
C THR A 288 -3.05 12.59 -24.77
N TYR A 289 -4.12 11.81 -24.95
CA TYR A 289 -3.98 10.52 -25.61
C TYR A 289 -3.63 10.69 -27.08
N LEU A 290 -4.30 11.62 -27.78
CA LEU A 290 -3.92 11.88 -29.16
C LEU A 290 -2.67 12.71 -29.30
N ASP A 291 -2.16 13.30 -28.22
CA ASP A 291 -0.84 13.92 -28.28
C ASP A 291 0.28 12.91 -28.07
N TRP A 292 0.06 11.89 -27.24
CA TRP A 292 1.02 10.80 -27.18
C TRP A 292 1.00 9.96 -28.43
N LEU A 293 -0.19 9.65 -28.94
CA LEU A 293 -0.32 8.63 -29.97
C LEU A 293 0.15 9.12 -31.33
N THR A 294 0.03 10.43 -31.59
CA THR A 294 0.40 11.00 -32.89
C THR A 294 1.78 11.63 -32.86
N GLU A 295 2.58 11.36 -31.84
CA GLU A 295 3.94 11.86 -31.76
C GLU A 295 4.98 10.80 -31.50
N VAL A 296 4.61 9.66 -30.94
CA VAL A 296 5.49 8.49 -30.97
C VAL A 296 5.68 8.08 -32.43
N PRO A 297 6.90 7.78 -32.88
CA PRO A 297 7.14 7.67 -34.32
C PRO A 297 6.59 6.40 -34.94
N TRP A 298 5.94 6.58 -36.08
CA TRP A 298 5.44 5.49 -36.91
C TRP A 298 6.08 5.61 -38.28
N SER A 299 6.89 4.62 -38.65
CA SER A 299 7.59 4.51 -39.94
C SER A 299 8.47 5.74 -40.19
N LYS A 300 9.42 5.96 -39.27
CA LYS A 300 10.35 7.07 -39.34
C LYS A 300 11.75 6.48 -39.48
N ALA A 301 12.19 6.33 -40.72
CA ALA A 301 13.38 5.56 -41.03
C ALA A 301 14.64 6.29 -40.59
N ASP A 302 15.64 5.49 -40.24
CA ASP A 302 16.99 5.97 -40.01
C ASP A 302 17.83 5.41 -41.15
N PRO A 303 18.43 6.26 -42.00
CA PRO A 303 19.13 5.77 -43.19
C PRO A 303 20.36 4.96 -42.84
N GLU A 304 20.33 3.68 -43.18
CA GLU A 304 21.47 2.79 -42.97
C GLU A 304 22.56 3.18 -43.95
N VAL A 305 23.55 3.92 -43.47
CA VAL A 305 24.72 4.24 -44.26
C VAL A 305 25.71 3.08 -44.15
N LEU A 306 26.01 2.44 -45.28
CA LEU A 306 26.48 1.07 -45.28
C LEU A 306 27.98 0.96 -45.48
N ASP A 307 28.76 1.94 -45.04
CA ASP A 307 30.20 1.88 -45.17
C ASP A 307 30.78 1.15 -43.96
N ILE A 308 31.64 0.18 -44.21
CA ILE A 308 32.20 -0.67 -43.16
C ILE A 308 33.66 -0.38 -42.90
N ASN A 309 34.27 0.52 -43.66
CA ASN A 309 35.62 0.99 -43.35
C ASN A 309 35.61 2.31 -42.63
N HIS A 310 34.64 3.18 -42.94
CA HIS A 310 34.45 4.42 -42.20
C HIS A 310 34.06 4.13 -40.75
N THR A 311 33.07 3.26 -40.56
CA THR A 311 32.55 2.97 -39.22
C THR A 311 33.58 2.20 -38.39
N ARG A 312 34.43 1.41 -39.04
CA ARG A 312 35.54 0.78 -38.34
C ARG A 312 36.50 1.83 -37.79
N GLN A 313 36.80 2.85 -38.59
CA GLN A 313 37.70 3.91 -38.13
C GLN A 313 37.04 4.83 -37.12
N VAL A 314 35.71 4.88 -37.10
CA VAL A 314 35.04 5.69 -36.07
C VAL A 314 35.00 4.93 -34.75
N LEU A 315 34.73 3.63 -34.78
CA LEU A 315 34.79 2.83 -33.57
C LEU A 315 36.20 2.69 -33.02
N ASP A 316 37.23 2.79 -33.86
CA ASP A 316 38.58 2.72 -33.32
C ASP A 316 39.00 3.95 -32.54
N GLU A 317 38.24 5.05 -32.61
CA GLU A 317 38.68 6.28 -31.95
C GLU A 317 38.30 6.31 -30.48
N ASP A 318 37.11 5.84 -30.13
CA ASP A 318 36.62 6.04 -28.77
C ASP A 318 37.08 5.00 -27.79
N HIS A 319 37.51 3.83 -28.25
CA HIS A 319 37.89 2.76 -27.35
C HIS A 319 39.06 1.99 -27.94
N TYR A 320 39.88 1.44 -27.07
CA TYR A 320 40.97 0.59 -27.48
C TYR A 320 40.65 -0.85 -27.13
N GLY A 321 41.08 -1.78 -27.97
CA GLY A 321 40.74 -3.17 -27.76
C GLY A 321 39.32 -3.42 -28.20
N LEU A 322 38.59 -4.23 -27.44
CA LEU A 322 37.19 -4.56 -27.68
C LEU A 322 36.97 -5.15 -29.07
N LYS A 323 37.65 -6.26 -29.33
CA LYS A 323 37.59 -6.85 -30.67
C LYS A 323 36.24 -7.51 -30.93
N ASP A 324 35.66 -8.12 -29.88
CA ASP A 324 34.43 -8.90 -30.04
C ASP A 324 33.26 -8.03 -30.47
N VAL A 325 33.04 -6.92 -29.75
CA VAL A 325 31.87 -6.09 -30.00
C VAL A 325 32.01 -5.34 -31.32
N LYS A 326 33.23 -4.93 -31.67
CA LYS A 326 33.43 -4.23 -32.93
C LYS A 326 33.26 -5.18 -34.10
N GLU A 327 33.72 -6.42 -33.95
CA GLU A 327 33.42 -7.44 -34.96
C GLU A 327 31.93 -7.68 -35.07
N ARG A 328 31.20 -7.66 -33.93
CA ARG A 328 29.77 -7.88 -33.99
C ARG A 328 29.06 -6.78 -34.76
N ILE A 329 29.44 -5.53 -34.52
CA ILE A 329 28.77 -4.43 -35.24
C ILE A 329 29.12 -4.45 -36.72
N LEU A 330 30.34 -4.87 -37.07
CA LEU A 330 30.68 -5.03 -38.48
C LEU A 330 29.90 -6.17 -39.13
N GLU A 331 29.67 -7.27 -38.40
CA GLU A 331 28.85 -8.36 -38.92
C GLU A 331 27.41 -7.93 -39.11
N TYR A 332 26.81 -7.35 -38.07
CA TYR A 332 25.41 -6.95 -38.11
C TYR A 332 25.19 -5.73 -39.00
N LEU A 333 26.24 -5.08 -39.50
CA LEU A 333 26.06 -4.07 -40.53
C LEU A 333 26.39 -4.59 -41.93
N ALA A 334 27.27 -5.59 -42.04
CA ALA A 334 27.53 -6.22 -43.32
C ALA A 334 26.36 -7.05 -43.79
N VAL A 335 25.56 -7.56 -42.84
CA VAL A 335 24.34 -8.26 -43.21
C VAL A 335 23.34 -7.30 -43.84
N ARG A 336 23.25 -6.08 -43.31
CA ARG A 336 22.20 -5.15 -43.73
C ARG A 336 22.42 -4.57 -45.13
N GLN A 337 23.58 -4.79 -45.75
CA GLN A 337 23.73 -4.46 -47.17
C GLN A 337 22.95 -5.44 -48.03
N LEU A 338 23.10 -6.73 -47.74
CA LEU A 338 22.62 -7.81 -48.57
C LEU A 338 21.16 -8.12 -48.36
N THR A 339 20.38 -7.20 -47.80
CA THR A 339 18.95 -7.37 -47.74
C THR A 339 18.39 -7.40 -49.15
N GLN A 340 17.72 -8.50 -49.51
CA GLN A 340 17.25 -8.71 -50.88
C GLN A 340 15.85 -8.12 -51.02
N GLY A 341 15.78 -6.81 -50.83
CA GLY A 341 14.51 -6.09 -50.86
C GLY A 341 13.58 -6.54 -49.76
N LEU A 342 12.54 -7.27 -50.14
CA LEU A 342 11.58 -7.84 -49.22
C LEU A 342 12.10 -9.22 -48.81
N ASP A 343 11.23 -10.04 -48.19
CA ASP A 343 11.39 -11.46 -47.89
C ASP A 343 12.36 -11.67 -46.73
N VAL A 344 12.88 -10.61 -46.15
CA VAL A 344 13.67 -10.68 -44.93
C VAL A 344 12.85 -10.08 -43.81
N ARG A 345 13.23 -10.41 -42.58
CA ARG A 345 12.45 -10.00 -41.42
C ARG A 345 12.97 -8.72 -40.78
N ASN A 346 14.29 -8.47 -40.89
CA ASN A 346 14.97 -7.25 -40.44
C ASN A 346 14.79 -7.05 -38.93
N LYS A 347 15.41 -7.96 -38.18
CA LYS A 347 15.30 -7.99 -36.73
C LYS A 347 16.61 -7.54 -36.10
N ALA A 348 16.53 -6.56 -35.20
CA ALA A 348 17.68 -5.98 -34.55
C ALA A 348 18.15 -6.87 -33.39
N PRO A 349 19.45 -6.86 -33.09
CA PRO A 349 19.95 -7.71 -32.01
C PRO A 349 19.53 -7.22 -30.64
N ILE A 350 19.70 -8.08 -29.65
CA ILE A 350 19.47 -7.75 -28.25
C ILE A 350 20.70 -8.24 -27.50
N LEU A 351 21.58 -7.32 -27.14
CA LEU A 351 22.85 -7.65 -26.52
C LEU A 351 22.76 -7.51 -25.01
N VAL A 352 23.53 -8.33 -24.31
CA VAL A 352 23.83 -8.09 -22.90
C VAL A 352 25.34 -8.15 -22.72
N LEU A 353 25.90 -7.13 -22.12
CA LEU A 353 27.33 -7.01 -21.90
C LEU A 353 27.59 -7.30 -20.43
N VAL A 354 28.51 -8.22 -20.15
CA VAL A 354 28.74 -8.67 -18.80
C VAL A 354 30.19 -8.42 -18.45
N GLY A 355 30.43 -7.66 -17.38
CA GLY A 355 31.79 -7.35 -16.99
C GLY A 355 31.96 -6.73 -15.63
N PRO A 356 33.19 -6.73 -15.13
CA PRO A 356 33.53 -6.04 -13.88
C PRO A 356 33.27 -4.55 -13.96
N PRO A 357 33.18 -3.83 -12.83
CA PRO A 357 32.60 -2.47 -12.89
C PRO A 357 33.44 -1.43 -13.58
N GLY A 358 34.77 -1.54 -13.54
CA GLY A 358 35.58 -0.50 -14.13
C GLY A 358 35.66 -0.55 -15.63
N VAL A 359 35.44 -1.73 -16.23
CA VAL A 359 35.56 -1.91 -17.67
C VAL A 359 34.48 -1.12 -18.39
N GLY A 360 34.87 -0.42 -19.45
CA GLY A 360 33.96 0.49 -20.11
C GLY A 360 32.83 -0.17 -20.85
N LYS A 361 31.63 -0.09 -20.27
CA LYS A 361 30.43 -0.63 -20.89
C LYS A 361 29.42 0.45 -21.20
N THR A 362 29.06 1.28 -20.22
CA THR A 362 28.13 2.36 -20.45
C THR A 362 28.72 3.45 -21.33
N SER A 363 30.04 3.55 -21.38
CA SER A 363 30.69 4.47 -22.32
C SER A 363 30.52 3.99 -23.74
N LEU A 364 30.47 2.67 -23.94
CA LEU A 364 30.46 2.07 -25.25
C LEU A 364 29.13 2.27 -25.98
N GLY A 365 28.06 2.57 -25.26
CA GLY A 365 26.75 2.70 -25.88
C GLY A 365 26.65 3.89 -26.81
N ARG A 366 27.10 5.06 -26.35
CA ARG A 366 27.06 6.23 -27.20
C ARG A 366 28.09 6.15 -28.32
N SER A 367 29.20 5.45 -28.09
CA SER A 367 30.18 5.23 -29.13
C SER A 367 29.61 4.40 -30.28
N ILE A 368 28.94 3.28 -29.94
CA ILE A 368 28.32 2.45 -30.96
C ILE A 368 27.19 3.19 -31.66
N ALA A 369 26.38 3.93 -30.89
CA ALA A 369 25.28 4.66 -31.49
C ALA A 369 25.74 5.85 -32.34
N ARG A 370 26.96 6.34 -32.11
CA ARG A 370 27.48 7.43 -32.92
C ARG A 370 28.17 6.92 -34.17
N SER A 371 28.78 5.73 -34.08
CA SER A 371 29.47 5.17 -35.23
C SER A 371 28.49 4.80 -36.34
N MET A 372 27.28 4.39 -35.98
CA MET A 372 26.30 4.01 -36.98
C MET A 372 25.40 5.16 -37.38
N ASN A 373 25.68 6.38 -36.91
CA ASN A 373 24.91 7.60 -37.19
C ASN A 373 23.44 7.48 -36.76
N ARG A 374 23.19 6.67 -35.74
CA ARG A 374 21.84 6.48 -35.21
C ARG A 374 21.60 7.47 -34.07
N LYS A 375 20.54 7.26 -33.32
CA LYS A 375 20.26 8.07 -32.15
C LYS A 375 20.62 7.29 -30.89
N PHE A 376 20.35 7.88 -29.74
CA PHE A 376 20.77 7.25 -28.49
C PHE A 376 19.89 7.75 -27.34
N HIS A 377 19.63 6.87 -26.39
CA HIS A 377 18.89 7.23 -25.19
C HIS A 377 19.27 6.26 -24.09
N ARG A 378 19.27 6.73 -22.85
CA ARG A 378 19.59 5.90 -21.70
C ARG A 378 18.35 5.65 -20.86
N ILE A 379 18.32 4.48 -20.23
CA ILE A 379 17.35 4.16 -19.19
C ILE A 379 18.12 3.44 -18.08
N SER A 380 18.17 4.05 -16.92
CA SER A 380 18.80 3.42 -15.76
C SER A 380 17.73 2.67 -14.97
N LEU A 381 17.96 1.38 -14.76
CA LEU A 381 17.01 0.57 -14.03
C LEU A 381 17.67 0.13 -12.73
N GLY A 382 18.34 1.08 -12.06
CA GLY A 382 19.34 0.72 -11.06
C GLY A 382 18.77 0.06 -9.81
N GLY A 383 17.69 0.62 -9.28
CA GLY A 383 17.17 0.05 -8.05
C GLY A 383 15.66 0.01 -8.01
N VAL A 384 15.08 -0.05 -9.22
CA VAL A 384 13.60 0.03 -9.35
C VAL A 384 12.90 -1.21 -8.84
N ARG A 385 12.04 -1.04 -7.85
CA ARG A 385 11.18 -2.14 -7.40
C ARG A 385 9.81 -1.67 -7.84
N ASP A 386 9.79 -0.59 -8.60
CA ASP A 386 8.49 0.00 -8.95
C ASP A 386 7.97 -0.53 -10.25
N GLU A 387 7.02 -1.43 -10.21
CA GLU A 387 6.32 -1.83 -11.42
C GLU A 387 5.51 -0.66 -11.95
N ALA A 388 5.08 -0.80 -13.21
CA ALA A 388 4.53 0.28 -14.03
C ALA A 388 5.48 1.46 -14.15
N GLU A 389 6.78 1.18 -14.11
CA GLU A 389 7.75 2.03 -14.78
C GLU A 389 7.97 1.52 -16.19
N ILE A 390 7.96 0.20 -16.33
CA ILE A 390 8.15 -0.43 -17.62
C ILE A 390 6.91 -0.22 -18.47
N ARG A 391 5.78 -0.70 -18.00
CA ARG A 391 4.49 -0.37 -18.59
C ARG A 391 4.00 0.91 -17.91
N GLY A 392 2.77 1.34 -18.21
CA GLY A 392 2.25 2.56 -17.63
C GLY A 392 1.08 2.27 -16.70
N HIS A 393 0.58 3.35 -16.12
CA HIS A 393 -0.76 3.31 -15.56
C HIS A 393 -1.74 3.44 -16.70
N ARG A 394 -2.87 2.76 -16.58
CA ARG A 394 -3.91 2.88 -17.58
C ARG A 394 -4.54 4.25 -17.50
N ARG A 395 -5.04 4.72 -18.64
CA ARG A 395 -5.30 6.14 -18.84
C ARG A 395 -6.52 6.67 -18.08
N THR A 396 -7.24 5.82 -17.34
CA THR A 396 -8.41 6.30 -16.62
C THR A 396 -8.05 6.96 -15.30
N TYR A 397 -6.78 6.92 -14.89
CA TYR A 397 -6.35 7.53 -13.64
C TYR A 397 -6.23 9.04 -13.81
N ILE A 398 -5.77 9.71 -12.74
CA ILE A 398 -5.67 11.16 -12.76
C ILE A 398 -4.40 11.61 -13.46
N GLY A 399 -3.26 11.26 -12.90
CA GLY A 399 -1.99 11.66 -13.47
C GLY A 399 -1.39 10.61 -14.37
N ALA A 400 -2.17 10.16 -15.34
CA ALA A 400 -1.80 9.03 -16.19
C ALA A 400 -0.62 9.38 -17.07
N MET A 401 0.20 8.37 -17.34
CA MET A 401 1.48 8.56 -18.00
C MET A 401 1.98 7.23 -18.54
N PRO A 402 2.57 7.19 -19.74
CA PRO A 402 3.13 5.93 -20.25
C PRO A 402 4.35 5.45 -19.49
N GLY A 403 4.91 4.33 -19.91
CA GLY A 403 6.09 3.80 -19.27
C GLY A 403 7.33 4.61 -19.61
N LYS A 404 8.47 4.11 -19.13
CA LYS A 404 9.74 4.71 -19.49
C LYS A 404 10.04 4.53 -20.97
N LEU A 405 9.61 3.40 -21.53
CA LEU A 405 10.08 2.99 -22.83
C LEU A 405 9.36 3.74 -23.96
N ILE A 406 8.06 3.96 -23.82
CA ILE A 406 7.33 4.73 -24.83
C ILE A 406 7.77 6.19 -24.81
N HIS A 407 8.14 6.69 -23.63
CA HIS A 407 8.70 8.04 -23.56
C HIS A 407 10.09 8.10 -24.20
N ALA A 408 10.87 7.02 -24.03
CA ALA A 408 12.18 6.93 -24.69
C ALA A 408 12.05 6.86 -26.20
N MET A 409 11.00 6.22 -26.70
CA MET A 409 10.71 6.27 -28.13
C MET A 409 10.15 7.61 -28.56
N LYS A 410 9.49 8.32 -27.66
CA LYS A 410 8.91 9.62 -28.01
C LYS A 410 9.98 10.68 -28.18
N GLN A 411 10.97 10.70 -27.29
CA GLN A 411 12.01 11.74 -27.34
C GLN A 411 12.87 11.60 -28.59
N VAL A 412 13.27 10.38 -28.91
CA VAL A 412 13.90 10.08 -30.19
C VAL A 412 12.86 10.28 -31.30
N GLY A 413 13.31 10.71 -32.46
CA GLY A 413 12.40 10.88 -33.56
C GLY A 413 12.24 9.66 -34.45
N VAL A 414 13.18 8.73 -34.40
CA VAL A 414 13.22 7.63 -35.36
C VAL A 414 12.76 6.35 -34.68
N ILE A 415 12.50 5.33 -35.50
CA ILE A 415 12.13 4.01 -35.02
C ILE A 415 13.30 3.05 -35.05
N ASN A 416 14.52 3.55 -35.20
CA ASN A 416 15.70 2.68 -35.15
C ASN A 416 16.71 3.12 -34.09
N PRO A 417 16.34 3.32 -32.83
CA PRO A 417 17.30 3.94 -31.92
C PRO A 417 18.20 2.92 -31.26
N VAL A 418 19.06 3.36 -30.36
CA VAL A 418 19.90 2.47 -29.58
C VAL A 418 19.58 2.74 -28.12
N ILE A 419 18.81 1.86 -27.50
CA ILE A 419 18.36 2.02 -26.13
C ILE A 419 19.33 1.29 -25.22
N LEU A 420 19.83 1.99 -24.21
CA LEU A 420 20.78 1.43 -23.27
C LEU A 420 20.07 1.23 -21.94
N LEU A 421 19.69 0.00 -21.65
CA LEU A 421 19.09 -0.37 -20.36
C LEU A 421 20.24 -0.70 -19.42
N ASP A 422 20.41 0.13 -18.40
CA ASP A 422 21.73 0.22 -17.77
C ASP A 422 21.97 -0.92 -16.76
N GLU A 423 21.20 -0.98 -15.69
CA GLU A 423 21.46 -1.97 -14.65
C GLU A 423 20.30 -2.95 -14.58
N ILE A 424 20.34 -3.99 -15.42
CA ILE A 424 19.21 -4.88 -15.51
C ILE A 424 19.32 -6.04 -14.51
N ASP A 425 20.52 -6.32 -14.00
CA ASP A 425 20.67 -7.36 -12.99
C ASP A 425 20.45 -6.85 -11.58
N LYS A 426 20.10 -5.57 -11.43
CA LYS A 426 19.77 -4.97 -10.14
C LYS A 426 18.35 -4.43 -10.25
N MET A 427 17.37 -5.29 -10.01
CA MET A 427 15.98 -4.89 -9.91
C MET A 427 15.38 -5.66 -8.74
N SER A 428 14.05 -5.68 -8.65
CA SER A 428 13.36 -6.34 -7.56
C SER A 428 12.49 -7.48 -8.06
N SER A 429 12.34 -8.50 -7.21
CA SER A 429 11.43 -9.61 -7.47
C SER A 429 10.77 -9.98 -6.15
N ASP A 430 9.50 -9.63 -6.00
CA ASP A 430 8.77 -9.78 -4.74
C ASP A 430 7.30 -9.93 -5.08
N TRP A 431 6.51 -10.37 -4.10
CA TRP A 431 5.08 -10.57 -4.30
C TRP A 431 4.35 -9.23 -4.50
N ARG A 432 4.92 -8.14 -4.00
CA ARG A 432 4.60 -6.81 -4.52
C ARG A 432 5.89 -6.12 -4.92
N GLY A 433 5.90 -5.54 -6.11
CA GLY A 433 7.08 -4.87 -6.60
C GLY A 433 8.02 -5.74 -7.40
N ASP A 434 7.51 -6.37 -8.47
CA ASP A 434 8.32 -7.21 -9.36
C ASP A 434 8.26 -6.62 -10.77
N PRO A 435 9.21 -5.73 -11.13
CA PRO A 435 9.24 -5.21 -12.49
C PRO A 435 9.94 -6.11 -13.48
N ALA A 436 10.73 -7.07 -13.02
CA ALA A 436 11.56 -7.88 -13.92
C ALA A 436 10.72 -8.82 -14.78
N SER A 437 9.52 -9.17 -14.35
CA SER A 437 8.63 -9.97 -15.16
C SER A 437 7.81 -9.13 -16.14
N ALA A 438 7.84 -7.80 -16.00
CA ALA A 438 7.28 -6.93 -17.01
C ALA A 438 8.23 -6.66 -18.15
N MET A 439 9.48 -7.10 -18.04
CA MET A 439 10.44 -7.07 -19.13
C MET A 439 10.31 -8.29 -20.05
N LEU A 440 9.16 -8.95 -20.05
CA LEU A 440 8.97 -10.06 -20.98
C LEU A 440 8.42 -9.56 -22.31
N GLU A 441 7.51 -8.59 -22.26
CA GLU A 441 6.94 -8.02 -23.48
C GLU A 441 7.93 -7.19 -24.26
N VAL A 442 9.02 -6.75 -23.64
CA VAL A 442 9.97 -5.87 -24.30
C VAL A 442 11.08 -6.70 -24.94
N LEU A 443 11.85 -7.39 -24.13
CA LEU A 443 13.01 -8.15 -24.61
C LEU A 443 12.52 -9.47 -25.21
N ASP A 444 11.88 -9.38 -26.37
CA ASP A 444 11.14 -10.51 -26.92
C ASP A 444 11.62 -10.78 -28.33
N PRO A 445 12.34 -11.89 -28.58
CA PRO A 445 12.96 -12.07 -29.91
C PRO A 445 11.97 -12.32 -31.02
N GLU A 446 10.75 -12.73 -30.73
CA GLU A 446 9.70 -12.80 -31.75
C GLU A 446 8.54 -11.86 -31.49
N GLN A 447 7.95 -11.93 -30.30
CA GLN A 447 6.60 -11.43 -30.10
C GLN A 447 6.56 -9.97 -29.66
N ASN A 448 7.63 -9.21 -29.88
CA ASN A 448 7.58 -7.78 -29.55
C ASN A 448 7.05 -6.93 -30.70
N ASN A 449 6.47 -7.54 -31.73
CA ASN A 449 5.60 -6.81 -32.64
C ASN A 449 4.28 -6.48 -31.97
N THR A 450 3.96 -7.17 -30.88
CA THR A 450 2.75 -6.94 -30.10
C THR A 450 3.26 -6.59 -28.70
N PHE A 451 3.56 -5.31 -28.50
CA PHE A 451 3.86 -4.77 -27.17
C PHE A 451 2.66 -3.96 -26.71
N THR A 452 2.18 -4.24 -25.50
CA THR A 452 0.97 -3.63 -24.97
C THR A 452 1.32 -2.88 -23.68
N ASP A 453 1.43 -1.56 -23.77
CA ASP A 453 1.46 -0.74 -22.57
C ASP A 453 0.04 -0.47 -22.10
N HIS A 454 -0.07 0.12 -20.92
CA HIS A 454 -1.40 0.35 -20.37
C HIS A 454 -1.95 1.72 -20.74
N TYR A 455 -1.10 2.68 -21.07
CA TYR A 455 -1.61 4.00 -21.46
C TYR A 455 -2.14 3.96 -22.89
N LEU A 456 -1.32 3.53 -23.83
CA LEU A 456 -1.77 3.32 -25.19
C LEU A 456 -2.44 1.96 -25.29
N ASP A 457 -3.59 1.90 -25.95
CA ASP A 457 -4.32 0.65 -26.10
C ASP A 457 -4.04 -0.01 -27.43
N VAL A 458 -2.87 0.25 -28.02
CA VAL A 458 -2.52 -0.28 -29.32
C VAL A 458 -1.26 -1.12 -29.21
N PRO A 459 -1.05 -2.10 -30.10
CA PRO A 459 0.24 -2.79 -30.14
C PRO A 459 1.29 -1.93 -30.83
N TYR A 460 2.38 -1.64 -30.13
CA TYR A 460 3.47 -0.87 -30.69
C TYR A 460 4.62 -1.81 -31.05
N ASP A 461 5.34 -1.46 -32.12
CA ASP A 461 6.34 -2.34 -32.71
C ASP A 461 7.71 -1.96 -32.17
N LEU A 462 8.40 -2.93 -31.58
CA LEU A 462 9.73 -2.75 -31.00
C LEU A 462 10.70 -3.78 -31.55
N SER A 463 10.58 -4.12 -32.83
CA SER A 463 11.48 -5.11 -33.39
C SER A 463 12.76 -4.49 -33.91
N LYS A 464 12.70 -3.25 -34.41
CA LYS A 464 13.82 -2.58 -35.04
C LYS A 464 14.85 -2.04 -34.06
N VAL A 465 14.65 -2.22 -32.77
CA VAL A 465 15.39 -1.46 -31.76
C VAL A 465 16.62 -2.23 -31.34
N PHE A 466 17.78 -1.58 -31.43
CA PHE A 466 19.05 -2.19 -31.09
C PHE A 466 19.26 -2.05 -29.59
N PHE A 467 18.70 -2.98 -28.83
CA PHE A 467 18.85 -2.94 -27.38
C PHE A 467 20.24 -3.37 -26.95
N ILE A 468 20.78 -2.66 -25.96
CA ILE A 468 22.05 -3.01 -25.33
C ILE A 468 21.83 -2.93 -23.83
N THR A 469 22.02 -4.02 -23.13
CA THR A 469 21.90 -4.04 -21.69
C THR A 469 23.24 -4.40 -21.07
N THR A 470 23.45 -3.94 -19.84
CA THR A 470 24.68 -4.26 -19.12
C THR A 470 24.33 -4.93 -17.79
N ALA A 471 25.28 -5.68 -17.27
CA ALA A 471 25.08 -6.41 -16.03
C ALA A 471 26.43 -6.56 -15.34
N ASN A 472 26.45 -7.28 -14.23
CA ASN A 472 27.71 -7.55 -13.54
C ASN A 472 27.89 -9.02 -13.23
N THR A 473 26.79 -9.73 -13.02
CA THR A 473 26.85 -11.15 -12.67
C THR A 473 25.64 -11.83 -13.24
N LEU A 474 25.86 -12.98 -13.87
CA LEU A 474 24.77 -13.75 -14.45
C LEU A 474 23.90 -14.44 -13.41
N GLN A 475 24.35 -14.54 -12.16
CA GLN A 475 23.69 -15.37 -11.16
C GLN A 475 22.42 -14.73 -10.61
N THR A 476 22.15 -13.46 -10.90
CA THR A 476 21.00 -12.78 -10.31
C THR A 476 20.00 -12.32 -11.37
N ILE A 477 20.08 -12.88 -12.57
CA ILE A 477 19.18 -12.47 -13.65
C ILE A 477 18.12 -13.56 -13.74
N PRO A 478 16.84 -13.22 -13.92
CA PRO A 478 15.81 -14.26 -14.00
C PRO A 478 15.95 -15.14 -15.23
N ARG A 479 15.64 -16.42 -15.06
CA ARG A 479 15.79 -17.38 -16.14
C ARG A 479 14.94 -17.13 -17.39
N PRO A 480 13.73 -16.53 -17.33
CA PRO A 480 13.12 -16.13 -18.60
C PRO A 480 13.65 -14.81 -19.18
N LEU A 481 14.82 -14.35 -18.75
CA LEU A 481 15.46 -13.20 -19.38
C LEU A 481 16.87 -13.45 -19.89
N LEU A 482 17.58 -14.46 -19.38
CA LEU A 482 18.88 -14.76 -19.95
C LEU A 482 18.76 -15.30 -21.36
N ASP A 483 17.75 -16.11 -21.62
CA ASP A 483 17.60 -16.69 -22.95
C ASP A 483 16.99 -15.72 -23.93
N ARG A 484 16.40 -14.62 -23.46
CA ARG A 484 15.90 -13.61 -24.38
C ARG A 484 17.05 -12.81 -24.98
N MET A 485 18.19 -12.79 -24.31
CA MET A 485 19.30 -11.90 -24.64
C MET A 485 20.55 -12.69 -25.02
N GLU A 486 21.48 -11.97 -25.64
CA GLU A 486 22.69 -12.56 -26.23
C GLU A 486 23.91 -12.14 -25.42
N VAL A 487 24.55 -13.11 -24.78
CA VAL A 487 25.63 -12.80 -23.84
C VAL A 487 26.91 -12.51 -24.59
N ILE A 488 27.56 -11.40 -24.22
CA ILE A 488 28.91 -11.05 -24.66
C ILE A 488 29.70 -10.68 -23.43
N GLU A 489 30.75 -11.42 -23.13
CA GLU A 489 31.51 -11.19 -21.92
C GLU A 489 32.76 -10.37 -22.21
N ILE A 490 33.09 -9.47 -21.28
CA ILE A 490 34.23 -8.60 -21.47
C ILE A 490 35.26 -8.90 -20.40
N PRO A 491 36.40 -9.44 -20.76
CA PRO A 491 37.28 -10.08 -19.77
C PRO A 491 38.31 -9.15 -19.12
N GLY A 492 37.85 -7.99 -18.64
CA GLY A 492 38.78 -7.10 -17.97
C GLY A 492 39.80 -6.51 -18.94
N TYR A 493 41.00 -6.22 -18.43
CA TYR A 493 42.06 -5.73 -19.26
C TYR A 493 43.38 -6.28 -18.77
N THR A 494 44.40 -6.21 -19.62
CA THR A 494 45.74 -6.65 -19.27
C THR A 494 46.68 -5.45 -19.23
N ASN A 495 47.93 -5.72 -18.86
CA ASN A 495 48.87 -4.62 -18.60
C ASN A 495 49.26 -3.91 -19.89
N MET A 496 49.38 -4.64 -21.00
CA MET A 496 49.66 -3.99 -22.26
C MET A 496 48.46 -3.16 -22.71
N GLU A 497 47.27 -3.72 -22.52
CA GLU A 497 46.03 -3.04 -22.86
C GLU A 497 45.85 -1.80 -21.99
N LYS A 498 46.07 -1.94 -20.68
CA LYS A 498 45.96 -0.80 -19.78
C LYS A 498 46.99 0.25 -20.07
N GLN A 499 48.20 -0.16 -20.47
CA GLN A 499 49.25 0.80 -20.74
C GLN A 499 48.94 1.60 -22.00
N ALA A 500 48.38 0.95 -23.01
CA ALA A 500 48.02 1.67 -24.24
C ALA A 500 46.82 2.58 -24.01
N ILE A 501 45.81 2.09 -23.27
CA ILE A 501 44.66 2.90 -22.88
C ILE A 501 45.12 4.12 -22.11
N ALA A 502 46.09 3.94 -21.22
CA ALA A 502 46.65 5.03 -20.43
C ALA A 502 47.26 6.09 -21.34
N ARG A 503 48.25 5.68 -22.15
CA ARG A 503 49.01 6.60 -22.99
C ARG A 503 48.14 7.39 -23.95
N GLN A 504 47.18 6.76 -24.60
CA GLN A 504 46.47 7.54 -25.61
C GLN A 504 45.02 7.79 -25.27
N TYR A 505 44.57 7.55 -24.04
CA TYR A 505 43.26 8.06 -23.69
C TYR A 505 43.22 8.74 -22.32
N LEU A 506 43.97 8.25 -21.35
CA LEU A 506 43.77 8.72 -19.98
C LEU A 506 44.68 9.90 -19.65
N TRP A 507 45.96 9.77 -19.96
CA TRP A 507 46.90 10.82 -19.64
C TRP A 507 46.68 12.13 -20.40
N PRO A 508 46.31 12.16 -21.69
CA PRO A 508 45.97 13.46 -22.28
C PRO A 508 44.75 14.13 -21.69
N LYS A 509 43.71 13.38 -21.32
CA LYS A 509 42.53 14.00 -20.72
C LYS A 509 42.82 14.54 -19.34
N GLN A 510 43.55 13.78 -18.52
CA GLN A 510 43.88 14.24 -17.17
C GLN A 510 44.91 15.36 -17.21
N VAL A 511 45.69 15.45 -18.27
CA VAL A 511 46.57 16.60 -18.44
C VAL A 511 45.77 17.83 -18.84
N ARG A 512 44.77 17.65 -19.72
CA ARG A 512 43.96 18.80 -20.14
C ARG A 512 43.11 19.35 -19.01
N GLU A 513 42.57 18.48 -18.15
CA GLU A 513 41.61 18.96 -17.18
C GLU A 513 42.24 19.69 -16.00
N SER A 514 43.56 19.55 -15.82
CA SER A 514 44.25 20.28 -14.77
C SER A 514 45.09 21.43 -15.30
N GLY A 515 44.79 21.92 -16.50
CA GLY A 515 45.40 23.12 -17.04
C GLY A 515 46.83 22.99 -17.52
N MET A 516 47.52 21.89 -17.20
CA MET A 516 48.88 21.70 -17.65
C MET A 516 48.87 21.38 -19.14
N GLU A 517 49.76 22.01 -19.90
CA GLU A 517 49.84 21.78 -21.35
C GLU A 517 51.31 21.87 -21.74
N GLY A 518 51.98 20.73 -21.84
CA GLY A 518 53.39 20.72 -22.12
C GLY A 518 54.25 21.15 -20.96
N ARG A 519 53.65 21.32 -19.79
CA ARG A 519 54.40 21.67 -18.61
C ARG A 519 54.84 20.44 -17.85
N ILE A 520 54.22 19.29 -18.14
CA ILE A 520 54.56 18.04 -17.49
C ILE A 520 54.27 16.93 -18.47
N GLU A 521 55.06 15.86 -18.39
CA GLU A 521 54.83 14.69 -19.23
C GLU A 521 55.37 13.48 -18.51
N VAL A 522 54.56 12.45 -18.44
CA VAL A 522 54.97 11.19 -17.86
C VAL A 522 55.49 10.33 -19.01
N THR A 523 56.27 9.32 -18.69
CA THR A 523 56.77 8.43 -19.73
C THR A 523 56.17 7.05 -19.57
N ASP A 524 56.60 6.13 -20.45
CA ASP A 524 56.07 4.78 -20.43
C ASP A 524 56.65 3.92 -19.31
N ALA A 525 57.73 4.36 -18.68
CA ALA A 525 58.20 3.67 -17.49
C ALA A 525 57.21 3.84 -16.35
N ALA A 526 56.81 5.08 -16.12
CA ALA A 526 56.02 5.34 -14.93
C ALA A 526 54.58 4.92 -15.08
N ILE A 527 54.10 4.69 -16.30
CA ILE A 527 52.76 4.12 -16.46
C ILE A 527 52.72 2.70 -15.92
N LEU A 528 53.71 1.89 -16.28
CA LEU A 528 53.84 0.55 -15.71
C LEU A 528 54.09 0.60 -14.22
N ARG A 529 54.83 1.60 -13.75
CA ARG A 529 55.02 1.79 -12.31
C ARG A 529 53.67 1.98 -11.59
N VAL A 530 52.85 2.90 -12.10
CA VAL A 530 51.56 3.20 -11.48
C VAL A 530 50.64 1.98 -11.52
N ILE A 531 50.58 1.31 -12.67
CA ILE A 531 49.67 0.17 -12.85
C ILE A 531 50.07 -0.98 -11.95
N SER A 532 51.35 -1.30 -11.91
CA SER A 532 51.77 -2.45 -11.14
C SER A 532 51.74 -2.17 -9.64
N GLU A 533 51.99 -0.93 -9.20
CA GLU A 533 52.18 -0.72 -7.77
C GLU A 533 51.22 0.27 -7.13
N TYR A 534 50.09 0.58 -7.77
CA TYR A 534 49.11 1.42 -7.09
C TYR A 534 47.67 0.99 -7.34
N THR A 535 47.43 -0.14 -7.99
CA THR A 535 46.08 -0.46 -8.45
C THR A 535 45.92 -1.97 -8.56
N ARG A 536 45.02 -2.53 -7.76
CA ARG A 536 44.50 -3.89 -7.95
C ARG A 536 43.06 -3.74 -8.42
N GLU A 537 42.86 -3.90 -9.72
CA GLU A 537 41.55 -3.63 -10.30
C GLU A 537 41.47 -4.32 -11.64
N ALA A 538 40.28 -4.79 -11.99
CA ALA A 538 40.04 -5.28 -13.32
C ALA A 538 39.86 -4.14 -14.30
N GLY A 539 39.19 -3.07 -13.88
CA GLY A 539 38.88 -1.95 -14.74
C GLY A 539 39.98 -0.91 -14.77
N VAL A 540 39.69 0.17 -15.47
CA VAL A 540 40.64 1.27 -15.65
C VAL A 540 40.09 2.55 -15.04
N ARG A 541 39.32 2.43 -13.98
CA ARG A 541 38.81 3.63 -13.33
C ARG A 541 39.75 4.16 -12.26
N GLY A 542 40.43 3.29 -11.51
CA GLY A 542 41.37 3.77 -10.51
C GLY A 542 42.62 4.37 -11.12
N LEU A 543 42.98 3.90 -12.32
CA LEU A 543 44.14 4.43 -13.01
C LEU A 543 43.90 5.87 -13.42
N GLU A 544 42.65 6.20 -13.75
CA GLU A 544 42.26 7.57 -14.04
C GLU A 544 42.49 8.47 -12.83
N ARG A 545 42.15 7.98 -11.64
CA ARG A 545 42.32 8.82 -10.45
C ARG A 545 43.79 8.97 -10.07
N GLU A 546 44.62 7.96 -10.34
CA GLU A 546 46.03 8.14 -10.00
C GLU A 546 46.72 9.10 -10.97
N LEU A 547 46.37 9.02 -12.25
CA LEU A 547 46.91 10.00 -13.19
C LEU A 547 46.37 11.40 -12.89
N GLY A 548 45.14 11.50 -12.39
CA GLY A 548 44.62 12.79 -11.98
C GLY A 548 45.32 13.36 -10.76
N LYS A 549 45.74 12.51 -9.83
CA LYS A 549 46.47 13.00 -8.65
C LYS A 549 47.85 13.50 -9.04
N ILE A 550 48.50 12.82 -9.98
CA ILE A 550 49.77 13.31 -10.50
C ILE A 550 49.58 14.66 -11.20
N ALA A 551 48.47 14.81 -11.92
CA ALA A 551 48.17 16.09 -12.56
C ALA A 551 47.93 17.21 -11.54
N ARG A 552 47.21 16.91 -10.47
CA ARG A 552 46.90 17.93 -9.48
C ARG A 552 48.13 18.38 -8.71
N LYS A 553 49.00 17.44 -8.33
CA LYS A 553 50.22 17.87 -7.64
C LYS A 553 51.18 18.58 -8.58
N GLY A 554 51.13 18.28 -9.88
CA GLY A 554 51.85 19.09 -10.84
C GLY A 554 51.35 20.52 -10.90
N ALA A 555 50.03 20.70 -10.82
CA ALA A 555 49.46 22.05 -10.81
C ALA A 555 49.83 22.80 -9.53
N LYS A 556 49.87 22.08 -8.41
CA LYS A 556 50.34 22.64 -7.13
C LYS A 556 51.78 23.15 -7.23
N PHE A 557 52.69 22.29 -7.69
CA PHE A 557 54.09 22.65 -7.77
C PHE A 557 54.34 23.74 -8.82
N TRP A 558 53.50 23.83 -9.85
CA TRP A 558 53.62 24.94 -10.78
C TRP A 558 53.16 26.24 -10.16
N LEU A 559 52.05 26.21 -9.43
CA LEU A 559 51.48 27.45 -8.92
C LEU A 559 52.26 27.97 -7.72
N GLU A 560 53.07 27.12 -7.09
CA GLU A 560 54.03 27.65 -6.12
C GLU A 560 55.11 28.50 -6.79
N GLY A 561 55.35 28.27 -8.07
CA GLY A 561 56.36 29.01 -8.80
C GLY A 561 56.72 28.28 -10.07
N ALA A 562 56.91 29.01 -11.17
CA ALA A 562 57.04 28.36 -12.46
C ALA A 562 58.44 27.84 -12.69
N TRP A 563 58.55 26.88 -13.60
CA TRP A 563 59.78 26.48 -14.25
C TRP A 563 59.60 26.75 -15.74
N GLU A 564 60.52 26.25 -16.55
CA GLU A 564 60.26 26.21 -17.98
C GLU A 564 60.97 25.01 -18.58
N GLY A 565 60.55 24.64 -19.78
CA GLY A 565 60.99 23.41 -20.40
C GLY A 565 59.90 22.36 -20.34
N LEU A 566 60.24 21.18 -19.87
CA LEU A 566 59.26 20.10 -19.71
C LEU A 566 59.69 19.25 -18.53
N ARG A 567 58.99 19.38 -17.42
CA ARG A 567 59.24 18.49 -16.30
C ARG A 567 58.79 17.09 -16.69
N THR A 568 59.74 16.18 -16.81
CA THR A 568 59.48 14.84 -17.32
C THR A 568 59.48 13.86 -16.15
N ILE A 569 58.32 13.27 -15.89
CA ILE A 569 58.19 12.28 -14.83
C ILE A 569 58.93 11.01 -15.24
N ASP A 570 59.64 10.41 -14.31
CA ASP A 570 60.24 9.11 -14.57
C ASP A 570 59.65 8.06 -13.65
N ALA A 571 60.23 6.86 -13.68
CA ALA A 571 59.83 5.82 -12.76
C ALA A 571 60.37 6.04 -11.35
N SER A 572 61.27 7.00 -11.18
CA SER A 572 61.81 7.32 -9.87
C SER A 572 61.05 8.41 -9.18
N ASP A 573 60.47 9.34 -9.93
CA ASP A 573 59.82 10.50 -9.39
C ASP A 573 58.35 10.26 -9.08
N ILE A 574 57.93 9.00 -9.08
CA ILE A 574 56.54 8.64 -8.82
C ILE A 574 56.20 8.68 -7.32
N PRO A 575 56.96 8.10 -6.38
CA PRO A 575 56.55 8.22 -4.97
C PRO A 575 56.65 9.61 -4.39
N THR A 576 57.31 10.53 -5.08
CA THR A 576 57.24 11.94 -4.69
C THR A 576 55.82 12.47 -4.85
N TYR A 577 55.09 11.97 -5.85
CA TYR A 577 53.75 12.45 -6.11
C TYR A 577 52.67 11.55 -5.54
N LEU A 578 52.89 10.24 -5.51
CA LEU A 578 51.81 9.33 -5.18
C LEU A 578 51.94 8.71 -3.81
N GLY A 579 52.95 9.09 -3.03
CA GLY A 579 53.07 8.52 -1.70
C GLY A 579 53.69 7.14 -1.74
N ILE A 580 53.41 6.36 -0.71
CA ILE A 580 54.02 5.04 -0.53
C ILE A 580 53.34 4.08 -1.49
N PRO A 581 54.07 3.17 -2.13
CA PRO A 581 53.42 2.18 -3.00
C PRO A 581 52.56 1.21 -2.20
N ARG A 582 51.32 1.04 -2.64
CA ARG A 582 50.36 0.27 -1.87
C ARG A 582 50.57 -1.22 -2.04
N TYR A 583 50.71 -1.69 -3.27
CA TYR A 583 50.66 -3.10 -3.56
C TYR A 583 52.03 -3.61 -3.94
N ARG A 584 52.43 -4.72 -3.35
CA ARG A 584 53.65 -5.39 -3.77
C ARG A 584 53.45 -5.95 -5.18
N PRO A 585 54.45 -5.81 -6.05
CA PRO A 585 54.34 -6.47 -7.35
C PRO A 585 54.51 -7.97 -7.19
N ASP A 586 53.72 -8.71 -7.95
CA ASP A 586 53.91 -10.15 -8.02
C ASP A 586 55.21 -10.41 -8.76
N LYS A 587 56.10 -11.21 -8.19
CA LYS A 587 57.32 -11.49 -8.91
C LYS A 587 57.79 -12.90 -8.60
N ALA A 588 58.45 -13.50 -9.59
CA ALA A 588 58.82 -14.89 -9.54
C ALA A 588 60.06 -15.09 -8.71
N GLU A 589 60.16 -16.28 -8.10
CA GLU A 589 61.44 -16.69 -7.55
C GLU A 589 62.39 -17.07 -8.67
N THR A 590 63.62 -17.38 -8.29
CA THR A 590 64.68 -17.60 -9.26
C THR A 590 65.23 -19.03 -9.24
N GLU A 591 65.26 -19.65 -8.09
CA GLU A 591 66.12 -20.83 -7.99
C GLU A 591 65.32 -22.09 -7.71
N PRO A 592 65.91 -23.26 -8.00
CA PRO A 592 65.29 -24.51 -7.56
C PRO A 592 65.22 -24.63 -6.05
N GLN A 593 64.02 -24.87 -5.56
CA GLN A 593 63.75 -25.14 -4.15
C GLN A 593 63.30 -26.57 -3.97
N VAL A 594 63.32 -27.01 -2.73
CA VAL A 594 63.04 -28.40 -2.37
C VAL A 594 61.63 -28.44 -1.79
N GLY A 595 60.74 -29.16 -2.47
CA GLY A 595 59.39 -29.32 -2.00
C GLY A 595 58.67 -28.00 -2.04
N THR A 596 58.66 -27.38 -3.21
CA THR A 596 58.09 -26.05 -3.39
C THR A 596 57.76 -25.91 -4.86
N ALA A 597 56.53 -25.57 -5.19
CA ALA A 597 56.14 -25.55 -6.58
C ALA A 597 55.48 -24.24 -6.93
N GLN A 598 55.86 -23.68 -8.06
CA GLN A 598 55.32 -22.44 -8.55
C GLN A 598 54.06 -22.72 -9.34
N GLY A 599 53.00 -21.94 -9.09
CA GLY A 599 51.74 -22.18 -9.73
C GLY A 599 51.02 -20.87 -10.02
N LEU A 600 50.04 -20.96 -10.91
CA LEU A 600 49.30 -19.81 -11.38
C LEU A 600 47.90 -19.84 -10.81
N ALA A 601 47.36 -18.67 -10.55
CA ALA A 601 46.04 -18.55 -9.97
C ALA A 601 45.18 -17.71 -10.89
N TRP A 602 43.95 -17.48 -10.45
CA TRP A 602 43.04 -16.70 -11.25
C TRP A 602 42.06 -16.00 -10.33
N THR A 603 41.79 -14.73 -10.61
CA THR A 603 40.86 -13.88 -9.89
C THR A 603 40.01 -13.21 -10.94
N PRO A 604 39.03 -12.39 -10.54
CA PRO A 604 38.46 -11.45 -11.53
C PRO A 604 39.26 -10.17 -11.67
N VAL A 605 40.21 -9.89 -10.80
CA VAL A 605 41.04 -8.70 -10.92
C VAL A 605 42.35 -9.01 -11.62
N GLY A 606 42.40 -10.10 -12.38
CA GLY A 606 43.61 -10.47 -13.05
C GLY A 606 44.28 -11.61 -12.32
N GLY A 607 44.78 -12.58 -13.06
CA GLY A 607 45.39 -13.73 -12.44
C GLY A 607 46.71 -13.38 -11.78
N THR A 608 47.22 -14.35 -11.03
CA THR A 608 48.42 -14.11 -10.25
C THR A 608 49.14 -15.41 -10.00
N LEU A 609 50.31 -15.29 -9.40
CA LEU A 609 51.07 -16.42 -8.95
C LEU A 609 50.61 -16.81 -7.56
N LEU A 610 50.86 -18.07 -7.22
CA LEU A 610 50.84 -18.55 -5.84
C LEU A 610 51.70 -19.79 -5.75
N THR A 611 52.54 -19.85 -4.73
CA THR A 611 53.41 -20.99 -4.52
C THR A 611 52.78 -21.92 -3.51
N ILE A 612 52.86 -23.20 -3.78
CA ILE A 612 52.53 -24.22 -2.79
C ILE A 612 53.85 -24.73 -2.22
N GLU A 613 53.99 -24.65 -0.91
CA GLU A 613 55.12 -25.28 -0.25
C GLU A 613 54.59 -26.25 0.77
N VAL A 614 55.15 -27.44 0.80
CA VAL A 614 54.67 -28.50 1.68
C VAL A 614 55.87 -29.00 2.47
N ALA A 615 55.59 -29.74 3.53
CA ALA A 615 56.63 -30.29 4.37
C ALA A 615 56.33 -31.73 4.64
N ALA A 616 57.36 -32.56 4.62
CA ALA A 616 57.23 -33.98 4.89
C ALA A 616 58.01 -34.23 6.17
N VAL A 617 57.37 -34.03 7.29
CA VAL A 617 58.02 -34.17 8.59
C VAL A 617 57.61 -35.53 9.17
N PRO A 618 58.45 -36.18 9.97
CA PRO A 618 58.10 -37.50 10.48
C PRO A 618 56.94 -37.43 11.45
N GLY A 619 56.16 -38.50 11.51
CA GLY A 619 54.95 -38.48 12.29
C GLY A 619 54.13 -39.75 12.10
N SER A 620 52.82 -39.60 12.25
CA SER A 620 51.91 -40.74 12.26
C SER A 620 51.26 -40.97 10.92
N GLY A 621 51.18 -39.95 10.10
CA GLY A 621 50.59 -40.06 8.78
C GLY A 621 49.20 -39.50 8.81
N LYS A 622 49.07 -38.25 8.43
CA LYS A 622 47.81 -37.55 8.26
C LYS A 622 48.10 -36.36 7.36
N LEU A 623 47.11 -35.52 7.17
CA LEU A 623 47.24 -34.52 6.11
C LEU A 623 46.60 -33.22 6.57
N SER A 624 47.40 -32.35 7.15
CA SER A 624 46.94 -31.04 7.58
C SER A 624 47.00 -30.08 6.40
N LEU A 625 45.90 -29.40 6.12
CA LEU A 625 45.78 -28.61 4.91
C LEU A 625 45.46 -27.18 5.32
N THR A 626 46.50 -26.42 5.67
CA THR A 626 46.31 -25.08 6.19
C THR A 626 46.39 -24.06 5.07
N GLY A 627 46.49 -22.79 5.43
CA GLY A 627 46.54 -21.76 4.43
C GLY A 627 45.21 -21.40 3.84
N GLN A 628 44.12 -21.70 4.55
CA GLN A 628 42.76 -21.26 4.23
C GLN A 628 42.29 -21.80 2.88
N LEU A 629 42.24 -23.12 2.77
CA LEU A 629 41.85 -23.75 1.53
C LEU A 629 40.42 -24.25 1.61
N GLY A 630 39.70 -24.14 0.50
CA GLY A 630 38.39 -24.74 0.42
C GLY A 630 38.47 -26.25 0.28
N GLU A 631 37.32 -26.90 0.42
CA GLU A 631 37.30 -28.36 0.40
C GLU A 631 37.59 -28.95 -0.97
N VAL A 632 37.33 -28.20 -2.04
CA VAL A 632 37.61 -28.70 -3.37
C VAL A 632 39.11 -28.85 -3.56
N MET A 633 39.87 -27.90 -3.06
CA MET A 633 41.31 -27.99 -3.16
C MET A 633 41.85 -29.04 -2.20
N LYS A 634 41.16 -29.27 -1.09
CA LYS A 634 41.56 -30.35 -0.19
C LYS A 634 41.36 -31.71 -0.84
N GLU A 635 40.24 -31.89 -1.54
CA GLU A 635 40.01 -33.16 -2.23
C GLU A 635 40.95 -33.32 -3.41
N SER A 636 41.30 -32.22 -4.07
CA SER A 636 42.31 -32.27 -5.12
C SER A 636 43.66 -32.71 -4.55
N ALA A 637 43.96 -32.25 -3.34
CA ALA A 637 45.18 -32.68 -2.67
C ALA A 637 45.13 -34.16 -2.33
N GLN A 638 43.97 -34.65 -1.87
CA GLN A 638 43.88 -36.06 -1.53
C GLN A 638 43.90 -36.94 -2.77
N ALA A 639 43.40 -36.42 -3.89
CA ALA A 639 43.46 -37.16 -5.15
C ALA A 639 44.89 -37.26 -5.67
N ALA A 640 45.63 -36.15 -5.61
CA ALA A 640 47.03 -36.19 -6.03
C ALA A 640 47.86 -37.09 -5.13
N LEU A 641 47.59 -37.04 -3.83
CA LEU A 641 48.31 -37.90 -2.91
C LEU A 641 47.93 -39.36 -3.12
N THR A 642 46.69 -39.63 -3.50
CA THR A 642 46.29 -40.99 -3.77
C THR A 642 46.95 -41.53 -5.02
N TYR A 643 47.12 -40.68 -6.04
CA TYR A 643 47.87 -41.10 -7.21
C TYR A 643 49.32 -41.41 -6.87
N LEU A 644 49.93 -40.62 -6.00
CA LEU A 644 51.30 -40.93 -5.63
C LEU A 644 51.40 -42.15 -4.74
N ARG A 645 50.35 -42.47 -3.98
CA ARG A 645 50.40 -43.68 -3.18
C ARG A 645 50.31 -44.92 -4.06
N ALA A 646 49.69 -44.79 -5.23
CA ALA A 646 49.56 -45.89 -6.16
C ALA A 646 50.77 -46.08 -7.06
N HIS A 647 51.79 -45.22 -6.95
CA HIS A 647 53.01 -45.39 -7.75
C HIS A 647 54.18 -44.96 -6.87
N THR A 648 54.75 -45.92 -6.14
CA THR A 648 55.88 -45.62 -5.28
C THR A 648 57.22 -46.06 -5.82
N GLN A 649 57.25 -47.00 -6.76
CA GLN A 649 58.53 -47.44 -7.31
C GLN A 649 58.94 -46.65 -8.52
N ASP A 650 58.05 -45.82 -9.06
CA ASP A 650 58.40 -45.06 -10.24
C ASP A 650 59.33 -43.92 -9.88
N TYR A 651 58.93 -43.10 -8.91
CA TYR A 651 59.51 -41.79 -8.70
C TYR A 651 60.45 -41.76 -7.51
N GLY A 652 60.94 -42.92 -7.08
CA GLY A 652 61.94 -42.97 -6.03
C GLY A 652 61.43 -42.62 -4.66
N LEU A 653 60.13 -42.70 -4.44
CA LEU A 653 59.57 -42.36 -3.15
C LEU A 653 59.86 -43.46 -2.13
N PRO A 654 59.93 -43.12 -0.86
CA PRO A 654 59.90 -44.15 0.17
C PRO A 654 58.54 -44.83 0.17
N GLU A 655 58.52 -46.08 0.60
CA GLU A 655 57.35 -46.90 0.39
C GLU A 655 56.24 -46.56 1.38
N ASP A 656 56.48 -46.74 2.67
CA ASP A 656 55.45 -46.55 3.68
C ASP A 656 55.42 -45.10 4.16
N PHE A 657 55.15 -44.20 3.23
CA PHE A 657 54.98 -42.80 3.59
C PHE A 657 53.55 -42.47 3.95
N TYR A 658 52.68 -43.46 4.06
CA TYR A 658 51.31 -43.20 4.45
C TYR A 658 51.06 -43.35 5.94
N ASN A 659 51.83 -44.19 6.63
CA ASN A 659 51.70 -44.31 8.07
C ASN A 659 52.96 -43.87 8.82
N LYS A 660 53.85 -43.12 8.17
CA LYS A 660 55.07 -42.66 8.81
C LYS A 660 55.35 -41.17 8.62
N VAL A 661 54.76 -40.54 7.61
CA VAL A 661 55.14 -39.18 7.23
C VAL A 661 53.92 -38.29 7.35
N ASP A 662 54.08 -37.22 8.13
CA ASP A 662 52.98 -36.41 8.58
C ASP A 662 52.94 -35.16 7.70
N LEU A 663 52.37 -35.29 6.51
CA LEU A 663 52.44 -34.23 5.51
C LEU A 663 51.67 -33.00 5.93
N HIS A 664 52.19 -31.84 5.53
CA HIS A 664 51.60 -30.58 5.89
C HIS A 664 51.65 -29.66 4.69
N VAL A 665 50.50 -29.32 4.16
CA VAL A 665 50.38 -28.53 2.93
C VAL A 665 49.99 -27.12 3.32
N HIS A 666 50.80 -26.15 2.91
CA HIS A 666 50.60 -24.76 3.29
C HIS A 666 50.65 -23.90 2.04
N VAL A 667 49.64 -23.07 1.83
CA VAL A 667 49.56 -22.23 0.66
C VAL A 667 49.56 -20.78 1.12
N PRO A 668 50.71 -20.11 1.11
CA PRO A 668 50.77 -18.71 1.53
C PRO A 668 50.11 -17.80 0.52
N ASP A 669 49.51 -16.70 0.99
CA ASP A 669 49.47 -16.30 2.39
C ASP A 669 48.19 -16.70 3.07
N GLY A 670 48.15 -16.49 4.38
CA GLY A 670 46.91 -16.58 5.12
C GLY A 670 46.00 -15.42 4.79
N ALA A 671 44.75 -15.55 5.25
CA ALA A 671 43.67 -14.57 5.04
C ALA A 671 43.38 -14.29 3.57
N THR A 672 43.71 -15.25 2.71
CA THR A 672 43.40 -15.18 1.28
C THR A 672 42.61 -16.46 0.97
N PRO A 673 41.26 -16.38 0.92
CA PRO A 673 40.49 -17.55 0.56
C PRO A 673 40.93 -18.03 -0.82
N LYS A 674 41.59 -19.19 -0.88
CA LYS A 674 42.01 -19.75 -2.18
C LYS A 674 41.51 -21.19 -2.29
N ASP A 675 40.84 -21.55 -3.38
CA ASP A 675 40.33 -22.92 -3.63
C ASP A 675 40.04 -23.03 -5.11
N GLY A 676 39.92 -24.38 -5.41
CA GLY A 676 39.63 -24.71 -6.83
C GLY A 676 40.43 -25.92 -7.25
N PRO A 677 40.07 -26.66 -8.31
CA PRO A 677 40.81 -27.87 -8.64
C PRO A 677 41.99 -27.55 -9.54
N SER A 678 42.12 -26.29 -9.95
CA SER A 678 43.16 -25.93 -10.94
C SER A 678 44.54 -26.30 -10.42
N ALA A 679 44.82 -26.12 -9.14
CA ALA A 679 46.15 -26.52 -8.69
C ALA A 679 46.12 -27.94 -8.23
N GLY A 680 46.15 -28.65 -9.42
CA GLY A 680 46.17 -30.09 -9.18
C GLY A 680 47.55 -30.60 -9.49
N ILE A 681 48.16 -30.08 -10.55
CA ILE A 681 49.48 -30.59 -10.93
C ILE A 681 50.53 -30.00 -10.01
N THR A 682 50.30 -28.76 -9.57
CA THR A 682 51.23 -28.07 -8.68
C THR A 682 51.37 -28.81 -7.36
N MET A 683 50.26 -29.28 -6.81
CA MET A 683 50.31 -29.95 -5.53
C MET A 683 50.96 -31.31 -5.67
N ALA A 684 50.76 -31.94 -6.82
CA ALA A 684 51.43 -33.22 -7.09
C ALA A 684 52.93 -33.04 -7.17
N THR A 685 53.38 -31.99 -7.86
CA THR A 685 54.83 -31.75 -7.98
C THR A 685 55.43 -31.36 -6.65
N ALA A 686 54.71 -30.56 -5.88
CA ALA A 686 55.19 -30.12 -4.57
C ALA A 686 55.33 -31.30 -3.62
N ILE A 687 54.30 -32.14 -3.54
CA ILE A 687 54.31 -33.30 -2.67
C ILE A 687 55.36 -34.30 -3.11
N ALA A 688 55.53 -34.48 -4.42
CA ALA A 688 56.54 -35.41 -4.87
C ALA A 688 57.96 -34.90 -4.65
N SER A 689 58.16 -33.59 -4.78
CA SER A 689 59.48 -33.02 -4.52
C SER A 689 59.82 -33.10 -3.05
N ALA A 690 58.82 -32.94 -2.19
CA ALA A 690 59.05 -32.99 -0.77
C ALA A 690 59.32 -34.40 -0.31
N LEU A 691 58.53 -35.36 -0.77
CA LEU A 691 58.73 -36.72 -0.32
C LEU A 691 59.93 -37.39 -0.97
N SER A 692 60.36 -36.91 -2.13
CA SER A 692 61.41 -37.56 -2.88
C SER A 692 62.78 -36.95 -2.66
N ARG A 693 62.86 -35.82 -1.96
CA ARG A 693 64.08 -35.08 -1.65
C ARG A 693 64.78 -34.55 -2.90
N ARG A 694 64.10 -34.49 -4.02
CA ARG A 694 64.65 -33.90 -5.22
C ARG A 694 63.99 -32.54 -5.44
N PRO A 695 64.77 -31.50 -5.74
CA PRO A 695 64.22 -30.15 -5.82
C PRO A 695 63.26 -29.97 -6.98
N ALA A 696 62.51 -28.89 -6.93
CA ALA A 696 61.55 -28.58 -7.98
C ALA A 696 61.89 -27.23 -8.56
N ARG A 697 62.29 -27.22 -9.82
CA ARG A 697 62.81 -26.00 -10.43
C ARG A 697 61.70 -24.97 -10.63
N MET A 698 61.88 -23.83 -9.99
CA MET A 698 60.83 -22.84 -9.80
C MET A 698 60.61 -21.93 -10.99
N ASP A 699 61.41 -22.05 -12.04
CA ASP A 699 61.29 -21.14 -13.18
C ASP A 699 60.40 -21.68 -14.27
N ILE A 700 59.43 -22.52 -13.93
CA ILE A 700 58.48 -23.08 -14.88
C ILE A 700 57.11 -22.98 -14.23
N ALA A 701 56.27 -22.10 -14.75
CA ALA A 701 54.93 -22.03 -14.18
C ALA A 701 54.10 -23.17 -14.71
N MET A 702 53.06 -23.54 -13.96
CA MET A 702 52.24 -24.68 -14.37
C MET A 702 50.82 -24.50 -13.86
N THR A 703 49.96 -25.41 -14.31
CA THR A 703 48.56 -25.48 -13.90
C THR A 703 48.04 -26.86 -14.28
N GLY A 704 46.74 -27.06 -14.09
CA GLY A 704 46.14 -28.31 -14.51
C GLY A 704 45.53 -29.13 -13.40
N GLU A 705 44.48 -29.87 -13.73
CA GLU A 705 43.71 -30.67 -12.78
C GLU A 705 44.06 -32.14 -12.93
N VAL A 706 44.35 -32.81 -11.83
CA VAL A 706 44.76 -34.20 -11.85
C VAL A 706 43.56 -35.09 -11.57
N SER A 707 43.51 -36.24 -12.23
CA SER A 707 42.47 -37.23 -12.00
C SER A 707 42.96 -38.19 -10.92
N LEU A 708 42.30 -39.32 -10.78
CA LEU A 708 42.82 -40.36 -9.92
C LEU A 708 43.68 -41.36 -10.68
N ARG A 709 43.40 -41.57 -11.96
CA ARG A 709 44.25 -42.44 -12.77
C ARG A 709 45.54 -41.77 -13.19
N GLY A 710 45.68 -40.46 -12.97
CA GLY A 710 46.80 -39.73 -13.48
C GLY A 710 46.50 -39.21 -14.86
N LYS A 711 45.41 -38.46 -14.98
CA LYS A 711 44.92 -38.04 -16.28
C LYS A 711 44.69 -36.53 -16.19
N VAL A 712 45.63 -35.76 -16.72
CA VAL A 712 45.59 -34.31 -16.59
C VAL A 712 44.45 -33.76 -17.42
N MET A 713 43.51 -33.11 -16.77
CA MET A 713 42.28 -32.62 -17.35
C MET A 713 42.37 -31.13 -17.65
N PRO A 714 41.52 -30.59 -18.52
CA PRO A 714 41.60 -29.16 -18.83
C PRO A 714 41.09 -28.31 -17.68
N ILE A 715 41.36 -27.02 -17.80
CA ILE A 715 41.00 -26.01 -16.81
C ILE A 715 40.27 -24.89 -17.52
N GLY A 716 39.95 -23.85 -16.76
CA GLY A 716 39.37 -22.64 -17.30
C GLY A 716 40.29 -21.46 -17.08
N GLY A 717 40.24 -20.51 -18.01
CA GLY A 717 41.02 -19.29 -17.90
C GLY A 717 42.51 -19.51 -18.08
N VAL A 718 42.95 -19.83 -19.28
CA VAL A 718 44.38 -20.08 -19.50
C VAL A 718 45.11 -18.77 -19.75
N LYS A 719 44.44 -17.84 -20.45
CA LYS A 719 45.06 -16.59 -20.90
C LYS A 719 45.61 -15.76 -19.75
N GLU A 720 44.77 -15.54 -18.73
CA GLU A 720 45.15 -14.62 -17.67
C GLU A 720 46.23 -15.22 -16.78
N LYS A 721 46.19 -16.53 -16.58
CA LYS A 721 47.30 -17.22 -15.92
C LYS A 721 48.59 -17.06 -16.71
N LEU A 722 48.52 -17.17 -18.04
CA LEU A 722 49.73 -17.05 -18.84
C LEU A 722 50.29 -15.64 -18.83
N LEU A 723 49.42 -14.63 -18.86
CA LEU A 723 49.89 -13.26 -18.84
C LEU A 723 50.54 -12.92 -17.51
N ALA A 724 49.93 -13.34 -16.40
CA ALA A 724 50.55 -13.12 -15.10
C ALA A 724 51.84 -13.91 -14.95
N ALA A 725 51.95 -15.04 -15.65
CA ALA A 725 53.21 -15.76 -15.63
C ALA A 725 54.29 -15.01 -16.39
N HIS A 726 53.91 -14.38 -17.48
CA HIS A 726 54.89 -13.68 -18.30
C HIS A 726 55.36 -12.40 -17.63
N GLN A 727 54.48 -11.75 -16.84
CA GLN A 727 54.87 -10.53 -16.13
C GLN A 727 56.01 -10.76 -15.17
N ALA A 728 55.97 -11.85 -14.43
CA ALA A 728 57.02 -12.11 -13.47
C ALA A 728 58.30 -12.63 -14.09
N GLY A 729 58.33 -12.84 -15.40
CA GLY A 729 59.56 -13.25 -16.04
C GLY A 729 59.81 -14.75 -15.97
N ILE A 730 58.79 -15.52 -16.30
CA ILE A 730 58.91 -16.97 -16.44
C ILE A 730 58.66 -17.30 -17.90
N HIS A 731 59.45 -18.20 -18.47
CA HIS A 731 59.37 -18.43 -19.89
C HIS A 731 59.28 -19.91 -20.25
N LYS A 732 58.84 -20.74 -19.31
CA LYS A 732 58.55 -22.13 -19.60
C LYS A 732 57.27 -22.50 -18.89
N ILE A 733 56.32 -23.10 -19.61
CA ILE A 733 54.97 -23.33 -19.14
C ILE A 733 54.71 -24.84 -19.19
N VAL A 734 53.83 -25.32 -18.30
CA VAL A 734 53.25 -26.65 -18.40
C VAL A 734 51.73 -26.49 -18.45
N LEU A 735 51.07 -27.28 -19.29
CA LEU A 735 49.66 -27.08 -19.58
C LEU A 735 49.07 -28.38 -20.09
N PRO A 736 47.77 -28.62 -19.91
CA PRO A 736 47.14 -29.82 -20.46
C PRO A 736 47.09 -29.80 -21.97
N LYS A 737 47.24 -30.99 -22.56
CA LYS A 737 47.12 -31.17 -24.01
C LYS A 737 45.74 -30.76 -24.51
N ASP A 738 44.73 -30.93 -23.68
CA ASP A 738 43.38 -30.52 -24.00
C ASP A 738 43.27 -29.00 -24.06
N ASN A 739 44.17 -28.29 -23.39
CA ASN A 739 44.29 -26.85 -23.54
C ASN A 739 45.29 -26.60 -24.66
N GLU A 740 44.79 -26.68 -25.89
CA GLU A 740 45.54 -26.32 -27.07
C GLU A 740 44.79 -25.37 -27.97
N ALA A 741 43.47 -25.34 -27.87
CA ALA A 741 42.66 -24.35 -28.54
C ALA A 741 42.56 -23.08 -27.73
N GLN A 742 42.93 -23.11 -26.47
CA GLN A 742 42.84 -21.93 -25.66
C GLN A 742 43.97 -20.95 -25.95
N LEU A 743 45.05 -21.41 -26.56
CA LEU A 743 46.21 -20.57 -26.81
C LEU A 743 46.03 -19.59 -27.95
N GLU A 744 44.97 -19.69 -28.73
CA GLU A 744 44.84 -18.79 -29.88
C GLU A 744 44.02 -17.56 -29.55
N GLU A 745 44.36 -16.94 -28.44
CA GLU A 745 43.80 -15.64 -28.07
C GLU A 745 44.82 -14.74 -27.40
N LEU A 746 46.04 -15.19 -27.21
CA LEU A 746 47.12 -14.36 -26.71
C LEU A 746 47.69 -13.51 -27.83
N PRO A 747 48.42 -12.44 -27.51
CA PRO A 747 49.22 -11.77 -28.54
C PRO A 747 50.42 -12.61 -28.92
N LYS A 748 50.85 -12.47 -30.17
CA LYS A 748 51.98 -13.25 -30.66
C LYS A 748 53.28 -12.80 -30.02
N GLU A 749 53.37 -11.53 -29.63
CA GLU A 749 54.56 -11.08 -28.92
C GLU A 749 54.66 -11.72 -27.56
N VAL A 750 53.52 -12.06 -26.95
CA VAL A 750 53.56 -12.93 -25.79
C VAL A 750 53.94 -14.34 -26.21
N LEU A 751 53.32 -14.84 -27.28
CA LEU A 751 53.49 -16.23 -27.68
C LEU A 751 54.88 -16.52 -28.23
N GLU A 752 55.60 -15.50 -28.69
CA GLU A 752 56.95 -15.76 -29.17
C GLU A 752 57.94 -15.99 -28.04
N GLY A 753 57.59 -15.69 -26.80
CA GLY A 753 58.48 -15.97 -25.70
C GLY A 753 58.16 -17.25 -24.98
N LEU A 754 56.87 -17.44 -24.68
CA LEU A 754 56.44 -18.56 -23.85
C LEU A 754 56.48 -19.86 -24.63
N GLU A 755 57.34 -20.78 -24.20
CA GLU A 755 57.46 -22.08 -24.84
C GLU A 755 56.53 -23.06 -24.14
N ILE A 756 55.39 -23.33 -24.74
CA ILE A 756 54.33 -24.06 -24.05
C ILE A 756 54.56 -25.55 -24.20
N LYS A 757 54.51 -26.28 -23.09
CA LYS A 757 54.49 -27.73 -23.07
C LYS A 757 53.04 -28.16 -22.92
N LEU A 758 52.66 -29.24 -23.59
CA LEU A 758 51.26 -29.66 -23.60
C LEU A 758 51.22 -31.12 -23.22
N VAL A 759 51.00 -31.41 -21.95
CA VAL A 759 51.07 -32.76 -21.44
C VAL A 759 49.67 -33.35 -21.33
N GLU A 760 49.61 -34.66 -21.13
CA GLU A 760 48.35 -35.37 -21.03
C GLU A 760 48.34 -36.20 -19.76
N ASP A 761 49.51 -36.65 -19.33
CA ASP A 761 49.63 -37.49 -18.14
C ASP A 761 50.52 -36.83 -17.11
N VAL A 762 50.83 -37.55 -16.05
CA VAL A 762 51.53 -36.98 -14.91
C VAL A 762 53.03 -37.15 -15.05
N GLY A 763 53.47 -38.31 -15.53
CA GLY A 763 54.90 -38.61 -15.56
C GLY A 763 55.70 -37.69 -16.45
N GLU A 764 55.05 -37.11 -17.45
CA GLU A 764 55.70 -36.08 -18.27
C GLU A 764 56.04 -34.84 -17.45
N VAL A 765 55.11 -34.38 -16.62
CA VAL A 765 55.37 -33.24 -15.75
C VAL A 765 56.37 -33.61 -14.67
N LEU A 766 56.23 -34.81 -14.08
CA LEU A 766 57.14 -35.22 -13.02
C LEU A 766 58.55 -35.50 -13.53
N GLU A 767 58.75 -35.67 -14.83
CA GLU A 767 60.11 -35.69 -15.32
C GLU A 767 60.52 -34.38 -15.96
N TYR A 768 59.61 -33.42 -16.09
CA TYR A 768 60.00 -32.15 -16.65
C TYR A 768 60.32 -31.09 -15.60
N LEU A 769 59.98 -31.34 -14.33
CA LEU A 769 60.15 -30.36 -13.27
C LEU A 769 61.10 -30.76 -12.17
N LEU A 770 61.66 -31.96 -12.19
CA LEU A 770 62.51 -32.41 -11.11
C LEU A 770 63.96 -32.44 -11.55
N LEU A 771 64.83 -31.99 -10.69
CA LEU A 771 66.22 -32.32 -10.87
C LEU A 771 66.44 -33.79 -10.53
N PRO A 772 67.23 -34.51 -11.31
CA PRO A 772 67.37 -35.97 -11.07
C PRO A 772 68.38 -36.30 -9.98
N GLU A 773 68.33 -35.57 -8.88
CA GLU A 773 69.36 -35.62 -7.85
C GLU A 773 68.71 -35.43 -6.50
N PRO A 774 68.91 -36.34 -5.55
CA PRO A 774 68.52 -36.05 -4.17
C PRO A 774 69.55 -35.15 -3.50
N THR A 775 69.07 -34.27 -2.64
CA THR A 775 69.93 -33.32 -1.94
C THR A 775 69.96 -33.55 -0.43
N MET A 776 68.82 -33.51 0.21
CA MET A 776 68.73 -33.59 1.65
C MET A 776 68.67 -35.04 2.12
N PRO A 777 68.97 -35.30 3.39
CA PRO A 777 68.63 -36.59 3.96
C PRO A 777 67.13 -36.75 4.05
N PRO A 778 66.59 -37.97 3.89
CA PRO A 778 65.14 -38.14 3.79
C PRO A 778 64.41 -37.97 5.11
N VAL A 779 63.10 -38.21 5.09
CA VAL A 779 62.31 -38.11 6.32
C VAL A 779 62.55 -39.32 7.23
N VAL A 780 62.74 -40.50 6.66
CA VAL A 780 62.97 -41.71 7.45
C VAL A 780 64.43 -42.14 7.40
N ARG B 2 -92.23 2.22 -11.72
CA ARG B 2 -92.34 1.02 -12.54
C ARG B 2 -91.86 1.30 -13.95
N LEU B 3 -92.47 0.61 -14.94
CA LEU B 3 -92.24 0.82 -16.37
C LEU B 3 -90.77 0.62 -16.73
N GLU B 4 -90.33 -0.63 -16.75
CA GLU B 4 -88.96 -1.00 -17.10
C GLU B 4 -88.55 -0.47 -18.48
N LEU B 5 -87.40 0.20 -18.53
CA LEU B 5 -86.99 1.05 -19.65
C LEU B 5 -85.69 0.55 -20.26
N PRO B 6 -85.39 0.95 -21.49
CA PRO B 6 -84.00 0.90 -21.97
C PRO B 6 -83.18 1.97 -21.29
N VAL B 7 -81.92 1.64 -21.01
CA VAL B 7 -81.05 2.44 -20.15
C VAL B 7 -79.87 2.92 -20.97
N ILE B 8 -79.43 4.16 -20.71
CA ILE B 8 -78.25 4.74 -21.32
C ILE B 8 -77.09 4.68 -20.33
N PRO B 9 -76.09 3.81 -20.54
CA PRO B 9 -74.98 3.68 -19.59
C PRO B 9 -73.94 4.78 -19.79
N LEU B 10 -73.90 5.72 -18.86
CA LEU B 10 -73.03 6.88 -19.00
C LEU B 10 -71.60 6.54 -18.59
N ARG B 11 -70.67 6.75 -19.51
CA ARG B 11 -69.27 6.44 -19.29
C ARG B 11 -68.61 7.32 -18.25
N ASN B 12 -68.99 8.60 -18.16
CA ASN B 12 -68.32 9.52 -17.25
C ASN B 12 -69.29 10.44 -16.50
N THR B 13 -70.56 10.45 -16.91
CA THR B 13 -71.49 11.48 -16.51
C THR B 13 -72.28 10.99 -15.30
N VAL B 14 -71.93 11.49 -14.12
CA VAL B 14 -72.59 11.12 -12.87
C VAL B 14 -73.70 12.14 -12.63
N ILE B 15 -74.94 11.77 -12.92
CA ILE B 15 -76.06 12.65 -12.64
C ILE B 15 -76.71 12.20 -11.33
N LEU B 16 -77.00 13.19 -10.50
CA LEU B 16 -77.45 12.97 -9.13
C LEU B 16 -78.90 13.38 -9.05
N PRO B 17 -79.63 12.97 -8.01
CA PRO B 17 -81.01 13.44 -7.85
C PRO B 17 -81.08 14.94 -7.66
N HIS B 18 -82.16 15.54 -8.19
CA HIS B 18 -82.44 16.96 -8.19
C HIS B 18 -81.32 17.75 -8.87
N THR B 19 -80.86 17.24 -10.01
CA THR B 19 -79.83 17.89 -10.82
C THR B 19 -80.29 17.94 -12.27
N THR B 20 -80.39 19.14 -12.83
CA THR B 20 -80.86 19.32 -14.19
C THR B 20 -79.71 19.21 -15.17
N THR B 21 -79.81 18.25 -16.11
CA THR B 21 -78.72 17.98 -17.04
C THR B 21 -79.25 17.63 -18.43
N PRO B 22 -79.01 18.47 -19.44
CA PRO B 22 -79.34 18.09 -20.82
C PRO B 22 -78.38 17.04 -21.34
N VAL B 23 -78.92 16.03 -22.01
CA VAL B 23 -78.14 14.86 -22.45
C VAL B 23 -77.53 15.16 -23.81
N ASP B 24 -76.23 14.81 -23.95
CA ASP B 24 -75.49 14.86 -25.22
C ASP B 24 -74.70 13.56 -25.34
N VAL B 25 -75.29 12.57 -25.99
CA VAL B 25 -74.67 11.27 -26.21
C VAL B 25 -74.72 10.95 -27.70
N GLY B 26 -73.55 10.69 -28.29
CA GLY B 26 -73.46 10.36 -29.69
C GLY B 26 -73.23 8.87 -29.93
N ARG B 27 -73.46 8.06 -28.89
CA ARG B 27 -73.26 6.63 -29.01
C ARG B 27 -74.45 6.00 -29.72
N ALA B 28 -74.15 5.08 -30.65
CA ALA B 28 -75.19 4.45 -31.45
C ALA B 28 -76.00 3.47 -30.62
N LYS B 29 -75.34 2.73 -29.73
CA LYS B 29 -76.04 1.80 -28.85
C LYS B 29 -76.75 2.50 -27.71
N SER B 30 -76.48 3.79 -27.49
CA SER B 30 -77.16 4.55 -26.45
C SER B 30 -78.19 5.54 -26.98
N LYS B 31 -78.04 6.06 -28.20
CA LYS B 31 -79.07 6.96 -28.72
C LYS B 31 -80.33 6.19 -29.09
N ARG B 32 -80.19 4.91 -29.44
CA ARG B 32 -81.37 4.06 -29.61
C ARG B 32 -82.09 3.85 -28.29
N ALA B 33 -81.33 3.78 -27.19
CA ALA B 33 -81.95 3.73 -25.88
C ALA B 33 -82.61 5.04 -25.51
N VAL B 34 -82.06 6.17 -25.98
CA VAL B 34 -82.74 7.46 -25.83
C VAL B 34 -84.06 7.45 -26.60
N GLU B 35 -84.03 6.89 -27.81
CA GLU B 35 -85.23 6.79 -28.65
C GLU B 35 -86.28 5.90 -28.01
N GLU B 36 -85.86 4.76 -27.46
CA GLU B 36 -86.76 3.80 -26.85
C GLU B 36 -87.07 4.11 -25.39
N ALA B 37 -86.49 5.17 -24.84
CA ALA B 37 -86.88 5.67 -23.54
C ALA B 37 -87.81 6.87 -23.65
N MET B 38 -87.59 7.75 -24.63
CA MET B 38 -88.56 8.80 -24.92
C MET B 38 -89.79 8.23 -25.61
N GLY B 39 -89.61 7.14 -26.35
CA GLY B 39 -90.74 6.37 -26.87
C GLY B 39 -91.40 5.48 -25.83
N ALA B 40 -90.83 5.39 -24.64
CA ALA B 40 -91.45 4.71 -23.51
C ALA B 40 -92.01 5.69 -22.48
N ASP B 41 -92.66 6.76 -22.94
CA ASP B 41 -93.33 7.79 -22.16
C ASP B 41 -92.34 8.54 -21.27
N ARG B 42 -91.30 9.10 -21.91
CA ARG B 42 -90.48 10.19 -21.38
C ARG B 42 -89.78 9.88 -20.07
N LEU B 43 -89.43 8.62 -19.85
CA LEU B 43 -88.73 8.20 -18.63
C LEU B 43 -87.40 7.59 -19.04
N ILE B 44 -86.34 7.94 -18.31
CA ILE B 44 -84.99 7.47 -18.59
C ILE B 44 -84.33 7.03 -17.29
N PHE B 45 -83.79 5.80 -17.27
CA PHE B 45 -82.84 5.41 -16.23
C PHE B 45 -81.47 5.94 -16.63
N LEU B 46 -80.75 6.53 -15.67
CA LEU B 46 -79.37 6.93 -15.88
C LEU B 46 -78.52 6.38 -14.76
N VAL B 47 -77.80 5.30 -15.05
CA VAL B 47 -76.79 4.75 -14.16
C VAL B 47 -75.45 4.91 -14.87
N ALA B 48 -74.48 5.49 -14.19
CA ALA B 48 -73.16 5.59 -14.79
C ALA B 48 -72.44 4.25 -14.71
N GLN B 49 -71.48 4.06 -15.61
CA GLN B 49 -70.74 2.82 -15.69
C GLN B 49 -69.28 3.08 -15.33
N ARG B 50 -68.49 2.02 -15.37
CA ARG B 50 -67.08 2.02 -15.00
C ARG B 50 -66.38 1.16 -16.04
N ASP B 51 -65.19 0.63 -15.67
CA ASP B 51 -64.19 -0.11 -16.46
C ASP B 51 -64.85 -1.11 -17.40
N PRO B 52 -64.18 -1.52 -18.46
CA PRO B 52 -64.47 -0.92 -19.77
C PRO B 52 -65.81 -0.22 -19.90
N GLU B 53 -65.70 1.03 -20.36
CA GLU B 53 -66.78 2.01 -20.36
C GLU B 53 -67.48 2.03 -21.71
N VAL B 54 -67.66 0.85 -22.30
CA VAL B 54 -68.13 0.72 -23.68
C VAL B 54 -69.56 1.21 -23.82
N ASP B 55 -69.92 1.52 -25.06
CA ASP B 55 -71.29 1.80 -25.44
C ASP B 55 -72.18 0.56 -25.41
N ASP B 56 -71.58 -0.63 -25.38
CA ASP B 56 -72.34 -1.86 -25.20
C ASP B 56 -72.93 -1.92 -23.79
N PRO B 57 -74.24 -2.07 -23.64
CA PRO B 57 -74.81 -2.31 -22.31
C PRO B 57 -74.48 -3.72 -21.85
N ALA B 58 -73.51 -3.82 -20.94
CA ALA B 58 -73.31 -5.08 -20.25
C ALA B 58 -73.98 -5.03 -18.89
N PRO B 59 -74.64 -6.10 -18.45
CA PRO B 59 -75.43 -6.01 -17.21
C PRO B 59 -74.60 -5.93 -15.94
N ASP B 60 -73.27 -5.90 -16.04
CA ASP B 60 -72.41 -5.70 -14.89
C ASP B 60 -71.59 -4.41 -14.98
N ASP B 61 -71.70 -3.67 -16.08
CA ASP B 61 -71.17 -2.31 -16.12
C ASP B 61 -71.91 -1.37 -15.19
N LEU B 62 -73.15 -1.66 -14.84
CA LEU B 62 -73.92 -0.83 -13.95
C LEU B 62 -74.10 -1.52 -12.61
N TYR B 63 -74.12 -0.72 -11.55
CA TYR B 63 -74.28 -1.25 -10.19
C TYR B 63 -75.74 -1.56 -9.92
N THR B 64 -76.04 -1.80 -8.64
CA THR B 64 -77.39 -2.08 -8.21
C THR B 64 -78.18 -0.84 -7.84
N TRP B 65 -77.80 0.33 -8.34
CA TRP B 65 -78.43 1.58 -7.95
C TRP B 65 -78.65 2.47 -9.16
N GLY B 66 -79.70 3.29 -9.08
CA GLY B 66 -80.05 4.16 -10.19
C GLY B 66 -80.79 5.38 -9.71
N VAL B 67 -81.17 6.20 -10.67
CA VAL B 67 -81.88 7.45 -10.44
C VAL B 67 -82.69 7.76 -11.70
N GLN B 68 -83.91 8.25 -11.49
CA GLN B 68 -84.80 8.56 -12.61
C GLN B 68 -84.29 9.77 -13.37
N ALA B 69 -84.84 9.96 -14.57
CA ALA B 69 -84.54 11.13 -15.40
C ALA B 69 -85.76 11.38 -16.28
N VAL B 70 -86.53 12.40 -15.95
CA VAL B 70 -87.75 12.73 -16.68
C VAL B 70 -87.42 13.73 -17.79
N VAL B 71 -87.99 13.51 -18.97
CA VAL B 71 -87.62 14.25 -20.17
C VAL B 71 -88.34 15.59 -20.19
N LYS B 72 -87.57 16.67 -20.39
CA LYS B 72 -88.13 18.01 -20.45
C LYS B 72 -88.45 18.48 -21.86
N GLN B 73 -87.67 18.10 -22.86
CA GLN B 73 -87.94 18.54 -24.23
C GLN B 73 -87.74 17.38 -25.18
N ALA B 74 -88.47 17.42 -26.29
CA ALA B 74 -88.39 16.39 -27.32
C ALA B 74 -87.36 16.72 -28.39
N MET B 75 -86.32 17.47 -28.04
CA MET B 75 -85.41 18.01 -29.05
C MET B 75 -84.52 16.92 -29.61
N ARG B 76 -84.54 16.78 -30.93
CA ARG B 76 -83.71 15.82 -31.65
C ARG B 76 -83.10 16.55 -32.83
N LEU B 77 -81.95 17.23 -32.59
CA LEU B 77 -81.26 18.08 -33.56
C LEU B 77 -80.66 17.26 -34.69
N PRO B 78 -80.62 17.80 -35.92
CA PRO B 78 -80.06 17.03 -37.03
C PRO B 78 -78.54 17.09 -37.12
N ASP B 79 -77.85 16.58 -36.09
CA ASP B 79 -76.39 16.52 -36.11
C ASP B 79 -75.88 15.18 -35.61
N GLY B 80 -76.80 14.29 -35.23
CA GLY B 80 -76.47 13.04 -34.57
C GLY B 80 -76.38 13.14 -33.08
N THR B 81 -76.13 14.34 -32.55
CA THR B 81 -76.11 14.60 -31.12
C THR B 81 -77.55 14.70 -30.63
N LEU B 82 -77.96 13.78 -29.77
CA LEU B 82 -79.32 13.77 -29.26
C LEU B 82 -79.40 14.72 -28.06
N GLN B 83 -79.43 16.01 -28.38
CA GLN B 83 -79.52 17.09 -27.39
C GLN B 83 -80.92 17.08 -26.78
N VAL B 84 -81.07 16.44 -25.63
CA VAL B 84 -82.35 16.33 -24.95
C VAL B 84 -82.18 16.75 -23.49
N MET B 85 -83.02 17.69 -23.06
CA MET B 85 -83.03 18.18 -21.69
C MET B 85 -83.81 17.21 -20.81
N VAL B 86 -83.14 16.65 -19.80
CA VAL B 86 -83.79 15.85 -18.78
C VAL B 86 -83.35 16.37 -17.42
N GLU B 87 -83.98 15.87 -16.37
CA GLU B 87 -83.54 16.16 -15.01
C GLU B 87 -83.98 15.03 -14.09
N ALA B 88 -83.26 14.86 -13.00
CA ALA B 88 -83.53 13.80 -12.05
C ALA B 88 -84.45 14.29 -10.95
N ARG B 89 -85.29 13.39 -10.47
CA ARG B 89 -86.24 13.71 -9.40
C ARG B 89 -85.87 12.96 -8.14
N ALA B 90 -85.78 11.64 -8.24
CA ALA B 90 -85.44 10.81 -7.09
C ALA B 90 -84.59 9.66 -7.56
N ARG B 91 -83.69 9.21 -6.68
CA ARG B 91 -82.98 7.97 -6.94
C ARG B 91 -83.91 6.79 -6.65
N ALA B 92 -83.64 5.68 -7.30
CA ALA B 92 -84.51 4.51 -7.21
C ALA B 92 -83.64 3.26 -7.21
N GLN B 93 -84.28 2.11 -7.39
CA GLN B 93 -83.58 0.84 -7.42
C GLN B 93 -84.04 0.05 -8.63
N VAL B 94 -83.11 -0.66 -9.24
CA VAL B 94 -83.37 -1.56 -10.35
C VAL B 94 -82.87 -2.95 -9.96
N THR B 95 -83.52 -3.98 -10.48
CA THR B 95 -83.15 -5.36 -10.19
C THR B 95 -83.02 -6.23 -11.44
N ASP B 96 -83.92 -6.06 -12.41
CA ASP B 96 -83.98 -6.94 -13.58
C ASP B 96 -82.85 -6.61 -14.55
N TYR B 97 -82.16 -7.66 -14.99
CA TYR B 97 -81.05 -7.52 -15.91
C TYR B 97 -81.35 -8.32 -17.17
N ILE B 98 -81.44 -7.60 -18.29
CA ILE B 98 -81.43 -8.22 -19.60
C ILE B 98 -80.29 -7.57 -20.37
N PRO B 99 -79.24 -8.33 -20.76
CA PRO B 99 -78.04 -7.74 -21.38
C PRO B 99 -78.33 -7.02 -22.69
N GLY B 100 -77.93 -5.74 -22.75
CA GLY B 100 -78.43 -4.85 -23.77
C GLY B 100 -77.55 -4.74 -25.01
N PRO B 101 -78.02 -3.99 -26.01
CA PRO B 101 -79.30 -3.27 -26.03
C PRO B 101 -80.51 -4.17 -26.39
N TYR B 102 -81.63 -4.02 -25.69
CA TYR B 102 -81.79 -3.01 -24.65
C TYR B 102 -81.75 -3.62 -23.26
N LEU B 103 -81.21 -2.87 -22.30
CA LEU B 103 -81.40 -3.19 -20.90
C LEU B 103 -82.88 -3.08 -20.53
N ARG B 104 -83.33 -3.94 -19.63
CA ARG B 104 -84.67 -3.85 -19.06
C ARG B 104 -84.55 -3.91 -17.55
N ALA B 105 -84.49 -2.75 -16.93
CA ALA B 105 -84.16 -2.63 -15.52
C ALA B 105 -85.43 -2.27 -14.76
N ARG B 106 -85.56 -2.82 -13.55
CA ARG B 106 -86.80 -2.73 -12.78
C ARG B 106 -87.11 -1.31 -12.32
N GLY B 107 -88.21 -0.76 -12.81
CA GLY B 107 -88.61 0.57 -12.43
C GLY B 107 -89.18 0.64 -11.03
N GLU B 108 -89.22 1.87 -10.51
CA GLU B 108 -89.84 2.19 -9.23
C GLU B 108 -90.53 3.54 -9.32
N VAL B 109 -91.47 3.78 -8.41
CA VAL B 109 -91.91 5.15 -8.16
C VAL B 109 -90.84 5.89 -7.36
N PHE B 110 -91.02 7.21 -7.25
CA PHE B 110 -89.99 8.06 -6.68
C PHE B 110 -89.86 7.83 -5.17
N SER B 111 -88.62 7.64 -4.71
CA SER B 111 -88.34 7.25 -3.34
C SER B 111 -87.26 8.15 -2.77
N GLU B 112 -87.60 8.89 -1.72
CA GLU B 112 -86.66 9.79 -1.06
C GLU B 112 -86.78 9.61 0.45
N ILE B 113 -85.75 10.04 1.16
CA ILE B 113 -85.77 10.09 2.62
C ILE B 113 -85.96 11.53 3.06
N PHE B 114 -87.04 11.78 3.77
CA PHE B 114 -87.20 13.08 4.36
C PHE B 114 -86.33 13.18 5.62
N PRO B 115 -85.77 14.35 5.91
CA PRO B 115 -84.79 14.45 6.99
C PRO B 115 -85.42 14.26 8.36
N ILE B 116 -84.59 13.81 9.30
CA ILE B 116 -85.06 13.55 10.65
C ILE B 116 -85.06 14.81 11.50
N ASP B 117 -84.34 15.84 11.10
CA ASP B 117 -84.19 17.04 11.91
C ASP B 117 -84.19 18.25 10.98
N GLU B 118 -84.22 19.44 11.56
CA GLU B 118 -84.11 20.68 10.80
C GLU B 118 -83.09 21.67 11.34
N ALA B 119 -82.87 21.73 12.65
CA ALA B 119 -81.98 22.74 13.24
C ALA B 119 -80.51 22.40 12.99
N VAL B 120 -80.10 21.18 13.34
CA VAL B 120 -78.71 20.79 13.12
C VAL B 120 -78.46 20.55 11.64
N VAL B 121 -79.53 20.29 10.87
CA VAL B 121 -79.39 20.13 9.43
C VAL B 121 -79.04 21.46 8.77
N ARG B 122 -79.73 22.54 9.13
CA ARG B 122 -79.37 23.84 8.58
C ARG B 122 -78.08 24.40 9.18
N VAL B 123 -77.73 24.01 10.42
CA VAL B 123 -76.39 24.29 10.94
C VAL B 123 -75.34 23.63 10.07
N LEU B 124 -75.57 22.38 9.69
CA LEU B 124 -74.65 21.65 8.83
C LEU B 124 -74.63 22.23 7.42
N VAL B 125 -75.77 22.77 6.95
CA VAL B 125 -75.82 23.42 5.64
C VAL B 125 -75.00 24.70 5.66
N GLU B 126 -75.05 25.46 6.75
CA GLU B 126 -74.24 26.68 6.84
C GLU B 126 -72.75 26.36 6.99
N GLU B 127 -72.43 25.31 7.76
CA GLU B 127 -71.05 24.84 7.87
C GLU B 127 -70.51 24.40 6.51
N LEU B 128 -71.33 23.67 5.75
CA LEU B 128 -70.98 23.22 4.41
C LEU B 128 -70.85 24.38 3.44
N LYS B 129 -71.70 25.40 3.59
CA LYS B 129 -71.67 26.54 2.70
C LYS B 129 -70.42 27.38 2.92
N GLU B 130 -70.09 27.65 4.19
CA GLU B 130 -68.86 28.37 4.51
C GLU B 130 -67.63 27.54 4.18
N ALA B 131 -67.75 26.21 4.29
CA ALA B 131 -66.66 25.32 3.92
C ALA B 131 -66.39 25.37 2.43
N PHE B 132 -67.44 25.48 1.61
CA PHE B 132 -67.16 25.63 0.18
C PHE B 132 -66.71 27.03 -0.17
N GLU B 133 -67.17 28.04 0.59
CA GLU B 133 -66.73 29.42 0.37
C GLU B 133 -65.24 29.61 0.70
N LYS B 134 -64.70 28.81 1.60
CA LYS B 134 -63.24 28.79 1.78
C LYS B 134 -62.56 27.76 0.88
N TYR B 135 -63.29 26.71 0.48
CA TYR B 135 -62.75 25.65 -0.36
C TYR B 135 -62.42 26.15 -1.75
N VAL B 136 -63.42 26.71 -2.43
CA VAL B 136 -63.21 27.19 -3.79
C VAL B 136 -62.32 28.42 -3.77
N ALA B 137 -62.24 29.11 -2.63
CA ALA B 137 -61.21 30.12 -2.42
C ALA B 137 -59.82 29.49 -2.42
N ASN B 138 -59.68 28.30 -1.85
CA ASN B 138 -58.39 27.62 -1.97
C ASN B 138 -58.30 26.75 -3.22
N HIS B 139 -59.42 26.58 -3.93
CA HIS B 139 -59.41 26.00 -5.26
C HIS B 139 -59.28 27.07 -6.35
N LYS B 140 -59.15 28.35 -5.96
CA LYS B 140 -58.78 29.37 -6.95
C LYS B 140 -57.40 29.06 -7.53
N SER B 141 -56.51 28.51 -6.69
CA SER B 141 -55.25 27.96 -7.16
C SER B 141 -55.43 26.76 -8.09
N LEU B 142 -56.62 26.17 -8.13
CA LEU B 142 -56.93 25.05 -9.01
C LEU B 142 -58.01 25.43 -10.02
N ARG B 143 -58.67 26.56 -9.78
CA ARG B 143 -59.58 27.25 -10.70
C ARG B 143 -60.74 26.40 -11.19
N LEU B 144 -61.70 26.14 -10.31
CA LEU B 144 -63.05 25.79 -10.71
C LEU B 144 -63.84 27.08 -10.66
N ASP B 145 -64.96 27.11 -11.39
CA ASP B 145 -65.82 28.27 -11.30
C ASP B 145 -66.59 28.26 -9.99
N ARG B 146 -66.75 29.45 -9.44
CA ARG B 146 -67.51 29.67 -8.22
C ARG B 146 -68.74 30.53 -8.45
N TYR B 147 -68.97 30.99 -9.68
CA TYR B 147 -70.28 31.52 -10.02
C TYR B 147 -71.33 30.42 -10.09
N GLN B 148 -70.90 29.17 -10.26
CA GLN B 148 -71.84 28.05 -10.17
C GLN B 148 -72.33 27.86 -8.74
N LEU B 149 -71.56 28.34 -7.76
CA LEU B 149 -72.12 28.57 -6.44
C LEU B 149 -73.05 29.78 -6.44
N GLU B 150 -72.71 30.81 -7.21
CA GLU B 150 -73.28 32.14 -7.01
C GLU B 150 -74.40 32.50 -7.98
N ALA B 151 -74.44 31.90 -9.17
CA ALA B 151 -75.52 32.20 -10.10
C ALA B 151 -76.85 31.57 -9.69
N VAL B 152 -76.82 30.53 -8.87
CA VAL B 152 -78.04 29.80 -8.49
C VAL B 152 -78.22 29.82 -6.98
N LYS B 153 -77.83 30.93 -6.35
CA LYS B 153 -77.99 31.13 -4.91
C LYS B 153 -79.43 30.98 -4.47
N GLY B 154 -79.63 30.15 -3.44
CA GLY B 154 -80.94 30.02 -2.83
C GLY B 154 -81.42 28.60 -2.58
N THR B 155 -80.55 27.60 -2.70
CA THR B 155 -80.95 26.23 -2.44
C THR B 155 -81.05 25.97 -0.93
N SER B 156 -82.07 25.23 -0.53
CA SER B 156 -82.26 24.93 0.88
C SER B 156 -82.67 23.48 1.10
N ASP B 157 -82.84 22.72 0.00
CA ASP B 157 -83.11 21.30 0.07
C ASP B 157 -81.78 20.56 0.18
N PRO B 158 -81.47 19.95 1.33
CA PRO B 158 -80.11 19.44 1.55
C PRO B 158 -79.76 18.21 0.72
N ALA B 159 -80.74 17.47 0.20
CA ALA B 159 -80.44 16.43 -0.78
C ALA B 159 -80.11 17.05 -2.13
N MET B 160 -80.84 18.09 -2.53
CA MET B 160 -80.50 18.86 -3.70
C MET B 160 -79.21 19.65 -3.50
N LEU B 161 -79.00 20.18 -2.29
CA LEU B 161 -77.83 21.00 -2.01
C LEU B 161 -76.54 20.18 -2.02
N ALA B 162 -76.56 19.00 -1.37
CA ALA B 162 -75.37 18.15 -1.35
C ALA B 162 -75.05 17.58 -2.74
N ASP B 163 -76.08 17.22 -3.51
CA ASP B 163 -75.86 16.77 -4.87
C ASP B 163 -75.33 17.89 -5.77
N THR B 164 -75.80 19.11 -5.53
CA THR B 164 -75.39 20.25 -6.34
C THR B 164 -73.94 20.63 -6.04
N ILE B 165 -73.52 20.47 -4.79
CA ILE B 165 -72.11 20.69 -4.45
C ILE B 165 -71.25 19.55 -4.99
N ALA B 166 -71.74 18.32 -4.84
CA ALA B 166 -71.04 17.12 -5.27
C ALA B 166 -70.80 17.06 -6.78
N TYR B 167 -71.72 17.62 -7.57
CA TYR B 167 -71.56 17.58 -9.01
C TYR B 167 -70.69 18.72 -9.54
N HIS B 168 -70.78 19.91 -8.94
CA HIS B 168 -69.93 21.03 -9.32
C HIS B 168 -68.46 20.79 -9.00
N ALA B 169 -68.14 20.47 -7.75
CA ALA B 169 -66.79 20.13 -7.37
C ALA B 169 -66.53 18.70 -7.82
N THR B 170 -65.58 18.55 -8.73
CA THR B 170 -65.38 17.27 -9.38
C THR B 170 -64.27 16.50 -8.66
N TRP B 171 -64.52 15.21 -8.43
CA TRP B 171 -63.56 14.28 -7.87
C TRP B 171 -63.83 12.92 -8.48
N THR B 172 -63.35 11.88 -7.80
CA THR B 172 -63.39 10.52 -8.30
C THR B 172 -64.82 9.99 -8.41
N VAL B 173 -65.04 9.08 -9.36
CA VAL B 173 -66.39 8.71 -9.76
C VAL B 173 -67.05 7.83 -8.71
N ALA B 174 -66.28 6.91 -8.11
CA ALA B 174 -66.86 5.98 -7.15
C ALA B 174 -67.31 6.68 -5.88
N GLU B 175 -66.63 7.76 -5.49
CA GLU B 175 -67.13 8.62 -4.43
C GLU B 175 -68.47 9.25 -4.80
N LYS B 176 -68.59 9.71 -6.04
CA LYS B 176 -69.86 10.29 -6.51
C LYS B 176 -70.95 9.23 -6.56
N GLN B 177 -70.58 7.98 -6.85
CA GLN B 177 -71.55 6.90 -6.88
C GLN B 177 -72.01 6.53 -5.48
N GLU B 178 -71.09 6.52 -4.53
CA GLU B 178 -71.46 6.27 -3.14
C GLU B 178 -72.30 7.40 -2.58
N ILE B 179 -72.12 8.61 -3.10
CA ILE B 179 -73.08 9.67 -2.81
C ILE B 179 -74.44 9.32 -3.42
N LEU B 180 -74.45 8.90 -4.70
CA LEU B 180 -75.68 8.46 -5.36
C LEU B 180 -76.26 7.20 -4.73
N GLU B 181 -75.42 6.34 -4.15
CA GLU B 181 -75.92 5.16 -3.45
C GLU B 181 -76.55 5.50 -2.10
N LEU B 182 -76.38 6.72 -1.61
CA LEU B 182 -77.10 7.19 -0.43
C LEU B 182 -78.48 7.68 -0.83
N THR B 183 -79.51 7.02 -0.30
CA THR B 183 -80.80 7.68 -0.25
C THR B 183 -80.83 8.63 0.95
N ASP B 184 -79.98 8.36 1.94
CA ASP B 184 -79.76 9.26 3.07
C ASP B 184 -79.10 10.54 2.60
N LEU B 185 -79.78 11.66 2.85
CA LEU B 185 -79.25 12.97 2.49
C LEU B 185 -78.30 13.55 3.54
N GLU B 186 -78.46 13.18 4.80
CA GLU B 186 -77.57 13.71 5.83
C GLU B 186 -76.20 13.08 5.70
N ALA B 187 -76.16 11.80 5.34
CA ALA B 187 -74.90 11.15 5.00
C ALA B 187 -74.26 11.80 3.77
N ARG B 188 -75.07 12.23 2.81
CA ARG B 188 -74.57 13.00 1.67
C ARG B 188 -73.93 14.31 2.13
N LEU B 189 -74.61 15.01 3.05
CA LEU B 189 -74.11 16.29 3.56
C LEU B 189 -72.78 16.13 4.26
N LYS B 190 -72.71 15.19 5.21
CA LYS B 190 -71.48 14.98 5.96
C LYS B 190 -70.37 14.42 5.07
N LYS B 191 -70.72 13.65 4.04
CA LYS B 191 -69.70 13.08 3.16
C LYS B 191 -69.09 14.15 2.26
N VAL B 192 -69.92 15.04 1.70
CA VAL B 192 -69.40 16.11 0.86
C VAL B 192 -68.62 17.11 1.70
N LEU B 193 -69.04 17.32 2.95
CA LEU B 193 -68.28 18.19 3.87
C LEU B 193 -66.91 17.61 4.18
N GLY B 194 -66.84 16.29 4.38
CA GLY B 194 -65.54 15.64 4.56
C GLY B 194 -64.69 15.71 3.31
N LEU B 195 -65.30 15.64 2.13
CA LEU B 195 -64.56 15.80 0.89
C LEU B 195 -64.00 17.21 0.75
N LEU B 196 -64.77 18.21 1.15
CA LEU B 196 -64.28 19.58 1.16
C LEU B 196 -63.10 19.74 2.12
N SER B 197 -63.19 19.08 3.28
CA SER B 197 -62.10 19.12 4.25
C SER B 197 -60.83 18.48 3.70
N ARG B 198 -60.97 17.30 3.09
CA ARG B 198 -59.82 16.57 2.53
C ARG B 198 -59.14 17.39 1.44
N ASP B 199 -59.94 17.94 0.53
CA ASP B 199 -59.32 18.60 -0.58
C ASP B 199 -58.84 20.00 -0.18
N LEU B 200 -59.40 20.56 0.90
CA LEU B 200 -58.81 21.76 1.51
C LEU B 200 -57.46 21.48 2.17
N GLU B 201 -57.33 20.31 2.80
CA GLU B 201 -56.02 19.85 3.30
C GLU B 201 -54.99 19.89 2.20
N ARG B 202 -55.28 19.23 1.08
CA ARG B 202 -54.28 19.25 0.01
C ARG B 202 -54.19 20.60 -0.70
N PHE B 203 -55.23 21.45 -0.66
CA PHE B 203 -55.14 22.84 -1.13
C PHE B 203 -54.07 23.59 -0.39
N GLU B 204 -54.22 23.65 0.93
CA GLU B 204 -53.27 24.35 1.78
C GLU B 204 -51.88 23.76 1.69
N LEU B 205 -51.78 22.42 1.51
CA LEU B 205 -50.50 21.78 1.19
C LEU B 205 -49.87 22.41 -0.04
N ASP B 206 -50.66 22.61 -1.09
CA ASP B 206 -50.15 23.23 -2.31
C ASP B 206 -49.74 24.68 -2.09
N LYS B 207 -50.53 25.42 -1.31
CA LYS B 207 -50.22 26.83 -1.04
C LYS B 207 -48.88 26.95 -0.33
N ARG B 208 -48.73 26.14 0.73
CA ARG B 208 -47.49 26.09 1.51
C ARG B 208 -46.29 25.77 0.64
N VAL B 209 -46.40 24.71 -0.16
CA VAL B 209 -45.22 24.28 -0.90
C VAL B 209 -44.91 25.23 -2.05
N ALA B 210 -45.94 25.93 -2.57
CA ALA B 210 -45.71 26.99 -3.55
C ALA B 210 -44.86 28.10 -2.96
N GLN B 211 -45.22 28.55 -1.75
CA GLN B 211 -44.42 29.57 -1.08
C GLN B 211 -43.00 29.09 -0.76
N ARG B 212 -42.88 27.87 -0.22
CA ARG B 212 -41.57 27.34 0.21
C ARG B 212 -40.61 27.21 -0.95
N VAL B 213 -41.07 26.69 -2.09
CA VAL B 213 -40.10 26.37 -3.11
C VAL B 213 -39.95 27.54 -4.07
N LYS B 214 -40.86 28.51 -4.02
CA LYS B 214 -40.55 29.85 -4.55
C LYS B 214 -39.41 30.48 -3.77
N GLU B 215 -39.44 30.36 -2.44
CA GLU B 215 -38.30 30.78 -1.64
C GLU B 215 -37.05 29.97 -1.97
N GLN B 216 -37.22 28.69 -2.35
CA GLN B 216 -36.08 27.88 -2.75
C GLN B 216 -35.49 28.38 -4.07
N MET B 217 -36.34 28.88 -4.96
CA MET B 217 -35.86 29.58 -6.15
C MET B 217 -35.03 30.80 -5.75
N ASP B 218 -35.53 31.56 -4.77
CA ASP B 218 -34.80 32.72 -4.27
C ASP B 218 -33.47 32.30 -3.65
N THR B 219 -33.47 31.14 -2.98
CA THR B 219 -32.28 30.57 -2.36
C THR B 219 -31.21 30.22 -3.37
N ASN B 220 -31.59 29.45 -4.38
CA ASN B 220 -30.64 29.03 -5.40
C ASN B 220 -30.15 30.21 -6.21
N GLN B 221 -31.02 31.21 -6.41
CA GLN B 221 -30.64 32.46 -7.02
C GLN B 221 -29.61 33.19 -6.19
N ARG B 222 -29.75 33.16 -4.87
CA ARG B 222 -28.77 33.84 -4.04
C ARG B 222 -27.47 33.05 -3.96
N GLU B 223 -27.56 31.72 -4.11
CA GLU B 223 -26.35 30.90 -4.23
C GLU B 223 -25.56 31.22 -5.49
N TYR B 224 -26.27 31.27 -6.62
CA TYR B 224 -25.80 31.88 -7.86
C TYR B 224 -25.12 33.24 -7.61
N TYR B 225 -25.76 34.09 -6.81
CA TYR B 225 -25.20 35.41 -6.50
C TYR B 225 -23.91 35.29 -5.71
N LEU B 226 -23.86 34.39 -4.72
CA LEU B 226 -22.67 34.11 -3.95
C LEU B 226 -21.52 33.68 -4.83
N ARG B 227 -21.80 32.76 -5.76
CA ARG B 227 -20.77 32.28 -6.68
C ARG B 227 -20.25 33.41 -7.56
N GLU B 228 -21.18 34.26 -8.05
CA GLU B 228 -20.83 35.43 -8.85
C GLU B 228 -19.87 36.36 -8.13
N GLN B 229 -20.26 36.80 -6.94
CA GLN B 229 -19.48 37.81 -6.24
C GLN B 229 -18.19 37.21 -5.68
N MET B 230 -18.21 35.90 -5.38
CA MET B 230 -16.99 35.20 -4.96
C MET B 230 -15.98 35.13 -6.10
N LYS B 231 -16.43 34.75 -7.29
CA LYS B 231 -15.51 34.66 -8.41
C LYS B 231 -15.03 36.04 -8.84
N ALA B 232 -15.85 37.07 -8.66
CA ALA B 232 -15.39 38.42 -8.94
C ALA B 232 -14.33 38.85 -7.92
N ILE B 233 -14.48 38.41 -6.67
CA ILE B 233 -13.43 38.61 -5.67
C ILE B 233 -12.15 37.92 -6.09
N GLN B 234 -12.25 36.68 -6.52
CA GLN B 234 -11.08 35.95 -6.94
C GLN B 234 -10.44 36.53 -8.18
N LYS B 235 -11.24 37.16 -9.06
CA LYS B 235 -10.68 38.06 -10.05
C LYS B 235 -9.99 39.23 -9.39
N GLU B 236 -10.47 39.63 -8.22
CA GLU B 236 -9.81 40.68 -7.45
C GLU B 236 -8.98 40.14 -6.29
N LEU B 237 -8.26 39.03 -6.48
CA LEU B 237 -7.54 38.36 -5.39
C LEU B 237 -6.50 39.22 -4.66
N GLY B 238 -5.39 39.58 -5.30
CA GLY B 238 -4.47 40.49 -4.63
C GLY B 238 -4.21 41.73 -5.46
N GLY B 239 -4.80 42.86 -5.08
CA GLY B 239 -5.15 43.79 -6.12
C GLY B 239 -6.19 43.07 -6.93
N GLU B 240 -5.81 42.60 -8.11
CA GLU B 240 -6.60 41.64 -8.88
C GLU B 240 -6.02 40.25 -8.69
N ASP B 241 -6.45 39.28 -9.50
CA ASP B 241 -6.11 37.86 -9.35
C ASP B 241 -4.60 37.57 -9.37
N GLY B 242 -4.20 36.38 -8.93
CA GLY B 242 -2.85 35.86 -9.10
C GLY B 242 -2.52 35.45 -10.52
N LEU B 243 -3.36 35.89 -11.47
CA LEU B 243 -2.97 36.07 -12.86
C LEU B 243 -1.67 36.84 -12.98
N SER B 244 -1.51 37.90 -12.21
CA SER B 244 -0.25 38.63 -12.18
C SER B 244 0.85 37.71 -11.70
N ASP B 245 0.50 36.90 -10.71
CA ASP B 245 1.42 35.86 -10.29
C ASP B 245 1.51 34.75 -11.33
N LEU B 246 0.45 34.58 -12.15
CA LEU B 246 0.50 33.54 -13.19
C LEU B 246 1.44 33.91 -14.34
N GLU B 247 1.36 35.14 -14.86
CA GLU B 247 2.38 35.51 -15.83
C GLU B 247 3.72 35.80 -15.18
N ALA B 248 3.76 35.98 -13.85
CA ALA B 248 5.04 35.93 -13.15
C ALA B 248 5.67 34.54 -13.25
N LEU B 249 4.86 33.47 -13.17
CA LEU B 249 5.34 32.12 -13.45
C LEU B 249 5.80 31.97 -14.89
N ARG B 250 5.02 32.55 -15.83
CA ARG B 250 5.41 32.58 -17.24
C ARG B 250 6.78 33.21 -17.45
N LYS B 251 7.08 34.28 -16.71
CA LYS B 251 8.43 34.85 -16.74
C LYS B 251 9.43 33.89 -16.10
N LYS B 252 9.10 33.34 -14.93
CA LYS B 252 10.04 32.56 -14.14
C LYS B 252 10.42 31.22 -14.77
N ILE B 253 9.69 30.77 -15.81
CA ILE B 253 10.16 29.61 -16.56
C ILE B 253 11.45 29.92 -17.30
N GLU B 254 11.46 31.01 -18.06
CA GLU B 254 12.56 31.29 -18.96
C GLU B 254 13.54 32.35 -18.44
N GLU B 255 13.59 32.57 -17.13
CA GLU B 255 14.65 33.40 -16.55
C GLU B 255 15.83 32.55 -16.11
N VAL B 256 15.59 31.63 -15.18
CA VAL B 256 16.65 30.77 -14.70
C VAL B 256 16.90 29.66 -15.70
N GLY B 257 18.16 29.54 -16.14
CA GLY B 257 18.52 28.54 -17.15
C GLY B 257 17.84 28.83 -18.47
N MET B 258 17.38 27.79 -19.16
CA MET B 258 17.58 26.38 -18.79
C MET B 258 17.96 25.68 -20.10
N PRO B 259 18.37 24.41 -20.09
CA PRO B 259 18.58 23.69 -21.35
C PRO B 259 17.32 23.59 -22.19
N GLU B 260 17.53 23.45 -23.50
CA GLU B 260 16.49 23.76 -24.48
C GLU B 260 15.38 22.72 -24.48
N ALA B 261 15.73 21.44 -24.36
CA ALA B 261 14.72 20.39 -24.34
C ALA B 261 13.85 20.49 -23.09
N VAL B 262 14.47 20.75 -21.95
CA VAL B 262 13.73 20.97 -20.71
C VAL B 262 12.89 22.23 -20.81
N LYS B 263 13.38 23.24 -21.53
CA LYS B 263 12.63 24.50 -21.69
C LYS B 263 11.34 24.27 -22.49
N THR B 264 11.45 23.59 -23.63
CA THR B 264 10.27 23.35 -24.46
C THR B 264 9.33 22.35 -23.80
N LYS B 265 9.90 21.39 -23.05
CA LYS B 265 9.11 20.47 -22.25
C LYS B 265 8.27 21.21 -21.21
N ALA B 266 8.87 22.17 -20.51
CA ALA B 266 8.14 22.91 -19.50
C ALA B 266 7.11 23.84 -20.12
N LEU B 267 7.42 24.43 -21.28
CA LEU B 267 6.44 25.27 -21.95
C LEU B 267 5.25 24.47 -22.46
N LYS B 268 5.50 23.25 -22.92
CA LYS B 268 4.39 22.41 -23.38
C LYS B 268 3.57 21.89 -22.19
N GLU B 269 4.23 21.63 -21.06
CA GLU B 269 3.50 21.29 -19.83
C GLU B 269 2.63 22.45 -19.38
N LEU B 270 3.12 23.67 -19.52
CA LEU B 270 2.31 24.84 -19.19
C LEU B 270 1.13 24.99 -20.16
N ASP B 271 1.35 24.65 -21.44
CA ASP B 271 0.26 24.68 -22.40
C ASP B 271 -0.78 23.61 -22.11
N ARG B 272 -0.35 22.46 -21.60
CA ARG B 272 -1.28 21.46 -21.08
C ARG B 272 -2.02 22.00 -19.86
N LEU B 273 -1.33 22.77 -19.02
CA LEU B 273 -1.93 23.31 -17.80
C LEU B 273 -3.02 24.32 -18.13
N GLU B 274 -2.82 25.16 -19.15
CA GLU B 274 -3.73 26.26 -19.39
C GLU B 274 -5.07 25.80 -19.98
N ARG B 275 -5.19 24.54 -20.38
CA ARG B 275 -6.48 24.03 -20.81
C ARG B 275 -7.35 23.60 -19.64
N MET B 276 -6.79 23.51 -18.43
CA MET B 276 -7.50 23.00 -17.28
C MET B 276 -8.28 24.12 -16.57
N GLN B 277 -8.74 23.86 -15.35
CA GLN B 277 -9.77 24.67 -14.73
C GLN B 277 -9.24 25.37 -13.46
N GLN B 278 -10.14 26.07 -12.74
CA GLN B 278 -9.83 26.78 -11.51
C GLN B 278 -9.97 25.92 -10.27
N GLY B 279 -9.89 24.61 -10.41
CA GLY B 279 -10.05 23.70 -9.30
C GLY B 279 -8.70 23.31 -8.78
N SER B 280 -8.17 22.15 -9.16
CA SER B 280 -8.75 21.23 -10.15
C SER B 280 -8.31 19.87 -9.67
N PRO B 281 -8.98 18.79 -10.10
CA PRO B 281 -8.49 17.45 -9.74
C PRO B 281 -7.12 17.09 -10.31
N GLU B 282 -6.65 17.73 -11.38
CA GLU B 282 -5.34 17.43 -11.92
C GLU B 282 -4.50 18.62 -12.33
N ALA B 283 -4.96 19.86 -12.14
CA ALA B 283 -4.07 20.99 -12.42
C ALA B 283 -3.13 21.27 -11.27
N THR B 284 -3.44 20.77 -10.08
CA THR B 284 -2.54 20.93 -8.95
C THR B 284 -1.23 20.19 -9.18
N VAL B 285 -1.30 18.99 -9.77
CA VAL B 285 -0.10 18.23 -10.07
C VAL B 285 0.72 18.91 -11.16
N ALA B 286 0.04 19.51 -12.14
CA ALA B 286 0.75 20.19 -13.23
C ALA B 286 1.46 21.44 -12.75
N ARG B 287 0.78 22.29 -11.97
CA ARG B 287 1.49 23.49 -11.55
C ARG B 287 2.43 23.22 -10.38
N THR B 288 2.24 22.15 -9.62
CA THR B 288 3.26 21.71 -8.66
C THR B 288 4.50 21.22 -9.40
N TYR B 289 4.29 20.57 -10.56
CA TYR B 289 5.40 20.13 -11.39
C TYR B 289 6.17 21.32 -11.95
N LEU B 290 5.46 22.35 -12.37
CA LEU B 290 6.13 23.55 -12.85
C LEU B 290 6.83 24.30 -11.72
N ASP B 291 6.28 24.28 -10.51
CA ASP B 291 6.97 24.89 -9.38
C ASP B 291 8.26 24.16 -9.05
N TRP B 292 8.24 22.82 -9.10
CA TRP B 292 9.46 22.05 -8.88
C TRP B 292 10.45 22.23 -10.01
N LEU B 293 9.99 22.53 -11.22
CA LEU B 293 10.93 22.83 -12.29
C LEU B 293 11.56 24.20 -12.10
N THR B 294 10.82 25.18 -11.61
CA THR B 294 11.36 26.53 -11.49
C THR B 294 12.15 26.77 -10.22
N GLU B 295 11.96 25.97 -9.17
CA GLU B 295 12.66 26.24 -7.92
C GLU B 295 14.08 25.68 -7.93
N VAL B 296 14.31 24.58 -8.60
CA VAL B 296 15.64 23.96 -8.63
C VAL B 296 16.58 24.81 -9.47
N PRO B 297 17.76 25.17 -8.97
CA PRO B 297 18.58 26.19 -9.65
C PRO B 297 19.25 25.65 -10.91
N TRP B 298 19.13 26.41 -11.99
CA TRP B 298 19.76 26.10 -13.27
C TRP B 298 20.83 27.15 -13.52
N SER B 299 22.10 26.73 -13.45
CA SER B 299 23.30 27.50 -13.80
C SER B 299 23.38 28.81 -13.00
N LYS B 300 23.53 28.64 -11.68
CA LYS B 300 23.86 29.73 -10.78
C LYS B 300 24.99 29.27 -9.88
N ALA B 301 26.15 29.90 -10.00
CA ALA B 301 27.34 29.43 -9.31
C ALA B 301 27.98 30.57 -8.53
N ASP B 302 28.19 30.34 -7.24
CA ASP B 302 29.02 31.21 -6.43
C ASP B 302 30.47 31.16 -6.91
N PRO B 303 31.28 32.19 -6.64
CA PRO B 303 32.67 32.18 -7.10
C PRO B 303 33.50 31.08 -6.47
N GLU B 304 34.36 30.48 -7.29
CA GLU B 304 35.11 29.30 -6.90
C GLU B 304 36.61 29.44 -7.13
N VAL B 305 37.09 30.66 -7.36
CA VAL B 305 38.52 30.94 -7.38
C VAL B 305 38.82 31.97 -6.29
N LEU B 306 39.66 31.59 -5.35
CA LEU B 306 39.80 32.33 -4.10
C LEU B 306 41.29 32.40 -3.75
N ASP B 307 41.57 32.81 -2.51
CA ASP B 307 42.92 32.79 -1.99
C ASP B 307 43.29 31.37 -1.57
N ILE B 308 44.59 31.10 -1.53
CA ILE B 308 45.11 29.80 -1.17
C ILE B 308 45.71 29.81 0.23
N ASN B 309 46.31 30.94 0.64
CA ASN B 309 46.83 31.04 1.99
C ASN B 309 45.70 31.21 3.00
N HIS B 310 44.71 32.04 2.66
CA HIS B 310 43.68 32.39 3.63
C HIS B 310 42.75 31.23 3.91
N THR B 311 42.42 30.45 2.89
CA THR B 311 41.59 29.27 3.12
C THR B 311 42.36 28.20 3.88
N ARG B 312 43.68 28.16 3.72
CA ARG B 312 44.50 27.27 4.54
C ARG B 312 44.44 27.67 6.00
N GLN B 313 44.50 28.98 6.28
CA GLN B 313 44.45 29.42 7.66
C GLN B 313 43.05 29.33 8.24
N VAL B 314 42.02 29.35 7.39
CA VAL B 314 40.66 29.12 7.87
C VAL B 314 40.44 27.63 8.16
N LEU B 315 41.02 26.74 7.35
CA LEU B 315 40.98 25.33 7.68
C LEU B 315 41.77 25.01 8.94
N ASP B 316 42.83 25.76 9.22
CA ASP B 316 43.66 25.42 10.37
C ASP B 316 43.04 25.84 11.70
N GLU B 317 42.04 26.71 11.72
CA GLU B 317 41.53 27.18 13.00
C GLU B 317 40.51 26.23 13.63
N ASP B 318 40.11 25.16 12.95
CA ASP B 318 39.12 24.24 13.49
C ASP B 318 39.63 22.85 13.79
N HIS B 319 40.71 22.40 13.14
CA HIS B 319 41.13 21.02 13.28
C HIS B 319 42.65 20.94 13.33
N TYR B 320 43.16 20.32 14.38
CA TYR B 320 44.55 19.94 14.42
C TYR B 320 44.75 18.68 13.60
N GLY B 321 45.90 18.59 12.93
CA GLY B 321 46.17 17.43 12.10
C GLY B 321 45.41 17.48 10.80
N LEU B 322 45.06 16.29 10.30
CA LEU B 322 44.30 16.07 9.06
C LEU B 322 44.98 16.72 7.86
N LYS B 323 46.18 16.21 7.56
CA LYS B 323 46.97 16.79 6.49
C LYS B 323 46.37 16.48 5.13
N ASP B 324 45.84 15.27 4.95
CA ASP B 324 45.49 14.77 3.63
C ASP B 324 44.30 15.52 3.05
N VAL B 325 43.28 15.78 3.86
CA VAL B 325 42.08 16.45 3.37
C VAL B 325 42.37 17.92 3.09
N LYS B 326 43.18 18.56 3.95
CA LYS B 326 43.59 19.94 3.73
C LYS B 326 44.39 20.08 2.43
N GLU B 327 45.33 19.15 2.20
CA GLU B 327 46.10 19.20 0.97
C GLU B 327 45.24 18.91 -0.25
N ARG B 328 44.22 18.07 -0.11
CA ARG B 328 43.31 17.80 -1.23
C ARG B 328 42.52 19.05 -1.61
N ILE B 329 42.02 19.78 -0.61
CA ILE B 329 41.26 20.99 -0.91
C ILE B 329 42.16 22.08 -1.48
N LEU B 330 43.40 22.18 -0.99
CA LEU B 330 44.31 23.19 -1.52
C LEU B 330 44.73 22.88 -2.95
N GLU B 331 44.95 21.61 -3.28
CA GLU B 331 45.34 21.30 -4.64
C GLU B 331 44.15 21.39 -5.59
N TYR B 332 42.94 21.16 -5.09
CA TYR B 332 41.74 21.45 -5.87
C TYR B 332 41.61 22.93 -6.19
N LEU B 333 41.92 23.79 -5.21
CA LEU B 333 41.84 25.22 -5.49
C LEU B 333 42.97 25.68 -6.41
N ALA B 334 44.13 25.03 -6.35
CA ALA B 334 45.20 25.35 -7.31
C ALA B 334 44.80 24.98 -8.73
N VAL B 335 44.16 23.82 -8.88
CA VAL B 335 43.66 23.40 -10.20
C VAL B 335 42.61 24.37 -10.71
N ARG B 336 41.67 24.79 -9.85
CA ARG B 336 40.69 25.78 -10.28
C ARG B 336 41.29 27.17 -10.49
N GLN B 337 42.46 27.44 -9.91
CA GLN B 337 43.14 28.69 -10.21
C GLN B 337 43.72 28.68 -11.61
N LEU B 338 44.37 27.58 -12.01
CA LEU B 338 45.05 27.56 -13.30
C LEU B 338 44.08 27.58 -14.48
N THR B 339 42.95 26.90 -14.37
CA THR B 339 42.02 26.82 -15.49
C THR B 339 41.02 27.96 -15.49
N GLN B 340 41.35 29.08 -14.87
CA GLN B 340 40.45 30.24 -14.84
C GLN B 340 40.47 30.90 -16.21
N GLY B 341 39.48 30.61 -17.04
CA GLY B 341 39.37 31.16 -18.37
C GLY B 341 39.43 30.15 -19.49
N LEU B 342 39.86 28.92 -19.22
CA LEU B 342 39.93 27.90 -20.25
C LEU B 342 38.55 27.26 -20.44
N ASP B 343 38.49 26.25 -21.30
CA ASP B 343 37.22 25.61 -21.60
C ASP B 343 37.31 24.08 -21.48
N VAL B 344 38.11 23.59 -20.55
CA VAL B 344 38.17 22.15 -20.31
C VAL B 344 37.07 21.84 -19.30
N ARG B 345 36.72 20.58 -19.15
CA ARG B 345 35.57 20.21 -18.34
C ARG B 345 35.87 20.37 -16.85
N ASN B 346 34.91 20.94 -16.13
CA ASN B 346 35.00 21.13 -14.69
C ASN B 346 34.24 20.00 -14.03
N LYS B 347 34.96 19.15 -13.29
CA LYS B 347 34.35 18.01 -12.60
C LYS B 347 34.78 18.01 -11.14
N ALA B 348 33.80 17.95 -10.25
CA ALA B 348 34.04 17.99 -8.82
C ALA B 348 34.52 16.64 -8.30
N PRO B 349 35.30 16.64 -7.23
CA PRO B 349 35.71 15.38 -6.61
C PRO B 349 34.54 14.71 -5.90
N ILE B 350 34.69 13.41 -5.66
CA ILE B 350 33.76 12.62 -4.87
C ILE B 350 34.58 11.85 -3.86
N LEU B 351 34.43 12.16 -2.59
CA LEU B 351 35.28 11.57 -1.56
C LEU B 351 34.47 10.64 -0.68
N VAL B 352 35.16 9.70 -0.04
CA VAL B 352 34.61 8.94 1.06
C VAL B 352 35.62 8.98 2.19
N LEU B 353 35.15 9.22 3.41
CA LEU B 353 36.00 9.32 4.57
C LEU B 353 35.70 8.14 5.48
N VAL B 354 36.76 7.46 5.90
CA VAL B 354 36.64 6.22 6.67
C VAL B 354 37.37 6.42 7.99
N GLY B 355 36.71 6.07 9.09
CA GLY B 355 37.36 6.15 10.38
C GLY B 355 36.51 5.71 11.56
N PRO B 356 37.15 5.48 12.70
CA PRO B 356 36.43 5.15 13.94
C PRO B 356 35.51 6.28 14.38
N PRO B 357 34.47 5.98 15.17
CA PRO B 357 33.34 6.92 15.27
C PRO B 357 33.61 8.23 15.99
N GLY B 358 34.68 8.33 16.77
CA GLY B 358 34.91 9.58 17.46
C GLY B 358 35.83 10.50 16.69
N VAL B 359 36.49 9.95 15.68
CA VAL B 359 37.40 10.72 14.85
C VAL B 359 36.58 11.72 14.02
N GLY B 360 37.14 12.90 13.80
CA GLY B 360 36.31 13.97 13.28
C GLY B 360 36.05 13.93 11.80
N LYS B 361 34.88 13.45 11.42
CA LYS B 361 34.47 13.31 10.03
C LYS B 361 33.27 14.17 9.69
N THR B 362 32.20 14.08 10.50
CA THR B 362 31.02 14.90 10.26
C THR B 362 31.30 16.37 10.53
N SER B 363 32.26 16.66 11.42
CA SER B 363 32.66 18.03 11.67
C SER B 363 33.47 18.63 10.52
N LEU B 364 34.02 17.80 9.64
CA LEU B 364 34.77 18.31 8.49
C LEU B 364 33.88 18.99 7.47
N GLY B 365 32.59 18.69 7.45
CA GLY B 365 31.68 19.20 6.44
C GLY B 365 31.53 20.71 6.45
N ARG B 366 31.09 21.27 7.59
CA ARG B 366 30.97 22.72 7.67
C ARG B 366 32.31 23.42 7.67
N SER B 367 33.38 22.75 8.10
CA SER B 367 34.70 23.37 8.06
C SER B 367 35.18 23.53 6.62
N ILE B 368 35.01 22.49 5.80
CA ILE B 368 35.37 22.58 4.39
C ILE B 368 34.46 23.55 3.66
N ALA B 369 33.16 23.54 3.98
CA ALA B 369 32.25 24.47 3.33
C ALA B 369 32.42 25.91 3.79
N ARG B 370 33.01 26.12 4.97
CA ARG B 370 33.34 27.46 5.44
C ARG B 370 34.67 27.94 4.93
N SER B 371 35.54 27.01 4.55
CA SER B 371 36.82 27.39 3.94
C SER B 371 36.61 28.06 2.59
N MET B 372 35.69 27.54 1.79
CA MET B 372 35.60 27.92 0.38
C MET B 372 34.42 28.82 0.06
N ASN B 373 33.75 29.37 1.08
CA ASN B 373 32.63 30.31 0.95
C ASN B 373 31.46 29.74 0.16
N ARG B 374 31.31 28.43 0.15
CA ARG B 374 30.21 27.79 -0.56
C ARG B 374 29.03 27.63 0.40
N LYS B 375 28.04 26.84 0.01
CA LYS B 375 26.95 26.48 0.88
C LYS B 375 27.15 25.06 1.37
N PHE B 376 26.18 24.57 2.15
CA PHE B 376 26.34 23.28 2.79
C PHE B 376 24.97 22.69 3.11
N HIS B 377 24.84 21.38 2.97
CA HIS B 377 23.61 20.68 3.29
C HIS B 377 23.95 19.21 3.46
N ARG B 378 23.47 18.59 4.53
CA ARG B 378 23.75 17.19 4.76
C ARG B 378 22.48 16.36 4.66
N ILE B 379 22.64 15.13 4.17
CA ILE B 379 21.55 14.18 4.00
C ILE B 379 21.98 12.95 4.77
N SER B 380 21.48 12.80 5.98
CA SER B 380 21.92 11.71 6.85
C SER B 380 21.25 10.41 6.41
N LEU B 381 22.04 9.52 5.82
CA LEU B 381 21.56 8.18 5.48
C LEU B 381 21.68 7.31 6.72
N GLY B 382 21.52 6.01 6.54
CA GLY B 382 21.54 5.12 7.69
C GLY B 382 20.15 4.93 8.21
N GLY B 383 19.63 3.72 8.08
CA GLY B 383 18.22 3.47 8.29
C GLY B 383 17.34 3.79 7.12
N VAL B 384 17.76 4.69 6.22
CA VAL B 384 16.96 4.94 4.98
C VAL B 384 16.90 3.62 4.24
N ARG B 385 15.69 3.17 3.89
CA ARG B 385 15.56 1.82 3.26
C ARG B 385 14.57 1.87 2.12
N ASP B 386 14.31 3.03 1.58
CA ASP B 386 13.26 3.04 0.55
C ASP B 386 13.77 3.74 -0.67
N GLU B 387 13.84 3.03 -1.77
CA GLU B 387 14.20 3.64 -3.04
C GLU B 387 13.45 4.95 -3.26
N ALA B 388 12.32 5.14 -2.57
CA ALA B 388 11.56 6.37 -2.63
C ALA B 388 12.29 7.58 -2.06
N GLU B 389 13.35 7.36 -1.29
CA GLU B 389 14.12 8.46 -0.74
C GLU B 389 15.16 9.00 -1.71
N ILE B 390 15.73 8.15 -2.55
CA ILE B 390 16.77 8.59 -3.47
C ILE B 390 16.14 9.29 -4.67
N ARG B 391 15.35 8.56 -5.43
CA ARG B 391 14.46 9.15 -6.42
C ARG B 391 13.06 9.15 -5.84
N GLY B 392 12.24 10.11 -6.25
CA GLY B 392 10.89 10.20 -5.76
C GLY B 392 9.97 9.18 -6.40
N HIS B 393 8.67 9.42 -6.27
CA HIS B 393 7.72 8.64 -7.03
C HIS B 393 7.38 9.37 -8.31
N ARG B 394 6.62 8.71 -9.18
CA ARG B 394 6.05 9.41 -10.31
C ARG B 394 4.96 10.35 -9.80
N ARG B 395 4.65 11.36 -10.59
CA ARG B 395 3.60 12.28 -10.16
C ARG B 395 2.19 11.75 -10.44
N THR B 396 2.07 10.49 -10.88
CA THR B 396 0.79 9.82 -10.95
C THR B 396 0.19 9.64 -9.56
N TYR B 397 1.04 9.44 -8.55
CA TYR B 397 0.56 9.14 -7.21
C TYR B 397 0.03 10.40 -6.54
N ILE B 398 -0.44 10.25 -5.30
CA ILE B 398 -1.22 11.30 -4.66
C ILE B 398 -0.35 12.45 -4.17
N GLY B 399 0.52 12.18 -3.21
CA GLY B 399 1.28 13.25 -2.59
C GLY B 399 2.77 13.14 -2.82
N ALA B 400 3.15 12.69 -4.01
CA ALA B 400 4.53 12.41 -4.31
C ALA B 400 5.32 13.68 -4.55
N MET B 401 6.63 13.53 -4.55
CA MET B 401 7.61 14.61 -4.55
C MET B 401 8.99 14.00 -4.73
N PRO B 402 10.00 14.78 -5.22
CA PRO B 402 11.31 14.18 -5.51
C PRO B 402 12.06 13.68 -4.30
N GLY B 403 13.23 13.08 -4.53
CA GLY B 403 13.96 12.43 -3.47
C GLY B 403 14.64 13.41 -2.53
N LYS B 404 15.50 12.85 -1.69
CA LYS B 404 16.29 13.67 -0.77
C LYS B 404 17.26 14.56 -1.52
N LEU B 405 17.78 14.09 -2.65
CA LEU B 405 18.88 14.77 -3.32
C LEU B 405 18.39 15.99 -4.10
N ILE B 406 17.27 15.86 -4.82
CA ILE B 406 16.71 17.01 -5.53
C ILE B 406 16.14 18.01 -4.54
N HIS B 407 15.65 17.55 -3.39
CA HIS B 407 15.19 18.47 -2.36
C HIS B 407 16.35 19.23 -1.73
N ALA B 408 17.50 18.57 -1.59
CA ALA B 408 18.70 19.25 -1.10
C ALA B 408 19.19 20.28 -2.11
N MET B 409 19.07 19.97 -3.41
CA MET B 409 19.39 20.96 -4.42
C MET B 409 18.38 22.10 -4.42
N LYS B 410 17.16 21.83 -3.99
CA LYS B 410 16.18 22.90 -3.85
C LYS B 410 16.50 23.80 -2.66
N GLN B 411 17.01 23.21 -1.57
CA GLN B 411 17.34 23.99 -0.39
C GLN B 411 18.53 24.92 -0.64
N VAL B 412 19.47 24.49 -1.45
CA VAL B 412 20.69 25.24 -1.70
C VAL B 412 20.61 25.87 -3.09
N GLY B 413 20.61 27.20 -3.14
CA GLY B 413 20.35 27.91 -4.37
C GLY B 413 21.46 27.91 -5.41
N VAL B 414 22.56 27.20 -5.21
CA VAL B 414 23.65 27.18 -6.17
C VAL B 414 23.68 25.81 -6.84
N ILE B 415 24.44 25.72 -7.94
CA ILE B 415 24.60 24.46 -8.65
C ILE B 415 25.83 23.71 -8.21
N ASN B 416 26.59 24.24 -7.26
CA ASN B 416 27.75 23.55 -6.71
C ASN B 416 27.82 23.68 -5.19
N PRO B 417 26.95 22.96 -4.46
CA PRO B 417 27.10 22.94 -3.01
C PRO B 417 28.11 21.89 -2.56
N VAL B 418 28.20 21.69 -1.26
CA VAL B 418 29.01 20.63 -0.68
C VAL B 418 28.06 19.76 0.11
N ILE B 419 27.70 18.60 -0.43
CA ILE B 419 26.70 17.73 0.19
C ILE B 419 27.41 16.63 0.96
N LEU B 420 27.07 16.49 2.23
CA LEU B 420 27.68 15.52 3.13
C LEU B 420 26.73 14.34 3.27
N LEU B 421 27.05 13.23 2.62
CA LEU B 421 26.25 12.02 2.68
C LEU B 421 26.77 11.16 3.82
N ASP B 422 26.39 11.52 5.05
CA ASP B 422 26.90 10.88 6.24
C ASP B 422 26.27 9.49 6.38
N GLU B 423 27.09 8.54 6.86
CA GLU B 423 26.70 7.16 7.16
C GLU B 423 26.15 6.45 5.92
N ILE B 424 27.01 6.30 4.92
CA ILE B 424 26.55 5.74 3.66
C ILE B 424 26.53 4.21 3.69
N ASP B 425 27.30 3.59 4.58
CA ASP B 425 27.37 2.13 4.61
C ASP B 425 26.31 1.51 5.52
N LYS B 426 25.49 2.33 6.18
CA LYS B 426 24.40 1.82 7.00
C LYS B 426 23.10 1.71 6.22
N MET B 427 23.19 1.55 4.91
CA MET B 427 22.11 1.05 4.08
C MET B 427 22.42 -0.39 3.68
N SER B 428 21.38 -1.14 3.34
CA SER B 428 21.56 -2.51 2.88
C SER B 428 20.38 -2.89 1.99
N SER B 429 20.56 -3.95 1.20
CA SER B 429 19.51 -4.36 0.25
C SER B 429 18.69 -5.47 0.90
N ASP B 430 17.39 -5.28 1.03
CA ASP B 430 16.58 -6.28 1.78
C ASP B 430 15.17 -6.34 1.22
N TRP B 431 14.28 -7.00 1.94
CA TRP B 431 12.90 -7.16 1.44
C TRP B 431 12.36 -5.75 1.25
N ARG B 432 12.73 -4.83 2.12
CA ARG B 432 12.17 -3.47 2.02
C ARG B 432 12.94 -2.67 0.96
N GLY B 433 12.92 -3.08 -0.30
CA GLY B 433 13.51 -2.26 -1.38
C GLY B 433 15.03 -2.21 -1.36
N ASP B 434 15.62 -1.51 -2.33
CA ASP B 434 17.10 -1.31 -2.30
C ASP B 434 17.41 0.14 -2.61
N PRO B 435 18.05 0.89 -1.72
CA PRO B 435 18.46 2.22 -2.07
C PRO B 435 19.93 2.19 -2.47
N ALA B 436 20.65 1.12 -2.14
CA ALA B 436 22.08 1.15 -2.40
C ALA B 436 22.39 1.12 -3.89
N SER B 437 21.47 0.58 -4.69
CA SER B 437 21.68 0.48 -6.12
C SER B 437 21.03 1.61 -6.90
N ALA B 438 20.28 2.48 -6.23
CA ALA B 438 19.86 3.73 -6.84
C ALA B 438 20.93 4.80 -6.70
N MET B 439 21.96 4.57 -5.89
CA MET B 439 23.08 5.48 -5.73
C MET B 439 24.12 5.33 -6.82
N LEU B 440 24.02 4.28 -7.65
CA LEU B 440 24.98 4.12 -8.74
C LEU B 440 24.80 5.17 -9.82
N GLU B 441 23.64 5.82 -9.89
CA GLU B 441 23.42 6.88 -10.84
C GLU B 441 23.78 8.25 -10.27
N VAL B 442 23.63 8.46 -8.96
CA VAL B 442 23.92 9.77 -8.38
C VAL B 442 25.40 10.01 -8.18
N LEU B 443 26.22 8.97 -8.25
CA LEU B 443 27.65 9.10 -8.00
C LEU B 443 28.47 8.62 -9.18
N ASP B 444 27.97 8.82 -10.39
CA ASP B 444 28.74 8.36 -11.54
C ASP B 444 29.83 9.37 -11.84
N PRO B 445 31.06 8.92 -12.15
CA PRO B 445 32.12 9.88 -12.51
C PRO B 445 31.89 10.57 -13.84
N GLU B 446 31.08 10.04 -14.74
CA GLU B 446 30.87 10.74 -16.00
C GLU B 446 29.43 10.78 -16.49
N GLN B 447 28.52 9.98 -15.97
CA GLN B 447 27.16 9.93 -16.48
C GLN B 447 26.18 10.72 -15.63
N ASN B 448 26.63 11.35 -14.54
CA ASN B 448 25.68 12.05 -13.68
C ASN B 448 25.30 13.42 -14.19
N ASN B 449 25.84 13.86 -15.33
CA ASN B 449 25.42 15.13 -15.90
C ASN B 449 24.04 15.07 -16.55
N THR B 450 23.45 13.89 -16.69
CA THR B 450 22.05 13.73 -17.07
C THR B 450 21.43 12.78 -16.05
N PHE B 451 20.92 13.33 -14.96
CA PHE B 451 20.35 12.55 -13.88
C PHE B 451 18.82 12.66 -13.96
N THR B 452 18.16 11.55 -14.23
CA THR B 452 16.72 11.54 -14.41
C THR B 452 16.02 11.16 -13.11
N ASP B 453 15.19 12.06 -12.61
CA ASP B 453 14.37 11.81 -11.43
C ASP B 453 13.09 11.09 -11.84
N HIS B 454 12.39 10.51 -10.86
CA HIS B 454 11.07 9.97 -11.16
C HIS B 454 9.98 11.01 -11.07
N TYR B 455 10.14 12.05 -10.26
CA TYR B 455 9.13 13.09 -10.23
C TYR B 455 9.28 14.02 -11.44
N LEU B 456 10.48 14.50 -11.68
CA LEU B 456 10.75 15.36 -12.84
C LEU B 456 11.01 14.49 -14.06
N ASP B 457 10.36 14.83 -15.18
CA ASP B 457 10.54 14.05 -16.40
C ASP B 457 11.66 14.59 -17.27
N VAL B 458 12.69 15.19 -16.67
CA VAL B 458 13.81 15.77 -17.41
C VAL B 458 15.11 15.39 -16.72
N PRO B 459 16.19 15.24 -17.49
CA PRO B 459 17.49 14.94 -16.88
C PRO B 459 18.13 16.19 -16.30
N TYR B 460 18.84 16.00 -15.19
CA TYR B 460 19.35 17.12 -14.41
C TYR B 460 20.85 16.96 -14.21
N ASP B 461 21.55 18.08 -14.17
CA ASP B 461 23.02 18.10 -14.15
C ASP B 461 23.53 18.18 -12.72
N LEU B 462 24.06 17.08 -12.20
CA LEU B 462 24.70 17.05 -10.90
C LEU B 462 26.22 16.97 -11.02
N SER B 463 26.79 17.54 -12.06
CA SER B 463 28.22 17.35 -12.30
C SER B 463 29.09 18.26 -11.46
N LYS B 464 28.56 19.39 -10.99
CA LYS B 464 29.37 20.38 -10.30
C LYS B 464 29.44 20.16 -8.80
N VAL B 465 28.49 19.46 -8.22
CA VAL B 465 28.34 19.42 -6.77
C VAL B 465 29.41 18.54 -6.14
N PHE B 466 30.09 19.10 -5.14
CA PHE B 466 31.23 18.49 -4.45
C PHE B 466 30.72 17.52 -3.39
N PHE B 467 30.59 16.25 -3.76
CA PHE B 467 30.08 15.26 -2.82
C PHE B 467 31.13 14.90 -1.78
N ILE B 468 30.67 14.73 -0.53
CA ILE B 468 31.45 14.10 0.51
C ILE B 468 30.56 13.06 1.15
N THR B 469 31.06 11.84 1.28
CA THR B 469 30.35 10.80 2.01
C THR B 469 31.17 10.44 3.23
N THR B 470 30.63 9.55 4.06
CA THR B 470 31.29 9.22 5.33
C THR B 470 30.96 7.78 5.70
N ALA B 471 31.98 6.99 5.98
CA ALA B 471 31.79 5.60 6.38
C ALA B 471 32.72 5.31 7.56
N ASN B 472 32.59 4.11 8.11
CA ASN B 472 33.52 3.63 9.11
C ASN B 472 34.08 2.25 8.84
N THR B 473 33.55 1.53 7.85
CA THR B 473 34.24 0.43 7.21
C THR B 473 33.68 0.30 5.79
N LEU B 474 34.53 -0.15 4.88
CA LEU B 474 34.14 -0.23 3.48
C LEU B 474 33.56 -1.57 3.11
N GLN B 475 33.53 -2.54 4.03
CA GLN B 475 33.11 -3.89 3.72
C GLN B 475 31.60 -4.03 3.56
N THR B 476 30.83 -2.96 3.78
CA THR B 476 29.39 -3.03 3.65
C THR B 476 28.90 -2.35 2.37
N ILE B 477 29.68 -1.42 1.83
CA ILE B 477 29.30 -0.73 0.59
C ILE B 477 29.38 -1.72 -0.57
N PRO B 478 28.40 -1.74 -1.48
CA PRO B 478 28.52 -2.58 -2.68
C PRO B 478 29.68 -2.14 -3.55
N ARG B 479 30.32 -3.12 -4.19
CA ARG B 479 31.56 -2.91 -4.92
C ARG B 479 31.45 -2.01 -6.15
N PRO B 480 30.39 -2.05 -6.97
CA PRO B 480 30.23 -0.99 -7.97
C PRO B 480 30.00 0.39 -7.38
N LEU B 481 29.50 0.48 -6.15
CA LEU B 481 29.35 1.79 -5.53
C LEU B 481 30.65 2.25 -4.90
N LEU B 482 31.43 1.33 -4.35
CA LEU B 482 32.75 1.70 -3.85
C LEU B 482 33.70 2.08 -4.98
N ASP B 483 33.48 1.54 -6.17
CA ASP B 483 34.38 1.82 -7.29
C ASP B 483 34.27 3.25 -7.79
N ARG B 484 33.18 3.94 -7.52
CA ARG B 484 32.98 5.27 -8.08
C ARG B 484 33.55 6.38 -7.21
N MET B 485 33.93 6.09 -5.97
CA MET B 485 34.28 7.11 -5.00
C MET B 485 35.76 7.07 -4.69
N GLU B 486 36.39 8.23 -4.66
CA GLU B 486 37.76 8.34 -4.19
C GLU B 486 37.80 8.15 -2.68
N VAL B 487 38.75 7.36 -2.21
CA VAL B 487 38.86 7.03 -0.79
C VAL B 487 39.94 7.89 -0.16
N ILE B 488 39.64 8.42 1.04
CA ILE B 488 40.63 9.09 1.89
C ILE B 488 40.50 8.52 3.30
N GLU B 489 41.58 7.95 3.81
CA GLU B 489 41.61 7.31 5.11
C GLU B 489 41.85 8.34 6.21
N ILE B 490 41.18 8.13 7.35
CA ILE B 490 41.48 8.91 8.55
C ILE B 490 41.92 7.91 9.61
N PRO B 491 43.19 7.90 10.00
CA PRO B 491 43.74 6.73 10.69
C PRO B 491 43.33 6.57 12.15
N GLY B 492 43.24 7.65 12.91
CA GLY B 492 43.08 7.44 14.35
C GLY B 492 44.25 8.12 15.05
N TYR B 493 43.92 8.90 16.07
CA TYR B 493 44.88 9.86 16.59
C TYR B 493 45.88 9.20 17.53
N THR B 494 47.01 9.88 17.69
CA THR B 494 48.05 9.45 18.60
C THR B 494 47.85 10.13 19.95
N ASN B 495 48.68 9.79 20.92
CA ASN B 495 48.56 10.47 22.21
C ASN B 495 49.12 11.89 22.15
N MET B 496 50.12 12.12 21.32
CA MET B 496 50.66 13.48 21.19
C MET B 496 49.66 14.38 20.50
N GLU B 497 48.97 13.85 19.49
CA GLU B 497 47.96 14.66 18.81
C GLU B 497 46.73 14.88 19.67
N LYS B 498 46.33 13.87 20.46
CA LYS B 498 45.22 14.08 21.37
C LYS B 498 45.58 15.06 22.48
N GLN B 499 46.85 15.07 22.90
CA GLN B 499 47.28 16.08 23.86
C GLN B 499 47.27 17.47 23.25
N ALA B 500 47.62 17.57 21.97
CA ALA B 500 47.56 18.87 21.30
C ALA B 500 46.12 19.34 21.14
N ILE B 501 45.19 18.43 20.85
CA ILE B 501 43.78 18.80 20.74
C ILE B 501 43.24 19.21 22.11
N ALA B 502 43.58 18.45 23.15
CA ALA B 502 43.11 18.78 24.49
C ALA B 502 43.79 20.01 25.05
N ARG B 503 44.90 20.45 24.48
CA ARG B 503 45.51 21.71 24.90
C ARG B 503 44.90 22.88 24.15
N GLN B 504 44.58 22.70 22.86
CA GLN B 504 44.17 23.83 22.03
C GLN B 504 42.66 23.95 21.87
N TYR B 505 41.99 22.89 21.41
CA TYR B 505 40.64 23.02 20.89
C TYR B 505 39.55 22.56 21.85
N LEU B 506 39.84 21.64 22.77
CA LEU B 506 38.82 21.07 23.64
C LEU B 506 38.67 21.82 24.96
N TRP B 507 39.78 22.00 25.68
CA TRP B 507 39.72 22.64 26.99
C TRP B 507 39.23 24.10 27.01
N PRO B 508 39.53 24.97 26.02
CA PRO B 508 38.85 26.28 26.04
C PRO B 508 37.35 26.22 25.82
N LYS B 509 36.86 25.28 25.01
CA LYS B 509 35.41 25.14 24.87
C LYS B 509 34.78 24.62 26.16
N GLN B 510 35.44 23.68 26.82
CA GLN B 510 34.89 23.16 28.07
C GLN B 510 35.05 24.14 29.22
N VAL B 511 35.94 25.10 29.10
CA VAL B 511 35.96 26.22 30.03
C VAL B 511 34.82 27.19 29.75
N ARG B 512 34.61 27.54 28.49
CA ARG B 512 33.58 28.51 28.15
C ARG B 512 32.18 27.94 28.35
N GLU B 513 32.01 26.63 28.31
CA GLU B 513 30.69 26.07 28.59
C GLU B 513 30.34 26.11 30.06
N SER B 514 31.32 25.98 30.96
CA SER B 514 31.07 26.05 32.39
C SER B 514 31.32 27.45 32.96
N GLY B 515 31.63 28.42 32.11
CA GLY B 515 31.73 29.80 32.53
C GLY B 515 32.91 30.09 33.44
N MET B 516 34.13 30.02 32.89
CA MET B 516 35.32 30.30 33.66
C MET B 516 36.19 31.30 32.92
N GLU B 517 36.88 32.14 33.67
CA GLU B 517 37.79 33.14 33.12
C GLU B 517 39.09 33.08 33.93
N GLY B 518 39.63 31.88 34.07
CA GLY B 518 40.83 31.70 34.84
C GLY B 518 40.59 31.23 36.26
N ARG B 519 39.39 30.75 36.57
CA ARG B 519 39.14 30.19 37.89
C ARG B 519 39.84 28.84 38.03
N ILE B 520 39.90 28.06 36.95
CA ILE B 520 40.48 26.74 36.98
C ILE B 520 41.43 26.59 35.81
N GLU B 521 42.47 25.77 36.01
CA GLU B 521 43.50 25.59 35.00
C GLU B 521 44.07 24.19 35.15
N VAL B 522 44.44 23.57 34.03
CA VAL B 522 45.04 22.25 34.05
C VAL B 522 46.42 22.31 33.42
N THR B 523 47.24 21.33 33.76
CA THR B 523 48.61 21.24 33.29
C THR B 523 48.78 20.04 32.38
N ASP B 524 50.02 19.79 31.98
CA ASP B 524 50.32 18.83 30.92
C ASP B 524 50.26 17.40 31.43
N ALA B 525 50.76 17.16 32.64
CA ALA B 525 50.67 15.83 33.23
C ALA B 525 49.23 15.45 33.51
N ALA B 526 48.38 16.44 33.80
CA ALA B 526 46.96 16.18 34.00
C ALA B 526 46.30 15.70 32.72
N ILE B 527 46.54 16.41 31.62
CA ILE B 527 45.99 16.03 30.31
C ILE B 527 46.51 14.66 29.89
N LEU B 528 47.78 14.40 30.14
CA LEU B 528 48.34 13.10 29.79
C LEU B 528 47.77 12.00 30.67
N ARG B 529 47.42 12.30 31.92
CA ARG B 529 46.83 11.28 32.79
C ARG B 529 45.40 10.98 32.38
N VAL B 530 44.64 12.00 31.99
CA VAL B 530 43.28 11.81 31.53
C VAL B 530 43.26 11.06 30.20
N ILE B 531 44.26 11.27 29.36
CA ILE B 531 44.38 10.46 28.14
C ILE B 531 44.71 9.01 28.48
N SER B 532 45.73 8.80 29.30
CA SER B 532 46.26 7.47 29.51
C SER B 532 45.38 6.59 30.38
N GLU B 533 44.49 7.17 31.20
CA GLU B 533 43.83 6.37 32.22
C GLU B 533 42.32 6.33 32.15
N TYR B 534 41.68 7.29 31.47
CA TYR B 534 40.23 7.38 31.49
C TYR B 534 39.61 7.20 30.10
N THR B 535 40.37 6.73 29.13
CA THR B 535 39.91 6.73 27.74
C THR B 535 40.61 5.62 26.97
N ARG B 536 39.87 4.56 26.64
CA ARG B 536 40.28 3.62 25.59
C ARG B 536 39.40 3.94 24.39
N GLU B 537 39.84 4.90 23.60
CA GLU B 537 39.11 5.29 22.40
C GLU B 537 40.09 5.56 21.27
N ALA B 538 39.58 5.49 20.06
CA ALA B 538 40.31 6.00 18.91
C ALA B 538 39.90 7.42 18.56
N GLY B 539 38.77 7.88 19.07
CA GLY B 539 38.31 9.24 18.87
C GLY B 539 38.65 10.14 20.04
N VAL B 540 37.94 11.25 20.12
CA VAL B 540 38.19 12.23 21.17
C VAL B 540 36.89 12.62 21.88
N ARG B 541 35.89 11.74 21.85
CA ARG B 541 34.66 12.06 22.57
C ARG B 541 34.82 11.88 24.07
N GLY B 542 35.44 10.78 24.50
CA GLY B 542 35.59 10.51 25.92
C GLY B 542 36.49 11.49 26.63
N LEU B 543 37.55 11.94 25.94
CA LEU B 543 38.40 12.98 26.48
C LEU B 543 37.64 14.27 26.69
N GLU B 544 36.71 14.57 25.78
CA GLU B 544 35.86 15.75 25.92
C GLU B 544 34.92 15.63 27.11
N ARG B 545 34.34 14.44 27.31
CA ARG B 545 33.44 14.26 28.45
C ARG B 545 34.21 14.32 29.77
N GLU B 546 35.45 13.84 29.81
CA GLU B 546 36.22 13.91 31.05
C GLU B 546 36.61 15.35 31.38
N LEU B 547 36.99 16.13 30.36
CA LEU B 547 37.27 17.54 30.62
C LEU B 547 36.01 18.30 31.03
N GLY B 548 34.85 17.90 30.49
CA GLY B 548 33.60 18.49 30.95
C GLY B 548 33.28 18.14 32.39
N LYS B 549 33.63 16.93 32.81
CA LYS B 549 33.43 16.52 34.20
C LYS B 549 34.31 17.32 35.15
N ILE B 550 35.55 17.58 34.74
CA ILE B 550 36.44 18.46 35.52
C ILE B 550 35.85 19.85 35.63
N ALA B 551 35.33 20.39 34.52
CA ALA B 551 34.79 21.74 34.54
C ALA B 551 33.53 21.84 35.42
N ARG B 552 32.69 20.80 35.41
CA ARG B 552 31.48 20.84 36.24
C ARG B 552 31.81 20.74 37.72
N LYS B 553 32.77 19.89 38.10
CA LYS B 553 33.16 19.87 39.51
C LYS B 553 33.88 21.16 39.91
N GLY B 554 34.53 21.81 38.96
CA GLY B 554 35.09 23.14 39.25
C GLY B 554 34.02 24.16 39.53
N ALA B 555 32.92 24.11 38.78
CA ALA B 555 31.80 25.00 39.05
C ALA B 555 31.16 24.70 40.41
N LYS B 556 31.12 23.42 40.78
CA LYS B 556 30.55 23.04 42.06
C LYS B 556 31.39 23.55 43.22
N PHE B 557 32.72 23.36 43.15
CA PHE B 557 33.59 23.91 44.18
C PHE B 557 33.61 25.42 44.17
N TRP B 558 33.33 26.06 43.04
CA TRP B 558 33.20 27.52 43.03
C TRP B 558 31.98 27.98 43.81
N LEU B 559 30.85 27.31 43.62
CA LEU B 559 29.67 27.73 44.38
C LEU B 559 29.68 27.25 45.83
N GLU B 560 30.51 26.26 46.18
CA GLU B 560 30.64 25.90 47.60
C GLU B 560 31.35 26.99 48.37
N GLY B 561 32.62 27.24 48.04
CA GLY B 561 33.38 28.32 48.65
C GLY B 561 34.33 28.94 47.66
N ALA B 562 34.21 30.25 47.46
CA ALA B 562 34.93 30.91 46.39
C ALA B 562 36.39 31.13 46.78
N TRP B 563 37.19 31.50 45.78
CA TRP B 563 38.61 31.77 45.99
C TRP B 563 39.00 33.03 45.25
N GLU B 564 40.30 33.27 45.14
CA GLU B 564 40.81 34.38 44.36
C GLU B 564 42.09 33.94 43.67
N GLY B 565 42.19 34.23 42.38
CA GLY B 565 43.32 33.78 41.59
C GLY B 565 42.93 32.62 40.70
N LEU B 566 43.84 31.67 40.51
CA LEU B 566 43.55 30.49 39.71
C LEU B 566 43.75 29.25 40.57
N ARG B 567 43.29 28.12 40.03
CA ARG B 567 43.51 26.82 40.65
C ARG B 567 44.17 25.90 39.63
N THR B 568 45.14 25.11 40.09
CA THR B 568 45.98 24.29 39.23
C THR B 568 45.76 22.83 39.58
N ILE B 569 45.59 22.01 38.56
CA ILE B 569 45.37 20.58 38.75
C ILE B 569 46.68 19.87 38.46
N ASP B 570 47.05 18.96 39.35
CA ASP B 570 48.31 18.24 39.25
C ASP B 570 48.09 16.89 38.60
N ALA B 571 49.12 16.05 38.63
CA ALA B 571 49.00 14.63 38.34
C ALA B 571 48.56 13.83 39.55
N SER B 572 48.04 14.48 40.58
CA SER B 572 47.51 13.82 41.75
C SER B 572 46.15 14.33 42.18
N ASP B 573 45.75 15.54 41.78
CA ASP B 573 44.44 16.06 42.07
C ASP B 573 43.39 15.60 41.07
N ILE B 574 43.78 14.74 40.14
CA ILE B 574 42.87 14.17 39.15
C ILE B 574 41.89 13.18 39.76
N PRO B 575 42.25 12.20 40.62
CA PRO B 575 41.20 11.34 41.20
C PRO B 575 40.26 12.04 42.17
N THR B 576 40.60 13.23 42.64
CA THR B 576 39.64 14.04 43.39
C THR B 576 38.46 14.45 42.51
N TYR B 577 38.76 14.94 41.30
CA TYR B 577 37.71 15.42 40.42
C TYR B 577 37.21 14.37 39.45
N LEU B 578 37.85 13.21 39.38
CA LEU B 578 37.52 12.24 38.34
C LEU B 578 37.46 10.81 38.88
N GLY B 579 37.49 10.64 40.20
CA GLY B 579 37.14 9.36 40.77
C GLY B 579 38.22 8.30 40.62
N ILE B 580 37.77 7.07 40.41
CA ILE B 580 38.63 5.91 40.42
C ILE B 580 39.20 5.71 39.03
N PRO B 581 40.51 5.45 38.89
CA PRO B 581 41.10 5.19 37.57
C PRO B 581 40.53 3.93 36.92
N ARG B 582 39.93 4.11 35.75
CA ARG B 582 39.22 3.03 35.09
C ARG B 582 40.13 2.04 34.39
N TYR B 583 41.16 2.51 33.70
CA TYR B 583 41.90 1.67 32.78
C TYR B 583 43.34 1.47 33.22
N ARG B 584 43.83 0.26 33.04
CA ARG B 584 45.22 -0.05 33.33
C ARG B 584 46.03 0.06 32.05
N PRO B 585 46.95 1.01 31.94
CA PRO B 585 47.85 1.02 30.78
C PRO B 585 48.88 -0.09 30.89
N ASP B 586 49.29 -0.60 29.73
CA ASP B 586 50.18 -1.76 29.65
C ASP B 586 51.61 -1.37 29.96
N LYS B 587 52.45 -2.39 30.14
CA LYS B 587 53.83 -2.14 30.49
C LYS B 587 54.66 -3.36 30.12
N ALA B 588 55.93 -3.12 29.85
CA ALA B 588 56.84 -4.16 29.40
C ALA B 588 57.45 -4.86 30.61
N GLU B 589 57.28 -6.17 30.64
CA GLU B 589 57.98 -6.99 31.61
C GLU B 589 59.47 -6.90 31.35
N THR B 590 60.26 -6.81 32.42
CA THR B 590 61.68 -6.52 32.24
C THR B 590 62.50 -7.78 32.04
N GLU B 591 62.33 -8.75 32.92
CA GLU B 591 63.20 -9.91 32.95
C GLU B 591 62.93 -10.79 31.73
N PRO B 592 63.94 -11.51 31.23
CA PRO B 592 63.67 -12.58 30.28
C PRO B 592 62.83 -13.69 30.90
N GLN B 593 61.66 -13.94 30.29
CA GLN B 593 60.75 -14.99 30.67
C GLN B 593 60.97 -16.20 29.80
N VAL B 594 60.71 -17.39 30.35
CA VAL B 594 60.83 -18.64 29.62
C VAL B 594 59.46 -19.01 29.08
N GLY B 595 59.36 -19.10 27.76
CA GLY B 595 58.10 -19.47 27.14
C GLY B 595 57.17 -18.31 26.97
N THR B 596 57.69 -17.10 26.87
CA THR B 596 56.83 -15.94 26.75
C THR B 596 57.51 -14.99 25.76
N ALA B 597 56.73 -14.41 24.86
CA ALA B 597 57.26 -13.53 23.85
C ALA B 597 56.40 -12.28 23.76
N GLN B 598 57.03 -11.13 23.88
CA GLN B 598 56.32 -9.87 23.73
C GLN B 598 55.93 -9.68 22.29
N GLY B 599 54.68 -9.28 22.06
CA GLY B 599 54.18 -9.14 20.71
C GLY B 599 53.33 -7.89 20.57
N LEU B 600 53.05 -7.55 19.32
CA LEU B 600 52.33 -6.33 18.97
C LEU B 600 51.10 -6.71 18.16
N ALA B 601 49.94 -6.25 18.62
CA ALA B 601 48.73 -6.40 17.85
C ALA B 601 48.05 -5.05 17.80
N TRP B 602 47.00 -4.96 17.01
CA TRP B 602 46.30 -3.69 16.96
C TRP B 602 44.83 -3.93 16.72
N THR B 603 44.03 -3.12 17.36
CA THR B 603 42.58 -3.09 17.34
C THR B 603 42.15 -1.79 16.70
N PRO B 604 40.85 -1.57 16.45
CA PRO B 604 40.45 -0.21 16.08
C PRO B 604 40.30 0.74 17.26
N VAL B 605 41.24 0.67 18.19
CA VAL B 605 41.39 1.57 19.32
C VAL B 605 42.78 2.16 19.17
N GLY B 606 43.67 1.37 18.60
CA GLY B 606 45.07 1.67 18.50
C GLY B 606 45.86 0.41 18.74
N GLY B 607 47.17 0.58 18.88
CA GLY B 607 48.02 -0.56 19.13
C GLY B 607 47.85 -1.10 20.53
N THR B 608 48.34 -2.32 20.73
CA THR B 608 48.12 -3.05 21.97
C THR B 608 49.16 -4.15 22.06
N LEU B 609 49.85 -4.22 23.18
CA LEU B 609 50.78 -5.31 23.39
C LEU B 609 50.04 -6.63 23.55
N LEU B 610 50.66 -7.70 23.08
CA LEU B 610 50.23 -9.04 23.42
C LEU B 610 51.42 -9.82 23.93
N THR B 611 51.20 -10.64 24.94
CA THR B 611 52.16 -11.65 25.26
C THR B 611 51.62 -12.99 24.83
N ILE B 612 52.52 -13.94 24.66
CA ILE B 612 52.17 -15.28 24.22
C ILE B 612 52.76 -16.20 25.27
N GLU B 613 51.95 -16.65 26.21
CA GLU B 613 52.42 -17.68 27.11
C GLU B 613 52.27 -19.03 26.46
N VAL B 614 53.27 -19.87 26.61
CA VAL B 614 53.30 -21.19 26.02
C VAL B 614 53.82 -22.17 27.06
N ALA B 615 53.10 -23.24 27.28
CA ALA B 615 53.55 -24.28 28.19
C ALA B 615 53.88 -25.53 27.39
N ALA B 616 54.94 -26.21 27.80
CA ALA B 616 55.36 -27.45 27.16
C ALA B 616 55.29 -28.53 28.21
N VAL B 617 54.15 -29.18 28.31
CA VAL B 617 53.90 -30.12 29.39
C VAL B 617 53.85 -31.52 28.81
N PRO B 618 54.29 -32.55 29.54
CA PRO B 618 54.41 -33.88 28.96
C PRO B 618 53.07 -34.49 28.56
N GLY B 619 53.15 -35.44 27.64
CA GLY B 619 51.98 -36.06 27.07
C GLY B 619 52.38 -36.96 25.93
N SER B 620 51.63 -36.92 24.82
CA SER B 620 52.00 -37.76 23.69
C SER B 620 51.78 -37.07 22.35
N GLY B 621 51.75 -35.74 22.32
CA GLY B 621 51.68 -35.01 21.07
C GLY B 621 50.28 -34.53 20.79
N LYS B 622 50.01 -33.27 21.13
CA LYS B 622 48.73 -32.62 20.94
C LYS B 622 49.02 -31.17 20.62
N LEU B 623 47.97 -30.38 20.42
CA LEU B 623 48.17 -28.93 20.27
C LEU B 623 46.85 -28.25 20.65
N SER B 624 46.80 -27.71 21.85
CA SER B 624 45.63 -27.00 22.32
C SER B 624 45.90 -25.50 22.19
N LEU B 625 44.97 -24.80 21.57
CA LEU B 625 45.13 -23.38 21.25
C LEU B 625 43.96 -22.64 21.90
N THR B 626 44.19 -22.15 23.10
CA THR B 626 43.14 -21.52 23.89
C THR B 626 43.27 -20.01 23.81
N GLY B 627 42.44 -19.33 24.59
CA GLY B 627 42.48 -17.88 24.62
C GLY B 627 41.62 -17.20 23.59
N GLN B 628 40.65 -17.91 23.00
CA GLN B 628 39.76 -17.43 21.94
C GLN B 628 40.54 -16.91 20.73
N LEU B 629 41.24 -17.84 20.10
CA LEU B 629 41.98 -17.51 18.89
C LEU B 629 41.08 -17.69 17.67
N GLY B 630 41.37 -16.92 16.62
CA GLY B 630 40.74 -17.13 15.33
C GLY B 630 41.33 -18.33 14.62
N GLU B 631 40.81 -18.58 13.42
CA GLU B 631 41.26 -19.76 12.71
C GLU B 631 42.63 -19.55 12.06
N VAL B 632 42.84 -18.36 11.49
CA VAL B 632 44.07 -18.03 10.80
C VAL B 632 45.23 -18.04 11.78
N MET B 633 44.96 -17.65 13.01
CA MET B 633 46.00 -17.56 14.01
C MET B 633 46.40 -18.94 14.49
N LYS B 634 45.42 -19.85 14.56
CA LYS B 634 45.73 -21.25 14.81
C LYS B 634 46.56 -21.84 13.69
N GLU B 635 46.23 -21.51 12.45
CA GLU B 635 47.02 -22.03 11.33
C GLU B 635 48.42 -21.47 11.32
N SER B 636 48.59 -20.23 11.80
CA SER B 636 49.91 -19.65 11.95
C SER B 636 50.73 -20.41 12.98
N ALA B 637 50.08 -20.80 14.08
CA ALA B 637 50.77 -21.60 15.10
C ALA B 637 51.16 -22.97 14.57
N GLN B 638 50.28 -23.58 13.76
CA GLN B 638 50.58 -24.87 13.18
C GLN B 638 51.73 -24.78 12.19
N ALA B 639 51.78 -23.68 11.43
CA ALA B 639 52.87 -23.45 10.49
C ALA B 639 54.20 -23.28 11.20
N ALA B 640 54.20 -22.53 12.31
CA ALA B 640 55.43 -22.34 13.04
C ALA B 640 55.91 -23.63 13.68
N LEU B 641 54.97 -24.45 14.18
CA LEU B 641 55.40 -25.72 14.74
C LEU B 641 55.90 -26.67 13.66
N THR B 642 55.34 -26.61 12.46
CA THR B 642 55.82 -27.47 11.39
C THR B 642 57.22 -27.08 10.96
N TYR B 643 57.49 -25.76 10.90
CA TYR B 643 58.83 -25.30 10.62
C TYR B 643 59.81 -25.77 11.68
N LEU B 644 59.41 -25.73 12.95
CA LEU B 644 60.35 -26.14 13.98
C LEU B 644 60.53 -27.64 14.04
N ARG B 645 59.53 -28.40 13.62
CA ARG B 645 59.69 -29.84 13.50
C ARG B 645 60.64 -30.19 12.37
N ALA B 646 60.68 -29.37 11.33
CA ALA B 646 61.59 -29.65 10.24
C ALA B 646 63.05 -29.33 10.58
N HIS B 647 63.31 -28.51 11.60
CA HIS B 647 64.63 -27.93 11.81
C HIS B 647 65.07 -28.08 13.25
N THR B 648 65.00 -29.31 13.76
CA THR B 648 65.21 -29.54 15.18
C THR B 648 66.67 -29.37 15.61
N GLN B 649 67.62 -29.71 14.74
CA GLN B 649 69.01 -29.66 15.16
C GLN B 649 69.55 -28.24 15.22
N ASP B 650 68.89 -27.28 14.59
CA ASP B 650 69.41 -25.94 14.50
C ASP B 650 69.33 -25.20 15.82
N TYR B 651 68.32 -25.49 16.64
CA TYR B 651 68.00 -24.64 17.77
C TYR B 651 68.08 -25.35 19.11
N GLY B 652 68.46 -26.62 19.15
CA GLY B 652 68.51 -27.34 20.40
C GLY B 652 67.17 -27.82 20.89
N LEU B 653 66.19 -27.94 19.99
CA LEU B 653 64.89 -28.50 20.32
C LEU B 653 65.04 -30.00 20.58
N PRO B 654 64.09 -30.62 21.28
CA PRO B 654 64.24 -32.05 21.60
C PRO B 654 64.15 -32.93 20.35
N GLU B 655 64.67 -34.15 20.49
CA GLU B 655 64.82 -35.03 19.34
C GLU B 655 63.51 -35.63 18.88
N ASP B 656 62.50 -35.69 19.73
CA ASP B 656 61.18 -36.16 19.32
C ASP B 656 60.13 -35.45 20.16
N PHE B 657 59.39 -34.54 19.53
CA PHE B 657 58.38 -33.80 20.25
C PHE B 657 57.11 -33.65 19.45
N TYR B 658 56.95 -34.43 18.39
CA TYR B 658 55.65 -34.58 17.78
C TYR B 658 54.81 -35.63 18.50
N ASN B 659 55.46 -36.49 19.30
CA ASN B 659 54.75 -37.56 20.00
C ASN B 659 55.22 -37.75 21.44
N LYS B 660 55.82 -36.74 22.06
CA LYS B 660 56.21 -36.83 23.45
C LYS B 660 55.75 -35.65 24.28
N VAL B 661 55.29 -34.55 23.67
CA VAL B 661 55.01 -33.30 24.35
C VAL B 661 53.65 -32.81 23.88
N ASP B 662 52.75 -32.55 24.82
CA ASP B 662 51.50 -31.87 24.49
C ASP B 662 51.72 -30.38 24.72
N LEU B 663 51.88 -29.63 23.65
CA LEU B 663 52.02 -28.20 23.79
C LEU B 663 50.67 -27.55 24.07
N HIS B 664 50.72 -26.36 24.66
CA HIS B 664 49.53 -25.62 25.00
C HIS B 664 49.86 -24.14 24.90
N VAL B 665 49.13 -23.41 24.09
CA VAL B 665 49.46 -22.03 23.76
C VAL B 665 48.31 -21.15 24.21
N HIS B 666 48.54 -20.38 25.27
CA HIS B 666 47.53 -19.50 25.81
C HIS B 666 47.87 -18.05 25.48
N VAL B 667 46.86 -17.28 25.08
CA VAL B 667 47.04 -15.88 24.74
C VAL B 667 46.13 -15.05 25.62
N PRO B 668 46.62 -14.53 26.74
CA PRO B 668 45.78 -13.70 27.62
C PRO B 668 45.49 -12.35 26.98
N ASP B 669 44.37 -11.71 27.37
CA ASP B 669 43.36 -12.23 28.29
C ASP B 669 42.31 -13.06 27.60
N GLY B 670 41.32 -13.50 28.36
CA GLY B 670 40.38 -14.50 27.87
C GLY B 670 39.08 -13.94 27.36
N ALA B 671 38.98 -12.63 27.20
CA ALA B 671 37.78 -12.05 26.62
C ALA B 671 38.11 -11.20 25.40
N THR B 672 39.32 -11.31 24.86
CA THR B 672 39.69 -10.55 23.69
C THR B 672 39.67 -11.47 22.48
N PRO B 673 38.70 -11.40 21.55
CA PRO B 673 38.79 -12.24 20.36
C PRO B 673 39.97 -11.69 19.54
N LYS B 674 40.86 -12.54 19.03
CA LYS B 674 42.07 -12.06 18.31
C LYS B 674 42.26 -12.80 16.97
N ASP B 675 42.50 -12.09 15.86
CA ASP B 675 42.74 -12.73 14.53
C ASP B 675 43.62 -11.89 13.63
N GLY B 676 43.92 -12.68 12.53
CA GLY B 676 44.84 -12.08 11.55
C GLY B 676 46.14 -12.84 11.60
N PRO B 677 46.99 -12.84 10.56
CA PRO B 677 48.19 -13.67 10.57
C PRO B 677 49.42 -12.93 11.10
N SER B 678 49.22 -11.75 11.69
CA SER B 678 50.37 -10.90 12.06
C SER B 678 51.31 -11.60 13.00
N ALA B 679 50.80 -12.32 13.99
CA ALA B 679 51.76 -12.89 14.95
C ALA B 679 51.95 -14.34 14.65
N GLY B 680 53.22 -14.35 14.11
CA GLY B 680 53.61 -15.71 13.74
C GLY B 680 55.03 -15.89 14.14
N ILE B 681 55.82 -14.82 14.10
CA ILE B 681 57.19 -15.09 14.54
C ILE B 681 57.32 -15.00 16.05
N THR B 682 56.40 -14.28 16.70
CA THR B 682 56.35 -14.34 18.15
C THR B 682 55.93 -15.72 18.64
N MET B 683 55.06 -16.40 17.89
CA MET B 683 54.71 -17.76 18.26
C MET B 683 55.88 -18.68 18.08
N ALA B 684 56.69 -18.47 17.04
CA ALA B 684 57.86 -19.29 16.86
C ALA B 684 58.88 -19.05 17.95
N THR B 685 59.00 -17.79 18.38
CA THR B 685 59.93 -17.44 19.46
C THR B 685 59.50 -18.09 20.76
N ALA B 686 58.21 -17.98 21.08
CA ALA B 686 57.69 -18.54 22.32
C ALA B 686 57.80 -20.05 22.34
N ILE B 687 57.46 -20.70 21.21
CA ILE B 687 57.49 -22.15 21.16
C ILE B 687 58.92 -22.66 21.24
N ALA B 688 59.86 -21.98 20.59
CA ALA B 688 61.23 -22.45 20.64
C ALA B 688 61.86 -22.19 22.00
N SER B 689 61.45 -21.13 22.68
CA SER B 689 61.97 -20.90 24.02
C SER B 689 61.40 -21.88 25.02
N ALA B 690 60.12 -22.22 24.86
CA ALA B 690 59.51 -23.21 25.74
C ALA B 690 60.09 -24.58 25.51
N LEU B 691 60.36 -24.92 24.26
CA LEU B 691 60.89 -26.23 23.94
C LEU B 691 62.39 -26.30 24.10
N SER B 692 63.07 -25.18 24.29
CA SER B 692 64.52 -25.20 24.44
C SER B 692 64.98 -24.81 25.84
N ARG B 693 64.12 -24.14 26.62
CA ARG B 693 64.42 -23.56 27.93
C ARG B 693 65.60 -22.59 27.85
N ARG B 694 65.38 -21.55 27.07
CA ARG B 694 66.26 -20.41 26.96
C ARG B 694 65.31 -19.23 27.01
N PRO B 695 65.43 -18.35 27.98
CA PRO B 695 64.41 -17.31 28.18
C PRO B 695 64.45 -16.25 27.11
N ALA B 696 63.30 -15.99 26.51
CA ALA B 696 63.19 -14.98 25.47
C ALA B 696 63.29 -13.59 26.09
N ARG B 697 63.80 -12.64 25.33
CA ARG B 697 63.88 -11.26 25.80
C ARG B 697 62.52 -10.59 25.73
N MET B 698 62.16 -9.92 26.80
CA MET B 698 60.87 -9.25 26.85
C MET B 698 60.97 -7.77 26.57
N ASP B 699 62.17 -7.25 26.35
CA ASP B 699 62.35 -5.85 26.02
C ASP B 699 62.42 -5.60 24.54
N ILE B 700 61.94 -6.54 23.72
CA ILE B 700 61.98 -6.41 22.27
C ILE B 700 60.62 -6.81 21.74
N ALA B 701 59.91 -5.86 21.17
CA ALA B 701 58.66 -6.18 20.51
C ALA B 701 58.96 -6.81 19.15
N MET B 702 57.96 -7.49 18.59
CA MET B 702 58.14 -8.15 17.31
C MET B 702 56.81 -8.35 16.64
N THR B 703 56.85 -8.57 15.33
CA THR B 703 55.68 -8.84 14.52
C THR B 703 56.16 -9.50 13.24
N GLY B 704 55.26 -10.19 12.55
CA GLY B 704 55.66 -10.78 11.29
C GLY B 704 55.06 -12.14 10.99
N GLU B 705 54.55 -12.29 9.77
CA GLU B 705 53.96 -13.54 9.31
C GLU B 705 55.07 -14.52 8.93
N VAL B 706 54.79 -15.80 9.09
CA VAL B 706 55.81 -16.82 8.88
C VAL B 706 55.37 -17.75 7.75
N SER B 707 56.35 -18.26 7.00
CA SER B 707 56.13 -19.21 5.93
C SER B 707 56.29 -20.62 6.47
N LEU B 708 56.44 -21.57 5.55
CA LEU B 708 56.80 -22.92 5.96
C LEU B 708 58.25 -23.26 5.63
N ARG B 709 58.82 -22.65 4.59
CA ARG B 709 60.26 -22.72 4.41
C ARG B 709 60.99 -21.96 5.50
N GLY B 710 60.40 -20.88 5.99
CA GLY B 710 60.99 -20.13 7.07
C GLY B 710 61.07 -18.67 6.74
N LYS B 711 60.51 -18.26 5.61
CA LYS B 711 60.57 -16.86 5.22
C LYS B 711 59.61 -16.03 6.05
N VAL B 712 60.03 -14.80 6.34
CA VAL B 712 59.22 -13.85 7.09
C VAL B 712 58.57 -12.93 6.08
N MET B 713 57.35 -13.06 5.92
CA MET B 713 56.54 -12.35 4.93
C MET B 713 55.96 -11.08 5.54
N PRO B 714 55.77 -10.03 4.75
CA PRO B 714 55.41 -8.74 5.33
C PRO B 714 53.95 -8.65 5.72
N ILE B 715 53.70 -7.80 6.71
CA ILE B 715 52.40 -7.65 7.35
C ILE B 715 51.98 -6.19 7.29
N GLY B 716 50.84 -5.90 7.92
CA GLY B 716 50.26 -4.57 7.89
C GLY B 716 50.22 -3.94 9.27
N GLY B 717 49.86 -2.66 9.29
CA GLY B 717 49.74 -1.88 10.50
C GLY B 717 51.02 -1.72 11.28
N VAL B 718 52.06 -1.20 10.63
CA VAL B 718 53.34 -1.06 11.32
C VAL B 718 53.31 0.16 12.24
N LYS B 719 52.54 1.18 11.86
CA LYS B 719 52.55 2.48 12.53
C LYS B 719 52.02 2.39 13.96
N GLU B 720 50.79 1.89 14.11
CA GLU B 720 50.18 1.79 15.43
C GLU B 720 50.93 0.82 16.32
N LYS B 721 51.45 -0.26 15.75
CA LYS B 721 52.22 -1.21 16.53
C LYS B 721 53.49 -0.57 17.08
N LEU B 722 54.18 0.22 16.27
CA LEU B 722 55.41 0.80 16.80
C LEU B 722 55.13 1.97 17.75
N LEU B 723 54.02 2.67 17.56
CA LEU B 723 53.62 3.69 18.54
C LEU B 723 53.34 3.06 19.89
N ALA B 724 52.56 1.99 19.91
CA ALA B 724 52.25 1.34 21.17
C ALA B 724 53.45 0.62 21.75
N ALA B 725 54.40 0.20 20.93
CA ALA B 725 55.63 -0.33 21.49
C ALA B 725 56.45 0.76 22.14
N HIS B 726 56.35 1.99 21.62
CA HIS B 726 57.12 3.07 22.22
C HIS B 726 56.50 3.52 23.54
N GLN B 727 55.17 3.69 23.55
CA GLN B 727 54.49 4.25 24.72
C GLN B 727 54.56 3.32 25.92
N ALA B 728 54.73 2.03 25.70
CA ALA B 728 54.99 1.12 26.80
C ALA B 728 56.47 1.08 27.16
N GLY B 729 57.31 1.86 26.50
CA GLY B 729 58.70 1.93 26.88
C GLY B 729 59.53 0.79 26.35
N ILE B 730 59.27 0.35 25.12
CA ILE B 730 60.11 -0.65 24.45
C ILE B 730 60.82 0.07 23.32
N HIS B 731 62.14 -0.14 23.21
CA HIS B 731 62.96 0.66 22.32
C HIS B 731 63.75 -0.17 21.32
N LYS B 732 63.44 -1.45 21.16
CA LYS B 732 64.15 -2.30 20.20
C LYS B 732 63.12 -3.17 19.51
N ILE B 733 62.96 -3.02 18.19
CA ILE B 733 61.85 -3.62 17.46
C ILE B 733 62.41 -4.58 16.42
N VAL B 734 61.67 -5.65 16.15
CA VAL B 734 61.98 -6.63 15.10
C VAL B 734 60.84 -6.60 14.09
N LEU B 735 61.18 -6.57 12.80
CA LEU B 735 60.26 -6.25 11.72
C LEU B 735 60.77 -6.94 10.47
N PRO B 736 59.90 -7.28 9.52
CA PRO B 736 60.39 -7.97 8.31
C PRO B 736 61.20 -7.03 7.42
N LYS B 737 61.83 -7.62 6.42
CA LYS B 737 62.66 -6.82 5.51
C LYS B 737 61.80 -5.97 4.59
N ASP B 738 60.64 -6.49 4.20
CA ASP B 738 59.81 -5.84 3.20
C ASP B 738 58.98 -4.74 3.79
N ASN B 739 58.94 -4.60 5.10
CA ASN B 739 58.30 -3.49 5.76
C ASN B 739 59.23 -2.31 5.97
N GLU B 740 60.38 -2.30 5.30
CA GLU B 740 61.29 -1.17 5.40
C GLU B 740 60.67 0.10 4.84
N ALA B 741 59.90 -0.03 3.76
CA ALA B 741 59.23 1.13 3.19
C ALA B 741 58.08 1.63 4.06
N GLN B 742 57.67 0.87 5.05
CA GLN B 742 56.63 1.33 5.97
C GLN B 742 57.24 1.98 7.20
N LEU B 743 58.16 2.91 7.01
CA LEU B 743 58.80 3.56 8.14
C LEU B 743 58.95 5.06 7.92
N GLU B 744 58.41 5.60 6.84
CA GLU B 744 58.40 7.04 6.61
C GLU B 744 57.03 7.61 6.90
N GLU B 745 56.37 7.08 7.93
CA GLU B 745 55.04 7.57 8.29
C GLU B 745 54.89 7.71 9.80
N LEU B 746 55.98 7.85 10.53
CA LEU B 746 55.99 8.03 11.95
C LEU B 746 56.37 9.47 12.31
N PRO B 747 56.17 9.88 13.56
CA PRO B 747 56.87 11.08 14.04
C PRO B 747 58.37 10.85 14.02
N LYS B 748 59.12 11.93 13.74
CA LYS B 748 60.54 11.78 13.49
C LYS B 748 61.31 11.49 14.77
N GLU B 749 60.85 11.98 15.91
CA GLU B 749 61.54 11.67 17.16
C GLU B 749 61.34 10.21 17.56
N VAL B 750 60.21 9.63 17.17
CA VAL B 750 59.98 8.21 17.41
C VAL B 750 60.95 7.39 16.59
N LEU B 751 61.26 7.85 15.38
CA LEU B 751 62.20 7.19 14.49
C LEU B 751 63.64 7.27 14.97
N GLU B 752 63.93 8.02 16.03
CA GLU B 752 65.31 8.21 16.45
C GLU B 752 65.74 7.24 17.56
N GLY B 753 64.91 7.06 18.58
CA GLY B 753 65.31 6.23 19.71
C GLY B 753 65.11 4.74 19.50
N LEU B 754 64.29 4.36 18.54
CA LEU B 754 64.06 2.96 18.25
C LEU B 754 65.28 2.33 17.60
N GLU B 755 65.24 1.02 17.48
CA GLU B 755 66.34 0.24 16.91
C GLU B 755 65.69 -0.90 16.15
N ILE B 756 65.46 -0.68 14.86
CA ILE B 756 64.59 -1.55 14.08
C ILE B 756 65.47 -2.50 13.28
N LYS B 757 65.60 -3.72 13.76
CA LYS B 757 66.23 -4.78 12.97
C LYS B 757 65.25 -5.21 11.89
N LEU B 758 65.76 -5.53 10.71
CA LEU B 758 64.94 -5.94 9.59
C LEU B 758 65.42 -7.29 9.10
N VAL B 759 64.67 -8.33 9.40
CA VAL B 759 65.04 -9.69 9.05
C VAL B 759 64.27 -10.13 7.81
N GLU B 760 64.73 -11.23 7.24
CA GLU B 760 64.00 -11.91 6.19
C GLU B 760 63.92 -13.42 6.39
N ASP B 761 64.81 -14.00 7.16
CA ASP B 761 64.67 -15.38 7.59
C ASP B 761 64.34 -15.36 9.08
N VAL B 762 63.73 -16.44 9.56
CA VAL B 762 63.35 -16.49 10.98
C VAL B 762 64.46 -17.06 11.83
N GLY B 763 65.47 -17.67 11.22
CA GLY B 763 66.63 -18.12 11.97
C GLY B 763 67.39 -16.96 12.58
N GLU B 764 67.38 -15.81 11.92
CA GLU B 764 68.01 -14.62 12.48
C GLU B 764 67.29 -14.15 13.73
N VAL B 765 65.95 -14.18 13.73
CA VAL B 765 65.19 -13.76 14.90
C VAL B 765 65.41 -14.73 16.05
N LEU B 766 65.46 -16.03 15.75
CA LEU B 766 65.78 -16.98 16.81
C LEU B 766 67.22 -16.85 17.29
N GLU B 767 68.11 -16.25 16.50
CA GLU B 767 69.41 -15.88 17.04
C GLU B 767 69.30 -14.65 17.93
N TYR B 768 68.48 -13.70 17.52
CA TYR B 768 68.49 -12.38 18.14
C TYR B 768 67.76 -12.32 19.46
N LEU B 769 66.74 -13.16 19.67
CA LEU B 769 65.97 -13.09 20.91
C LEU B 769 66.50 -13.97 22.03
N LEU B 770 66.86 -15.21 21.72
CA LEU B 770 67.14 -16.21 22.75
C LEU B 770 68.44 -15.91 23.47
N LEU B 771 68.41 -15.98 24.78
CA LEU B 771 69.66 -15.94 25.53
C LEU B 771 70.41 -17.25 25.32
N PRO B 772 71.74 -17.20 25.18
CA PRO B 772 72.51 -18.39 24.79
C PRO B 772 72.52 -19.49 25.82
N GLU B 773 72.32 -19.19 27.05
CA GLU B 773 72.46 -20.27 28.01
C GLU B 773 71.12 -20.96 28.25
N PRO B 774 71.15 -22.23 28.65
CA PRO B 774 69.93 -22.88 29.17
C PRO B 774 69.73 -22.55 30.64
N THR B 775 68.46 -22.36 31.01
CA THR B 775 68.14 -21.98 32.39
C THR B 775 67.20 -22.95 33.10
N MET B 776 66.17 -23.43 32.43
CA MET B 776 65.23 -24.34 33.06
C MET B 776 65.51 -25.77 32.64
N PRO B 777 65.08 -26.75 33.44
CA PRO B 777 65.17 -28.15 33.00
C PRO B 777 64.21 -28.41 31.85
N PRO B 778 64.72 -28.89 30.71
CA PRO B 778 63.84 -29.05 29.54
C PRO B 778 62.91 -30.23 29.68
N VAL B 779 61.68 -30.04 29.20
CA VAL B 779 60.70 -31.11 29.22
C VAL B 779 61.13 -32.19 28.23
N VAL B 780 60.72 -33.42 28.48
CA VAL B 780 61.14 -34.54 27.67
C VAL B 780 60.06 -35.61 27.70
N ARG C 2 45.99 96.04 21.78
CA ARG C 2 44.85 95.29 21.27
C ARG C 2 43.55 95.96 21.74
N LEU C 3 42.58 95.17 22.18
CA LEU C 3 41.39 95.70 22.83
C LEU C 3 40.83 94.63 23.76
N GLU C 4 40.74 94.96 25.05
CA GLU C 4 40.41 94.01 26.10
C GLU C 4 38.90 94.10 26.37
N LEU C 5 38.17 93.08 25.94
CA LEU C 5 36.72 93.01 26.08
C LEU C 5 36.34 91.67 26.69
N PRO C 6 35.29 91.63 27.50
CA PRO C 6 34.94 90.37 28.17
C PRO C 6 34.31 89.37 27.22
N VAL C 7 34.41 88.10 27.61
CA VAL C 7 34.01 86.97 26.77
C VAL C 7 32.84 86.24 27.42
N ILE C 8 31.73 86.14 26.70
CA ILE C 8 30.67 85.18 27.00
C ILE C 8 30.99 83.92 26.20
N PRO C 9 31.45 82.84 26.85
CA PRO C 9 31.81 81.62 26.10
C PRO C 9 30.56 80.96 25.52
N LEU C 10 30.56 80.75 24.21
CA LEU C 10 29.40 80.20 23.54
C LEU C 10 29.23 78.73 23.87
N ARG C 11 27.97 78.29 23.91
CA ARG C 11 27.68 76.93 24.35
C ARG C 11 28.11 75.91 23.29
N ASN C 12 27.45 75.93 22.14
CA ASN C 12 27.98 75.23 20.97
C ASN C 12 27.72 76.03 19.69
N THR C 13 27.12 77.21 19.82
CA THR C 13 26.70 77.98 18.66
C THR C 13 27.85 78.82 18.11
N VAL C 14 27.67 79.26 16.87
CA VAL C 14 28.61 80.15 16.19
C VAL C 14 27.86 81.43 15.83
N ILE C 15 28.35 82.56 16.32
CA ILE C 15 27.67 83.84 16.16
C ILE C 15 28.12 84.46 14.84
N LEU C 16 27.21 84.45 13.87
CA LEU C 16 27.51 84.95 12.54
C LEU C 16 27.55 86.48 12.54
N PRO C 17 28.38 87.08 11.70
CA PRO C 17 28.40 88.55 11.61
C PRO C 17 27.16 89.11 10.93
N HIS C 18 26.72 90.29 11.39
CA HIS C 18 25.52 90.99 10.92
C HIS C 18 24.26 90.14 11.05
N THR C 19 23.98 89.71 12.27
CA THR C 19 22.78 88.95 12.59
C THR C 19 22.41 89.21 14.04
N THR C 20 21.17 89.59 14.29
CA THR C 20 20.66 89.77 15.64
C THR C 20 20.07 88.45 16.12
N THR C 21 20.55 87.96 17.27
CA THR C 21 20.15 86.66 17.78
C THR C 21 19.68 86.78 19.23
N PRO C 22 18.60 86.09 19.60
CA PRO C 22 18.24 85.96 21.02
C PRO C 22 19.11 84.92 21.70
N VAL C 23 19.91 85.34 22.68
CA VAL C 23 20.90 84.49 23.34
C VAL C 23 20.59 84.46 24.84
N ASP C 24 20.57 83.26 25.42
CA ASP C 24 20.37 83.08 26.85
C ASP C 24 21.66 82.65 27.53
N VAL C 25 21.93 83.25 28.69
CA VAL C 25 23.06 82.89 29.54
C VAL C 25 22.51 82.34 30.84
N GLY C 26 22.80 81.07 31.12
CA GLY C 26 22.21 80.42 32.29
C GLY C 26 23.11 80.41 33.50
N ARG C 27 24.37 80.76 33.34
CA ARG C 27 25.34 80.73 34.43
C ARG C 27 25.57 82.13 34.97
N ALA C 28 26.05 82.20 36.20
CA ALA C 28 26.44 83.47 36.83
C ALA C 28 27.89 83.82 36.59
N LYS C 29 28.71 82.87 36.14
CA LYS C 29 30.10 83.12 35.76
C LYS C 29 30.23 83.63 34.33
N SER C 30 29.10 83.89 33.67
CA SER C 30 29.05 84.73 32.47
C SER C 30 28.01 85.84 32.56
N LYS C 31 27.12 85.82 33.56
CA LYS C 31 26.34 86.98 33.94
C LYS C 31 27.23 88.15 34.34
N ARG C 32 28.33 87.86 35.05
CA ARG C 32 29.33 88.87 35.35
C ARG C 32 30.03 89.37 34.09
N ALA C 33 30.14 88.51 33.07
CA ALA C 33 30.67 88.96 31.79
C ALA C 33 29.69 89.87 31.08
N VAL C 34 28.39 89.63 31.25
CA VAL C 34 27.37 90.54 30.74
C VAL C 34 27.46 91.89 31.43
N GLU C 35 27.69 91.89 32.76
CA GLU C 35 27.82 93.14 33.50
C GLU C 35 29.09 93.90 33.13
N GLU C 36 30.19 93.16 32.88
CA GLU C 36 31.43 93.81 32.47
C GLU C 36 31.35 94.32 31.03
N ALA C 37 30.59 93.63 30.17
CA ALA C 37 30.32 94.15 28.84
C ALA C 37 29.47 95.41 28.91
N MET C 38 28.51 95.43 29.83
CA MET C 38 27.78 96.67 30.10
C MET C 38 28.66 97.72 30.77
N GLY C 39 29.74 97.29 31.43
CA GLY C 39 30.72 98.22 31.93
C GLY C 39 31.63 98.81 30.87
N ALA C 40 31.72 98.17 29.70
CA ALA C 40 32.61 98.61 28.63
C ALA C 40 31.86 98.97 27.35
N ASP C 41 30.75 99.70 27.46
CA ASP C 41 29.93 100.21 26.36
C ASP C 41 29.40 99.08 25.47
N ARG C 42 28.75 98.09 26.11
CA ARG C 42 27.96 97.04 25.47
C ARG C 42 28.74 96.11 24.54
N LEU C 43 30.07 96.12 24.62
CA LEU C 43 30.91 95.39 23.67
C LEU C 43 31.11 93.97 24.18
N ILE C 44 30.75 92.99 23.35
CA ILE C 44 30.83 91.59 23.73
C ILE C 44 31.69 90.81 22.74
N PHE C 45 32.65 90.07 23.28
CA PHE C 45 33.30 88.97 22.59
C PHE C 45 32.50 87.69 22.81
N LEU C 46 32.20 86.99 21.72
CA LEU C 46 31.46 85.73 21.76
C LEU C 46 32.34 84.63 21.15
N VAL C 47 32.77 83.70 22.00
CA VAL C 47 33.77 82.70 21.63
C VAL C 47 33.19 81.30 21.81
N ALA C 48 33.30 80.48 20.76
CA ALA C 48 32.71 79.16 20.73
C ALA C 48 33.62 78.14 21.42
N GLN C 49 33.10 77.53 22.49
CA GLN C 49 33.81 76.50 23.22
C GLN C 49 33.34 75.11 22.77
N ARG C 50 34.26 74.29 22.29
CA ARG C 50 34.00 72.86 22.25
C ARG C 50 34.24 72.21 23.60
N ASP C 51 34.88 72.93 24.51
CA ASP C 51 34.91 72.53 25.91
C ASP C 51 33.53 72.78 26.51
N PRO C 52 33.04 71.86 27.36
CA PRO C 52 31.73 72.06 27.96
C PRO C 52 31.72 73.15 29.02
N GLU C 53 31.64 74.41 28.54
CA GLU C 53 31.64 75.62 29.36
C GLU C 53 32.91 75.74 30.19
N VAL C 54 34.02 75.32 29.60
CA VAL C 54 35.31 75.36 30.27
C VAL C 54 36.22 76.31 29.48
N ASP C 55 36.84 77.22 30.19
CA ASP C 55 37.71 78.23 29.60
C ASP C 55 39.17 77.80 29.66
N ASP C 56 39.88 78.01 28.57
CA ASP C 56 41.29 77.71 28.61
C ASP C 56 42.11 78.99 28.50
N PRO C 57 43.21 79.09 29.24
CA PRO C 57 44.04 80.31 29.17
C PRO C 57 44.94 80.37 27.96
N ALA C 58 44.93 79.36 27.11
CA ALA C 58 45.85 79.37 26.00
C ALA C 58 45.13 79.67 24.68
N PRO C 59 45.74 80.47 23.80
CA PRO C 59 45.10 80.78 22.51
C PRO C 59 45.14 79.63 21.53
N ASP C 60 45.95 78.60 21.78
CA ASP C 60 46.03 77.49 20.85
C ASP C 60 45.30 76.26 21.37
N ASP C 61 45.15 76.13 22.68
CA ASP C 61 44.19 75.17 23.23
C ASP C 61 42.77 75.48 22.79
N LEU C 62 42.43 76.76 22.68
CA LEU C 62 41.20 77.19 22.04
C LEU C 62 41.52 77.60 20.62
N TYR C 63 40.56 78.10 19.88
CA TYR C 63 40.83 78.54 18.51
C TYR C 63 41.54 79.89 18.52
N THR C 64 42.10 80.23 17.36
CA THR C 64 42.71 81.55 17.14
C THR C 64 41.74 82.54 16.52
N TRP C 65 40.44 82.38 16.77
CA TRP C 65 39.39 83.12 16.08
C TRP C 65 38.27 83.46 17.06
N GLY C 66 37.48 84.49 16.74
CA GLY C 66 36.32 84.86 17.51
C GLY C 66 35.40 85.77 16.72
N VAL C 67 34.51 86.47 17.45
CA VAL C 67 33.62 87.47 16.86
C VAL C 67 33.32 88.53 17.93
N GLN C 68 33.04 89.75 17.48
CA GLN C 68 32.67 90.83 18.38
C GLN C 68 31.22 91.24 18.12
N ALA C 69 30.43 91.33 19.18
CA ALA C 69 29.02 91.71 19.09
C ALA C 69 28.73 92.85 20.06
N VAL C 70 27.54 93.43 19.93
CA VAL C 70 27.10 94.54 20.77
C VAL C 70 25.70 94.24 21.29
N VAL C 71 25.30 94.92 22.37
CA VAL C 71 24.01 94.68 23.01
C VAL C 71 22.96 95.56 22.36
N LYS C 72 21.82 94.98 22.00
CA LYS C 72 20.67 95.74 21.53
C LYS C 72 19.84 96.28 22.70
N GLN C 73 19.38 95.41 23.59
CA GLN C 73 18.70 95.82 24.81
C GLN C 73 18.90 94.73 25.86
N ALA C 74 18.57 95.06 27.10
CA ALA C 74 18.78 94.14 28.21
C ALA C 74 17.60 94.17 29.16
N MET C 75 17.22 93.00 29.67
CA MET C 75 16.09 92.82 30.55
C MET C 75 16.22 91.48 31.26
N ARG C 76 15.45 91.30 32.33
CA ARG C 76 15.42 90.05 33.08
C ARG C 76 14.06 89.38 32.96
N LEU C 77 14.06 88.11 32.53
CA LEU C 77 12.88 87.29 32.36
C LEU C 77 12.35 86.82 33.72
N PRO C 78 11.05 86.51 33.81
CA PRO C 78 10.47 86.11 35.11
C PRO C 78 10.85 84.72 35.60
N ASP C 79 11.79 84.02 34.97
CA ASP C 79 12.22 82.71 35.42
C ASP C 79 13.67 82.68 35.89
N GLY C 80 14.30 83.84 36.09
CA GLY C 80 15.68 83.89 36.51
C GLY C 80 16.68 83.56 35.42
N THR C 81 16.27 83.70 34.16
CA THR C 81 17.14 83.44 33.02
C THR C 81 17.36 84.73 32.24
N LEU C 82 18.60 85.18 32.20
CA LEU C 82 18.96 86.44 31.57
C LEU C 82 19.07 86.23 30.06
N GLN C 83 18.15 86.83 29.32
CA GLN C 83 18.22 86.86 27.87
C GLN C 83 19.04 88.07 27.45
N VAL C 84 20.01 87.85 26.56
CA VAL C 84 20.81 88.94 26.01
C VAL C 84 20.64 88.94 24.49
N MET C 85 20.31 90.09 23.94
CA MET C 85 20.05 90.24 22.52
C MET C 85 21.30 90.85 21.89
N VAL C 86 22.02 90.07 21.10
CA VAL C 86 23.29 90.51 20.54
C VAL C 86 23.18 90.58 19.03
N GLU C 87 24.00 91.45 18.44
CA GLU C 87 24.16 91.56 17.00
C GLU C 87 25.63 91.77 16.71
N ALA C 88 26.21 90.84 15.94
CA ALA C 88 27.64 90.85 15.68
C ALA C 88 27.97 91.87 14.60
N ARG C 89 28.99 92.68 14.88
CA ARG C 89 29.45 93.72 13.96
C ARG C 89 30.75 93.34 13.26
N ALA C 90 31.61 92.56 13.92
CA ALA C 90 32.91 92.24 13.37
C ALA C 90 33.39 90.90 13.91
N ARG C 91 33.94 90.09 13.01
CA ARG C 91 34.71 88.93 13.43
C ARG C 91 36.07 89.38 13.93
N ALA C 92 36.68 88.56 14.80
CA ALA C 92 37.87 89.01 15.50
C ALA C 92 38.85 87.84 15.68
N GLN C 93 40.13 88.19 15.70
CA GLN C 93 41.20 87.26 16.03
C GLN C 93 41.50 87.38 17.52
N VAL C 94 42.35 86.48 18.02
CA VAL C 94 42.69 86.41 19.45
C VAL C 94 44.20 86.26 19.58
N THR C 95 44.81 87.09 20.45
CA THR C 95 46.24 86.94 20.75
C THR C 95 46.46 85.87 21.80
N ASP C 96 45.81 86.01 22.96
CA ASP C 96 46.04 85.17 24.13
C ASP C 96 44.84 85.32 25.05
N TYR C 97 44.62 84.31 25.87
CA TYR C 97 43.58 84.33 26.90
C TYR C 97 44.19 84.61 28.26
N ILE C 98 43.51 85.43 29.05
CA ILE C 98 43.81 85.60 30.47
C ILE C 98 43.02 84.51 31.20
N PRO C 99 43.61 83.82 32.19
CA PRO C 99 42.92 82.70 32.85
C PRO C 99 41.69 83.13 33.61
N GLY C 100 40.73 82.20 33.72
CA GLY C 100 39.48 82.48 34.38
C GLY C 100 38.93 81.28 35.14
N PRO C 101 37.74 81.44 35.75
CA PRO C 101 36.85 82.61 35.78
C PRO C 101 37.31 83.74 36.73
N TYR C 102 37.10 85.01 36.39
CA TYR C 102 36.42 85.45 35.18
C TYR C 102 37.36 85.62 33.99
N LEU C 103 36.80 85.84 32.81
CA LEU C 103 37.55 85.84 31.56
C LEU C 103 37.82 87.26 31.08
N ARG C 104 39.06 87.48 30.65
CA ARG C 104 39.47 88.65 29.89
C ARG C 104 40.29 88.16 28.70
N ALA C 105 40.21 88.90 27.59
CA ALA C 105 40.90 88.48 26.39
C ALA C 105 41.23 89.68 25.52
N ARG C 106 42.36 89.59 24.83
CA ARG C 106 42.79 90.61 23.88
C ARG C 106 42.86 89.98 22.48
N GLY C 107 42.65 90.80 21.47
CA GLY C 107 42.48 90.32 20.10
C GLY C 107 43.25 91.15 19.10
N GLU C 108 43.71 90.49 18.04
CA GLU C 108 44.70 91.10 17.14
C GLU C 108 44.09 92.20 16.28
N VAL C 109 43.18 91.85 15.37
CA VAL C 109 42.62 92.81 14.44
C VAL C 109 41.12 92.60 14.34
N PHE C 110 40.41 93.66 13.97
CA PHE C 110 39.02 93.59 13.51
C PHE C 110 39.07 93.26 12.03
N SER C 111 39.00 91.97 11.70
CA SER C 111 39.16 91.52 10.33
C SER C 111 37.92 91.83 9.50
N GLU C 112 38.08 92.74 8.54
CA GLU C 112 36.97 93.19 7.72
C GLU C 112 37.38 93.22 6.25
N ILE C 113 36.47 92.72 5.41
CA ILE C 113 36.64 92.75 3.96
C ILE C 113 35.33 93.20 3.33
N PHE C 114 35.34 94.35 2.67
CA PHE C 114 34.17 94.99 2.08
C PHE C 114 33.98 94.55 0.63
N PRO C 115 32.73 94.40 0.17
CA PRO C 115 32.50 93.81 -1.15
C PRO C 115 32.86 94.76 -2.29
N ILE C 116 33.58 94.22 -3.27
CA ILE C 116 33.99 94.93 -4.47
C ILE C 116 33.37 94.20 -5.66
N ASP C 117 32.98 94.94 -6.70
CA ASP C 117 32.32 94.45 -7.90
C ASP C 117 31.02 93.72 -7.56
N GLU C 118 30.02 94.48 -7.09
CA GLU C 118 28.76 93.96 -6.59
C GLU C 118 27.85 93.40 -7.69
N ALA C 119 28.26 93.39 -8.96
CA ALA C 119 27.42 92.82 -10.01
C ALA C 119 27.35 91.29 -9.91
N VAL C 120 28.51 90.62 -9.97
CA VAL C 120 28.52 89.15 -9.92
C VAL C 120 28.26 88.67 -8.49
N VAL C 121 28.70 89.44 -7.50
CA VAL C 121 28.36 89.15 -6.11
C VAL C 121 26.85 89.27 -5.90
N ARG C 122 26.23 90.25 -6.56
CA ARG C 122 24.78 90.40 -6.50
C ARG C 122 24.07 89.30 -7.27
N VAL C 123 24.72 88.76 -8.32
CA VAL C 123 24.22 87.56 -8.98
C VAL C 123 24.17 86.38 -8.02
N LEU C 124 25.24 86.20 -7.22
CA LEU C 124 25.23 85.14 -6.21
C LEU C 124 24.23 85.42 -5.08
N VAL C 125 24.00 86.69 -4.76
CA VAL C 125 22.97 87.05 -3.77
C VAL C 125 21.58 86.71 -4.31
N GLU C 126 21.36 86.94 -5.61
CA GLU C 126 20.09 86.56 -6.22
C GLU C 126 19.93 85.05 -6.28
N GLU C 127 21.03 84.33 -6.49
CA GLU C 127 20.99 82.86 -6.46
C GLU C 127 20.63 82.34 -5.08
N LEU C 128 21.24 82.90 -4.04
CA LEU C 128 20.91 82.48 -2.67
C LEU C 128 19.52 82.95 -2.26
N LYS C 129 19.04 84.06 -2.82
CA LYS C 129 17.67 84.49 -2.61
C LYS C 129 16.67 83.53 -3.26
N GLU C 130 16.99 83.05 -4.47
CA GLU C 130 16.18 82.01 -5.11
C GLU C 130 16.19 80.72 -4.31
N ALA C 131 17.34 80.35 -3.75
CA ALA C 131 17.43 79.12 -2.96
C ALA C 131 16.64 79.23 -1.66
N PHE C 132 16.69 80.39 -1.00
CA PHE C 132 15.91 80.55 0.22
C PHE C 132 14.42 80.69 -0.07
N GLU C 133 14.06 81.30 -1.21
CA GLU C 133 12.67 81.38 -1.63
C GLU C 133 12.13 79.99 -1.98
N LYS C 134 13.00 79.13 -2.51
CA LYS C 134 12.65 77.74 -2.76
C LYS C 134 12.57 76.92 -1.48
N TYR C 135 13.36 77.26 -0.47
CA TYR C 135 13.31 76.58 0.82
C TYR C 135 12.12 77.00 1.69
N VAL C 136 11.64 78.24 1.54
CA VAL C 136 10.46 78.69 2.30
C VAL C 136 9.21 77.90 1.92
N ALA C 137 9.05 77.55 0.65
CA ALA C 137 7.85 76.89 0.16
C ALA C 137 7.90 75.36 0.30
N ASN C 138 8.74 74.83 1.21
CA ASN C 138 8.82 73.41 1.46
C ASN C 138 7.74 72.86 2.40
N HIS C 139 7.16 73.69 3.25
CA HIS C 139 6.41 73.21 4.41
C HIS C 139 4.94 73.58 4.25
N LYS C 140 4.11 72.55 4.06
CA LYS C 140 2.68 72.73 3.84
C LYS C 140 1.82 72.27 5.01
N SER C 141 2.30 71.27 5.77
CA SER C 141 1.69 70.96 7.06
C SER C 141 2.70 71.17 8.19
N LEU C 142 3.79 71.88 7.92
CA LEU C 142 4.87 72.03 8.88
C LEU C 142 5.12 73.49 9.27
N ARG C 143 4.70 74.43 8.42
CA ARG C 143 4.60 75.86 8.72
C ARG C 143 5.93 76.50 9.09
N LEU C 144 6.85 76.55 8.14
CA LEU C 144 7.97 77.47 8.20
C LEU C 144 7.42 78.89 8.01
N ASP C 145 8.07 79.87 8.65
CA ASP C 145 7.56 81.23 8.67
C ASP C 145 7.71 81.89 7.29
N ARG C 146 6.67 82.64 6.91
CA ARG C 146 6.61 83.30 5.60
C ARG C 146 6.99 84.78 5.66
N TYR C 147 6.92 85.41 6.83
CA TYR C 147 7.32 86.80 7.00
C TYR C 147 8.83 86.98 6.93
N GLN C 148 9.60 85.90 7.07
CA GLN C 148 11.04 85.95 7.16
C GLN C 148 11.71 86.01 5.78
N LEU C 149 10.99 85.69 4.72
CA LEU C 149 11.49 85.95 3.37
C LEU C 149 11.53 87.44 3.07
N GLU C 150 10.68 88.23 3.71
CA GLU C 150 10.74 89.68 3.62
C GLU C 150 11.67 90.27 4.66
N ALA C 151 12.18 89.44 5.58
CA ALA C 151 13.18 89.89 6.54
C ALA C 151 14.57 89.92 5.96
N VAL C 152 14.84 89.14 4.91
CA VAL C 152 16.12 89.16 4.23
C VAL C 152 16.15 90.18 3.11
N LYS C 153 15.03 90.83 2.81
CA LYS C 153 15.00 91.98 1.92
C LYS C 153 15.65 93.21 2.54
N GLY C 154 15.68 93.29 3.87
CA GLY C 154 16.35 94.39 4.55
C GLY C 154 17.86 94.26 4.55
N THR C 155 18.38 93.11 4.12
CA THR C 155 19.81 92.89 4.06
C THR C 155 20.43 93.65 2.89
N SER C 156 21.51 94.38 3.17
CA SER C 156 22.26 95.09 2.15
C SER C 156 23.73 94.67 2.11
N ASP C 157 24.06 93.51 2.69
CA ASP C 157 25.41 92.98 2.75
C ASP C 157 25.28 91.50 2.40
N PRO C 158 26.08 91.00 1.45
CA PRO C 158 26.09 89.55 1.19
C PRO C 158 26.51 88.72 2.39
N ALA C 159 27.35 89.27 3.27
CA ALA C 159 27.59 88.64 4.56
C ALA C 159 26.32 88.60 5.40
N MET C 160 25.57 89.70 5.45
CA MET C 160 24.34 89.75 6.24
C MET C 160 23.25 88.88 5.63
N LEU C 161 23.11 88.89 4.30
CA LEU C 161 22.11 88.07 3.63
C LEU C 161 22.41 86.58 3.79
N ALA C 162 23.69 86.21 3.59
CA ALA C 162 24.11 84.81 3.74
C ALA C 162 23.96 84.33 5.17
N ASP C 163 24.38 85.13 6.14
CA ASP C 163 24.31 84.72 7.53
C ASP C 163 22.89 84.78 8.08
N THR C 164 22.03 85.62 7.50
CA THR C 164 20.63 85.66 7.90
C THR C 164 19.86 84.46 7.35
N ILE C 165 20.15 84.06 6.11
CA ILE C 165 19.61 82.80 5.60
C ILE C 165 20.19 81.61 6.37
N ALA C 166 21.45 81.73 6.80
CA ALA C 166 22.06 80.72 7.65
C ALA C 166 21.56 80.77 9.09
N TYR C 167 20.79 81.80 9.47
CA TYR C 167 20.13 81.80 10.76
C TYR C 167 18.85 80.97 10.72
N HIS C 168 18.22 80.86 9.55
CA HIS C 168 17.00 80.09 9.39
C HIS C 168 17.24 78.69 8.85
N ALA C 169 18.40 78.44 8.25
CA ALA C 169 18.79 77.12 7.77
C ALA C 169 19.98 76.63 8.58
N THR C 170 19.92 75.35 8.99
CA THR C 170 20.83 74.86 10.04
C THR C 170 21.59 73.65 9.52
N TRP C 171 22.80 73.46 10.03
CA TRP C 171 23.61 72.28 9.79
C TRP C 171 24.51 72.07 11.01
N THR C 172 25.58 71.30 10.84
CA THR C 172 26.44 70.87 11.95
C THR C 172 27.28 72.04 12.49
N VAL C 173 27.93 71.78 13.63
CA VAL C 173 28.68 72.81 14.35
C VAL C 173 30.03 73.09 13.68
N ALA C 174 30.72 72.03 13.23
CA ALA C 174 32.07 72.19 12.68
C ALA C 174 32.05 72.93 11.36
N GLU C 175 30.97 72.77 10.58
CA GLU C 175 30.86 73.53 9.33
C GLU C 175 30.56 75.00 9.60
N LYS C 176 29.84 75.31 10.68
CA LYS C 176 29.68 76.70 11.10
C LYS C 176 31.01 77.30 11.52
N GLN C 177 31.82 76.52 12.24
CA GLN C 177 33.19 76.92 12.56
C GLN C 177 34.02 77.18 11.32
N GLU C 178 33.89 76.32 10.30
CA GLU C 178 34.69 76.47 9.08
C GLU C 178 34.24 77.66 8.25
N ILE C 179 32.95 77.99 8.27
CA ILE C 179 32.49 79.19 7.61
C ILE C 179 32.96 80.43 8.37
N LEU C 180 32.97 80.37 9.71
CA LEU C 180 33.40 81.52 10.51
C LEU C 180 34.91 81.77 10.37
N GLU C 181 35.69 80.70 10.12
CA GLU C 181 37.13 80.89 9.95
C GLU C 181 37.50 81.38 8.56
N LEU C 182 36.56 81.40 7.60
CA LEU C 182 36.84 81.93 6.28
C LEU C 182 36.91 83.45 6.31
N THR C 183 37.92 84.00 5.64
CA THR C 183 38.10 85.44 5.50
C THR C 183 37.79 85.92 4.09
N ASP C 184 37.00 85.16 3.34
CA ASP C 184 36.65 85.54 1.97
C ASP C 184 35.15 85.37 1.81
N LEU C 185 34.53 86.27 1.04
CA LEU C 185 33.07 86.29 0.94
C LEU C 185 32.54 85.17 0.05
N GLU C 186 33.17 84.97 -1.11
CA GLU C 186 32.63 84.07 -2.12
C GLU C 186 32.73 82.60 -1.71
N ALA C 187 33.76 82.24 -0.96
CA ALA C 187 33.94 80.85 -0.52
C ALA C 187 32.83 80.44 0.45
N ARG C 188 32.53 81.31 1.43
CA ARG C 188 31.44 81.00 2.35
C ARG C 188 30.07 81.18 1.71
N LEU C 189 29.93 82.06 0.70
CA LEU C 189 28.67 82.12 -0.06
C LEU C 189 28.39 80.82 -0.78
N LYS C 190 29.39 80.27 -1.49
CA LYS C 190 29.19 79.01 -2.19
C LYS C 190 29.05 77.84 -1.22
N LYS C 191 29.71 77.92 -0.06
CA LYS C 191 29.54 76.91 0.99
C LYS C 191 28.11 76.88 1.51
N VAL C 192 27.55 78.06 1.82
CA VAL C 192 26.16 78.12 2.31
C VAL C 192 25.17 77.73 1.22
N LEU C 193 25.47 78.05 -0.05
CA LEU C 193 24.65 77.57 -1.16
C LEU C 193 24.63 76.05 -1.24
N GLY C 194 25.80 75.43 -1.11
CA GLY C 194 25.87 73.98 -1.13
C GLY C 194 25.15 73.32 0.03
N LEU C 195 25.30 73.89 1.23
CA LEU C 195 24.61 73.36 2.41
C LEU C 195 23.10 73.54 2.33
N LEU C 196 22.64 74.67 1.79
CA LEU C 196 21.21 74.89 1.67
C LEU C 196 20.57 74.01 0.60
N SER C 197 21.27 73.79 -0.52
CA SER C 197 20.77 72.84 -1.51
C SER C 197 20.84 71.40 -0.98
N ARG C 198 21.80 71.12 -0.10
CA ARG C 198 21.85 69.83 0.58
C ARG C 198 20.63 69.62 1.45
N ASP C 199 20.25 70.64 2.22
CA ASP C 199 19.05 70.58 3.03
C ASP C 199 17.80 70.44 2.17
N LEU C 200 17.78 71.11 1.01
CA LEU C 200 16.66 71.00 0.08
C LEU C 200 16.49 69.58 -0.43
N GLU C 201 17.58 68.96 -0.87
CA GLU C 201 17.49 67.61 -1.40
C GLU C 201 17.21 66.60 -0.30
N ARG C 202 17.70 66.87 0.91
CA ARG C 202 17.35 66.06 2.08
C ARG C 202 15.86 66.10 2.36
N PHE C 203 15.25 67.29 2.27
CA PHE C 203 13.83 67.39 2.54
C PHE C 203 12.98 66.79 1.42
N GLU C 204 13.44 66.87 0.17
CA GLU C 204 12.75 66.19 -0.92
C GLU C 204 12.80 64.68 -0.77
N LEU C 205 13.95 64.17 -0.32
CA LEU C 205 14.08 62.75 0.03
C LEU C 205 13.10 62.37 1.14
N ASP C 206 12.98 63.21 2.16
CA ASP C 206 12.07 62.92 3.27
C ASP C 206 10.61 62.93 2.83
N LYS C 207 10.25 63.85 1.91
CA LYS C 207 8.92 63.88 1.35
C LYS C 207 8.62 62.61 0.55
N ARG C 208 9.60 62.11 -0.20
CA ARG C 208 9.37 60.89 -0.96
C ARG C 208 9.27 59.67 -0.04
N VAL C 209 10.03 59.66 1.06
CA VAL C 209 9.88 58.65 2.10
C VAL C 209 8.46 58.65 2.65
N ALA C 210 7.96 59.84 3.01
CA ALA C 210 6.65 59.95 3.62
C ALA C 210 5.53 59.57 2.65
N GLN C 211 5.68 59.92 1.37
CA GLN C 211 4.66 59.54 0.40
C GLN C 211 4.68 58.04 0.13
N ARG C 212 5.86 57.40 0.18
CA ARG C 212 5.90 55.95 0.12
C ARG C 212 5.29 55.28 1.34
N VAL C 213 5.41 55.89 2.52
CA VAL C 213 4.74 55.35 3.70
C VAL C 213 3.22 55.49 3.58
N LYS C 214 2.77 56.62 3.01
CA LYS C 214 1.33 56.80 2.78
C LYS C 214 0.78 55.84 1.73
N GLU C 215 1.58 55.53 0.70
CA GLU C 215 1.17 54.52 -0.27
C GLU C 215 1.20 53.13 0.35
N GLN C 216 2.11 52.88 1.29
CA GLN C 216 2.07 51.65 2.07
C GLN C 216 0.80 51.56 2.92
N MET C 217 0.33 52.70 3.43
CA MET C 217 -0.96 52.74 4.12
C MET C 217 -2.11 52.41 3.17
N ASP C 218 -2.06 52.94 1.94
CA ASP C 218 -3.05 52.60 0.93
C ASP C 218 -3.04 51.11 0.62
N THR C 219 -1.85 50.52 0.55
CA THR C 219 -1.70 49.09 0.28
C THR C 219 -2.22 48.26 1.44
N ASN C 220 -1.97 48.71 2.67
CA ASN C 220 -2.59 48.14 3.86
C ASN C 220 -4.09 48.12 3.71
N GLN C 221 -4.67 49.23 3.26
CA GLN C 221 -6.12 49.30 3.13
C GLN C 221 -6.62 48.38 2.00
N ARG C 222 -5.81 48.22 0.95
CA ARG C 222 -6.14 47.26 -0.11
C ARG C 222 -6.21 45.84 0.42
N GLU C 223 -5.06 45.33 0.90
CA GLU C 223 -4.96 43.93 1.36
C GLU C 223 -5.82 43.71 2.58
N TYR C 224 -6.08 44.77 3.34
CA TYR C 224 -6.94 44.74 4.49
C TYR C 224 -8.38 44.52 4.10
N TYR C 225 -8.91 45.35 3.20
CA TYR C 225 -10.29 45.25 2.75
C TYR C 225 -10.51 43.95 2.00
N LEU C 226 -9.53 43.54 1.21
CA LEU C 226 -9.69 42.29 0.50
C LEU C 226 -9.58 41.09 1.43
N ARG C 227 -8.79 41.21 2.50
CA ARG C 227 -8.77 40.13 3.48
C ARG C 227 -10.07 40.08 4.27
N GLU C 228 -10.65 41.25 4.52
CA GLU C 228 -12.00 41.36 5.11
C GLU C 228 -12.99 40.57 4.29
N GLN C 229 -13.01 40.84 2.99
CA GLN C 229 -13.98 40.16 2.13
C GLN C 229 -13.69 38.67 2.04
N MET C 230 -12.42 38.27 2.05
CA MET C 230 -12.17 36.84 1.91
C MET C 230 -12.45 36.09 3.20
N LYS C 231 -12.28 36.71 4.36
CA LYS C 231 -12.67 35.98 5.56
C LYS C 231 -14.18 36.00 5.75
N ALA C 232 -14.85 37.04 5.24
CA ALA C 232 -16.30 36.99 5.06
C ALA C 232 -16.71 35.81 4.18
N ILE C 233 -15.91 35.51 3.15
CA ILE C 233 -16.19 34.36 2.31
C ILE C 233 -15.94 33.06 3.06
N GLN C 234 -14.78 32.91 3.69
CA GLN C 234 -14.43 31.63 4.30
C GLN C 234 -15.32 31.33 5.49
N LYS C 235 -15.90 32.38 6.07
CA LYS C 235 -17.12 32.24 6.85
C LYS C 235 -18.25 31.70 5.99
N GLU C 236 -18.69 32.47 4.97
CA GLU C 236 -19.97 32.31 4.30
C GLU C 236 -20.06 31.13 3.33
N LEU C 237 -19.18 30.14 3.45
CA LEU C 237 -19.23 28.95 2.61
C LEU C 237 -20.12 27.89 3.25
N GLY C 238 -21.19 28.33 3.91
CA GLY C 238 -21.95 27.47 4.80
C GLY C 238 -22.25 28.25 6.05
N GLY C 239 -22.01 29.56 6.00
CA GLY C 239 -22.35 30.44 7.11
C GLY C 239 -21.30 30.54 8.19
N GLU C 240 -20.59 29.44 8.45
CA GLU C 240 -19.34 29.41 9.19
C GLU C 240 -18.53 28.34 8.48
N ASP C 241 -17.41 27.93 9.10
CA ASP C 241 -16.72 26.65 8.94
C ASP C 241 -16.46 26.32 7.48
N GLY C 242 -16.19 27.32 6.67
CA GLY C 242 -16.23 27.09 5.25
C GLY C 242 -14.82 26.70 4.98
N LEU C 243 -13.99 27.66 4.62
CA LEU C 243 -12.65 27.41 5.06
C LEU C 243 -12.61 27.79 6.54
N SER C 244 -12.74 29.09 6.83
CA SER C 244 -12.91 29.67 8.16
C SER C 244 -11.79 29.36 9.17
N ASP C 245 -10.72 28.66 8.76
CA ASP C 245 -9.81 28.09 9.75
C ASP C 245 -8.34 28.31 9.41
N LEU C 246 -8.03 28.66 8.15
CA LEU C 246 -6.63 28.66 7.75
C LEU C 246 -6.00 30.05 7.84
N GLU C 247 -6.81 31.09 8.04
CA GLU C 247 -6.24 32.35 8.51
C GLU C 247 -5.96 32.27 10.01
N ALA C 248 -6.78 31.51 10.74
CA ALA C 248 -6.42 31.13 12.10
C ALA C 248 -5.18 30.26 12.10
N LEU C 249 -5.00 29.43 11.08
CA LEU C 249 -3.75 28.68 10.96
C LEU C 249 -2.59 29.59 10.53
N ARG C 250 -2.87 30.67 9.77
CA ARG C 250 -1.84 31.68 9.49
C ARG C 250 -1.36 32.33 10.77
N LYS C 251 -2.31 32.70 11.64
CA LYS C 251 -1.98 33.21 12.96
C LYS C 251 -1.23 32.18 13.79
N LYS C 252 -1.61 30.91 13.67
CA LYS C 252 -0.95 29.85 14.43
C LYS C 252 0.48 29.63 13.96
N ILE C 253 0.74 29.82 12.66
CA ILE C 253 2.10 29.80 12.14
C ILE C 253 2.88 31.00 12.67
N GLU C 254 2.25 32.18 12.65
CA GLU C 254 2.92 33.39 13.09
C GLU C 254 3.20 33.42 14.59
N GLU C 255 2.39 32.75 15.42
CA GLU C 255 2.58 32.84 16.86
C GLU C 255 3.66 31.89 17.36
N VAL C 256 3.45 30.59 17.22
CA VAL C 256 4.41 29.64 17.75
C VAL C 256 5.57 29.51 16.77
N GLY C 257 6.78 29.52 17.30
CA GLY C 257 7.98 29.56 16.49
C GLY C 257 8.06 30.86 15.70
N MET C 258 8.73 30.79 14.55
CA MET C 258 9.44 29.62 14.04
C MET C 258 10.85 30.04 13.66
N PRO C 259 11.72 29.09 13.32
CA PRO C 259 12.86 29.43 12.47
C PRO C 259 12.39 29.83 11.08
N GLU C 260 13.26 30.54 10.36
CA GLU C 260 12.81 31.18 9.11
C GLU C 260 12.61 30.18 7.99
N ALA C 261 13.40 29.09 7.97
CA ALA C 261 13.29 28.10 6.91
C ALA C 261 11.97 27.33 7.01
N VAL C 262 11.62 26.87 8.21
CA VAL C 262 10.35 26.18 8.41
C VAL C 262 9.19 27.17 8.28
N LYS C 263 9.41 28.45 8.57
CA LYS C 263 8.40 29.48 8.35
C LYS C 263 8.08 29.61 6.86
N THR C 264 9.10 29.72 6.03
CA THR C 264 8.90 29.85 4.59
C THR C 264 8.33 28.55 4.00
N LYS C 265 8.79 27.40 4.50
CA LYS C 265 8.29 26.13 3.99
C LYS C 265 6.83 25.91 4.36
N ALA C 266 6.44 26.31 5.57
CA ALA C 266 5.05 26.19 5.99
C ALA C 266 4.16 27.15 5.22
N LEU C 267 4.64 28.36 4.94
CA LEU C 267 3.81 29.27 4.15
C LEU C 267 3.72 28.85 2.69
N LYS C 268 4.76 28.20 2.15
CA LYS C 268 4.67 27.69 0.78
C LYS C 268 3.75 26.48 0.71
N GLU C 269 3.76 25.62 1.73
CA GLU C 269 2.83 24.51 1.75
C GLU C 269 1.40 24.98 1.97
N LEU C 270 1.23 26.06 2.72
CA LEU C 270 -0.09 26.69 2.84
C LEU C 270 -0.57 27.24 1.50
N ASP C 271 0.33 27.92 0.77
CA ASP C 271 -0.03 28.48 -0.54
C ASP C 271 -0.31 27.37 -1.55
N ARG C 272 0.32 26.21 -1.38
CA ARG C 272 -0.05 25.04 -2.15
C ARG C 272 -1.46 24.56 -1.76
N LEU C 273 -1.78 24.62 -0.47
CA LEU C 273 -3.04 24.10 0.03
C LEU C 273 -4.24 24.97 -0.35
N GLU C 274 -4.05 26.28 -0.50
CA GLU C 274 -5.15 27.25 -0.62
C GLU C 274 -6.08 27.07 -1.82
N ARG C 275 -5.52 27.15 -3.02
CA ARG C 275 -6.24 27.33 -4.28
C ARG C 275 -7.11 26.14 -4.69
N MET C 276 -6.93 24.97 -4.09
CA MET C 276 -7.50 23.72 -4.57
C MET C 276 -8.77 23.37 -3.82
N GLN C 277 -9.45 22.34 -4.30
CA GLN C 277 -10.67 21.87 -3.67
C GLN C 277 -10.36 21.11 -2.38
N GLN C 278 -11.26 21.24 -1.41
CA GLN C 278 -11.02 20.64 -0.10
C GLN C 278 -11.27 19.14 -0.10
N GLY C 279 -12.11 18.64 -0.99
CA GLY C 279 -12.38 17.23 -1.03
C GLY C 279 -11.33 16.38 -1.71
N SER C 280 -10.26 16.99 -2.19
CA SER C 280 -9.23 16.24 -2.88
C SER C 280 -8.34 15.50 -1.88
N PRO C 281 -7.83 14.32 -2.24
CA PRO C 281 -6.97 13.58 -1.31
C PRO C 281 -5.56 14.14 -1.18
N GLU C 282 -5.16 15.11 -1.98
CA GLU C 282 -3.92 15.83 -1.69
C GLU C 282 -4.11 16.88 -0.61
N ALA C 283 -5.31 17.46 -0.54
CA ALA C 283 -5.60 18.45 0.50
C ALA C 283 -5.79 17.79 1.86
N THR C 284 -6.00 16.48 1.88
CA THR C 284 -6.07 15.76 3.15
C THR C 284 -4.71 15.71 3.81
N VAL C 285 -3.67 15.37 3.06
CA VAL C 285 -2.34 15.26 3.66
C VAL C 285 -1.68 16.64 3.78
N ALA C 286 -2.03 17.60 2.92
CA ALA C 286 -1.48 18.94 3.03
C ALA C 286 -2.11 19.73 4.17
N ARG C 287 -3.20 19.26 4.75
CA ARG C 287 -3.74 19.79 5.99
C ARG C 287 -3.13 19.12 7.21
N THR C 288 -2.93 17.80 7.15
CA THR C 288 -2.33 17.07 8.26
C THR C 288 -0.88 17.48 8.45
N TYR C 289 -0.20 17.87 7.38
CA TYR C 289 1.19 18.31 7.51
C TYR C 289 1.27 19.65 8.23
N LEU C 290 0.40 20.59 7.86
CA LEU C 290 0.38 21.88 8.53
C LEU C 290 -0.19 21.76 9.94
N ASP C 291 -0.92 20.69 10.23
CA ASP C 291 -1.35 20.45 11.61
C ASP C 291 -0.27 19.78 12.45
N TRP C 292 0.62 19.00 11.84
CA TRP C 292 1.75 18.47 12.59
C TRP C 292 2.88 19.47 12.74
N LEU C 293 2.97 20.47 11.86
CA LEU C 293 4.03 21.47 12.03
C LEU C 293 3.74 22.43 13.18
N THR C 294 2.50 22.89 13.30
CA THR C 294 2.18 23.97 14.22
C THR C 294 1.83 23.47 15.62
N GLU C 295 2.24 22.26 15.99
CA GLU C 295 1.91 21.71 17.29
C GLU C 295 3.09 21.16 18.06
N VAL C 296 4.21 20.85 17.42
CA VAL C 296 5.45 20.56 18.14
C VAL C 296 6.00 21.88 18.65
N PRO C 297 6.76 21.91 19.75
CA PRO C 297 7.17 23.20 20.32
C PRO C 297 8.46 23.75 19.74
N TRP C 298 8.43 25.05 19.45
CA TRP C 298 9.60 25.81 19.02
C TRP C 298 9.76 26.97 19.98
N SER C 299 10.81 26.93 20.81
CA SER C 299 11.19 27.99 21.75
C SER C 299 10.07 28.32 22.74
N LYS C 300 9.77 27.33 23.57
CA LYS C 300 8.80 27.50 24.66
C LYS C 300 9.26 26.59 25.79
N ALA C 301 9.72 27.18 26.90
CA ALA C 301 10.48 26.42 27.88
C ALA C 301 10.01 26.74 29.29
N ASP C 302 10.76 26.22 30.25
CA ASP C 302 10.55 26.31 31.68
C ASP C 302 11.74 27.01 32.32
N PRO C 303 11.62 27.48 33.58
CA PRO C 303 12.80 28.02 34.26
C PRO C 303 13.88 26.97 34.50
N GLU C 304 15.11 27.47 34.59
CA GLU C 304 16.30 26.63 34.72
C GLU C 304 17.22 27.15 35.82
N VAL C 305 16.64 27.68 36.89
CA VAL C 305 17.38 28.02 38.10
C VAL C 305 16.57 27.54 39.30
N LEU C 306 17.20 26.73 40.15
CA LEU C 306 16.42 25.89 41.05
C LEU C 306 16.84 25.88 42.52
N ASP C 307 17.90 26.61 42.91
CA ASP C 307 18.35 26.74 44.29
C ASP C 307 18.68 25.38 44.90
N ILE C 308 19.83 24.82 44.49
CA ILE C 308 20.28 23.44 44.68
C ILE C 308 20.03 22.83 46.07
N ASN C 309 19.96 23.67 47.10
CA ASN C 309 19.61 23.20 48.44
C ASN C 309 18.19 22.65 48.48
N HIS C 310 17.22 23.42 48.00
CA HIS C 310 15.85 22.95 47.95
C HIS C 310 15.67 21.84 46.91
N THR C 311 16.51 21.83 45.88
CA THR C 311 16.49 20.73 44.92
C THR C 311 16.89 19.42 45.57
N ARG C 312 17.94 19.46 46.40
CA ARG C 312 18.33 18.27 47.16
C ARG C 312 17.26 17.90 48.19
N GLN C 313 16.60 18.91 48.79
CA GLN C 313 15.46 18.69 49.67
C GLN C 313 14.30 17.98 48.98
N VAL C 314 14.09 18.21 47.69
CA VAL C 314 13.06 17.48 46.96
C VAL C 314 13.56 16.11 46.51
N LEU C 315 14.84 16.00 46.16
CA LEU C 315 15.39 14.74 45.66
C LEU C 315 15.51 13.67 46.73
N ASP C 316 15.79 14.04 47.99
CA ASP C 316 15.91 13.01 49.01
C ASP C 316 14.58 12.63 49.67
N GLU C 317 13.46 12.86 48.98
CA GLU C 317 12.14 12.49 49.47
C GLU C 317 11.61 11.20 48.85
N ASP C 318 12.16 10.78 47.72
CA ASP C 318 11.64 9.61 47.01
C ASP C 318 12.62 8.45 46.91
N HIS C 319 13.92 8.67 47.06
CA HIS C 319 14.87 7.60 46.87
C HIS C 319 15.98 7.71 47.92
N TYR C 320 16.50 6.56 48.32
CA TYR C 320 17.50 6.45 49.35
C TYR C 320 18.86 6.17 48.73
N GLY C 321 19.90 6.80 49.28
CA GLY C 321 21.20 6.67 48.67
C GLY C 321 21.27 7.45 47.38
N LEU C 322 21.89 6.83 46.37
CA LEU C 322 22.03 7.37 45.01
C LEU C 322 22.73 8.73 45.00
N LYS C 323 23.93 8.75 45.57
CA LYS C 323 24.70 9.99 45.61
C LYS C 323 25.23 10.37 44.24
N ASP C 324 25.40 9.38 43.36
CA ASP C 324 26.00 9.64 42.05
C ASP C 324 25.08 10.44 41.16
N VAL C 325 23.84 9.98 41.00
CA VAL C 325 22.92 10.63 40.07
C VAL C 325 22.44 11.96 40.64
N LYS C 326 22.14 12.00 41.94
CA LYS C 326 21.75 13.24 42.57
C LYS C 326 22.89 14.24 42.57
N GLU C 327 24.12 13.76 42.74
CA GLU C 327 25.30 14.61 42.63
C GLU C 327 25.46 15.14 41.21
N ARG C 328 25.15 14.32 40.21
CA ARG C 328 25.24 14.75 38.82
C ARG C 328 24.24 15.86 38.52
N ILE C 329 23.02 15.72 39.04
CA ILE C 329 21.99 16.74 38.84
C ILE C 329 22.38 18.03 39.57
N LEU C 330 23.00 17.90 40.75
CA LEU C 330 23.47 19.10 41.45
C LEU C 330 24.64 19.76 40.73
N GLU C 331 25.50 18.98 40.08
CA GLU C 331 26.57 19.56 39.26
C GLU C 331 25.99 20.32 38.07
N TYR C 332 25.01 19.72 37.39
CA TYR C 332 24.34 20.36 36.27
C TYR C 332 23.66 21.67 36.71
N LEU C 333 23.05 21.66 37.89
CA LEU C 333 22.37 22.86 38.34
C LEU C 333 23.37 23.91 38.86
N ALA C 334 24.53 23.49 39.35
CA ALA C 334 25.55 24.46 39.73
C ALA C 334 26.13 25.14 38.50
N VAL C 335 26.27 24.38 37.41
CA VAL C 335 26.68 24.98 36.13
C VAL C 335 25.64 25.98 35.66
N ARG C 336 24.37 25.56 35.65
CA ARG C 336 23.29 26.45 35.20
C ARG C 336 23.12 27.66 36.11
N GLN C 337 23.52 27.54 37.37
CA GLN C 337 23.57 28.70 38.25
C GLN C 337 24.71 29.63 37.88
N LEU C 338 25.89 29.07 37.60
CA LEU C 338 27.06 29.92 37.38
C LEU C 338 27.10 30.51 35.98
N THR C 339 27.06 29.67 34.94
CA THR C 339 27.30 30.18 33.60
C THR C 339 26.11 30.90 32.99
N GLN C 340 24.98 31.03 33.70
CA GLN C 340 23.86 31.79 33.17
C GLN C 340 24.21 33.27 33.13
N GLY C 341 23.49 34.01 32.30
CA GLY C 341 23.89 35.35 31.97
C GLY C 341 25.00 35.45 30.94
N LEU C 342 25.36 34.32 30.32
CA LEU C 342 26.36 34.29 29.26
C LEU C 342 25.74 33.66 28.03
N ASP C 343 26.21 34.06 26.85
CA ASP C 343 25.66 33.58 25.59
C ASP C 343 26.41 32.36 25.04
N VAL C 344 26.97 31.54 25.91
CA VAL C 344 27.68 30.34 25.49
C VAL C 344 26.67 29.23 25.23
N ARG C 345 27.14 28.13 24.63
CA ARG C 345 26.26 27.06 24.21
C ARG C 345 25.72 26.28 25.42
N ASN C 346 24.41 26.29 25.59
CA ASN C 346 23.74 25.46 26.59
C ASN C 346 23.33 24.16 25.93
N LYS C 347 23.93 23.05 26.35
CA LYS C 347 23.62 21.75 25.80
C LYS C 347 23.37 20.76 26.92
N ALA C 348 22.23 20.08 26.86
CA ALA C 348 21.83 19.18 27.92
C ALA C 348 22.68 17.91 27.91
N PRO C 349 22.87 17.29 29.07
CA PRO C 349 23.56 16.00 29.11
C PRO C 349 22.74 14.89 28.48
N ILE C 350 23.44 13.85 28.04
CA ILE C 350 22.83 12.64 27.52
C ILE C 350 23.36 11.50 28.37
N LEU C 351 22.53 11.00 29.26
CA LEU C 351 22.93 10.01 30.24
C LEU C 351 22.55 8.61 29.78
N VAL C 352 23.13 7.61 30.45
CA VAL C 352 22.66 6.24 30.36
C VAL C 352 22.90 5.58 31.71
N LEU C 353 21.87 4.92 32.23
CA LEU C 353 21.89 4.31 33.55
C LEU C 353 21.93 2.80 33.37
N VAL C 354 22.98 2.17 33.86
CA VAL C 354 23.16 0.74 33.74
C VAL C 354 23.08 0.12 35.13
N GLY C 355 22.41 -1.02 35.23
CA GLY C 355 22.24 -1.71 36.48
C GLY C 355 21.35 -2.92 36.32
N PRO C 356 21.20 -3.70 37.38
CA PRO C 356 20.25 -4.80 37.35
C PRO C 356 18.83 -4.29 37.45
N PRO C 357 17.84 -5.04 36.99
CA PRO C 357 16.45 -4.65 37.24
C PRO C 357 16.11 -4.87 38.70
N GLY C 358 15.16 -4.10 39.20
CA GLY C 358 14.89 -4.05 40.62
C GLY C 358 15.67 -2.96 41.33
N VAL C 359 16.88 -2.66 40.87
CA VAL C 359 17.53 -1.43 41.25
C VAL C 359 16.76 -0.29 40.61
N GLY C 360 16.52 0.78 41.36
CA GLY C 360 15.52 1.76 40.97
C GLY C 360 15.89 2.66 39.80
N LYS C 361 15.96 2.09 38.60
CA LYS C 361 16.35 2.89 37.43
C LYS C 361 15.15 3.61 36.83
N THR C 362 14.16 2.86 36.35
CA THR C 362 13.08 3.44 35.58
C THR C 362 12.10 4.24 36.43
N SER C 363 12.19 4.18 37.75
CA SER C 363 11.41 5.05 38.62
C SER C 363 12.19 6.24 39.12
N LEU C 364 13.51 6.25 38.93
CA LEU C 364 14.32 7.41 39.29
C LEU C 364 14.10 8.57 38.35
N GLY C 365 13.82 8.28 37.08
CA GLY C 365 13.69 9.34 36.09
C GLY C 365 12.51 10.24 36.34
N ARG C 366 11.42 9.69 36.90
CA ARG C 366 10.27 10.51 37.25
C ARG C 366 10.58 11.45 38.40
N SER C 367 11.36 10.99 39.39
CA SER C 367 11.75 11.85 40.49
C SER C 367 12.73 12.92 40.02
N ILE C 368 13.59 12.57 39.06
CA ILE C 368 14.48 13.57 38.46
C ILE C 368 13.69 14.63 37.71
N ALA C 369 12.64 14.21 36.99
CA ALA C 369 11.89 15.13 36.15
C ALA C 369 11.05 16.09 36.97
N ARG C 370 10.23 15.57 37.88
CA ARG C 370 9.41 16.49 38.67
C ARG C 370 10.16 17.12 39.83
N SER C 371 11.35 16.62 40.18
CA SER C 371 12.15 17.26 41.21
C SER C 371 12.80 18.53 40.70
N MET C 372 13.20 18.55 39.42
CA MET C 372 13.58 19.76 38.73
C MET C 372 12.37 20.48 38.15
N ASN C 373 11.16 20.00 38.48
CA ASN C 373 9.88 20.63 38.16
C ASN C 373 9.66 20.74 36.67
N ARG C 374 10.11 19.75 35.91
CA ARG C 374 9.92 19.74 34.47
C ARG C 374 9.15 18.50 34.05
N LYS C 375 8.79 18.47 32.77
CA LYS C 375 7.90 17.47 32.22
C LYS C 375 8.58 16.12 32.12
N PHE C 376 7.81 15.10 31.73
CA PHE C 376 8.34 13.75 31.64
C PHE C 376 7.54 12.96 30.62
N HIS C 377 8.23 12.05 29.93
CA HIS C 377 7.61 11.11 29.01
C HIS C 377 8.56 9.93 28.85
N ARG C 378 8.01 8.72 28.89
CA ARG C 378 8.83 7.54 28.68
C ARG C 378 8.51 6.91 27.34
N ILE C 379 9.52 6.27 26.75
CA ILE C 379 9.40 5.54 25.50
C ILE C 379 10.13 4.22 25.66
N SER C 380 9.42 3.11 25.49
CA SER C 380 9.99 1.78 25.67
C SER C 380 10.65 1.36 24.36
N LEU C 381 11.97 1.20 24.38
CA LEU C 381 12.72 0.77 23.21
C LEU C 381 12.92 -0.73 23.15
N GLY C 382 12.31 -1.48 24.07
CA GLY C 382 12.40 -2.92 24.03
C GLY C 382 11.54 -3.48 22.94
N GLY C 383 10.31 -2.99 22.84
CA GLY C 383 9.40 -3.42 21.81
C GLY C 383 9.63 -2.82 20.44
N VAL C 384 10.56 -1.87 20.32
CA VAL C 384 10.85 -1.25 19.04
C VAL C 384 11.56 -2.27 18.15
N ARG C 385 11.05 -2.50 16.94
CA ARG C 385 11.66 -3.48 16.01
C ARG C 385 11.87 -2.90 14.60
N ASP C 386 11.22 -1.80 14.22
CA ASP C 386 11.48 -1.27 12.86
C ASP C 386 11.88 0.19 12.94
N GLU C 387 12.69 0.67 11.99
CA GLU C 387 13.21 2.06 12.02
C GLU C 387 12.07 3.04 11.83
N ALA C 388 10.99 2.61 11.24
CA ALA C 388 9.84 3.51 10.98
C ALA C 388 9.15 3.98 12.26
N GLU C 389 9.56 3.49 13.43
CA GLU C 389 9.03 4.03 14.67
C GLU C 389 9.89 5.16 15.20
N ILE C 390 11.18 5.19 14.86
CA ILE C 390 12.03 6.32 15.19
C ILE C 390 11.75 7.49 14.26
N ARG C 391 11.83 7.24 12.97
CA ARG C 391 11.43 8.20 11.95
C ARG C 391 10.08 7.78 11.37
N GLY C 392 9.35 8.75 10.84
CA GLY C 392 8.10 8.45 10.19
C GLY C 392 8.28 7.93 8.78
N HIS C 393 7.21 7.95 8.02
CA HIS C 393 7.27 7.67 6.59
C HIS C 393 7.14 8.98 5.83
N ARG C 394 7.31 8.89 4.52
CA ARG C 394 7.02 10.04 3.67
C ARG C 394 5.53 10.31 3.69
N ARG C 395 5.16 11.58 3.51
CA ARG C 395 3.74 11.90 3.57
C ARG C 395 2.97 11.48 2.32
N THR C 396 3.65 10.98 1.29
CA THR C 396 2.97 10.49 0.10
C THR C 396 2.22 9.19 0.33
N TYR C 397 2.43 8.52 1.46
CA TYR C 397 1.72 7.30 1.77
C TYR C 397 0.36 7.62 2.40
N ILE C 398 -0.38 6.57 2.75
CA ILE C 398 -1.74 6.74 3.22
C ILE C 398 -1.81 6.85 4.75
N GLY C 399 -0.95 6.14 5.46
CA GLY C 399 -0.95 6.19 6.92
C GLY C 399 0.18 7.05 7.44
N ALA C 400 0.35 8.21 6.84
CA ALA C 400 1.54 9.02 7.09
C ALA C 400 1.45 9.73 8.44
N MET C 401 2.36 9.37 9.34
CA MET C 401 2.45 10.00 10.66
C MET C 401 3.86 9.78 11.18
N PRO C 402 4.43 10.75 11.92
CA PRO C 402 5.86 10.68 12.25
C PRO C 402 6.21 9.67 13.31
N GLY C 403 7.47 9.67 13.72
CA GLY C 403 7.96 8.67 14.64
C GLY C 403 7.51 8.92 16.07
N LYS C 404 8.15 8.18 16.98
CA LYS C 404 7.85 8.31 18.40
C LYS C 404 8.40 9.58 19.02
N LEU C 405 9.50 10.12 18.47
CA LEU C 405 10.12 11.29 19.08
C LEU C 405 9.32 12.55 18.83
N ILE C 406 8.79 12.72 17.62
CA ILE C 406 7.96 13.88 17.30
C ILE C 406 6.66 13.83 18.09
N HIS C 407 6.08 12.65 18.24
CA HIS C 407 4.83 12.55 19.00
C HIS C 407 5.07 12.73 20.49
N ALA C 408 6.21 12.26 20.98
CA ALA C 408 6.61 12.49 22.38
C ALA C 408 6.83 13.97 22.64
N MET C 409 7.45 14.67 21.68
CA MET C 409 7.57 16.11 21.80
C MET C 409 6.26 16.85 21.58
N LYS C 410 5.27 16.21 20.96
CA LYS C 410 3.98 16.88 20.83
C LYS C 410 3.15 16.73 22.10
N GLN C 411 3.30 15.63 22.82
CA GLN C 411 2.59 15.47 24.08
C GLN C 411 3.16 16.38 25.16
N VAL C 412 4.48 16.41 25.29
CA VAL C 412 5.13 17.36 26.18
C VAL C 412 4.99 18.77 25.60
N GLY C 413 4.65 19.73 26.45
CA GLY C 413 4.45 21.08 25.95
C GLY C 413 5.71 21.88 25.72
N VAL C 414 6.79 21.55 26.43
CA VAL C 414 7.96 22.39 26.49
C VAL C 414 9.04 21.84 25.56
N ILE C 415 10.06 22.68 25.30
CA ILE C 415 11.15 22.31 24.42
C ILE C 415 12.30 21.63 25.13
N ASN C 416 12.31 21.60 26.46
CA ASN C 416 13.35 20.89 27.23
C ASN C 416 12.74 19.88 28.19
N PRO C 417 12.24 18.74 27.69
CA PRO C 417 11.69 17.74 28.60
C PRO C 417 12.75 16.83 29.19
N VAL C 418 12.29 15.84 29.93
CA VAL C 418 13.13 14.73 30.40
C VAL C 418 12.53 13.47 29.80
N ILE C 419 13.02 13.07 28.64
CA ILE C 419 12.48 11.93 27.92
C ILE C 419 13.23 10.68 28.35
N LEU C 420 12.49 9.69 28.86
CA LEU C 420 13.07 8.44 29.32
C LEU C 420 12.99 7.44 28.19
N LEU C 421 14.14 6.85 27.83
CA LEU C 421 14.21 5.86 26.77
C LEU C 421 14.62 4.52 27.41
N ASP C 422 13.62 3.73 27.78
CA ASP C 422 13.90 2.49 28.49
C ASP C 422 14.35 1.38 27.56
N GLU C 423 15.28 0.56 28.07
CA GLU C 423 15.73 -0.68 27.45
C GLU C 423 16.35 -0.43 26.08
N ILE C 424 17.42 0.38 26.06
CA ILE C 424 18.08 0.68 24.80
C ILE C 424 18.96 -0.48 24.35
N ASP C 425 19.23 -1.43 25.23
CA ASP C 425 19.97 -2.64 24.89
C ASP C 425 19.07 -3.76 24.40
N LYS C 426 17.80 -3.46 24.12
CA LYS C 426 16.86 -4.47 23.65
C LYS C 426 16.30 -4.12 22.27
N MET C 427 17.01 -3.31 21.49
CA MET C 427 16.57 -3.04 20.14
C MET C 427 16.93 -4.21 19.23
N SER C 428 15.98 -4.59 18.37
CA SER C 428 16.13 -5.78 17.55
C SER C 428 16.73 -5.38 16.21
N SER C 429 18.05 -5.53 16.09
CA SER C 429 18.75 -5.29 14.83
C SER C 429 18.91 -6.64 14.13
N ASP C 430 18.20 -6.81 13.03
CA ASP C 430 18.25 -8.07 12.29
C ASP C 430 17.99 -7.77 10.81
N TRP C 431 17.49 -8.79 10.12
CA TRP C 431 17.17 -8.60 8.68
C TRP C 431 15.79 -7.93 8.53
N ARG C 432 14.91 -8.07 9.52
CA ARG C 432 13.60 -7.38 9.44
C ARG C 432 13.83 -5.88 9.53
N GLY C 433 14.68 -5.45 10.45
CA GLY C 433 14.83 -4.00 10.64
C GLY C 433 16.12 -3.62 11.33
N ASP C 434 16.51 -2.34 11.26
CA ASP C 434 17.71 -1.91 11.99
C ASP C 434 17.38 -0.63 12.75
N PRO C 435 16.66 -0.63 13.88
CA PRO C 435 16.32 0.68 14.49
C PRO C 435 17.51 1.38 15.09
N ALA C 436 18.62 0.68 15.33
CA ALA C 436 19.82 1.32 15.88
C ALA C 436 20.71 1.88 14.78
N SER C 437 20.10 2.60 13.85
CA SER C 437 20.79 3.44 12.89
C SER C 437 20.11 4.77 12.66
N ALA C 438 18.84 4.90 13.03
CA ALA C 438 18.18 6.20 13.02
C ALA C 438 18.34 6.94 14.33
N MET C 439 18.79 6.25 15.38
CA MET C 439 19.09 6.91 16.64
C MET C 439 20.40 7.67 16.59
N LEU C 440 21.25 7.40 15.60
CA LEU C 440 22.58 8.00 15.53
C LEU C 440 22.55 9.48 15.24
N GLU C 441 21.43 10.03 14.76
CA GLU C 441 21.29 11.47 14.65
C GLU C 441 20.35 12.03 15.71
N VAL C 442 20.02 11.24 16.72
CA VAL C 442 19.28 11.71 17.88
C VAL C 442 20.21 11.94 19.05
N LEU C 443 21.04 10.95 19.35
CA LEU C 443 21.97 11.03 20.47
C LEU C 443 23.31 11.63 20.07
N ASP C 444 23.41 12.19 18.87
CA ASP C 444 24.65 12.83 18.41
C ASP C 444 24.75 14.20 19.07
N PRO C 445 25.71 14.41 19.98
CA PRO C 445 25.72 15.66 20.77
C PRO C 445 26.07 16.90 19.98
N GLU C 446 26.57 16.78 18.75
CA GLU C 446 26.85 17.95 17.93
C GLU C 446 25.78 18.21 16.88
N GLN C 447 25.21 17.16 16.32
CA GLN C 447 24.39 17.30 15.12
C GLN C 447 22.92 17.00 15.38
N ASN C 448 22.49 16.85 16.64
CA ASN C 448 21.09 16.60 16.90
C ASN C 448 20.23 17.83 16.68
N ASN C 449 20.86 19.00 16.60
CA ASN C 449 20.22 20.24 16.18
C ASN C 449 19.90 20.29 14.68
N THR C 450 20.26 19.25 13.92
CA THR C 450 19.81 19.09 12.54
C THR C 450 19.10 17.76 12.35
N PHE C 451 18.33 17.33 13.36
CA PHE C 451 17.55 16.11 13.23
C PHE C 451 16.38 16.35 12.29
N THR C 452 16.30 15.55 11.24
CA THR C 452 15.24 15.67 10.23
C THR C 452 14.41 14.40 10.25
N ASP C 453 13.10 14.57 10.43
CA ASP C 453 12.15 13.47 10.37
C ASP C 453 11.84 13.17 8.90
N HIS C 454 11.19 12.03 8.64
CA HIS C 454 10.70 11.78 7.29
C HIS C 454 9.34 12.36 7.03
N TYR C 455 8.47 12.43 8.04
CA TYR C 455 7.17 13.06 7.83
C TYR C 455 7.34 14.56 7.66
N LEU C 456 8.03 15.19 8.60
CA LEU C 456 8.38 16.59 8.48
C LEU C 456 9.48 16.76 7.43
N ASP C 457 9.52 17.94 6.82
CA ASP C 457 10.55 18.24 5.82
C ASP C 457 11.51 19.32 6.30
N VAL C 458 11.64 19.48 7.62
CA VAL C 458 12.44 20.55 8.20
C VAL C 458 13.35 19.98 9.29
N PRO C 459 14.48 20.61 9.59
CA PRO C 459 15.28 20.16 10.72
C PRO C 459 14.70 20.64 12.05
N TYR C 460 14.71 19.76 13.04
CA TYR C 460 14.12 20.04 14.34
C TYR C 460 15.22 20.14 15.38
N ASP C 461 15.02 20.98 16.38
CA ASP C 461 16.03 21.24 17.41
C ASP C 461 15.78 20.31 18.58
N LEU C 462 16.68 19.34 18.78
CA LEU C 462 16.61 18.45 19.93
C LEU C 462 17.85 18.61 20.80
N SER C 463 18.23 19.85 21.09
CA SER C 463 19.38 20.12 21.94
C SER C 463 19.01 20.44 23.37
N LYS C 464 17.84 21.05 23.59
CA LYS C 464 17.44 21.42 24.95
C LYS C 464 16.94 20.20 25.72
N VAL C 465 16.50 19.16 25.02
CA VAL C 465 15.91 18.00 25.66
C VAL C 465 16.97 17.20 26.40
N PHE C 466 16.66 16.79 27.62
CA PHE C 466 17.58 16.14 28.55
C PHE C 466 17.29 14.64 28.56
N PHE C 467 18.00 13.90 27.72
CA PHE C 467 17.76 12.47 27.56
C PHE C 467 18.33 11.68 28.72
N ILE C 468 17.51 10.80 29.30
CA ILE C 468 17.97 9.74 30.18
C ILE C 468 17.54 8.43 29.56
N THR C 469 18.48 7.54 29.36
CA THR C 469 18.16 6.20 28.88
C THR C 469 18.52 5.20 29.96
N THR C 470 17.81 4.09 29.99
CA THR C 470 18.09 3.03 30.94
C THR C 470 18.45 1.75 30.19
N ALA C 471 19.38 0.99 30.75
CA ALA C 471 19.80 -0.27 30.16
C ALA C 471 20.09 -1.27 31.27
N ASN C 472 20.33 -2.52 30.87
CA ASN C 472 20.73 -3.56 31.80
C ASN C 472 22.18 -3.97 31.65
N THR C 473 22.73 -3.87 30.45
CA THR C 473 24.15 -4.09 30.22
C THR C 473 24.56 -3.27 29.00
N LEU C 474 25.87 -3.16 28.81
CA LEU C 474 26.42 -2.37 27.72
C LEU C 474 26.88 -3.23 26.56
N GLN C 475 26.56 -4.52 26.57
CA GLN C 475 27.11 -5.43 25.56
C GLN C 475 26.38 -5.29 24.24
N THR C 476 25.05 -5.29 24.27
CA THR C 476 24.25 -5.31 23.05
C THR C 476 23.89 -3.93 22.55
N ILE C 477 24.73 -2.94 22.83
CA ILE C 477 24.56 -1.58 22.33
C ILE C 477 25.62 -1.36 21.27
N PRO C 478 25.27 -0.87 20.08
CA PRO C 478 26.25 -0.72 19.01
C PRO C 478 27.31 0.32 19.31
N ARG C 479 28.49 0.10 18.75
CA ARG C 479 29.65 0.97 19.02
C ARG C 479 29.50 2.43 18.59
N PRO C 480 28.89 2.80 17.45
CA PRO C 480 28.65 4.23 17.22
C PRO C 480 27.52 4.81 18.05
N LEU C 481 26.79 4.01 18.80
CA LEU C 481 25.74 4.50 19.67
C LEU C 481 26.15 4.53 21.14
N LEU C 482 27.03 3.60 21.55
CA LEU C 482 27.57 3.62 22.90
C LEU C 482 28.49 4.80 23.14
N ASP C 483 29.16 5.28 22.09
CA ASP C 483 30.10 6.37 22.23
C ASP C 483 29.42 7.73 22.36
N ARG C 484 28.12 7.79 22.12
CA ARG C 484 27.39 9.05 22.21
C ARG C 484 27.08 9.47 23.63
N MET C 485 27.15 8.55 24.59
CA MET C 485 26.51 8.70 25.89
C MET C 485 27.50 8.53 27.03
N GLU C 486 27.07 8.97 28.22
CA GLU C 486 27.87 8.94 29.44
C GLU C 486 27.30 7.89 30.39
N VAL C 487 28.11 6.89 30.72
CA VAL C 487 27.62 5.79 31.56
C VAL C 487 27.64 6.19 33.02
N ILE C 488 26.56 5.88 33.72
CA ILE C 488 26.42 6.09 35.16
C ILE C 488 26.04 4.74 35.72
N GLU C 489 27.00 4.03 36.32
CA GLU C 489 26.68 2.74 36.92
C GLU C 489 25.90 2.94 38.22
N ILE C 490 24.92 2.07 38.43
CA ILE C 490 24.17 2.05 39.68
C ILE C 490 24.49 0.74 40.36
N PRO C 491 25.04 0.75 41.57
CA PRO C 491 25.80 -0.41 42.07
C PRO C 491 24.96 -1.58 42.53
N GLY C 492 23.77 -1.31 43.05
CA GLY C 492 22.99 -2.31 43.75
C GLY C 492 22.59 -1.76 45.11
N TYR C 493 22.34 -2.61 46.09
CA TYR C 493 21.98 -2.12 47.42
C TYR C 493 22.62 -2.96 48.50
N THR C 494 23.05 -2.28 49.57
CA THR C 494 23.64 -2.91 50.74
C THR C 494 22.52 -3.37 51.65
N ASN C 495 22.81 -4.40 52.45
CA ASN C 495 21.75 -5.09 53.20
C ASN C 495 21.18 -4.21 54.31
N MET C 496 22.04 -3.47 55.01
CA MET C 496 21.54 -2.46 55.95
C MET C 496 20.80 -1.36 55.21
N GLU C 497 21.27 -1.03 54.02
CA GLU C 497 20.56 -0.06 53.21
C GLU C 497 19.27 -0.66 52.65
N LYS C 498 19.23 -1.98 52.43
CA LYS C 498 17.97 -2.64 52.09
C LYS C 498 16.96 -2.47 53.22
N GLN C 499 17.40 -2.71 54.46
CA GLN C 499 16.50 -2.56 55.59
C GLN C 499 16.11 -1.11 55.81
N ALA C 500 16.99 -0.17 55.47
CA ALA C 500 16.65 1.23 55.62
C ALA C 500 15.60 1.66 54.61
N ILE C 501 15.73 1.20 53.36
CA ILE C 501 14.70 1.42 52.34
C ILE C 501 13.38 0.80 52.77
N ALA C 502 13.45 -0.43 53.29
CA ALA C 502 12.26 -1.17 53.70
C ALA C 502 11.55 -0.49 54.86
N ARG C 503 12.32 0.06 55.79
CA ARG C 503 11.73 0.76 56.93
C ARG C 503 11.13 2.09 56.52
N GLN C 504 11.83 2.85 55.69
CA GLN C 504 11.42 4.23 55.46
C GLN C 504 10.49 4.40 54.27
N TYR C 505 10.85 3.90 53.08
CA TYR C 505 10.09 4.23 51.89
C TYR C 505 9.10 3.14 51.49
N LEU C 506 9.41 1.88 51.76
CA LEU C 506 8.52 0.81 51.33
C LEU C 506 7.32 0.67 52.27
N TRP C 507 7.59 0.35 53.53
CA TRP C 507 6.55 -0.07 54.47
C TRP C 507 5.43 0.93 54.75
N PRO C 508 5.61 2.26 54.74
CA PRO C 508 4.43 3.14 54.79
C PRO C 508 3.51 2.99 53.58
N LYS C 509 4.06 2.88 52.39
CA LYS C 509 3.22 2.63 51.23
C LYS C 509 2.67 1.20 51.25
N GLN C 510 3.40 0.26 51.84
CA GLN C 510 2.90 -1.10 51.98
C GLN C 510 1.72 -1.16 52.93
N VAL C 511 1.72 -0.34 53.97
CA VAL C 511 0.58 -0.28 54.89
C VAL C 511 -0.57 0.48 54.25
N ARG C 512 -0.27 1.55 53.52
CA ARG C 512 -1.33 2.35 52.91
C ARG C 512 -2.00 1.61 51.76
N GLU C 513 -1.27 0.74 51.05
CA GLU C 513 -1.84 0.06 49.88
C GLU C 513 -2.77 -1.08 50.26
N SER C 514 -2.72 -1.53 51.51
CA SER C 514 -3.69 -2.50 52.02
C SER C 514 -4.64 -1.84 53.00
N GLY C 515 -4.71 -0.50 52.98
CA GLY C 515 -5.65 0.28 53.75
C GLY C 515 -5.45 0.28 55.26
N MET C 516 -4.38 -0.33 55.76
CA MET C 516 -4.16 -0.41 57.19
C MET C 516 -3.70 0.94 57.72
N GLU C 517 -3.91 1.16 59.01
CA GLU C 517 -3.53 2.42 59.63
C GLU C 517 -3.31 2.17 61.11
N GLY C 518 -2.04 2.04 61.51
CA GLY C 518 -1.71 1.77 62.90
C GLY C 518 -2.18 0.43 63.41
N ARG C 519 -2.40 -0.53 62.51
CA ARG C 519 -3.03 -1.78 62.88
C ARG C 519 -2.10 -2.97 62.79
N ILE C 520 -0.90 -2.80 62.25
CA ILE C 520 0.01 -3.91 62.00
C ILE C 520 1.42 -3.37 61.91
N GLU C 521 2.36 -4.05 62.57
CA GLU C 521 3.75 -3.63 62.57
C GLU C 521 4.67 -4.83 62.45
N VAL C 522 5.82 -4.60 61.84
CA VAL C 522 6.89 -5.58 61.81
C VAL C 522 8.10 -4.97 62.48
N THR C 523 9.00 -5.84 62.91
CA THR C 523 10.25 -5.41 63.51
C THR C 523 11.36 -5.59 62.48
N ASP C 524 12.57 -5.20 62.85
CA ASP C 524 13.69 -5.31 61.93
C ASP C 524 14.11 -6.74 61.73
N ALA C 525 13.88 -7.60 62.73
CA ALA C 525 14.12 -9.02 62.57
C ALA C 525 13.17 -9.62 61.55
N ALA C 526 11.96 -9.07 61.43
CA ALA C 526 11.02 -9.55 60.43
C ALA C 526 11.51 -9.23 59.02
N ILE C 527 12.04 -8.03 58.83
CA ILE C 527 12.53 -7.63 57.52
C ILE C 527 13.78 -8.42 57.17
N LEU C 528 14.62 -8.68 58.18
CA LEU C 528 15.75 -9.57 58.02
C LEU C 528 15.33 -10.96 57.59
N ARG C 529 14.26 -11.50 58.19
CA ARG C 529 13.78 -12.83 57.82
C ARG C 529 13.23 -12.85 56.40
N VAL C 530 12.56 -11.76 55.99
CA VAL C 530 12.04 -11.67 54.63
C VAL C 530 13.18 -11.65 53.62
N ILE C 531 14.23 -10.86 53.90
CA ILE C 531 15.42 -10.81 53.05
C ILE C 531 16.11 -12.17 53.01
N SER C 532 16.11 -12.88 54.13
CA SER C 532 16.80 -14.17 54.18
C SER C 532 16.07 -15.23 53.37
N GLU C 533 14.77 -15.38 53.59
CA GLU C 533 14.08 -16.57 53.10
C GLU C 533 13.14 -16.34 51.93
N TYR C 534 12.87 -15.10 51.54
CA TYR C 534 11.75 -14.87 50.65
C TYR C 534 12.04 -14.00 49.43
N THR C 535 13.27 -13.54 49.24
CA THR C 535 13.61 -12.74 48.05
C THR C 535 15.08 -12.96 47.70
N ARG C 536 15.33 -13.61 46.57
CA ARG C 536 16.68 -13.71 46.01
C ARG C 536 16.79 -12.71 44.86
N GLU C 537 17.36 -11.55 45.17
CA GLU C 537 17.55 -10.49 44.20
C GLU C 537 18.81 -9.71 44.53
N ALA C 538 19.07 -8.68 43.74
CA ALA C 538 19.95 -7.59 44.11
C ALA C 538 19.20 -6.28 44.28
N GLY C 539 17.93 -6.23 43.89
CA GLY C 539 17.10 -5.08 44.10
C GLY C 539 16.02 -5.32 45.14
N VAL C 540 15.07 -4.39 45.18
CA VAL C 540 14.05 -4.43 46.22
C VAL C 540 12.65 -4.48 45.62
N ARG C 541 12.51 -5.09 44.45
CA ARG C 541 11.17 -5.32 43.91
C ARG C 541 10.51 -6.53 44.56
N GLY C 542 11.25 -7.62 44.70
CA GLY C 542 10.72 -8.78 45.40
C GLY C 542 10.49 -8.53 46.87
N LEU C 543 11.30 -7.67 47.48
CA LEU C 543 11.07 -7.25 48.85
C LEU C 543 9.74 -6.52 48.97
N GLU C 544 9.46 -5.66 47.98
CA GLU C 544 8.16 -5.00 47.89
C GLU C 544 7.03 -6.01 47.73
N ARG C 545 7.25 -7.08 46.98
CA ARG C 545 6.16 -8.03 46.78
C ARG C 545 5.91 -8.87 48.02
N GLU C 546 6.97 -9.24 48.75
CA GLU C 546 6.78 -9.98 49.99
C GLU C 546 6.10 -9.13 51.05
N LEU C 547 6.46 -7.85 51.13
CA LEU C 547 5.78 -6.95 52.06
C LEU C 547 4.33 -6.71 51.65
N GLY C 548 4.03 -6.70 50.35
CA GLY C 548 2.64 -6.59 49.91
C GLY C 548 1.81 -7.81 50.29
N LYS C 549 2.43 -8.99 50.22
CA LYS C 549 1.73 -10.21 50.66
C LYS C 549 1.47 -10.19 52.16
N ILE C 550 2.46 -9.71 52.95
CA ILE C 550 2.27 -9.56 54.39
C ILE C 550 1.15 -8.60 54.69
N ALA C 551 1.10 -7.48 53.96
CA ALA C 551 0.07 -6.47 54.19
C ALA C 551 -1.31 -6.99 53.83
N ARG C 552 -1.43 -7.75 52.75
CA ARG C 552 -2.75 -8.24 52.39
C ARG C 552 -3.20 -9.41 53.25
N LYS C 553 -2.29 -10.24 53.76
CA LYS C 553 -2.72 -11.25 54.73
C LYS C 553 -3.11 -10.59 56.05
N GLY C 554 -2.45 -9.50 56.42
CA GLY C 554 -2.89 -8.74 57.58
C GLY C 554 -4.26 -8.11 57.38
N ALA C 555 -4.54 -7.65 56.15
CA ALA C 555 -5.88 -7.15 55.83
C ALA C 555 -6.91 -8.27 55.88
N LYS C 556 -6.53 -9.49 55.51
CA LYS C 556 -7.41 -10.65 55.64
C LYS C 556 -7.76 -10.91 57.10
N PHE C 557 -6.74 -10.98 57.96
CA PHE C 557 -6.99 -11.26 59.37
C PHE C 557 -7.68 -10.11 60.08
N TRP C 558 -7.55 -8.88 59.57
CA TRP C 558 -8.27 -7.76 60.15
C TRP C 558 -9.73 -7.72 59.72
N LEU C 559 -10.01 -7.96 58.43
CA LEU C 559 -11.38 -7.93 57.96
C LEU C 559 -12.15 -9.16 58.41
N GLU C 560 -11.46 -10.26 58.69
CA GLU C 560 -12.13 -11.46 59.20
C GLU C 560 -12.66 -11.22 60.61
N GLY C 561 -11.77 -10.93 61.56
CA GLY C 561 -12.17 -10.69 62.93
C GLY C 561 -11.93 -9.26 63.36
N ALA C 562 -11.29 -9.08 64.52
CA ALA C 562 -10.94 -7.76 65.04
C ALA C 562 -9.89 -7.91 66.13
N TRP C 563 -9.13 -6.83 66.31
CA TRP C 563 -8.38 -6.57 67.53
C TRP C 563 -8.30 -5.05 67.66
N GLU C 564 -7.41 -4.55 68.52
CA GLU C 564 -7.28 -3.11 68.64
C GLU C 564 -5.83 -2.76 68.90
N GLY C 565 -5.51 -1.49 68.66
CA GLY C 565 -4.16 -1.01 68.90
C GLY C 565 -3.21 -1.50 67.83
N LEU C 566 -2.07 -2.03 68.27
CA LEU C 566 -1.00 -2.47 67.38
C LEU C 566 -0.72 -3.95 67.61
N ARG C 567 -0.80 -4.73 66.54
CA ARG C 567 -0.26 -6.07 66.52
C ARG C 567 1.11 -6.01 65.86
N THR C 568 2.10 -6.61 66.53
CA THR C 568 3.49 -6.54 66.09
C THR C 568 3.91 -7.91 65.60
N ILE C 569 4.39 -7.96 64.36
CA ILE C 569 4.84 -9.20 63.76
C ILE C 569 6.32 -9.38 64.08
N ASP C 570 6.71 -10.59 64.44
CA ASP C 570 8.06 -10.90 64.80
C ASP C 570 8.60 -12.00 63.88
N ALA C 571 9.77 -12.52 64.23
CA ALA C 571 10.46 -13.54 63.45
C ALA C 571 9.78 -14.91 63.51
N SER C 572 8.67 -15.04 64.23
CA SER C 572 7.91 -16.28 64.32
C SER C 572 6.64 -16.25 63.50
N ASP C 573 5.91 -15.12 63.49
CA ASP C 573 4.61 -15.05 62.88
C ASP C 573 4.63 -14.96 61.36
N ILE C 574 5.82 -14.98 60.75
CA ILE C 574 5.92 -14.78 59.30
C ILE C 574 5.22 -15.86 58.46
N PRO C 575 5.44 -17.17 58.67
CA PRO C 575 4.77 -18.14 57.78
C PRO C 575 3.27 -18.25 58.00
N THR C 576 2.71 -17.61 59.04
CA THR C 576 1.28 -17.38 59.07
C THR C 576 0.88 -16.46 57.94
N TYR C 577 1.73 -15.47 57.63
CA TYR C 577 1.39 -14.49 56.62
C TYR C 577 1.87 -14.91 55.24
N LEU C 578 3.18 -15.09 55.07
CA LEU C 578 3.69 -15.38 53.74
C LEU C 578 3.45 -16.83 53.33
N GLY C 579 3.33 -17.71 54.29
CA GLY C 579 3.17 -19.12 53.99
C GLY C 579 4.51 -19.80 53.90
N ILE C 580 4.73 -20.51 52.80
CA ILE C 580 5.87 -21.42 52.70
C ILE C 580 7.10 -20.62 52.30
N PRO C 581 8.27 -20.84 52.94
CA PRO C 581 9.52 -20.20 52.47
C PRO C 581 9.90 -20.66 51.07
N ARG C 582 9.82 -19.73 50.10
CA ARG C 582 10.10 -20.07 48.71
C ARG C 582 11.58 -20.36 48.51
N TYR C 583 12.42 -19.42 48.90
CA TYR C 583 13.84 -19.48 48.63
C TYR C 583 14.61 -19.89 49.87
N ARG C 584 15.82 -20.30 49.66
CA ARG C 584 16.63 -20.57 50.82
C ARG C 584 17.58 -19.40 51.06
N PRO C 585 17.88 -19.10 52.30
CA PRO C 585 19.10 -18.36 52.58
C PRO C 585 20.31 -19.28 52.41
N ASP C 586 21.08 -19.05 51.34
CA ASP C 586 22.21 -19.91 51.05
C ASP C 586 23.44 -19.48 51.84
N LYS C 587 23.91 -20.35 52.72
CA LYS C 587 24.93 -20.01 53.69
C LYS C 587 26.22 -20.75 53.40
N ALA C 588 27.31 -20.15 53.85
CA ALA C 588 28.63 -20.75 53.71
C ALA C 588 28.76 -21.91 54.67
N GLU C 589 28.89 -23.11 54.12
CA GLU C 589 29.20 -24.28 54.93
C GLU C 589 30.60 -24.11 55.52
N THR C 590 30.68 -24.21 56.84
CA THR C 590 31.88 -23.81 57.54
C THR C 590 32.90 -24.94 57.67
N GLU C 591 32.60 -26.03 57.22
CA GLU C 591 33.46 -27.17 57.41
C GLU C 591 34.41 -27.34 56.23
N PRO C 592 35.59 -27.92 56.45
CA PRO C 592 36.52 -28.11 55.33
C PRO C 592 36.10 -29.21 54.37
N GLN C 593 35.59 -28.81 53.21
CA GLN C 593 35.23 -29.74 52.16
C GLN C 593 36.49 -30.20 51.44
N VAL C 594 36.51 -31.46 51.04
CA VAL C 594 37.62 -32.03 50.29
C VAL C 594 37.31 -31.98 48.81
N GLY C 595 38.25 -31.46 48.02
CA GLY C 595 38.09 -31.33 46.58
C GLY C 595 36.93 -30.45 46.18
N THR C 596 36.71 -29.36 46.90
CA THR C 596 35.50 -28.58 46.71
C THR C 596 35.78 -27.16 47.18
N ALA C 597 35.86 -26.20 46.27
CA ALA C 597 36.29 -24.86 46.61
C ALA C 597 35.15 -23.87 46.48
N GLN C 598 35.10 -22.93 47.40
CA GLN C 598 34.12 -21.87 47.36
C GLN C 598 34.40 -20.95 46.19
N GLY C 599 33.35 -20.36 45.62
CA GLY C 599 33.52 -19.43 44.52
C GLY C 599 32.65 -18.22 44.69
N LEU C 600 32.92 -17.22 43.85
CA LEU C 600 32.11 -16.01 43.74
C LEU C 600 31.94 -15.69 42.27
N ALA C 601 30.72 -15.35 41.85
CA ALA C 601 30.53 -14.86 40.50
C ALA C 601 29.29 -14.00 40.45
N TRP C 602 29.18 -13.18 39.42
CA TRP C 602 28.08 -12.24 39.29
C TRP C 602 27.18 -12.62 38.13
N THR C 603 26.13 -13.35 38.42
CA THR C 603 24.98 -13.37 37.56
C THR C 603 24.18 -12.07 37.77
N PRO C 604 23.50 -11.57 36.74
CA PRO C 604 22.81 -10.27 36.86
C PRO C 604 21.51 -10.30 37.65
N VAL C 605 21.54 -10.94 38.81
CA VAL C 605 20.52 -10.82 39.85
C VAL C 605 21.26 -10.54 41.14
N GLY C 606 22.51 -10.15 41.02
CA GLY C 606 23.43 -10.07 42.14
C GLY C 606 24.34 -11.27 42.19
N GLY C 607 25.46 -11.10 42.88
CA GLY C 607 26.43 -12.16 42.98
C GLY C 607 25.95 -13.34 43.78
N THR C 608 26.70 -14.44 43.71
CA THR C 608 26.32 -15.65 44.43
C THR C 608 27.57 -16.47 44.69
N LEU C 609 27.35 -17.61 45.33
CA LEU C 609 28.40 -18.54 45.75
C LEU C 609 28.37 -19.75 44.83
N LEU C 610 29.10 -19.69 43.73
CA LEU C 610 29.20 -20.84 42.85
C LEU C 610 30.25 -21.76 43.42
N THR C 611 29.82 -22.73 44.22
CA THR C 611 30.70 -23.76 44.72
C THR C 611 31.14 -24.65 43.58
N ILE C 612 32.44 -24.77 43.40
CA ILE C 612 33.00 -25.70 42.43
C ILE C 612 33.34 -26.98 43.16
N GLU C 613 32.91 -28.10 42.60
CA GLU C 613 33.20 -29.41 43.14
C GLU C 613 33.71 -30.29 42.01
N VAL C 614 34.75 -31.05 42.29
CA VAL C 614 35.54 -31.70 41.25
C VAL C 614 35.85 -33.12 41.70
N ALA C 615 35.57 -34.09 40.84
CA ALA C 615 35.89 -35.48 41.15
C ALA C 615 37.17 -35.90 40.46
N ALA C 616 37.95 -36.70 41.16
CA ALA C 616 39.10 -37.37 40.57
C ALA C 616 38.85 -38.85 40.68
N VAL C 617 38.76 -39.53 39.55
CA VAL C 617 38.40 -40.94 39.49
C VAL C 617 39.57 -41.68 38.88
N PRO C 618 39.60 -43.00 38.95
CA PRO C 618 40.54 -43.72 38.09
C PRO C 618 40.09 -43.60 36.66
N GLY C 619 41.06 -43.49 35.76
CA GLY C 619 40.71 -43.28 34.38
C GLY C 619 41.87 -43.35 33.41
N SER C 620 41.76 -42.61 32.31
CA SER C 620 42.78 -42.61 31.27
C SER C 620 43.21 -41.21 30.84
N GLY C 621 42.61 -40.18 31.42
CA GLY C 621 43.00 -38.82 31.11
C GLY C 621 42.01 -38.21 30.15
N LYS C 622 41.06 -37.47 30.70
CA LYS C 622 40.04 -36.75 29.93
C LYS C 622 39.74 -35.49 30.69
N LEU C 623 38.73 -34.76 30.23
CA LEU C 623 38.28 -33.58 30.96
C LEU C 623 36.85 -33.31 30.56
N SER C 624 35.92 -33.74 31.40
CA SER C 624 34.51 -33.50 31.17
C SER C 624 34.08 -32.34 32.04
N LEU C 625 33.50 -31.32 31.42
CA LEU C 625 33.29 -30.03 32.07
C LEU C 625 31.80 -29.70 31.95
N THR C 626 31.05 -29.97 33.00
CA THR C 626 29.60 -29.87 32.96
C THR C 626 29.10 -28.91 34.02
N GLY C 627 27.83 -28.56 33.88
CA GLY C 627 27.20 -27.57 34.72
C GLY C 627 26.76 -26.41 33.87
N GLN C 628 26.53 -26.69 32.58
CA GLN C 628 26.12 -25.71 31.58
C GLN C 628 27.14 -24.57 31.44
N LEU C 629 28.41 -24.93 31.40
CA LEU C 629 29.48 -23.95 31.34
C LEU C 629 29.58 -23.32 29.96
N GLY C 630 30.20 -22.16 29.91
CA GLY C 630 30.64 -21.62 28.65
C GLY C 630 31.99 -22.16 28.27
N GLU C 631 32.41 -21.88 27.04
CA GLU C 631 33.69 -22.38 26.58
C GLU C 631 34.84 -21.65 27.24
N VAL C 632 34.61 -20.41 27.69
CA VAL C 632 35.65 -19.61 28.32
C VAL C 632 36.10 -20.25 29.62
N MET C 633 35.13 -20.76 30.39
CA MET C 633 35.47 -21.42 31.64
C MET C 633 36.13 -22.75 31.39
N LYS C 634 35.85 -23.37 30.25
CA LYS C 634 36.54 -24.59 29.88
C LYS C 634 38.01 -24.31 29.55
N GLU C 635 38.26 -23.20 28.85
CA GLU C 635 39.64 -22.77 28.60
C GLU C 635 40.34 -22.43 29.91
N SER C 636 39.60 -21.84 30.85
CA SER C 636 40.15 -21.51 32.17
C SER C 636 40.54 -22.77 32.92
N ALA C 637 39.72 -23.80 32.84
CA ALA C 637 40.01 -25.05 33.52
C ALA C 637 41.21 -25.73 32.89
N GLN C 638 41.32 -25.65 31.57
CA GLN C 638 42.49 -26.22 30.91
C GLN C 638 43.75 -25.46 31.24
N ALA C 639 43.66 -24.14 31.41
CA ALA C 639 44.82 -23.34 31.75
C ALA C 639 45.32 -23.66 33.15
N ALA C 640 44.40 -23.74 34.11
CA ALA C 640 44.79 -24.08 35.47
C ALA C 640 45.28 -25.51 35.56
N LEU C 641 44.69 -26.39 34.76
CA LEU C 641 45.14 -27.77 34.71
C LEU C 641 46.54 -27.87 34.13
N THR C 642 46.84 -27.07 33.11
CA THR C 642 48.16 -27.07 32.52
C THR C 642 49.19 -26.51 33.49
N TYR C 643 48.78 -25.49 34.26
CA TYR C 643 49.65 -24.95 35.30
C TYR C 643 49.99 -26.03 36.32
N LEU C 644 49.00 -26.81 36.73
CA LEU C 644 49.30 -27.86 37.71
C LEU C 644 50.13 -28.98 37.11
N ARG C 645 49.95 -29.26 35.82
CA ARG C 645 50.79 -30.26 35.16
C ARG C 645 52.22 -29.80 35.04
N ALA C 646 52.45 -28.49 35.02
CA ALA C 646 53.81 -27.98 35.03
C ALA C 646 54.51 -28.24 36.35
N HIS C 647 53.79 -28.19 37.46
CA HIS C 647 54.40 -28.20 38.79
C HIS C 647 53.93 -29.43 39.56
N THR C 648 54.63 -30.54 39.37
CA THR C 648 54.18 -31.84 39.85
C THR C 648 54.64 -32.17 41.25
N GLN C 649 55.60 -31.43 41.79
CA GLN C 649 56.13 -31.68 43.11
C GLN C 649 55.76 -30.61 44.11
N ASP C 650 55.30 -29.46 43.64
CA ASP C 650 55.22 -28.28 44.48
C ASP C 650 53.97 -28.28 45.33
N TYR C 651 52.83 -28.62 44.73
CA TYR C 651 51.58 -28.61 45.46
C TYR C 651 51.18 -30.00 45.92
N GLY C 652 52.14 -30.93 46.03
CA GLY C 652 51.88 -32.26 46.54
C GLY C 652 51.01 -33.12 45.65
N LEU C 653 51.53 -33.50 44.49
CA LEU C 653 50.81 -34.25 43.48
C LEU C 653 51.61 -35.47 43.02
N PRO C 654 50.93 -36.52 42.47
CA PRO C 654 51.68 -37.67 41.97
C PRO C 654 52.43 -37.36 40.69
N GLU C 655 53.26 -38.31 40.24
CA GLU C 655 54.22 -38.03 39.18
C GLU C 655 53.57 -37.89 37.82
N ASP C 656 52.37 -38.43 37.63
CA ASP C 656 51.61 -38.13 36.42
C ASP C 656 50.13 -38.25 36.71
N PHE C 657 49.36 -37.42 36.02
CA PHE C 657 47.93 -37.67 35.97
C PHE C 657 47.40 -37.33 34.59
N TYR C 658 48.26 -37.24 33.59
CA TYR C 658 47.81 -37.25 32.21
C TYR C 658 47.53 -38.67 31.73
N ASN C 659 48.19 -39.65 32.31
CA ASN C 659 47.96 -41.04 31.93
C ASN C 659 46.72 -41.62 32.60
N LYS C 660 46.42 -41.24 33.85
CA LYS C 660 45.65 -42.12 34.70
C LYS C 660 44.35 -41.57 35.28
N VAL C 661 44.02 -40.29 35.12
CA VAL C 661 42.94 -39.67 35.89
C VAL C 661 42.02 -38.87 34.98
N ASP C 662 40.73 -39.17 35.03
CA ASP C 662 39.69 -38.40 34.34
C ASP C 662 39.08 -37.42 35.33
N LEU C 663 39.02 -36.15 34.95
CA LEU C 663 38.44 -35.13 35.80
C LEU C 663 37.05 -34.75 35.31
N HIS C 664 36.09 -34.80 36.21
CA HIS C 664 34.75 -34.29 35.93
C HIS C 664 34.56 -33.10 36.83
N VAL C 665 34.70 -31.91 36.26
CA VAL C 665 34.52 -30.67 37.00
C VAL C 665 33.05 -30.30 36.90
N HIS C 666 32.33 -30.53 37.98
CA HIS C 666 30.90 -30.31 38.01
C HIS C 666 30.57 -29.02 38.74
N VAL C 667 29.73 -28.20 38.14
CA VAL C 667 29.37 -26.94 38.75
C VAL C 667 27.90 -26.97 39.12
N PRO C 668 27.55 -27.13 40.39
CA PRO C 668 26.15 -27.02 40.79
C PRO C 668 25.67 -25.58 40.72
N ASP C 669 24.39 -25.39 40.37
CA ASP C 669 23.46 -26.44 39.98
C ASP C 669 23.54 -26.70 38.49
N GLY C 670 22.85 -27.75 38.05
CA GLY C 670 22.80 -28.08 36.63
C GLY C 670 21.94 -27.16 35.81
N ALA C 671 21.18 -26.27 36.44
CA ALA C 671 20.28 -25.40 35.73
C ALA C 671 20.88 -24.05 35.39
N THR C 672 22.12 -23.78 35.80
CA THR C 672 22.61 -22.43 35.62
C THR C 672 23.64 -22.37 34.50
N PRO C 673 23.51 -21.51 33.46
CA PRO C 673 24.59 -21.35 32.48
C PRO C 673 25.62 -20.39 33.10
N LYS C 674 26.83 -20.30 32.53
CA LYS C 674 27.89 -19.49 33.20
C LYS C 674 28.77 -18.75 32.18
N ASP C 675 29.44 -17.66 32.59
CA ASP C 675 30.38 -16.91 31.69
C ASP C 675 31.38 -16.07 32.48
N GLY C 676 32.41 -15.77 31.60
CA GLY C 676 33.52 -14.96 32.17
C GLY C 676 34.68 -15.86 32.58
N PRO C 677 35.93 -15.37 32.76
CA PRO C 677 37.01 -16.22 33.23
C PRO C 677 37.41 -15.91 34.68
N SER C 678 36.46 -15.53 35.52
CA SER C 678 36.78 -15.08 36.89
C SER C 678 36.91 -16.27 37.82
N ALA C 679 36.71 -17.47 37.30
CA ALA C 679 36.68 -18.65 38.19
C ALA C 679 37.90 -19.48 37.96
N GLY C 680 38.87 -18.56 37.61
CA GLY C 680 40.16 -19.20 37.35
C GLY C 680 40.77 -19.75 38.61
N ILE C 681 41.04 -18.90 39.60
CA ILE C 681 41.64 -19.38 40.84
C ILE C 681 40.69 -20.27 41.61
N THR C 682 39.39 -20.15 41.38
CA THR C 682 38.42 -21.07 41.94
C THR C 682 38.63 -22.48 41.42
N MET C 683 38.73 -22.61 40.09
CA MET C 683 39.02 -23.89 39.46
C MET C 683 40.33 -24.44 39.92
N ALA C 684 41.35 -23.57 40.00
CA ALA C 684 42.67 -24.04 40.38
C ALA C 684 42.68 -24.56 41.80
N THR C 685 41.97 -23.87 42.70
CA THR C 685 41.88 -24.32 44.08
C THR C 685 41.12 -25.62 44.19
N ALA C 686 39.98 -25.72 43.49
CA ALA C 686 39.16 -26.92 43.52
C ALA C 686 39.89 -28.12 42.94
N ILE C 687 40.53 -27.93 41.78
CA ILE C 687 41.21 -29.02 41.11
C ILE C 687 42.44 -29.45 41.89
N ALA C 688 43.14 -28.53 42.53
CA ALA C 688 44.27 -28.95 43.33
C ALA C 688 43.82 -29.61 44.62
N SER C 689 42.65 -29.26 45.12
CA SER C 689 42.14 -29.97 46.28
C SER C 689 41.55 -31.31 45.94
N ALA C 690 41.18 -31.52 44.68
CA ALA C 690 40.64 -32.81 44.27
C ALA C 690 41.75 -33.77 43.87
N LEU C 691 42.65 -33.33 43.00
CA LEU C 691 43.76 -34.17 42.54
C LEU C 691 44.69 -34.51 43.69
N SER C 692 44.84 -33.61 44.63
CA SER C 692 45.54 -33.86 45.87
C SER C 692 44.51 -33.66 46.97
N ARG C 693 44.09 -34.77 47.59
CA ARG C 693 42.96 -34.74 48.52
C ARG C 693 43.41 -34.11 49.83
N ARG C 694 43.42 -32.78 49.84
CA ARG C 694 43.52 -31.95 51.01
C ARG C 694 42.32 -31.02 51.00
N PRO C 695 41.72 -30.76 52.15
CA PRO C 695 40.46 -30.01 52.16
C PRO C 695 40.64 -28.56 51.81
N ALA C 696 39.57 -27.94 51.33
CA ALA C 696 39.54 -26.53 51.02
C ALA C 696 38.74 -25.81 52.09
N ARG C 697 39.29 -24.71 52.60
CA ARG C 697 38.59 -23.93 53.61
C ARG C 697 37.46 -23.16 52.93
N MET C 698 36.23 -23.60 53.16
CA MET C 698 35.08 -22.97 52.53
C MET C 698 34.68 -21.65 53.17
N ASP C 699 35.44 -21.17 54.16
CA ASP C 699 35.22 -19.83 54.68
C ASP C 699 35.55 -18.78 53.65
N ILE C 700 36.60 -18.99 52.88
CA ILE C 700 37.30 -17.93 52.17
C ILE C 700 36.84 -17.94 50.73
N ALA C 701 35.99 -16.98 50.37
CA ALA C 701 35.42 -16.86 49.04
C ALA C 701 36.35 -16.07 48.13
N MET C 702 36.49 -16.53 46.88
CA MET C 702 37.55 -16.09 45.99
C MET C 702 36.97 -15.58 44.68
N THR C 703 37.79 -14.82 43.96
CA THR C 703 37.57 -14.50 42.55
C THR C 703 38.89 -14.08 41.94
N GLY C 704 39.09 -14.42 40.67
CA GLY C 704 40.33 -14.06 40.01
C GLY C 704 40.83 -14.97 38.91
N GLU C 705 41.27 -14.36 37.80
CA GLU C 705 41.73 -15.07 36.61
C GLU C 705 43.19 -15.45 36.72
N VAL C 706 43.53 -16.66 36.28
CA VAL C 706 44.89 -17.16 36.35
C VAL C 706 45.47 -17.16 34.94
N SER C 707 46.79 -16.93 34.86
CA SER C 707 47.52 -17.08 33.62
C SER C 707 48.05 -18.49 33.54
N LEU C 708 49.00 -18.73 32.65
CA LEU C 708 49.55 -20.06 32.48
C LEU C 708 50.85 -20.26 33.25
N ARG C 709 51.57 -19.19 33.57
CA ARG C 709 52.71 -19.28 34.48
C ARG C 709 52.32 -19.03 35.92
N GLY C 710 51.09 -18.60 36.16
CA GLY C 710 50.63 -18.44 37.53
C GLY C 710 50.29 -17.03 37.92
N LYS C 711 50.34 -16.10 36.98
CA LYS C 711 50.03 -14.72 37.30
C LYS C 711 48.53 -14.53 37.44
N VAL C 712 48.12 -13.88 38.51
CA VAL C 712 46.72 -13.67 38.83
C VAL C 712 46.35 -12.32 38.23
N MET C 713 45.76 -12.33 37.05
CA MET C 713 45.34 -11.11 36.41
C MET C 713 44.13 -10.53 37.14
N PRO C 714 43.90 -9.22 37.04
CA PRO C 714 42.71 -8.64 37.66
C PRO C 714 41.45 -8.99 36.91
N ILE C 715 40.33 -8.81 37.60
CA ILE C 715 39.00 -9.09 37.08
C ILE C 715 38.17 -7.83 37.16
N GLY C 716 36.90 -7.94 36.79
CA GLY C 716 36.01 -6.80 36.84
C GLY C 716 34.72 -7.12 37.56
N GLY C 717 34.08 -6.07 38.10
CA GLY C 717 32.87 -6.23 38.88
C GLY C 717 33.12 -6.86 40.24
N VAL C 718 34.05 -6.29 41.01
CA VAL C 718 34.40 -6.82 42.33
C VAL C 718 33.40 -6.37 43.39
N LYS C 719 32.62 -5.33 43.09
CA LYS C 719 31.73 -4.73 44.06
C LYS C 719 30.59 -5.65 44.43
N GLU C 720 29.82 -6.12 43.44
CA GLU C 720 28.67 -6.97 43.71
C GLU C 720 29.11 -8.33 44.23
N LYS C 721 30.29 -8.79 43.80
CA LYS C 721 30.90 -9.98 44.37
C LYS C 721 31.10 -9.82 45.88
N LEU C 722 31.63 -8.69 46.31
CA LEU C 722 31.87 -8.57 47.74
C LEU C 722 30.60 -8.26 48.52
N LEU C 723 29.62 -7.61 47.89
CA LEU C 723 28.30 -7.44 48.50
C LEU C 723 27.68 -8.79 48.81
N ALA C 724 27.64 -9.67 47.82
CA ALA C 724 27.09 -11.00 48.05
C ALA C 724 27.99 -11.87 48.91
N ALA C 725 29.27 -11.55 49.02
CA ALA C 725 30.08 -12.22 50.02
C ALA C 725 29.68 -11.77 51.42
N HIS C 726 29.16 -10.55 51.54
CA HIS C 726 28.69 -10.10 52.84
C HIS C 726 27.29 -10.61 53.16
N GLN C 727 26.47 -10.85 52.15
CA GLN C 727 25.11 -11.33 52.40
C GLN C 727 25.10 -12.72 53.03
N ALA C 728 26.08 -13.55 52.68
CA ALA C 728 26.12 -14.92 53.15
C ALA C 728 27.03 -15.09 54.36
N GLY C 729 27.49 -14.00 54.94
CA GLY C 729 28.28 -14.11 56.16
C GLY C 729 29.68 -14.63 55.93
N ILE C 730 30.23 -14.44 54.75
CA ILE C 730 31.62 -14.75 54.47
C ILE C 730 32.46 -13.55 54.83
N HIS C 731 33.53 -13.77 55.60
CA HIS C 731 34.30 -12.68 56.17
C HIS C 731 35.74 -12.60 55.69
N LYS C 732 36.21 -13.56 54.91
CA LYS C 732 37.57 -13.50 54.39
C LYS C 732 37.53 -13.63 52.88
N ILE C 733 38.33 -12.82 52.18
CA ILE C 733 38.33 -12.74 50.72
C ILE C 733 39.76 -12.85 50.21
N VAL C 734 39.95 -13.58 49.11
CA VAL C 734 41.18 -13.57 48.33
C VAL C 734 40.93 -12.77 47.06
N LEU C 735 41.85 -11.87 46.71
CA LEU C 735 41.58 -10.87 45.69
C LEU C 735 42.88 -10.56 44.95
N PRO C 736 42.81 -10.20 43.66
CA PRO C 736 44.02 -9.76 42.95
C PRO C 736 44.59 -8.49 43.53
N LYS C 737 45.92 -8.38 43.42
CA LYS C 737 46.62 -7.17 43.85
C LYS C 737 46.17 -5.95 43.08
N ASP C 738 45.82 -6.13 41.83
CA ASP C 738 45.59 -5.02 40.94
C ASP C 738 44.20 -4.40 41.07
N ASN C 739 43.39 -4.87 42.02
CA ASN C 739 42.14 -4.20 42.36
C ASN C 739 42.18 -3.59 43.76
N GLU C 740 43.38 -3.36 44.30
CA GLU C 740 43.44 -2.65 45.56
C GLU C 740 43.15 -1.18 45.39
N ALA C 741 43.14 -0.68 44.16
CA ALA C 741 42.56 0.61 43.84
C ALA C 741 41.07 0.51 43.53
N GLN C 742 40.44 -0.61 43.87
CA GLN C 742 39.00 -0.75 43.74
C GLN C 742 38.33 -0.97 45.08
N LEU C 743 39.09 -1.01 46.17
CA LEU C 743 38.51 -1.10 47.49
C LEU C 743 38.16 0.26 48.08
N GLU C 744 38.29 1.33 47.28
CA GLU C 744 37.70 2.62 47.62
C GLU C 744 36.24 2.71 47.22
N GLU C 745 35.64 1.61 46.78
CA GLU C 745 34.27 1.60 46.33
C GLU C 745 33.33 0.89 47.27
N LEU C 746 33.85 0.07 48.18
CA LEU C 746 32.97 -0.62 49.08
C LEU C 746 32.45 0.30 50.16
N PRO C 747 31.24 0.06 50.66
CA PRO C 747 30.78 0.76 51.86
C PRO C 747 31.63 0.39 53.08
N LYS C 748 31.62 1.29 54.06
CA LYS C 748 32.47 1.13 55.24
C LYS C 748 32.05 -0.07 56.08
N GLU C 749 30.74 -0.39 56.06
CA GLU C 749 30.22 -1.49 56.86
C GLU C 749 30.79 -2.83 56.42
N VAL C 750 30.74 -3.12 55.12
CA VAL C 750 31.31 -4.36 54.64
C VAL C 750 32.82 -4.31 54.71
N LEU C 751 33.40 -3.12 54.62
CA LEU C 751 34.84 -3.00 54.63
C LEU C 751 35.42 -3.18 56.03
N GLU C 752 34.58 -3.11 57.06
CA GLU C 752 35.05 -3.41 58.41
C GLU C 752 35.37 -4.90 58.56
N GLY C 753 34.42 -5.77 58.24
CA GLY C 753 34.58 -7.18 58.58
C GLY C 753 35.49 -7.95 57.66
N LEU C 754 35.57 -7.57 56.40
CA LEU C 754 36.26 -8.37 55.40
C LEU C 754 37.77 -8.21 55.54
N GLU C 755 38.47 -9.33 55.62
CA GLU C 755 39.92 -9.37 55.76
C GLU C 755 40.52 -9.74 54.41
N ILE C 756 40.72 -8.72 53.57
CA ILE C 756 41.09 -8.93 52.19
C ILE C 756 42.57 -9.31 52.15
N LYS C 757 42.86 -10.46 51.58
CA LYS C 757 44.21 -10.84 51.22
C LYS C 757 44.42 -10.50 49.76
N LEU C 758 45.54 -9.86 49.44
CA LEU C 758 45.82 -9.43 48.08
C LEU C 758 46.94 -10.28 47.51
N VAL C 759 46.71 -10.84 46.32
CA VAL C 759 47.66 -11.76 45.70
C VAL C 759 47.96 -11.33 44.27
N GLU C 760 49.12 -11.79 43.80
CA GLU C 760 49.49 -11.72 42.40
C GLU C 760 50.21 -12.98 41.93
N ASP C 761 50.47 -13.95 42.80
CA ASP C 761 50.99 -15.25 42.41
C ASP C 761 50.11 -16.32 43.02
N VAL C 762 49.80 -17.36 42.23
CA VAL C 762 48.76 -18.30 42.62
C VAL C 762 49.25 -19.29 43.67
N GLY C 763 50.55 -19.39 43.89
CA GLY C 763 51.06 -20.22 44.97
C GLY C 763 50.67 -19.69 46.34
N GLU C 764 50.49 -18.38 46.44
CA GLU C 764 49.93 -17.76 47.64
C GLU C 764 48.52 -18.26 47.92
N VAL C 765 47.69 -18.34 46.88
CA VAL C 765 46.31 -18.80 47.06
C VAL C 765 46.29 -20.27 47.42
N LEU C 766 47.15 -21.07 46.78
CA LEU C 766 47.18 -22.50 47.09
C LEU C 766 47.94 -22.83 48.36
N GLU C 767 48.55 -21.86 49.04
CA GLU C 767 48.97 -22.11 50.40
C GLU C 767 48.05 -21.47 51.43
N TYR C 768 47.14 -20.60 51.01
CA TYR C 768 46.24 -19.96 51.96
C TYR C 768 44.88 -20.64 52.07
N LEU C 769 44.43 -21.33 51.03
CA LEU C 769 43.10 -21.92 51.04
C LEU C 769 43.05 -23.33 51.61
N LEU C 770 44.15 -24.07 51.56
CA LEU C 770 44.12 -25.51 51.72
C LEU C 770 44.69 -25.96 53.05
N LEU C 771 44.04 -26.94 53.66
CA LEU C 771 44.58 -27.59 54.85
C LEU C 771 45.80 -28.41 54.47
N PRO C 772 46.81 -28.49 55.34
CA PRO C 772 48.09 -29.07 54.92
C PRO C 772 48.15 -30.59 54.94
N GLU C 773 47.19 -31.27 55.55
CA GLU C 773 47.39 -32.71 55.72
C GLU C 773 46.55 -33.52 54.75
N PRO C 774 46.96 -34.74 54.43
CA PRO C 774 46.09 -35.66 53.67
C PRO C 774 44.96 -36.18 54.55
N THR C 775 43.72 -35.97 54.10
CA THR C 775 42.53 -36.35 54.86
C THR C 775 41.67 -37.40 54.19
N MET C 776 41.90 -37.69 52.91
CA MET C 776 41.18 -38.71 52.17
C MET C 776 42.16 -39.41 51.23
N PRO C 777 42.14 -40.73 51.17
CA PRO C 777 43.07 -41.45 50.26
C PRO C 777 42.64 -41.28 48.82
N PRO C 778 43.50 -40.71 47.97
CA PRO C 778 43.14 -40.49 46.56
C PRO C 778 43.29 -41.79 45.78
N VAL C 779 43.14 -41.68 44.46
CA VAL C 779 43.51 -42.77 43.56
C VAL C 779 44.98 -42.61 43.15
N VAL C 780 45.78 -43.64 43.42
CA VAL C 780 47.21 -43.60 43.08
C VAL C 780 47.59 -44.79 42.22
N ARG D 2 -11.67 50.23 -78.72
CA ARG D 2 -10.37 49.75 -78.26
C ARG D 2 -9.49 50.94 -77.87
N LEU D 3 -9.04 50.97 -76.62
CA LEU D 3 -8.16 52.01 -76.13
C LEU D 3 -7.45 51.55 -74.87
N GLU D 4 -6.13 51.77 -74.84
CA GLU D 4 -5.34 51.48 -73.66
C GLU D 4 -5.61 52.51 -72.57
N LEU D 5 -6.12 52.06 -71.44
CA LEU D 5 -6.46 52.93 -70.33
C LEU D 5 -5.77 52.45 -69.06
N PRO D 6 -5.33 53.37 -68.20
CA PRO D 6 -4.57 52.95 -67.01
C PRO D 6 -5.48 52.39 -65.93
N VAL D 7 -4.97 51.39 -65.21
CA VAL D 7 -5.70 50.69 -64.15
C VAL D 7 -5.25 51.24 -62.80
N ILE D 8 -6.22 51.45 -61.90
CA ILE D 8 -6.01 52.09 -60.61
C ILE D 8 -5.88 51.00 -59.54
N PRO D 9 -4.87 51.07 -58.68
CA PRO D 9 -4.74 50.08 -57.61
C PRO D 9 -5.83 50.22 -56.56
N LEU D 10 -6.52 49.10 -56.32
CA LEU D 10 -7.58 48.93 -55.34
C LEU D 10 -7.09 47.93 -54.30
N ARG D 11 -7.97 47.51 -53.40
CA ARG D 11 -7.63 46.31 -52.65
C ARG D 11 -8.24 45.10 -53.33
N ASN D 12 -9.58 45.04 -53.37
CA ASN D 12 -10.32 44.12 -54.23
C ASN D 12 -11.71 44.60 -54.64
N THR D 13 -11.97 45.92 -54.60
CA THR D 13 -13.35 46.44 -54.62
C THR D 13 -14.07 46.16 -55.94
N VAL D 14 -15.32 45.72 -55.82
CA VAL D 14 -16.11 45.20 -56.93
C VAL D 14 -16.58 46.35 -57.80
N ILE D 15 -16.37 46.22 -59.10
CA ILE D 15 -16.80 47.21 -60.07
C ILE D 15 -17.76 46.54 -61.04
N LEU D 16 -18.97 47.14 -61.20
CA LEU D 16 -20.05 46.69 -62.06
C LEU D 16 -20.52 47.82 -62.98
N PRO D 17 -21.05 47.49 -64.17
CA PRO D 17 -21.48 48.55 -65.10
C PRO D 17 -22.69 49.32 -64.62
N HIS D 18 -22.84 50.52 -65.20
CA HIS D 18 -23.98 51.42 -65.00
C HIS D 18 -24.18 51.77 -63.53
N THR D 19 -23.10 52.23 -62.91
CA THR D 19 -23.14 52.64 -61.51
C THR D 19 -22.21 53.82 -61.35
N THR D 20 -22.78 55.01 -61.25
CA THR D 20 -21.99 56.21 -61.01
C THR D 20 -21.48 56.19 -59.58
N THR D 21 -20.16 56.02 -59.44
CA THR D 21 -19.58 55.73 -58.14
C THR D 21 -18.57 56.80 -57.78
N PRO D 22 -18.69 57.44 -56.63
CA PRO D 22 -17.60 58.28 -56.12
C PRO D 22 -16.43 57.41 -55.69
N VAL D 23 -15.39 57.37 -56.53
CA VAL D 23 -14.22 56.54 -56.29
C VAL D 23 -13.21 57.39 -55.54
N ASP D 24 -13.02 57.09 -54.26
CA ASP D 24 -12.13 57.83 -53.38
C ASP D 24 -10.74 57.22 -53.50
N VAL D 25 -9.86 57.93 -54.22
CA VAL D 25 -8.54 57.41 -54.57
C VAL D 25 -7.55 57.93 -53.52
N GLY D 26 -7.12 57.04 -52.64
CA GLY D 26 -6.28 57.40 -51.53
C GLY D 26 -4.79 57.37 -51.80
N ARG D 27 -4.29 56.26 -52.35
CA ARG D 27 -2.86 56.11 -52.61
C ARG D 27 -2.42 57.04 -53.73
N ALA D 28 -1.30 57.72 -53.49
CA ALA D 28 -0.69 58.55 -54.52
C ALA D 28 -0.22 57.74 -55.70
N LYS D 29 0.11 56.46 -55.51
CA LYS D 29 0.31 55.56 -56.64
C LYS D 29 -0.97 55.34 -57.42
N SER D 30 -2.09 55.20 -56.73
CA SER D 30 -3.38 55.13 -57.41
C SER D 30 -3.80 56.48 -57.98
N LYS D 31 -3.40 57.58 -57.32
CA LYS D 31 -3.64 58.91 -57.85
C LYS D 31 -2.90 59.15 -59.15
N ARG D 32 -1.75 58.51 -59.34
CA ARG D 32 -1.05 58.72 -60.60
C ARG D 32 -1.59 57.82 -61.70
N ALA D 33 -2.24 56.72 -61.34
CA ALA D 33 -3.08 56.03 -62.31
C ALA D 33 -4.26 56.90 -62.74
N VAL D 34 -4.86 57.62 -61.79
CA VAL D 34 -5.91 58.60 -62.12
C VAL D 34 -5.36 59.72 -63.02
N GLU D 35 -4.14 60.17 -62.76
CA GLU D 35 -3.61 61.29 -63.53
C GLU D 35 -3.01 60.82 -64.85
N GLU D 36 -2.78 59.51 -65.00
CA GLU D 36 -2.57 58.95 -66.33
C GLU D 36 -3.89 58.77 -67.06
N ALA D 37 -4.97 58.58 -66.34
CA ALA D 37 -6.29 58.60 -66.97
C ALA D 37 -6.66 60.01 -67.39
N MET D 38 -6.06 61.01 -66.71
CA MET D 38 -6.12 62.38 -67.19
C MET D 38 -5.37 62.52 -68.51
N GLY D 39 -4.31 61.73 -68.70
CA GLY D 39 -3.65 61.59 -69.98
C GLY D 39 -4.22 60.51 -70.87
N ALA D 40 -5.44 60.04 -70.59
CA ALA D 40 -6.08 58.99 -71.36
C ALA D 40 -7.53 59.33 -71.71
N ASP D 41 -7.77 60.58 -72.12
CA ASP D 41 -9.03 61.09 -72.69
C ASP D 41 -10.21 60.97 -71.73
N ARG D 42 -10.00 61.21 -70.43
CA ARG D 42 -10.98 61.14 -69.33
C ARG D 42 -11.67 59.78 -69.25
N LEU D 43 -11.00 58.70 -69.65
CA LEU D 43 -11.58 57.37 -69.67
C LEU D 43 -10.71 56.41 -68.88
N ILE D 44 -11.37 55.52 -68.13
CA ILE D 44 -10.72 54.49 -67.33
C ILE D 44 -11.33 53.15 -67.71
N PHE D 45 -10.47 52.19 -68.00
CA PHE D 45 -10.91 50.80 -68.17
C PHE D 45 -10.66 50.12 -66.83
N LEU D 46 -11.71 50.07 -66.00
CA LEU D 46 -11.60 49.61 -64.62
C LEU D 46 -11.39 48.10 -64.59
N VAL D 47 -10.14 47.69 -64.38
CA VAL D 47 -9.82 46.29 -64.14
C VAL D 47 -9.67 46.12 -62.63
N ALA D 48 -10.39 45.14 -62.11
CA ALA D 48 -10.40 44.87 -60.69
C ALA D 48 -9.12 44.15 -60.27
N GLN D 49 -8.74 44.33 -59.01
CA GLN D 49 -7.65 43.60 -58.40
C GLN D 49 -7.89 42.10 -58.39
N ARG D 50 -6.84 41.30 -58.53
CA ARG D 50 -7.01 39.91 -58.20
C ARG D 50 -6.88 39.70 -56.70
N ASP D 51 -7.08 38.46 -56.30
CA ASP D 51 -6.90 38.00 -54.94
C ASP D 51 -5.40 37.97 -54.60
N PRO D 52 -5.01 37.45 -53.43
CA PRO D 52 -4.55 38.32 -52.33
C PRO D 52 -4.07 39.71 -52.70
N GLU D 53 -4.64 40.65 -51.96
CA GLU D 53 -4.67 42.06 -52.29
C GLU D 53 -3.31 42.71 -52.17
N VAL D 54 -2.91 43.44 -53.21
CA VAL D 54 -2.02 44.56 -53.04
C VAL D 54 -2.77 45.79 -53.56
N ASP D 55 -2.42 46.94 -52.99
CA ASP D 55 -2.76 48.22 -53.61
C ASP D 55 -1.51 48.87 -54.20
N ASP D 56 -0.53 48.04 -54.60
CA ASP D 56 0.72 48.19 -55.31
C ASP D 56 0.47 47.98 -56.80
N PRO D 57 1.05 48.80 -57.70
CA PRO D 57 0.96 48.46 -59.13
C PRO D 57 1.65 47.15 -59.46
N ALA D 58 0.83 46.16 -59.78
CA ALA D 58 1.23 44.79 -60.10
C ALA D 58 0.24 44.22 -61.10
N PRO D 59 0.64 43.99 -62.35
CA PRO D 59 -0.30 43.52 -63.36
C PRO D 59 -0.78 42.09 -63.16
N ASP D 60 -0.07 41.30 -62.38
CA ASP D 60 -0.47 39.93 -62.12
C ASP D 60 -1.55 39.85 -61.06
N ASP D 61 -1.88 40.96 -60.42
CA ASP D 61 -3.07 41.06 -59.59
C ASP D 61 -4.19 41.69 -60.41
N LEU D 62 -4.23 41.36 -61.69
CA LEU D 62 -5.31 41.78 -62.58
C LEU D 62 -5.77 40.57 -63.37
N TYR D 63 -7.08 40.41 -63.50
CA TYR D 63 -7.66 39.33 -64.26
C TYR D 63 -7.68 39.66 -65.74
N THR D 64 -8.44 38.87 -66.49
CA THR D 64 -8.56 39.01 -67.92
C THR D 64 -9.70 39.97 -68.29
N TRP D 65 -10.40 40.50 -67.28
CA TRP D 65 -11.67 41.15 -67.54
C TRP D 65 -11.76 42.47 -66.79
N GLY D 66 -12.45 43.42 -67.39
CA GLY D 66 -12.69 44.70 -66.77
C GLY D 66 -13.80 45.44 -67.46
N VAL D 67 -14.14 46.60 -66.92
CA VAL D 67 -15.20 47.44 -67.47
C VAL D 67 -14.63 48.82 -67.78
N GLN D 68 -15.28 49.52 -68.70
CA GLN D 68 -14.95 50.91 -68.99
C GLN D 68 -15.82 51.85 -68.18
N ALA D 69 -15.27 53.00 -67.82
CA ALA D 69 -16.01 54.05 -67.15
C ALA D 69 -15.68 55.39 -67.81
N VAL D 70 -16.10 56.47 -67.16
CA VAL D 70 -15.77 57.81 -67.61
C VAL D 70 -15.74 58.73 -66.39
N VAL D 71 -14.70 59.56 -66.30
CA VAL D 71 -14.55 60.50 -65.19
C VAL D 71 -15.59 61.60 -65.32
N LYS D 72 -16.33 61.85 -64.23
CA LYS D 72 -17.39 62.86 -64.23
C LYS D 72 -17.05 64.12 -63.46
N GLN D 73 -16.48 64.01 -62.27
CA GLN D 73 -16.16 65.17 -61.45
C GLN D 73 -14.68 65.51 -61.53
N ALA D 74 -14.38 66.81 -61.52
CA ALA D 74 -13.03 67.30 -61.25
C ALA D 74 -12.98 67.71 -59.79
N MET D 75 -13.08 66.71 -58.92
CA MET D 75 -13.24 66.91 -57.49
C MET D 75 -12.03 66.36 -56.74
N ARG D 76 -11.71 67.00 -55.62
CA ARG D 76 -10.62 66.59 -54.75
C ARG D 76 -11.01 66.83 -53.30
N LEU D 77 -10.85 65.80 -52.47
CA LEU D 77 -11.07 65.93 -51.04
C LEU D 77 -9.74 65.81 -50.32
N PRO D 78 -9.10 66.91 -49.93
CA PRO D 78 -7.84 66.80 -49.17
C PRO D 78 -8.05 66.35 -47.72
N ASP D 79 -8.55 65.14 -47.54
CA ASP D 79 -8.59 64.49 -46.24
C ASP D 79 -8.01 63.10 -46.39
N GLY D 80 -7.10 62.95 -47.35
CA GLY D 80 -6.41 61.70 -47.61
C GLY D 80 -6.91 60.93 -48.81
N THR D 81 -7.50 61.62 -49.79
CA THR D 81 -8.06 60.94 -50.94
C THR D 81 -8.16 61.84 -52.16
N LEU D 82 -8.50 61.23 -53.29
CA LEU D 82 -8.80 61.91 -54.56
C LEU D 82 -10.15 61.38 -55.05
N GLN D 83 -11.22 62.13 -54.75
CA GLN D 83 -12.57 61.71 -55.12
C GLN D 83 -12.76 61.87 -56.61
N VAL D 84 -12.69 60.76 -57.35
CA VAL D 84 -12.97 60.77 -58.79
C VAL D 84 -14.33 60.10 -59.00
N MET D 85 -15.15 60.69 -59.86
CA MET D 85 -16.51 60.23 -60.10
C MET D 85 -16.57 59.50 -61.43
N VAL D 86 -16.80 58.19 -61.38
CA VAL D 86 -16.82 57.35 -62.56
C VAL D 86 -18.27 57.15 -62.97
N GLU D 87 -18.45 56.63 -64.18
CA GLU D 87 -19.73 56.09 -64.62
C GLU D 87 -19.43 54.89 -65.49
N ALA D 88 -19.46 53.70 -64.89
CA ALA D 88 -19.08 52.47 -65.56
C ALA D 88 -20.07 52.15 -66.67
N ARG D 89 -19.57 51.56 -67.76
CA ARG D 89 -20.35 51.44 -68.99
C ARG D 89 -20.68 49.99 -69.34
N ALA D 90 -19.67 49.14 -69.57
CA ALA D 90 -19.89 47.73 -69.90
C ALA D 90 -18.57 46.99 -69.77
N ARG D 91 -18.65 45.66 -69.69
CA ARG D 91 -17.49 44.81 -69.48
C ARG D 91 -16.69 44.65 -70.76
N ALA D 92 -15.40 44.34 -70.62
CA ALA D 92 -14.52 44.02 -71.73
C ALA D 92 -13.31 43.24 -71.22
N GLN D 93 -12.33 43.06 -72.11
CA GLN D 93 -11.19 42.18 -71.87
C GLN D 93 -9.89 42.97 -71.82
N VAL D 94 -8.83 42.23 -71.48
CA VAL D 94 -7.46 42.73 -71.43
C VAL D 94 -6.62 41.82 -72.32
N THR D 95 -5.78 42.41 -73.17
CA THR D 95 -4.96 41.60 -74.07
C THR D 95 -3.69 41.10 -73.37
N ASP D 96 -2.82 42.02 -72.94
CA ASP D 96 -1.55 41.61 -72.36
C ASP D 96 -1.09 42.65 -71.36
N TYR D 97 -0.23 42.23 -70.44
CA TYR D 97 0.15 43.05 -69.29
C TYR D 97 1.16 44.11 -69.69
N ILE D 98 0.73 45.37 -69.78
CA ILE D 98 1.68 46.48 -69.71
C ILE D 98 2.00 46.68 -68.23
N PRO D 99 3.26 46.56 -67.83
CA PRO D 99 3.58 46.63 -66.40
C PRO D 99 3.49 48.06 -65.88
N GLY D 100 3.03 48.19 -64.63
CA GLY D 100 3.02 49.44 -63.92
C GLY D 100 3.85 49.33 -62.66
N PRO D 101 4.14 50.46 -61.99
CA PRO D 101 3.66 51.85 -62.06
C PRO D 101 3.97 52.63 -63.34
N TYR D 102 2.93 53.16 -63.97
CA TYR D 102 1.55 52.97 -63.48
C TYR D 102 0.74 52.12 -64.42
N LEU D 103 0.01 51.20 -63.80
CA LEU D 103 -0.58 50.06 -64.49
C LEU D 103 -1.58 50.49 -65.57
N ARG D 104 -1.26 50.12 -66.79
CA ARG D 104 -2.16 50.24 -67.91
C ARG D 104 -2.43 48.84 -68.43
N ALA D 105 -3.63 48.63 -68.93
CA ALA D 105 -4.02 47.34 -69.48
C ALA D 105 -4.30 47.50 -70.96
N ARG D 106 -3.85 46.54 -71.75
CA ARG D 106 -4.15 46.56 -73.18
C ARG D 106 -5.62 46.26 -73.40
N GLY D 107 -6.41 47.33 -73.57
CA GLY D 107 -7.84 47.24 -73.55
C GLY D 107 -8.41 46.85 -74.91
N GLU D 108 -9.66 46.41 -74.88
CA GLU D 108 -10.33 45.92 -76.08
C GLU D 108 -11.75 46.50 -76.11
N VAL D 109 -12.51 46.10 -77.14
CA VAL D 109 -13.87 46.59 -77.35
C VAL D 109 -14.84 45.93 -76.36
N PHE D 110 -16.07 46.45 -76.28
CA PHE D 110 -17.01 46.03 -75.26
C PHE D 110 -17.49 44.60 -75.48
N SER D 111 -17.90 43.96 -74.38
CA SER D 111 -18.54 42.65 -74.39
C SER D 111 -19.98 42.83 -73.95
N GLU D 112 -20.92 42.79 -74.90
CA GLU D 112 -22.30 43.10 -74.60
C GLU D 112 -23.20 42.02 -75.17
N ILE D 113 -24.47 42.09 -74.77
CA ILE D 113 -25.49 41.12 -75.19
C ILE D 113 -26.82 41.84 -75.17
N PHE D 114 -27.78 41.32 -75.92
CA PHE D 114 -29.08 41.96 -76.10
C PHE D 114 -30.18 40.95 -75.82
N PRO D 115 -31.33 41.41 -75.28
CA PRO D 115 -32.33 40.45 -74.77
C PRO D 115 -33.06 39.71 -75.89
N ILE D 116 -32.72 38.43 -76.02
CA ILE D 116 -33.47 37.46 -76.81
C ILE D 116 -34.01 36.41 -75.85
N ASP D 117 -34.87 35.55 -76.38
CA ASP D 117 -35.78 34.69 -75.61
C ASP D 117 -36.54 35.55 -74.60
N GLU D 118 -37.24 36.54 -75.16
CA GLU D 118 -37.75 37.68 -74.43
C GLU D 118 -38.84 37.33 -73.43
N ALA D 119 -39.55 36.22 -73.62
CA ALA D 119 -40.51 35.76 -72.64
C ALA D 119 -39.83 35.28 -71.36
N VAL D 120 -38.80 34.45 -71.49
CA VAL D 120 -38.00 34.01 -70.36
C VAL D 120 -37.30 35.20 -69.70
N VAL D 121 -36.92 36.19 -70.52
CA VAL D 121 -36.35 37.45 -70.03
C VAL D 121 -37.34 38.18 -69.14
N ARG D 122 -38.59 38.34 -69.59
CA ARG D 122 -39.61 39.03 -68.78
C ARG D 122 -39.90 38.27 -67.49
N VAL D 123 -40.02 36.94 -67.58
CA VAL D 123 -40.32 36.11 -66.42
C VAL D 123 -39.20 36.21 -65.39
N LEU D 124 -37.96 35.97 -65.81
CA LEU D 124 -36.82 35.98 -64.92
C LEU D 124 -36.49 37.37 -64.39
N VAL D 125 -36.75 38.43 -65.15
CA VAL D 125 -36.53 39.79 -64.65
C VAL D 125 -37.57 40.15 -63.60
N GLU D 126 -38.84 39.77 -63.80
CA GLU D 126 -39.84 40.03 -62.76
C GLU D 126 -39.60 39.19 -61.51
N GLU D 127 -39.14 37.95 -61.68
CA GLU D 127 -38.69 37.13 -60.56
C GLU D 127 -37.54 37.80 -59.82
N LEU D 128 -36.61 38.41 -60.58
CA LEU D 128 -35.47 39.08 -59.97
C LEU D 128 -35.90 40.30 -59.17
N LYS D 129 -36.84 41.08 -59.72
CA LYS D 129 -37.43 42.22 -59.01
C LYS D 129 -38.08 41.81 -57.70
N GLU D 130 -38.96 40.80 -57.76
CA GLU D 130 -39.70 40.39 -56.58
C GLU D 130 -38.79 39.76 -55.52
N ALA D 131 -37.89 38.86 -55.91
CA ALA D 131 -37.04 38.19 -54.93
C ALA D 131 -35.99 39.13 -54.36
N PHE D 132 -35.52 40.09 -55.15
CA PHE D 132 -34.58 41.07 -54.64
C PHE D 132 -35.27 42.05 -53.71
N GLU D 133 -36.52 42.40 -54.02
CA GLU D 133 -37.31 43.28 -53.17
C GLU D 133 -37.60 42.63 -51.82
N LYS D 134 -38.02 41.35 -51.85
CA LYS D 134 -38.26 40.66 -50.59
C LYS D 134 -36.95 40.26 -49.92
N TYR D 135 -35.84 40.27 -50.64
CA TYR D 135 -34.54 40.15 -49.99
C TYR D 135 -34.23 41.39 -49.16
N VAL D 136 -34.31 42.57 -49.79
CA VAL D 136 -33.96 43.81 -49.09
C VAL D 136 -34.96 44.09 -47.98
N ALA D 137 -36.19 43.60 -48.13
CA ALA D 137 -37.13 43.58 -47.01
C ALA D 137 -36.68 42.61 -45.92
N ASN D 138 -36.35 41.37 -46.30
CA ASN D 138 -35.96 40.34 -45.34
C ASN D 138 -34.59 40.62 -44.74
N HIS D 139 -33.77 41.39 -45.44
CA HIS D 139 -32.43 41.70 -44.96
C HIS D 139 -32.18 43.18 -45.14
N LYS D 140 -32.56 43.96 -44.13
CA LYS D 140 -32.23 45.37 -44.06
C LYS D 140 -30.86 45.59 -43.43
N SER D 141 -30.10 44.52 -43.25
CA SER D 141 -28.67 44.62 -42.94
C SER D 141 -27.94 45.41 -44.02
N LEU D 142 -28.20 45.11 -45.29
CA LEU D 142 -27.91 46.10 -46.31
C LEU D 142 -29.11 47.01 -46.45
N ARG D 143 -28.82 48.30 -46.63
CA ARG D 143 -29.89 49.28 -46.62
C ARG D 143 -30.10 49.84 -48.00
N LEU D 144 -31.30 49.61 -48.54
CA LEU D 144 -31.71 50.25 -49.78
C LEU D 144 -33.05 50.92 -49.57
N ASP D 145 -33.05 52.24 -49.49
CA ASP D 145 -34.27 53.01 -49.27
C ASP D 145 -35.13 53.01 -50.53
N ARG D 146 -36.43 53.24 -50.38
CA ARG D 146 -37.35 52.96 -51.48
C ARG D 146 -37.55 54.14 -52.40
N TYR D 147 -36.44 54.70 -52.88
CA TYR D 147 -36.45 55.69 -53.94
C TYR D 147 -35.35 55.26 -54.90
N GLN D 148 -34.64 54.22 -54.50
CA GLN D 148 -33.60 53.59 -55.30
C GLN D 148 -33.89 52.11 -55.52
N LEU D 149 -34.82 51.53 -54.75
CA LEU D 149 -35.38 50.23 -55.06
C LEU D 149 -36.65 50.34 -55.89
N GLU D 150 -37.38 51.45 -55.81
CA GLU D 150 -38.43 51.74 -56.76
C GLU D 150 -37.90 52.30 -58.06
N ALA D 151 -36.66 52.81 -58.06
CA ALA D 151 -36.09 53.37 -59.28
C ALA D 151 -35.56 52.28 -60.20
N VAL D 152 -35.06 51.17 -59.64
CA VAL D 152 -34.54 50.08 -60.46
C VAL D 152 -35.63 49.28 -61.15
N LYS D 153 -36.89 49.48 -60.77
CA LYS D 153 -38.02 48.86 -61.44
C LYS D 153 -38.39 49.52 -62.75
N GLY D 154 -38.04 50.79 -62.95
CA GLY D 154 -38.56 51.55 -64.07
C GLY D 154 -37.58 51.84 -65.19
N THR D 155 -36.72 50.88 -65.50
CA THR D 155 -35.79 51.00 -66.63
C THR D 155 -35.80 49.69 -67.42
N SER D 156 -34.79 49.54 -68.27
CA SER D 156 -34.70 48.43 -69.21
C SER D 156 -33.28 47.90 -69.23
N ASP D 157 -32.96 47.10 -70.29
CA ASP D 157 -31.68 46.43 -70.50
C ASP D 157 -31.38 45.48 -69.34
N PRO D 158 -31.94 44.27 -69.36
CA PRO D 158 -31.74 43.31 -68.23
C PRO D 158 -30.28 43.01 -67.89
N ALA D 159 -29.34 43.20 -68.82
CA ALA D 159 -27.93 43.19 -68.47
C ALA D 159 -27.60 44.35 -67.53
N MET D 160 -27.96 45.56 -67.93
CA MET D 160 -27.82 46.74 -67.08
C MET D 160 -28.64 46.62 -65.80
N LEU D 161 -29.82 45.99 -65.88
CA LEU D 161 -30.62 45.75 -64.67
C LEU D 161 -29.90 44.85 -63.70
N ALA D 162 -29.32 43.75 -64.21
CA ALA D 162 -28.51 42.88 -63.38
C ALA D 162 -27.31 43.61 -62.80
N ASP D 163 -26.69 44.49 -63.60
CA ASP D 163 -25.55 45.28 -63.16
C ASP D 163 -25.90 46.18 -61.99
N THR D 164 -26.94 46.98 -62.16
CA THR D 164 -27.29 47.97 -61.14
C THR D 164 -27.89 47.31 -59.90
N ILE D 165 -28.71 46.27 -60.08
CA ILE D 165 -29.26 45.55 -58.93
C ILE D 165 -28.16 44.83 -58.17
N ALA D 166 -27.26 44.15 -58.88
CA ALA D 166 -26.14 43.47 -58.26
C ALA D 166 -25.13 44.41 -57.63
N TYR D 167 -25.14 45.70 -57.99
CA TYR D 167 -24.37 46.65 -57.22
C TYR D 167 -24.91 46.78 -55.79
N HIS D 168 -26.23 46.62 -55.62
CA HIS D 168 -26.82 46.82 -54.30
C HIS D 168 -26.52 45.68 -53.33
N ALA D 169 -26.51 44.43 -53.79
CA ALA D 169 -26.26 43.31 -52.89
C ALA D 169 -24.81 42.84 -53.00
N THR D 170 -24.34 42.16 -51.96
CA THR D 170 -22.92 41.91 -51.77
C THR D 170 -22.70 40.47 -51.30
N TRP D 171 -21.68 39.82 -51.83
CA TRP D 171 -21.34 38.43 -51.52
C TRP D 171 -19.87 38.21 -51.85
N THR D 172 -19.52 36.94 -52.00
CA THR D 172 -18.13 36.52 -52.13
C THR D 172 -17.51 36.91 -53.48
N VAL D 173 -16.23 36.54 -53.63
CA VAL D 173 -15.35 37.12 -54.66
C VAL D 173 -15.68 36.58 -56.04
N ALA D 174 -15.57 35.27 -56.21
CA ALA D 174 -15.66 34.68 -57.55
C ALA D 174 -17.07 34.74 -58.11
N GLU D 175 -18.09 34.86 -57.25
CA GLU D 175 -19.44 35.04 -57.76
C GLU D 175 -19.62 36.43 -58.36
N LYS D 176 -19.09 37.46 -57.69
CA LYS D 176 -19.03 38.80 -58.28
C LYS D 176 -18.24 38.80 -59.58
N GLN D 177 -17.13 38.05 -59.60
CA GLN D 177 -16.30 37.95 -60.80
C GLN D 177 -17.06 37.32 -61.96
N GLU D 178 -17.63 36.14 -61.74
CA GLU D 178 -18.28 35.38 -62.78
C GLU D 178 -19.58 36.01 -63.25
N ILE D 179 -20.29 36.73 -62.39
CA ILE D 179 -21.39 37.56 -62.86
C ILE D 179 -20.86 38.69 -63.74
N LEU D 180 -19.75 39.30 -63.31
CA LEU D 180 -19.13 40.31 -64.16
C LEU D 180 -18.44 39.69 -65.38
N GLU D 181 -17.97 38.45 -65.28
CA GLU D 181 -17.29 37.81 -66.42
C GLU D 181 -18.22 37.06 -67.35
N LEU D 182 -19.42 36.69 -66.94
CA LEU D 182 -20.37 36.17 -67.90
C LEU D 182 -20.87 37.29 -68.80
N THR D 183 -20.84 37.03 -70.11
CA THR D 183 -21.46 37.89 -71.10
C THR D 183 -22.88 37.42 -71.37
N ASP D 184 -23.22 36.24 -70.84
CA ASP D 184 -24.56 35.67 -70.96
C ASP D 184 -25.57 36.49 -70.18
N LEU D 185 -26.69 36.78 -70.82
CA LEU D 185 -27.77 37.49 -70.15
C LEU D 185 -28.52 36.59 -69.18
N GLU D 186 -29.12 35.50 -69.68
CA GLU D 186 -30.04 34.74 -68.86
C GLU D 186 -29.34 33.86 -67.84
N ALA D 187 -28.12 33.42 -68.13
CA ALA D 187 -27.35 32.68 -67.14
C ALA D 187 -26.98 33.56 -65.95
N ARG D 188 -26.61 34.81 -66.21
CA ARG D 188 -26.33 35.78 -65.16
C ARG D 188 -27.57 36.13 -64.33
N LEU D 189 -28.71 36.33 -65.00
CA LEU D 189 -29.94 36.65 -64.28
C LEU D 189 -30.42 35.47 -63.45
N LYS D 190 -30.28 34.25 -63.97
CA LYS D 190 -30.54 33.04 -63.19
C LYS D 190 -29.59 32.92 -62.01
N LYS D 191 -28.32 33.32 -62.20
CA LYS D 191 -27.34 33.27 -61.12
C LYS D 191 -27.72 34.22 -59.99
N VAL D 192 -28.14 35.43 -60.33
CA VAL D 192 -28.50 36.41 -59.31
C VAL D 192 -29.82 36.03 -58.63
N LEU D 193 -30.76 35.47 -59.40
CA LEU D 193 -32.02 35.01 -58.81
C LEU D 193 -31.79 33.81 -57.89
N GLY D 194 -30.83 32.96 -58.24
CA GLY D 194 -30.45 31.87 -57.35
C GLY D 194 -29.74 32.36 -56.10
N LEU D 195 -28.96 33.44 -56.23
CA LEU D 195 -28.40 34.10 -55.06
C LEU D 195 -29.49 34.59 -54.10
N LEU D 196 -30.54 35.17 -54.66
CA LEU D 196 -31.70 35.58 -53.87
C LEU D 196 -32.38 34.39 -53.20
N SER D 197 -32.48 33.28 -53.94
CA SER D 197 -33.05 32.04 -53.41
C SER D 197 -32.24 31.53 -52.23
N ARG D 198 -30.91 31.59 -52.34
CA ARG D 198 -30.04 31.18 -51.23
C ARG D 198 -30.16 32.12 -50.04
N ASP D 199 -30.34 33.43 -50.30
CA ASP D 199 -30.56 34.39 -49.23
C ASP D 199 -31.81 34.05 -48.43
N LEU D 200 -32.88 33.73 -49.13
CA LEU D 200 -34.13 33.45 -48.42
C LEU D 200 -34.09 32.06 -47.80
N GLU D 201 -33.31 31.14 -48.38
CA GLU D 201 -33.01 29.85 -47.76
C GLU D 201 -32.39 30.02 -46.38
N ARG D 202 -31.31 30.79 -46.31
CA ARG D 202 -30.65 31.00 -45.02
C ARG D 202 -31.53 31.84 -44.10
N PHE D 203 -32.38 32.70 -44.64
CA PHE D 203 -33.29 33.46 -43.80
C PHE D 203 -34.37 32.57 -43.20
N GLU D 204 -34.78 31.53 -43.93
CA GLU D 204 -35.72 30.59 -43.33
C GLU D 204 -35.03 29.69 -42.33
N LEU D 205 -33.75 29.40 -42.55
CA LEU D 205 -32.95 28.78 -41.50
C LEU D 205 -32.89 29.68 -40.26
N ASP D 206 -32.87 31.00 -40.46
CA ASP D 206 -32.89 31.92 -39.33
C ASP D 206 -34.22 31.87 -38.58
N LYS D 207 -35.32 31.78 -39.33
CA LYS D 207 -36.62 31.73 -38.70
C LYS D 207 -36.81 30.43 -37.92
N ARG D 208 -36.25 29.33 -38.44
CA ARG D 208 -36.39 28.07 -37.72
C ARG D 208 -35.49 28.04 -36.48
N VAL D 209 -34.28 28.62 -36.57
CA VAL D 209 -33.47 28.68 -35.35
C VAL D 209 -34.04 29.64 -34.33
N ALA D 210 -34.84 30.62 -34.74
CA ALA D 210 -35.52 31.48 -33.78
C ALA D 210 -36.56 30.70 -32.99
N GLN D 211 -37.35 29.90 -33.71
CA GLN D 211 -38.28 28.98 -33.02
C GLN D 211 -37.54 28.02 -32.10
N ARG D 212 -36.40 27.51 -32.57
CA ARG D 212 -35.59 26.59 -31.77
C ARG D 212 -35.08 27.23 -30.50
N VAL D 213 -34.62 28.48 -30.57
CA VAL D 213 -34.09 29.17 -29.40
C VAL D 213 -35.20 29.46 -28.39
N LYS D 214 -36.36 29.90 -28.89
CA LYS D 214 -37.50 30.17 -28.03
C LYS D 214 -37.94 28.92 -27.29
N GLU D 215 -38.00 27.80 -27.99
CA GLU D 215 -38.48 26.59 -27.36
C GLU D 215 -37.40 25.88 -26.56
N GLN D 216 -36.13 26.13 -26.83
CA GLN D 216 -35.08 25.70 -25.90
C GLN D 216 -35.11 26.51 -24.62
N MET D 217 -35.50 27.78 -24.70
CA MET D 217 -35.70 28.56 -23.48
C MET D 217 -36.87 27.99 -22.69
N ASP D 218 -37.93 27.61 -23.40
CA ASP D 218 -39.04 26.90 -22.77
C ASP D 218 -38.59 25.59 -22.15
N THR D 219 -37.70 24.87 -22.85
CA THR D 219 -37.15 23.60 -22.40
C THR D 219 -36.43 23.74 -21.07
N ASN D 220 -35.46 24.65 -21.02
CA ASN D 220 -34.62 24.77 -19.85
C ASN D 220 -35.38 25.40 -18.70
N GLN D 221 -36.37 26.25 -19.03
CA GLN D 221 -37.33 26.74 -18.07
C GLN D 221 -38.05 25.60 -17.37
N ARG D 222 -38.62 24.69 -18.15
CA ARG D 222 -39.34 23.56 -17.58
C ARG D 222 -38.41 22.63 -16.80
N GLU D 223 -37.18 22.46 -17.29
CA GLU D 223 -36.21 21.62 -16.58
C GLU D 223 -35.89 22.17 -15.20
N TYR D 224 -35.46 23.44 -15.15
CA TYR D 224 -35.11 24.09 -13.90
C TYR D 224 -36.29 24.18 -12.95
N TYR D 225 -37.49 24.38 -13.50
CA TYR D 225 -38.68 24.44 -12.66
C TYR D 225 -39.02 23.07 -12.07
N LEU D 226 -39.07 22.05 -12.92
CA LEU D 226 -39.70 20.81 -12.53
C LEU D 226 -38.79 19.96 -11.65
N ARG D 227 -37.47 20.12 -11.77
CA ARG D 227 -36.65 19.48 -10.75
C ARG D 227 -36.77 20.18 -9.40
N GLU D 228 -37.07 21.47 -9.37
CA GLU D 228 -37.39 22.10 -8.11
C GLU D 228 -38.73 21.62 -7.57
N GLN D 229 -39.64 21.24 -8.46
CA GLN D 229 -40.90 20.64 -8.02
C GLN D 229 -40.64 19.27 -7.40
N MET D 230 -39.67 18.54 -7.97
CA MET D 230 -39.22 17.29 -7.34
C MET D 230 -38.69 17.53 -5.93
N LYS D 231 -37.82 18.53 -5.76
CA LYS D 231 -37.22 18.74 -4.44
C LYS D 231 -38.26 19.30 -3.47
N ALA D 232 -39.28 20.00 -4.00
CA ALA D 232 -40.47 20.35 -3.24
C ALA D 232 -41.15 19.16 -2.60
N ILE D 233 -41.47 18.16 -3.43
CA ILE D 233 -42.01 16.88 -2.95
C ILE D 233 -41.12 16.31 -1.86
N GLN D 234 -39.80 16.28 -2.09
CA GLN D 234 -38.94 15.62 -1.10
C GLN D 234 -38.82 16.40 0.20
N LYS D 235 -38.76 17.73 0.13
CA LYS D 235 -38.60 18.49 1.37
C LYS D 235 -39.87 18.44 2.19
N GLU D 236 -41.01 18.20 1.56
CA GLU D 236 -42.14 17.83 2.39
C GLU D 236 -42.08 16.39 2.91
N LEU D 237 -41.69 15.41 2.09
CA LEU D 237 -41.73 14.02 2.56
C LEU D 237 -40.71 13.73 3.65
N GLY D 238 -39.44 14.05 3.41
CA GLY D 238 -38.44 13.80 4.42
C GLY D 238 -38.58 14.72 5.61
N GLY D 239 -38.61 16.03 5.36
CA GLY D 239 -38.86 16.94 6.46
C GLY D 239 -37.58 17.40 7.14
N GLU D 240 -37.26 16.78 8.28
CA GLU D 240 -36.59 17.53 9.33
C GLU D 240 -35.50 16.74 10.09
N ASP D 241 -35.41 15.43 9.85
CA ASP D 241 -34.74 14.40 10.72
C ASP D 241 -33.31 14.79 11.10
N GLY D 242 -32.44 15.14 10.16
CA GLY D 242 -31.02 15.14 10.47
C GLY D 242 -30.54 13.72 10.75
N LEU D 243 -30.95 12.76 9.91
CA LEU D 243 -30.60 11.36 10.12
C LEU D 243 -29.62 10.89 9.06
N SER D 244 -28.41 10.61 9.51
CA SER D 244 -27.29 10.07 8.76
C SER D 244 -26.47 9.18 9.69
N ASP D 245 -25.22 8.92 9.29
CA ASP D 245 -24.33 8.13 10.13
C ASP D 245 -23.32 9.03 10.84
N LEU D 246 -23.12 10.24 10.33
CA LEU D 246 -22.05 11.12 10.80
C LEU D 246 -22.35 11.73 12.17
N GLU D 247 -23.47 12.42 12.30
CA GLU D 247 -23.85 12.96 13.61
C GLU D 247 -24.27 11.85 14.55
N ALA D 248 -24.66 10.69 14.01
CA ALA D 248 -24.83 9.50 14.84
C ALA D 248 -23.53 9.05 15.47
N LEU D 249 -22.43 9.11 14.71
CA LEU D 249 -21.11 8.82 15.28
C LEU D 249 -20.73 9.87 16.31
N ARG D 250 -21.04 11.14 16.05
CA ARG D 250 -20.75 12.21 17.02
C ARG D 250 -21.55 12.03 18.32
N LYS D 251 -22.82 11.63 18.19
CA LYS D 251 -23.66 11.36 19.36
C LYS D 251 -23.15 10.15 20.13
N LYS D 252 -22.71 9.11 19.42
CA LYS D 252 -22.18 7.93 20.08
C LYS D 252 -20.86 8.24 20.77
N ILE D 253 -20.09 9.20 20.26
CA ILE D 253 -18.92 9.70 20.98
C ILE D 253 -19.35 10.43 22.24
N GLU D 254 -20.31 11.34 22.12
CA GLU D 254 -20.65 12.20 23.25
C GLU D 254 -21.52 11.52 24.31
N GLU D 255 -22.03 10.32 24.05
CA GLU D 255 -22.79 9.61 25.07
C GLU D 255 -21.87 8.92 26.06
N VAL D 256 -21.06 7.98 25.59
CA VAL D 256 -20.23 7.16 26.47
C VAL D 256 -18.89 7.83 26.70
N GLY D 257 -18.31 7.59 27.87
CA GLY D 257 -17.05 8.18 28.26
C GLY D 257 -17.15 9.70 28.40
N MET D 258 -16.07 10.40 28.08
CA MET D 258 -14.75 9.85 27.74
C MET D 258 -13.69 10.53 28.58
N PRO D 259 -12.46 9.98 28.62
CA PRO D 259 -11.31 10.80 29.04
C PRO D 259 -11.09 11.95 28.07
N GLU D 260 -10.40 12.98 28.57
CA GLU D 260 -10.40 14.28 27.89
C GLU D 260 -9.55 14.25 26.63
N ALA D 261 -8.32 13.73 26.71
CA ALA D 261 -7.44 13.70 25.53
C ALA D 261 -7.96 12.75 24.47
N VAL D 262 -8.55 11.63 24.89
CA VAL D 262 -9.19 10.70 23.98
C VAL D 262 -10.37 11.36 23.27
N LYS D 263 -11.13 12.16 24.02
CA LYS D 263 -12.28 12.87 23.45
C LYS D 263 -11.85 13.91 22.44
N THR D 264 -10.80 14.68 22.74
CA THR D 264 -10.33 15.70 21.81
C THR D 264 -9.73 15.08 20.55
N LYS D 265 -9.03 13.95 20.70
CA LYS D 265 -8.51 13.21 19.55
C LYS D 265 -9.64 12.73 18.64
N ALA D 266 -10.70 12.17 19.25
CA ALA D 266 -11.84 11.70 18.50
C ALA D 266 -12.59 12.85 17.82
N LEU D 267 -12.66 14.01 18.48
CA LEU D 267 -13.33 15.16 17.88
C LEU D 267 -12.53 15.73 16.70
N LYS D 268 -11.20 15.73 16.80
CA LYS D 268 -10.36 16.15 15.69
C LYS D 268 -10.55 15.25 14.48
N GLU D 269 -10.50 13.93 14.68
CA GLU D 269 -10.69 13.00 13.57
C GLU D 269 -12.12 13.07 13.02
N LEU D 270 -13.09 13.35 13.89
CA LEU D 270 -14.48 13.49 13.49
C LEU D 270 -14.69 14.70 12.58
N ASP D 271 -14.07 15.83 12.93
CA ASP D 271 -14.20 17.02 12.09
C ASP D 271 -13.46 16.83 10.75
N ARG D 272 -12.30 16.15 10.83
CA ARG D 272 -11.51 15.74 9.67
C ARG D 272 -12.31 14.86 8.71
N LEU D 273 -13.27 14.11 9.24
CA LEU D 273 -14.23 13.43 8.37
C LEU D 273 -15.42 14.34 8.00
N GLU D 274 -15.74 15.35 8.83
CA GLU D 274 -16.98 16.10 8.66
C GLU D 274 -16.98 17.03 7.45
N ARG D 275 -16.04 17.96 7.37
CA ARG D 275 -16.33 19.09 6.48
C ARG D 275 -16.05 18.75 5.03
N MET D 276 -15.27 17.71 4.78
CA MET D 276 -14.99 17.19 3.46
C MET D 276 -16.05 16.19 3.01
N GLN D 277 -15.68 15.37 2.01
CA GLN D 277 -16.50 14.42 1.27
C GLN D 277 -16.35 12.97 1.78
N GLN D 278 -16.97 12.04 1.05
CA GLN D 278 -16.91 10.63 1.37
C GLN D 278 -16.42 9.82 0.17
N GLY D 279 -15.33 9.08 0.35
CA GLY D 279 -14.83 8.20 -0.69
C GLY D 279 -13.34 7.96 -0.80
N SER D 280 -12.51 8.77 -0.15
CA SER D 280 -11.05 8.62 -0.29
C SER D 280 -10.55 7.44 0.54
N PRO D 281 -9.43 6.81 0.13
CA PRO D 281 -8.95 5.63 0.87
C PRO D 281 -8.33 5.92 2.23
N GLU D 282 -7.81 7.13 2.48
CA GLU D 282 -7.41 7.47 3.83
C GLU D 282 -8.60 7.71 4.75
N ALA D 283 -9.73 8.14 4.19
CA ALA D 283 -10.94 8.30 4.99
C ALA D 283 -11.45 6.96 5.48
N THR D 284 -11.22 5.89 4.71
CA THR D 284 -11.56 4.56 5.18
C THR D 284 -10.70 4.14 6.36
N VAL D 285 -9.41 4.52 6.35
CA VAL D 285 -8.50 4.20 7.44
C VAL D 285 -8.90 4.98 8.70
N ALA D 286 -9.22 6.26 8.53
CA ALA D 286 -9.69 7.07 9.66
C ALA D 286 -11.06 6.61 10.16
N ARG D 287 -11.89 6.09 9.27
CA ARG D 287 -13.20 5.56 9.64
C ARG D 287 -13.05 4.30 10.48
N THR D 288 -12.14 3.41 10.07
CA THR D 288 -11.88 2.20 10.86
C THR D 288 -11.20 2.56 12.19
N TYR D 289 -10.39 3.62 12.19
CA TYR D 289 -9.78 4.11 13.42
C TYR D 289 -10.83 4.60 14.42
N LEU D 290 -11.77 5.43 13.96
CA LEU D 290 -12.82 5.93 14.85
C LEU D 290 -13.78 4.82 15.27
N ASP D 291 -14.08 3.87 14.38
CA ASP D 291 -14.97 2.77 14.74
C ASP D 291 -14.32 1.83 15.74
N TRP D 292 -12.98 1.67 15.69
CA TRP D 292 -12.31 0.94 16.76
C TRP D 292 -12.21 1.78 18.04
N LEU D 293 -12.24 3.11 17.93
CA LEU D 293 -12.24 3.93 19.14
C LEU D 293 -13.56 3.87 19.89
N THR D 294 -14.69 3.81 19.17
CA THR D 294 -15.99 3.92 19.85
C THR D 294 -16.34 2.66 20.63
N GLU D 295 -15.93 1.49 20.12
CA GLU D 295 -16.44 0.21 20.62
C GLU D 295 -15.60 -0.39 21.74
N VAL D 296 -14.76 0.41 22.40
CA VAL D 296 -13.98 -0.05 23.53
C VAL D 296 -14.38 0.77 24.75
N PRO D 297 -14.90 0.15 25.80
CA PRO D 297 -15.56 0.92 26.87
C PRO D 297 -14.57 1.51 27.86
N TRP D 298 -15.08 2.44 28.65
CA TRP D 298 -14.28 3.14 29.65
C TRP D 298 -15.02 3.24 30.99
N SER D 299 -16.36 3.30 30.96
CA SER D 299 -17.13 3.69 32.13
C SER D 299 -18.42 2.92 32.36
N LYS D 300 -18.65 1.79 31.70
CA LYS D 300 -19.87 1.04 31.93
C LYS D 300 -19.81 0.34 33.29
N ALA D 301 -20.83 0.57 34.11
CA ALA D 301 -20.80 0.19 35.51
C ALA D 301 -21.72 -1.00 35.77
N ASP D 302 -21.43 -1.69 36.88
CA ASP D 302 -22.14 -2.83 37.42
C ASP D 302 -22.02 -2.81 38.93
N PRO D 303 -22.86 -3.55 39.68
CA PRO D 303 -22.58 -3.78 41.10
C PRO D 303 -21.30 -4.57 41.32
N GLU D 304 -20.31 -3.97 41.99
CA GLU D 304 -18.95 -4.50 42.03
C GLU D 304 -18.69 -5.40 43.24
N VAL D 305 -18.81 -4.84 44.44
CA VAL D 305 -18.35 -5.46 45.67
C VAL D 305 -19.51 -6.21 46.30
N LEU D 306 -19.29 -7.50 46.59
CA LEU D 306 -20.30 -8.37 47.16
C LEU D 306 -19.78 -8.99 48.47
N ASP D 307 -20.61 -9.82 49.10
CA ASP D 307 -20.26 -10.42 50.39
C ASP D 307 -19.16 -11.46 50.23
N ILE D 308 -18.39 -11.63 51.30
CA ILE D 308 -17.25 -12.55 51.26
C ILE D 308 -17.71 -13.99 51.46
N ASN D 309 -18.66 -14.23 52.39
CA ASN D 309 -19.16 -15.59 52.58
C ASN D 309 -20.16 -15.99 51.50
N HIS D 310 -20.85 -15.01 50.91
CA HIS D 310 -21.67 -15.32 49.74
C HIS D 310 -20.82 -15.74 48.56
N THR D 311 -19.69 -15.05 48.35
CA THR D 311 -18.71 -15.48 47.35
C THR D 311 -18.16 -16.86 47.69
N ARG D 312 -17.95 -17.13 48.98
CA ARG D 312 -17.46 -18.43 49.44
C ARG D 312 -18.43 -19.56 49.09
N GLN D 313 -19.70 -19.42 49.48
CA GLN D 313 -20.66 -20.48 49.20
C GLN D 313 -21.37 -20.32 47.86
N VAL D 314 -20.86 -19.45 46.99
CA VAL D 314 -21.10 -19.64 45.56
C VAL D 314 -19.97 -20.45 44.94
N LEU D 315 -18.71 -20.16 45.32
CA LEU D 315 -17.57 -20.90 44.79
C LEU D 315 -17.52 -22.35 45.25
N ASP D 316 -18.16 -22.68 46.37
CA ASP D 316 -18.08 -24.05 46.88
C ASP D 316 -19.14 -24.95 46.26
N GLU D 317 -20.23 -24.39 45.75
CA GLU D 317 -21.37 -25.17 45.29
C GLU D 317 -21.18 -25.77 43.90
N ASP D 318 -20.04 -25.53 43.25
CA ASP D 318 -19.80 -26.06 41.91
C ASP D 318 -18.46 -26.76 41.77
N HIS D 319 -17.74 -26.99 42.86
CA HIS D 319 -16.43 -27.61 42.77
C HIS D 319 -16.29 -28.59 43.94
N TYR D 320 -15.06 -29.04 44.18
CA TYR D 320 -14.80 -30.03 45.23
C TYR D 320 -13.39 -29.75 45.77
N GLY D 321 -13.33 -28.97 46.85
CA GLY D 321 -12.06 -28.57 47.41
C GLY D 321 -11.58 -27.23 46.90
N LEU D 322 -10.28 -27.17 46.56
CA LEU D 322 -9.65 -26.03 45.88
C LEU D 322 -9.75 -24.75 46.69
N LYS D 323 -9.15 -24.79 47.88
CA LYS D 323 -9.32 -23.72 48.85
C LYS D 323 -8.54 -22.47 48.49
N ASP D 324 -7.29 -22.64 48.01
CA ASP D 324 -6.29 -21.58 48.06
C ASP D 324 -6.64 -20.41 47.15
N VAL D 325 -7.08 -20.72 45.92
CA VAL D 325 -7.46 -19.69 44.97
C VAL D 325 -8.68 -18.93 45.47
N LYS D 326 -9.60 -19.66 46.10
CA LYS D 326 -10.78 -19.03 46.70
C LYS D 326 -10.37 -18.03 47.76
N GLU D 327 -9.40 -18.40 48.63
CA GLU D 327 -8.97 -17.44 49.65
C GLU D 327 -8.20 -16.28 49.07
N ARG D 328 -7.47 -16.46 47.97
CA ARG D 328 -6.78 -15.31 47.38
C ARG D 328 -7.78 -14.35 46.74
N ILE D 329 -8.87 -14.88 46.18
CA ILE D 329 -9.99 -14.05 45.75
C ILE D 329 -10.60 -13.32 46.94
N LEU D 330 -10.71 -14.01 48.09
CA LEU D 330 -11.24 -13.36 49.30
C LEU D 330 -10.32 -12.25 49.78
N GLU D 331 -9.01 -12.40 49.59
CA GLU D 331 -8.08 -11.36 49.99
C GLU D 331 -8.16 -10.15 49.06
N TYR D 332 -8.29 -10.39 47.76
CA TYR D 332 -8.45 -9.27 46.83
C TYR D 332 -9.74 -8.51 47.07
N LEU D 333 -10.83 -9.24 47.36
CA LEU D 333 -12.07 -8.54 47.70
C LEU D 333 -12.01 -7.91 49.09
N ALA D 334 -11.16 -8.41 49.99
CA ALA D 334 -10.96 -7.74 51.26
C ALA D 334 -10.24 -6.41 51.07
N VAL D 335 -9.27 -6.37 50.16
CA VAL D 335 -8.60 -5.12 49.82
C VAL D 335 -9.57 -4.15 49.16
N ARG D 336 -10.41 -4.65 48.24
CA ARG D 336 -11.40 -3.80 47.61
C ARG D 336 -12.48 -3.35 48.58
N GLN D 337 -12.75 -4.13 49.62
CA GLN D 337 -13.75 -3.78 50.61
C GLN D 337 -13.23 -2.71 51.56
N LEU D 338 -11.97 -2.83 52.00
CA LEU D 338 -11.42 -1.77 52.83
C LEU D 338 -11.06 -0.55 51.99
N THR D 339 -10.38 -0.75 50.89
CA THR D 339 -10.04 0.33 49.96
C THR D 339 -11.06 0.28 48.83
N GLN D 340 -12.20 0.94 49.04
CA GLN D 340 -13.21 1.08 48.00
C GLN D 340 -13.13 2.42 47.29
N GLY D 341 -12.52 3.43 47.90
CA GLY D 341 -12.32 4.70 47.26
C GLY D 341 -10.90 5.20 47.47
N LEU D 342 -10.13 4.46 48.26
CA LEU D 342 -8.76 4.82 48.58
C LEU D 342 -7.84 4.31 47.47
N ASP D 343 -6.90 5.14 47.06
CA ASP D 343 -6.04 4.83 45.94
C ASP D 343 -4.92 3.89 46.38
N VAL D 344 -4.63 2.91 45.53
CA VAL D 344 -3.54 1.96 45.74
C VAL D 344 -2.51 2.18 44.65
N ARG D 345 -2.38 3.44 44.22
CA ARG D 345 -1.68 3.94 43.03
C ARG D 345 -1.90 3.09 41.79
N ASN D 346 -3.14 2.62 41.62
CA ASN D 346 -3.64 1.92 40.43
C ASN D 346 -2.84 0.65 40.14
N LYS D 347 -2.87 -0.29 41.09
CA LYS D 347 -2.22 -1.57 40.90
C LYS D 347 -2.91 -2.64 41.73
N ALA D 348 -2.76 -3.88 41.29
CA ALA D 348 -3.28 -5.06 41.98
C ALA D 348 -2.36 -6.24 41.67
N PRO D 349 -2.19 -7.16 42.62
CA PRO D 349 -1.35 -8.33 42.37
C PRO D 349 -1.99 -9.30 41.39
N ILE D 350 -1.24 -10.36 41.08
CA ILE D 350 -1.53 -11.23 39.94
C ILE D 350 -1.57 -12.67 40.40
N LEU D 351 -2.70 -13.33 40.19
CA LEU D 351 -2.87 -14.75 40.49
C LEU D 351 -2.46 -15.58 39.28
N VAL D 352 -2.35 -16.91 39.48
CA VAL D 352 -2.16 -17.83 38.37
C VAL D 352 -2.72 -19.18 38.80
N LEU D 353 -2.97 -20.06 37.82
CA LEU D 353 -3.53 -21.40 38.06
C LEU D 353 -2.65 -22.41 37.33
N VAL D 354 -1.59 -22.86 37.99
CA VAL D 354 -0.64 -23.78 37.35
C VAL D 354 -1.08 -25.21 37.61
N GLY D 355 -1.40 -25.93 36.54
CA GLY D 355 -1.81 -27.31 36.66
C GLY D 355 -2.11 -27.98 35.33
N PRO D 356 -2.65 -29.18 35.40
CA PRO D 356 -3.05 -29.91 34.17
C PRO D 356 -4.17 -29.20 33.44
N PRO D 357 -4.32 -29.44 32.14
CA PRO D 357 -5.38 -28.73 31.39
C PRO D 357 -6.76 -29.26 31.68
N GLY D 358 -6.87 -30.52 32.09
CA GLY D 358 -8.17 -31.10 32.37
C GLY D 358 -8.84 -30.55 33.62
N VAL D 359 -8.07 -29.87 34.47
CA VAL D 359 -8.62 -29.23 35.65
C VAL D 359 -9.52 -28.09 35.21
N GLY D 360 -10.62 -27.90 35.92
CA GLY D 360 -11.59 -26.89 35.55
C GLY D 360 -11.11 -25.48 35.83
N LYS D 361 -10.11 -25.05 35.07
CA LYS D 361 -9.60 -23.69 35.16
C LYS D 361 -10.63 -22.70 34.64
N THR D 362 -11.21 -23.01 33.48
CA THR D 362 -12.26 -22.18 32.90
C THR D 362 -13.53 -22.19 33.74
N SER D 363 -13.85 -23.35 34.33
CA SER D 363 -15.04 -23.43 35.19
C SER D 363 -14.83 -22.66 36.48
N LEU D 364 -13.60 -22.67 37.01
CA LEU D 364 -13.32 -21.88 38.21
C LEU D 364 -13.33 -20.39 37.89
N GLY D 365 -12.86 -20.01 36.70
CA GLY D 365 -12.97 -18.62 36.28
C GLY D 365 -14.40 -18.16 36.10
N ARG D 366 -15.25 -19.01 35.52
CA ARG D 366 -16.67 -18.69 35.40
C ARG D 366 -17.36 -18.65 36.76
N SER D 367 -16.92 -19.49 37.71
CA SER D 367 -17.54 -19.47 39.03
C SER D 367 -17.12 -18.23 39.80
N ILE D 368 -15.88 -17.77 39.63
CA ILE D 368 -15.45 -16.50 40.19
C ILE D 368 -16.24 -15.35 39.56
N ALA D 369 -16.51 -15.44 38.25
CA ALA D 369 -17.30 -14.42 37.57
C ALA D 369 -18.74 -14.40 38.06
N ARG D 370 -19.30 -15.56 38.37
CA ARG D 370 -20.65 -15.61 38.91
C ARG D 370 -20.70 -15.14 40.35
N SER D 371 -19.67 -15.47 41.14
CA SER D 371 -19.64 -15.07 42.54
C SER D 371 -19.41 -13.57 42.70
N MET D 372 -18.68 -12.95 41.77
CA MET D 372 -18.50 -11.50 41.78
C MET D 372 -19.57 -10.79 40.98
N ASN D 373 -20.41 -11.53 40.24
CA ASN D 373 -21.47 -11.01 39.37
C ASN D 373 -20.92 -9.99 38.36
N ARG D 374 -19.93 -10.45 37.59
CA ARG D 374 -19.35 -9.63 36.53
C ARG D 374 -19.31 -10.44 35.24
N LYS D 375 -18.85 -9.82 34.16
CA LYS D 375 -18.75 -10.51 32.88
C LYS D 375 -17.51 -11.39 32.83
N PHE D 376 -17.61 -12.47 32.07
CA PHE D 376 -16.51 -13.40 31.88
C PHE D 376 -16.08 -13.37 30.42
N HIS D 377 -14.78 -13.58 30.20
CA HIS D 377 -14.25 -13.67 28.84
C HIS D 377 -12.97 -14.49 28.90
N ARG D 378 -12.66 -15.14 27.77
CA ARG D 378 -11.49 -16.01 27.68
C ARG D 378 -10.62 -15.60 26.50
N ILE D 379 -9.36 -15.30 26.78
CA ILE D 379 -8.33 -15.16 25.75
C ILE D 379 -7.43 -16.38 25.86
N SER D 380 -7.32 -17.13 24.76
CA SER D 380 -6.49 -18.33 24.73
C SER D 380 -5.16 -17.97 24.07
N LEU D 381 -4.15 -17.73 24.89
CA LEU D 381 -2.81 -17.42 24.38
C LEU D 381 -2.06 -18.69 24.01
N GLY D 382 -0.76 -18.57 23.77
CA GLY D 382 0.03 -19.72 23.39
C GLY D 382 0.21 -19.79 21.88
N GLY D 383 -0.80 -19.37 21.14
CA GLY D 383 -0.71 -19.31 19.70
C GLY D 383 -0.15 -18.02 19.15
N VAL D 384 -0.01 -16.99 19.99
CA VAL D 384 0.51 -15.71 19.53
C VAL D 384 2.01 -15.83 19.24
N ARG D 385 2.47 -15.03 18.29
CA ARG D 385 3.82 -15.16 17.77
C ARG D 385 4.63 -13.87 17.75
N ASP D 386 4.00 -12.70 17.71
CA ASP D 386 4.71 -11.44 17.68
C ASP D 386 4.03 -10.45 18.62
N GLU D 387 4.61 -9.25 18.73
CA GLU D 387 4.02 -8.22 19.55
C GLU D 387 2.82 -7.56 18.87
N ALA D 388 2.64 -7.80 17.58
CA ALA D 388 1.56 -7.19 16.82
C ALA D 388 0.22 -7.87 17.04
N GLU D 389 0.20 -9.02 17.70
CA GLU D 389 -1.06 -9.63 18.14
C GLU D 389 -1.37 -9.36 19.59
N ILE D 390 -0.56 -8.53 20.27
CA ILE D 390 -0.87 -8.03 21.59
C ILE D 390 -1.19 -6.54 21.55
N ARG D 391 -0.32 -5.77 20.91
CA ARG D 391 -0.62 -4.39 20.54
C ARG D 391 -1.22 -4.40 19.13
N GLY D 392 -1.31 -3.24 18.51
CA GLY D 392 -1.65 -3.14 17.10
C GLY D 392 -0.45 -3.40 16.22
N HIS D 393 -0.50 -2.87 15.00
CA HIS D 393 0.67 -2.85 14.13
C HIS D 393 1.18 -1.42 13.98
N ARG D 394 0.37 -0.55 13.35
CA ARG D 394 0.48 0.88 13.10
C ARG D 394 -0.73 1.18 12.24
N ARG D 395 -1.13 2.46 12.18
CA ARG D 395 -2.14 2.77 11.18
C ARG D 395 -1.56 2.85 9.77
N THR D 396 -0.22 2.86 9.68
CA THR D 396 0.46 3.01 8.37
C THR D 396 0.61 1.66 7.66
N TYR D 397 -0.09 0.64 8.11
CA TYR D 397 -0.06 -0.62 7.33
C TYR D 397 -1.51 -0.89 6.92
N ILE D 398 -1.76 -1.33 5.70
CA ILE D 398 -3.15 -1.47 5.15
C ILE D 398 -4.03 -2.50 5.88
N GLY D 399 -5.06 -2.05 6.59
CA GLY D 399 -6.05 -2.95 7.17
C GLY D 399 -5.78 -3.40 8.59
N ALA D 400 -5.05 -2.60 9.37
CA ALA D 400 -4.57 -3.06 10.67
C ALA D 400 -5.69 -3.08 11.71
N MET D 401 -5.39 -3.74 12.82
CA MET D 401 -6.32 -3.89 13.94
C MET D 401 -5.50 -3.91 15.22
N PRO D 402 -6.12 -3.63 16.36
CA PRO D 402 -5.43 -3.82 17.65
C PRO D 402 -5.36 -5.29 18.05
N GLY D 403 -4.85 -5.52 19.25
CA GLY D 403 -4.49 -6.87 19.69
C GLY D 403 -5.61 -7.63 20.38
N LYS D 404 -5.22 -8.69 21.10
CA LYS D 404 -6.18 -9.62 21.70
C LYS D 404 -6.94 -8.97 22.86
N LEU D 405 -6.26 -8.17 23.67
CA LEU D 405 -6.90 -7.51 24.80
C LEU D 405 -7.95 -6.51 24.34
N ILE D 406 -7.70 -5.84 23.22
CA ILE D 406 -8.68 -4.91 22.70
C ILE D 406 -9.86 -5.65 22.08
N HIS D 407 -9.62 -6.85 21.52
CA HIS D 407 -10.72 -7.73 21.10
C HIS D 407 -11.60 -8.13 22.27
N ALA D 408 -10.97 -8.49 23.40
CA ALA D 408 -11.74 -8.90 24.57
C ALA D 408 -12.52 -7.73 25.15
N MET D 409 -11.93 -6.54 25.18
CA MET D 409 -12.66 -5.36 25.63
C MET D 409 -13.77 -4.98 24.66
N LYS D 410 -13.60 -5.27 23.37
CA LYS D 410 -14.67 -5.08 22.42
C LYS D 410 -15.81 -6.05 22.66
N GLN D 411 -15.50 -7.29 23.06
CA GLN D 411 -16.54 -8.30 23.19
C GLN D 411 -17.16 -8.36 24.58
N VAL D 412 -16.50 -7.82 25.60
CA VAL D 412 -17.18 -7.58 26.87
C VAL D 412 -17.89 -6.23 26.75
N GLY D 413 -18.75 -5.91 27.70
CA GLY D 413 -19.50 -4.68 27.62
C GLY D 413 -19.18 -3.64 28.68
N VAL D 414 -18.40 -4.02 29.69
CA VAL D 414 -18.13 -3.15 30.83
C VAL D 414 -16.64 -3.00 31.05
N ILE D 415 -16.29 -1.99 31.86
CA ILE D 415 -14.90 -1.71 32.21
C ILE D 415 -14.33 -2.77 33.14
N ASN D 416 -15.19 -3.50 33.86
CA ASN D 416 -14.75 -4.51 34.83
C ASN D 416 -15.29 -5.91 34.53
N PRO D 417 -14.79 -6.59 33.47
CA PRO D 417 -15.04 -8.02 33.37
C PRO D 417 -13.91 -8.80 34.04
N VAL D 418 -13.93 -10.12 33.92
CA VAL D 418 -12.77 -10.94 34.21
C VAL D 418 -12.30 -11.58 32.91
N ILE D 419 -10.98 -11.71 32.77
CA ILE D 419 -10.39 -12.24 31.55
C ILE D 419 -9.47 -13.39 31.92
N LEU D 420 -9.79 -14.57 31.42
CA LEU D 420 -8.95 -15.75 31.61
C LEU D 420 -7.89 -15.78 30.52
N LEU D 421 -6.66 -16.13 30.90
CA LEU D 421 -5.51 -16.11 30.00
C LEU D 421 -4.90 -17.50 29.96
N ASP D 422 -5.44 -18.36 29.09
CA ASP D 422 -4.95 -19.72 28.98
C ASP D 422 -3.60 -19.75 28.27
N GLU D 423 -2.62 -20.39 28.93
CA GLU D 423 -1.29 -20.65 28.42
C GLU D 423 -0.57 -19.37 28.00
N ILE D 424 -0.30 -18.55 29.00
CA ILE D 424 0.63 -17.45 28.80
C ILE D 424 2.06 -17.97 28.83
N ASP D 425 2.27 -19.19 29.33
CA ASP D 425 3.59 -19.79 29.42
C ASP D 425 4.05 -20.46 28.13
N LYS D 426 3.21 -20.48 27.11
CA LYS D 426 3.52 -21.18 25.86
C LYS D 426 3.45 -20.25 24.65
N MET D 427 3.68 -18.95 24.85
CA MET D 427 3.59 -18.00 23.76
C MET D 427 4.82 -18.12 22.85
N SER D 428 4.58 -18.19 21.54
CA SER D 428 5.63 -18.48 20.56
C SER D 428 6.49 -17.25 20.30
N SER D 429 7.32 -16.92 21.29
CA SER D 429 8.35 -15.91 21.09
C SER D 429 9.46 -16.49 20.21
N ASP D 430 9.74 -15.82 19.11
CA ASP D 430 10.55 -16.43 18.05
C ASP D 430 11.37 -15.35 17.37
N TRP D 431 11.83 -15.64 16.16
CA TRP D 431 12.62 -14.71 15.36
C TRP D 431 11.85 -13.45 14.96
N ARG D 432 10.52 -13.52 14.92
CA ARG D 432 9.73 -12.34 14.60
C ARG D 432 9.77 -11.35 15.76
N GLY D 433 9.36 -11.78 16.94
CA GLY D 433 9.36 -10.90 18.09
C GLY D 433 9.14 -11.65 19.39
N ASP D 434 8.84 -10.88 20.43
CA ASP D 434 8.65 -11.41 21.78
C ASP D 434 7.43 -10.75 22.38
N PRO D 435 6.26 -11.39 22.29
CA PRO D 435 5.05 -10.82 22.89
C PRO D 435 5.03 -10.85 24.42
N ALA D 436 5.99 -11.49 25.06
CA ALA D 436 6.08 -11.43 26.52
C ALA D 436 6.44 -10.02 27.00
N SER D 437 7.27 -9.32 26.23
CA SER D 437 7.52 -7.91 26.52
C SER D 437 6.32 -7.04 26.15
N ALA D 438 5.54 -7.47 25.15
CA ALA D 438 4.30 -6.77 24.82
C ALA D 438 3.26 -6.92 25.92
N MET D 439 3.34 -8.02 26.67
CA MET D 439 2.42 -8.27 27.78
C MET D 439 2.77 -7.44 29.01
N LEU D 440 3.95 -6.79 29.04
CA LEU D 440 4.43 -6.13 30.24
C LEU D 440 3.67 -4.84 30.57
N GLU D 441 2.80 -4.35 29.67
CA GLU D 441 1.95 -3.22 29.98
C GLU D 441 0.52 -3.64 30.29
N VAL D 442 0.30 -4.87 30.73
CA VAL D 442 -1.00 -5.37 31.11
C VAL D 442 -1.10 -5.58 32.62
N LEU D 443 -0.14 -6.29 33.20
CA LEU D 443 -0.07 -6.51 34.63
C LEU D 443 0.96 -5.61 35.30
N ASP D 444 1.28 -4.48 34.70
CA ASP D 444 2.32 -3.56 35.16
C ASP D 444 1.90 -2.87 36.46
N PRO D 445 2.57 -3.13 37.59
CA PRO D 445 2.15 -2.51 38.85
C PRO D 445 2.56 -1.05 39.00
N GLU D 446 3.30 -0.49 38.04
CA GLU D 446 3.69 0.91 38.14
C GLU D 446 2.51 1.84 37.85
N GLN D 447 1.96 1.74 36.64
CA GLN D 447 0.83 2.58 36.24
C GLN D 447 -0.43 1.77 35.99
N ASN D 448 -0.36 0.79 35.08
CA ASN D 448 -1.49 -0.05 34.63
C ASN D 448 -2.64 0.80 34.07
N ASN D 449 -2.32 1.97 33.53
CA ASN D 449 -3.28 2.77 32.79
C ASN D 449 -2.66 3.40 31.56
N THR D 450 -1.40 3.10 31.27
CA THR D 450 -0.69 3.60 30.10
C THR D 450 -0.47 2.48 29.07
N PHE D 451 -1.51 1.66 28.88
CA PHE D 451 -1.47 0.59 27.90
C PHE D 451 -1.37 1.18 26.50
N THR D 452 -0.20 1.04 25.89
CA THR D 452 0.07 1.68 24.60
C THR D 452 -0.57 0.88 23.47
N ASP D 453 -1.49 1.53 22.75
CA ASP D 453 -2.00 0.98 21.50
C ASP D 453 -1.15 1.48 20.34
N HIS D 454 -0.88 0.59 19.40
CA HIS D 454 -0.25 0.98 18.14
C HIS D 454 -1.26 1.25 17.04
N TYR D 455 -2.45 0.65 17.11
CA TYR D 455 -3.47 1.03 16.14
C TYR D 455 -4.20 2.28 16.58
N LEU D 456 -4.51 2.40 17.87
CA LEU D 456 -5.14 3.61 18.38
C LEU D 456 -4.07 4.54 18.93
N ASP D 457 -4.41 5.82 19.03
CA ASP D 457 -3.46 6.85 19.44
C ASP D 457 -3.79 7.41 20.82
N VAL D 458 -4.28 6.56 21.71
CA VAL D 458 -4.65 6.99 23.07
C VAL D 458 -4.15 5.96 24.08
N PRO D 459 -3.80 6.41 25.29
CA PRO D 459 -3.50 5.47 26.37
C PRO D 459 -4.78 4.91 26.98
N TYR D 460 -4.67 3.67 27.46
CA TYR D 460 -5.85 2.92 27.89
C TYR D 460 -5.73 2.50 29.34
N ASP D 461 -6.75 2.84 30.12
CA ASP D 461 -6.79 2.50 31.54
C ASP D 461 -7.09 1.02 31.73
N LEU D 462 -6.58 0.46 32.81
CA LEU D 462 -6.83 -0.94 33.17
C LEU D 462 -7.02 -1.02 34.68
N SER D 463 -6.91 -2.25 35.21
CA SER D 463 -6.92 -2.64 36.61
C SER D 463 -8.30 -2.54 37.26
N LYS D 464 -9.29 -1.99 36.55
CA LYS D 464 -10.68 -2.19 36.95
C LYS D 464 -11.18 -3.54 36.44
N VAL D 465 -10.73 -3.94 35.26
CA VAL D 465 -10.84 -5.32 34.81
C VAL D 465 -10.00 -6.20 35.72
N PHE D 466 -10.50 -7.39 36.04
CA PHE D 466 -9.80 -8.34 36.88
C PHE D 466 -9.20 -9.45 36.03
N PHE D 467 -8.06 -9.99 36.47
CA PHE D 467 -7.30 -10.94 35.68
C PHE D 467 -7.09 -12.25 36.41
N ILE D 468 -7.34 -13.34 35.70
CA ILE D 468 -6.97 -14.68 36.11
C ILE D 468 -6.10 -15.27 35.01
N THR D 469 -4.97 -15.85 35.40
CA THR D 469 -3.98 -16.34 34.45
C THR D 469 -3.87 -17.86 34.57
N THR D 470 -3.76 -18.53 33.44
CA THR D 470 -3.60 -19.98 33.41
C THR D 470 -2.27 -20.32 32.77
N ALA D 471 -1.44 -21.05 33.50
CA ALA D 471 -0.21 -21.62 32.98
C ALA D 471 -0.27 -23.13 33.20
N ASN D 472 0.80 -23.82 32.80
CA ASN D 472 0.86 -25.26 33.01
C ASN D 472 2.22 -25.76 33.46
N THR D 473 3.18 -24.88 33.74
CA THR D 473 4.54 -25.30 34.02
C THR D 473 5.21 -24.28 34.94
N LEU D 474 6.52 -24.46 35.13
CA LEU D 474 7.39 -23.45 35.71
C LEU D 474 8.65 -23.26 34.88
N GLN D 475 8.79 -23.98 33.77
CA GLN D 475 10.03 -24.03 33.02
C GLN D 475 10.14 -22.91 31.99
N THR D 476 9.04 -22.58 31.31
CA THR D 476 9.08 -21.71 30.15
C THR D 476 8.50 -20.33 30.39
N ILE D 477 8.18 -20.00 31.63
CA ILE D 477 7.45 -18.77 31.92
C ILE D 477 8.41 -17.59 31.80
N PRO D 478 8.00 -16.48 31.15
CA PRO D 478 8.88 -15.31 31.06
C PRO D 478 9.13 -14.64 32.40
N ARG D 479 10.39 -14.68 32.84
CA ARG D 479 10.79 -14.12 34.13
C ARG D 479 10.49 -12.64 34.36
N PRO D 480 10.73 -11.69 33.41
CA PRO D 480 10.33 -10.30 33.69
C PRO D 480 8.84 -10.06 33.70
N LEU D 481 8.02 -11.06 33.38
CA LEU D 481 6.60 -11.05 33.65
C LEU D 481 6.23 -11.94 34.84
N LEU D 482 6.98 -13.02 35.06
CA LEU D 482 6.70 -13.92 36.18
C LEU D 482 7.03 -13.28 37.53
N ASP D 483 7.88 -12.25 37.53
CA ASP D 483 8.18 -11.53 38.78
C ASP D 483 6.93 -10.85 39.35
N ARG D 484 6.00 -10.43 38.49
CA ARG D 484 4.73 -9.86 38.93
C ARG D 484 3.73 -10.91 39.38
N MET D 485 4.00 -12.19 39.19
CA MET D 485 2.98 -13.22 39.36
C MET D 485 3.10 -13.91 40.71
N GLU D 486 1.95 -14.35 41.22
CA GLU D 486 1.88 -15.23 42.38
C GLU D 486 1.55 -16.64 41.92
N VAL D 487 2.47 -17.57 42.16
CA VAL D 487 2.34 -18.93 41.65
C VAL D 487 1.44 -19.70 42.61
N ILE D 488 0.17 -19.87 42.25
CA ILE D 488 -0.77 -20.69 42.99
C ILE D 488 -0.93 -21.98 42.22
N GLU D 489 -0.20 -23.03 42.62
CA GLU D 489 -0.22 -24.26 41.86
C GLU D 489 -1.46 -25.07 42.20
N ILE D 490 -1.97 -25.79 41.20
CA ILE D 490 -3.18 -26.58 41.31
C ILE D 490 -2.77 -28.05 41.27
N PRO D 491 -3.22 -28.88 42.20
CA PRO D 491 -2.89 -30.31 42.13
C PRO D 491 -3.60 -31.01 40.98
N GLY D 492 -4.91 -30.79 40.85
CA GLY D 492 -5.69 -31.49 39.86
C GLY D 492 -6.90 -32.17 40.45
N TYR D 493 -7.08 -33.45 40.12
CA TYR D 493 -8.14 -34.26 40.72
C TYR D 493 -7.61 -35.66 40.94
N THR D 494 -7.62 -36.08 42.20
CA THR D 494 -7.26 -37.45 42.54
C THR D 494 -8.50 -38.33 42.39
N ASN D 495 -8.39 -39.59 42.83
CA ASN D 495 -9.36 -40.63 42.48
C ASN D 495 -10.73 -40.36 43.09
N MET D 496 -10.75 -39.96 44.36
CA MET D 496 -12.02 -39.56 44.98
C MET D 496 -12.54 -38.27 44.37
N GLU D 497 -11.65 -37.36 44.00
CA GLU D 497 -12.09 -36.11 43.38
C GLU D 497 -12.65 -36.35 41.99
N LYS D 498 -11.97 -37.18 41.20
CA LYS D 498 -12.46 -37.56 39.87
C LYS D 498 -13.78 -38.30 39.96
N GLN D 499 -13.89 -39.24 40.90
CA GLN D 499 -15.12 -40.00 41.07
C GLN D 499 -16.26 -39.13 41.56
N ALA D 500 -15.97 -38.17 42.43
CA ALA D 500 -17.02 -37.33 42.98
C ALA D 500 -17.51 -36.31 41.95
N ILE D 501 -16.60 -35.76 41.14
CA ILE D 501 -17.02 -34.89 40.04
C ILE D 501 -17.81 -35.69 39.00
N ALA D 502 -17.39 -36.93 38.73
CA ALA D 502 -18.09 -37.79 37.77
C ALA D 502 -19.47 -38.17 38.27
N ARG D 503 -19.64 -38.33 39.58
CA ARG D 503 -20.94 -38.63 40.13
C ARG D 503 -21.85 -37.40 40.14
N GLN D 504 -21.36 -36.28 40.66
CA GLN D 504 -22.22 -35.12 40.83
C GLN D 504 -22.38 -34.31 39.54
N TYR D 505 -21.29 -33.74 39.04
CA TYR D 505 -21.40 -32.69 38.04
C TYR D 505 -21.08 -33.16 36.63
N LEU D 506 -20.92 -34.46 36.40
CA LEU D 506 -20.65 -34.93 35.05
C LEU D 506 -21.75 -35.82 34.50
N TRP D 507 -22.09 -36.92 35.20
CA TRP D 507 -23.06 -37.87 34.64
C TRP D 507 -24.48 -37.30 34.55
N PRO D 508 -25.03 -36.57 35.54
CA PRO D 508 -26.27 -35.85 35.24
C PRO D 508 -26.09 -34.75 34.22
N LYS D 509 -24.91 -34.13 34.15
CA LYS D 509 -24.65 -33.13 33.13
C LYS D 509 -24.62 -33.77 31.74
N GLN D 510 -24.10 -35.00 31.64
CA GLN D 510 -24.12 -35.66 30.34
C GLN D 510 -25.49 -36.27 30.04
N VAL D 511 -26.32 -36.47 31.05
CA VAL D 511 -27.72 -36.82 30.77
C VAL D 511 -28.47 -35.61 30.22
N ARG D 512 -28.23 -34.43 30.80
CA ARG D 512 -28.92 -33.22 30.34
C ARG D 512 -28.44 -32.77 28.97
N GLU D 513 -27.13 -32.72 28.75
CA GLU D 513 -26.58 -32.13 27.54
C GLU D 513 -26.76 -33.01 26.31
N SER D 514 -26.96 -34.31 26.49
CA SER D 514 -27.25 -35.22 25.38
C SER D 514 -28.74 -35.45 25.21
N GLY D 515 -29.57 -34.61 25.82
CA GLY D 515 -31.01 -34.69 25.69
C GLY D 515 -31.67 -35.86 26.40
N MET D 516 -30.92 -36.65 27.15
CA MET D 516 -31.47 -37.83 27.81
C MET D 516 -32.28 -37.43 29.03
N GLU D 517 -33.03 -38.40 29.57
CA GLU D 517 -33.80 -38.18 30.78
C GLU D 517 -33.44 -39.24 31.81
N GLY D 518 -34.21 -39.33 32.89
CA GLY D 518 -33.92 -40.31 33.93
C GLY D 518 -34.29 -41.72 33.55
N ARG D 519 -33.55 -42.32 32.61
CA ARG D 519 -33.88 -43.65 32.12
C ARG D 519 -32.65 -44.52 31.91
N ILE D 520 -31.45 -44.03 32.22
CA ILE D 520 -30.25 -44.83 32.21
C ILE D 520 -29.30 -44.21 33.23
N GLU D 521 -28.46 -45.04 33.84
CA GLU D 521 -27.65 -44.60 34.96
C GLU D 521 -26.46 -45.53 35.12
N VAL D 522 -25.32 -44.95 35.44
CA VAL D 522 -24.15 -45.73 35.80
C VAL D 522 -24.10 -45.87 37.31
N THR D 523 -23.51 -46.98 37.76
CA THR D 523 -23.05 -47.07 39.13
C THR D 523 -21.63 -46.53 39.20
N ASP D 524 -20.96 -46.76 40.32
CA ASP D 524 -19.54 -46.46 40.38
C ASP D 524 -18.69 -47.65 39.98
N ALA D 525 -19.31 -48.80 39.71
CA ALA D 525 -18.62 -49.88 39.03
C ALA D 525 -18.25 -49.47 37.62
N ALA D 526 -19.14 -48.75 36.93
CA ALA D 526 -18.81 -48.20 35.63
C ALA D 526 -17.74 -47.12 35.74
N ILE D 527 -17.73 -46.38 36.85
CA ILE D 527 -16.72 -45.36 37.05
C ILE D 527 -15.35 -45.99 37.26
N LEU D 528 -15.31 -47.11 38.01
CA LEU D 528 -14.08 -47.88 38.15
C LEU D 528 -13.64 -48.49 36.83
N ARG D 529 -14.60 -48.90 35.99
CA ARG D 529 -14.26 -49.42 34.67
C ARG D 529 -13.62 -48.35 33.79
N VAL D 530 -14.17 -47.13 33.83
CA VAL D 530 -13.64 -46.03 33.02
C VAL D 530 -12.25 -45.64 33.49
N ILE D 531 -12.09 -45.41 34.80
CA ILE D 531 -10.81 -44.99 35.35
C ILE D 531 -9.76 -46.10 35.25
N SER D 532 -10.19 -47.36 35.33
CA SER D 532 -9.25 -48.47 35.23
C SER D 532 -8.73 -48.65 33.81
N GLU D 533 -9.60 -48.66 32.80
CA GLU D 533 -9.10 -48.91 31.45
C GLU D 533 -9.23 -47.70 30.53
N TYR D 534 -10.42 -47.14 30.38
CA TYR D 534 -10.77 -46.47 29.14
C TYR D 534 -10.43 -44.98 29.11
N THR D 535 -9.63 -44.50 30.06
CA THR D 535 -9.12 -43.13 30.01
C THR D 535 -7.84 -43.04 30.81
N ARG D 536 -7.05 -42.01 30.51
CA ARG D 536 -5.88 -41.67 31.32
C ARG D 536 -5.63 -40.18 31.21
N GLU D 537 -5.85 -39.48 32.33
CA GLU D 537 -5.70 -38.04 32.42
C GLU D 537 -5.71 -37.65 33.88
N ALA D 538 -5.06 -36.52 34.18
CA ALA D 538 -5.15 -35.90 35.50
C ALA D 538 -6.17 -34.77 35.49
N GLY D 539 -7.25 -34.91 34.73
CA GLY D 539 -8.31 -33.94 34.66
C GLY D 539 -9.64 -34.58 34.33
N VAL D 540 -10.59 -33.80 33.82
CA VAL D 540 -11.95 -34.26 33.61
C VAL D 540 -12.45 -34.01 32.19
N ARG D 541 -11.61 -33.50 31.29
CA ARG D 541 -12.07 -33.22 29.92
C ARG D 541 -12.30 -34.51 29.15
N GLY D 542 -11.32 -35.42 29.17
CA GLY D 542 -11.50 -36.70 28.53
C GLY D 542 -12.53 -37.57 29.21
N LEU D 543 -12.68 -37.43 30.53
CA LEU D 543 -13.76 -38.12 31.23
C LEU D 543 -15.12 -37.61 30.78
N GLU D 544 -15.24 -36.29 30.58
CA GLU D 544 -16.43 -35.71 29.98
C GLU D 544 -16.70 -36.28 28.59
N ARG D 545 -15.64 -36.43 27.80
CA ARG D 545 -15.81 -36.94 26.44
C ARG D 545 -16.20 -38.41 26.43
N GLU D 546 -15.65 -39.20 27.36
CA GLU D 546 -16.00 -40.62 27.44
C GLU D 546 -17.45 -40.80 27.92
N LEU D 547 -17.88 -39.98 28.88
CA LEU D 547 -19.28 -40.02 29.28
C LEU D 547 -20.20 -39.53 28.17
N GLY D 548 -19.73 -38.60 27.33
CA GLY D 548 -20.49 -38.23 26.15
C GLY D 548 -20.59 -39.35 25.14
N LYS D 549 -19.53 -40.15 25.01
CA LYS D 549 -19.58 -41.35 24.18
C LYS D 549 -20.61 -42.34 24.71
N ILE D 550 -20.63 -42.53 26.04
CA ILE D 550 -21.63 -43.38 26.67
C ILE D 550 -23.04 -42.88 26.39
N ALA D 551 -23.23 -41.56 26.51
CA ALA D 551 -24.55 -40.97 26.31
C ALA D 551 -25.01 -41.07 24.86
N ARG D 552 -24.10 -40.87 23.91
CA ARG D 552 -24.48 -40.95 22.50
C ARG D 552 -24.75 -42.38 22.06
N LYS D 553 -23.92 -43.35 22.50
CA LYS D 553 -24.18 -44.75 22.20
C LYS D 553 -25.49 -45.21 22.83
N GLY D 554 -25.76 -44.77 24.07
CA GLY D 554 -27.01 -45.10 24.71
C GLY D 554 -28.21 -44.47 24.04
N ALA D 555 -28.06 -43.24 23.54
CA ALA D 555 -29.18 -42.58 22.88
C ALA D 555 -29.49 -43.21 21.53
N LYS D 556 -28.45 -43.61 20.78
CA LYS D 556 -28.68 -44.28 19.51
C LYS D 556 -29.26 -45.67 19.72
N PHE D 557 -28.75 -46.41 20.71
CA PHE D 557 -29.30 -47.72 21.03
C PHE D 557 -30.71 -47.62 21.57
N TRP D 558 -31.05 -46.51 22.22
CA TRP D 558 -32.42 -46.24 22.62
C TRP D 558 -33.32 -46.03 21.42
N LEU D 559 -32.95 -45.11 20.53
CA LEU D 559 -33.82 -44.76 19.42
C LEU D 559 -33.88 -45.83 18.34
N GLU D 560 -32.96 -46.80 18.36
CA GLU D 560 -33.16 -48.00 17.52
C GLU D 560 -34.07 -49.01 18.20
N GLY D 561 -33.67 -49.50 19.37
CA GLY D 561 -34.55 -50.35 20.16
C GLY D 561 -34.58 -50.01 21.63
N ALA D 562 -35.73 -49.56 22.11
CA ALA D 562 -35.83 -48.94 23.43
C ALA D 562 -36.10 -49.98 24.51
N TRP D 563 -35.52 -49.76 25.69
CA TRP D 563 -35.81 -50.59 26.85
C TRP D 563 -36.94 -49.94 27.66
N GLU D 564 -37.15 -50.42 28.88
CA GLU D 564 -38.22 -49.92 29.73
C GLU D 564 -37.64 -49.38 31.03
N GLY D 565 -38.19 -48.26 31.49
CA GLY D 565 -37.84 -47.70 32.78
C GLY D 565 -36.43 -47.18 32.87
N LEU D 566 -35.61 -47.82 33.70
CA LEU D 566 -34.22 -47.47 33.89
C LEU D 566 -33.33 -48.50 33.19
N ARG D 567 -32.02 -48.26 33.24
CA ARG D 567 -31.03 -49.24 32.81
C ARG D 567 -29.74 -48.95 33.56
N THR D 568 -29.37 -49.83 34.48
CA THR D 568 -28.18 -49.64 35.29
C THR D 568 -26.95 -50.11 34.55
N ILE D 569 -25.88 -49.34 34.61
CA ILE D 569 -24.66 -49.62 33.88
C ILE D 569 -23.57 -49.98 34.88
N ASP D 570 -23.21 -51.24 34.92
CA ASP D 570 -22.04 -51.72 35.62
C ASP D 570 -20.87 -51.79 34.64
N ALA D 571 -19.80 -52.49 35.00
CA ALA D 571 -18.67 -52.72 34.11
C ALA D 571 -18.99 -53.68 32.96
N SER D 572 -20.17 -54.28 32.93
CA SER D 572 -20.52 -55.15 31.81
C SER D 572 -21.05 -54.34 30.63
N ASP D 573 -21.78 -53.26 30.89
CA ASP D 573 -22.41 -52.49 29.84
C ASP D 573 -21.48 -51.48 29.18
N ILE D 574 -20.37 -51.15 29.82
CA ILE D 574 -19.38 -50.22 29.28
C ILE D 574 -18.67 -50.74 28.02
N PRO D 575 -18.13 -51.98 27.93
CA PRO D 575 -17.50 -52.38 26.66
C PRO D 575 -18.48 -52.65 25.55
N THR D 576 -19.77 -52.74 25.83
CA THR D 576 -20.78 -52.76 24.78
C THR D 576 -21.07 -51.37 24.23
N TYR D 577 -20.60 -50.31 24.89
CA TYR D 577 -20.76 -48.95 24.41
C TYR D 577 -19.45 -48.33 23.94
N LEU D 578 -18.33 -48.63 24.60
CA LEU D 578 -17.05 -48.06 24.22
C LEU D 578 -16.22 -49.00 23.35
N GLY D 579 -15.83 -50.15 23.90
CA GLY D 579 -14.97 -51.08 23.18
C GLY D 579 -13.51 -50.68 23.05
N ILE D 580 -13.26 -49.43 22.68
CA ILE D 580 -11.95 -48.93 22.29
C ILE D 580 -11.37 -48.12 23.46
N PRO D 581 -10.32 -48.59 24.12
CA PRO D 581 -9.54 -47.68 24.95
C PRO D 581 -8.79 -46.70 24.06
N ARG D 582 -8.62 -45.48 24.55
CA ARG D 582 -7.88 -44.49 23.79
C ARG D 582 -6.59 -44.08 24.49
N TYR D 583 -6.63 -43.87 25.80
CA TYR D 583 -5.44 -43.59 26.58
C TYR D 583 -5.33 -44.66 27.65
N ARG D 584 -4.51 -45.65 27.40
CA ARG D 584 -4.33 -46.70 28.38
C ARG D 584 -3.45 -46.19 29.51
N PRO D 585 -3.86 -46.42 30.75
CA PRO D 585 -3.26 -45.68 31.87
C PRO D 585 -1.88 -46.17 32.25
N ASP D 586 -1.18 -45.32 33.01
CA ASP D 586 0.18 -45.62 33.45
C ASP D 586 0.11 -46.39 34.76
N LYS D 587 -0.25 -47.66 34.64
CA LYS D 587 -0.26 -48.56 35.78
C LYS D 587 1.16 -48.81 36.26
N ALA D 588 1.29 -49.21 37.52
CA ALA D 588 2.60 -49.48 38.08
C ALA D 588 2.99 -50.93 37.87
N GLU D 589 4.25 -51.24 38.17
CA GLU D 589 4.76 -52.60 38.15
C GLU D 589 4.73 -53.16 39.56
N THR D 590 4.43 -54.44 39.68
CA THR D 590 4.24 -55.07 40.97
C THR D 590 5.41 -55.97 41.36
N GLU D 591 6.56 -55.79 40.72
CA GLU D 591 7.63 -56.75 40.90
C GLU D 591 8.97 -56.04 41.13
N PRO D 592 9.89 -56.69 41.84
CA PRO D 592 11.28 -56.22 41.89
C PRO D 592 12.04 -56.64 40.63
N GLN D 593 12.29 -55.69 39.75
CA GLN D 593 13.00 -55.93 38.52
C GLN D 593 14.46 -55.50 38.66
N VAL D 594 15.32 -56.10 37.85
CA VAL D 594 16.74 -55.78 37.87
C VAL D 594 17.01 -54.67 36.89
N GLY D 595 17.52 -53.55 37.38
CA GLY D 595 17.94 -52.48 36.51
C GLY D 595 16.85 -51.55 36.05
N THR D 596 15.68 -51.59 36.67
CA THR D 596 14.65 -50.61 36.40
C THR D 596 14.30 -49.93 37.71
N ALA D 597 14.24 -48.61 37.69
CA ALA D 597 13.77 -47.89 38.86
C ALA D 597 12.68 -46.93 38.43
N GLN D 598 11.56 -46.96 39.16
CA GLN D 598 10.43 -46.10 38.88
C GLN D 598 10.85 -44.65 39.09
N GLY D 599 10.40 -43.77 38.23
CA GLY D 599 10.77 -42.37 38.30
C GLY D 599 9.57 -41.49 38.09
N LEU D 600 9.41 -40.53 38.99
CA LEU D 600 8.37 -39.52 38.84
C LEU D 600 8.86 -38.47 37.86
N ALA D 601 8.12 -38.30 36.79
CA ALA D 601 8.45 -37.30 35.81
C ALA D 601 7.38 -36.22 35.83
N TRP D 602 7.81 -35.00 35.56
CA TRP D 602 6.95 -33.84 35.61
C TRP D 602 6.83 -33.27 34.21
N THR D 603 5.61 -33.25 33.69
CA THR D 603 5.29 -32.68 32.39
C THR D 603 4.40 -31.48 32.58
N PRO D 604 4.34 -30.57 31.60
CA PRO D 604 3.36 -29.47 31.69
C PRO D 604 1.98 -29.84 31.17
N VAL D 605 1.52 -31.03 31.53
CA VAL D 605 0.18 -31.50 31.25
C VAL D 605 -0.40 -32.25 32.43
N GLY D 606 0.39 -32.44 33.48
CA GLY D 606 0.06 -33.31 34.59
C GLY D 606 1.26 -34.16 34.88
N GLY D 607 1.35 -34.72 36.08
CA GLY D 607 2.49 -35.53 36.43
C GLY D 607 2.46 -36.87 35.71
N THR D 608 3.63 -37.37 35.36
CA THR D 608 3.73 -38.66 34.69
C THR D 608 4.71 -39.54 35.44
N LEU D 609 5.07 -40.66 34.83
CA LEU D 609 5.98 -41.62 35.43
C LEU D 609 7.07 -41.97 34.42
N LEU D 610 8.16 -42.53 34.93
CA LEU D 610 9.21 -43.09 34.10
C LEU D 610 9.68 -44.38 34.71
N THR D 611 9.96 -45.38 33.87
CA THR D 611 10.65 -46.59 34.29
C THR D 611 11.99 -46.57 33.56
N ILE D 612 13.01 -46.03 34.21
CA ILE D 612 14.30 -45.90 33.57
C ILE D 612 14.95 -47.27 33.52
N GLU D 613 15.27 -47.74 32.31
CA GLU D 613 15.81 -49.07 32.11
C GLU D 613 17.27 -48.95 31.72
N VAL D 614 18.13 -49.72 32.38
CA VAL D 614 19.55 -49.65 32.16
C VAL D 614 20.06 -51.04 31.82
N ALA D 615 20.69 -51.18 30.67
CA ALA D 615 21.38 -52.40 30.32
C ALA D 615 22.85 -52.22 30.58
N ALA D 616 23.49 -53.27 31.08
CA ALA D 616 24.92 -53.28 31.36
C ALA D 616 25.51 -54.43 30.57
N VAL D 617 26.18 -54.10 29.46
CA VAL D 617 26.65 -55.09 28.52
C VAL D 617 28.16 -54.97 28.40
N PRO D 618 28.90 -56.04 28.15
CA PRO D 618 30.36 -55.98 28.25
C PRO D 618 31.08 -55.18 27.18
N GLY D 619 32.42 -55.12 27.29
CA GLY D 619 33.27 -54.57 26.25
C GLY D 619 34.22 -53.45 26.65
N SER D 620 34.02 -52.28 26.08
CA SER D 620 34.84 -51.09 26.23
C SER D 620 34.38 -50.29 27.45
N GLY D 621 34.74 -49.02 27.50
CA GLY D 621 33.94 -48.01 28.18
C GLY D 621 33.18 -47.21 27.13
N LYS D 622 31.94 -46.86 27.46
CA LYS D 622 30.99 -46.12 26.63
C LYS D 622 29.78 -45.80 27.50
N LEU D 623 29.11 -44.68 27.21
CA LEU D 623 27.84 -44.36 27.86
C LEU D 623 26.82 -43.94 26.79
N SER D 624 26.07 -44.91 26.31
CA SER D 624 25.05 -44.67 25.30
C SER D 624 23.79 -44.20 25.99
N LEU D 625 23.28 -43.04 25.57
CA LEU D 625 22.21 -42.34 26.29
C LEU D 625 21.07 -42.03 25.31
N THR D 626 20.17 -42.99 25.15
CA THR D 626 19.10 -42.91 24.18
C THR D 626 17.80 -42.54 24.86
N GLY D 627 16.71 -42.59 24.12
CA GLY D 627 15.44 -42.10 24.61
C GLY D 627 15.21 -40.64 24.32
N GLN D 628 16.06 -40.03 23.48
CA GLN D 628 15.99 -38.62 23.08
C GLN D 628 16.02 -37.69 24.29
N LEU D 629 16.94 -37.97 25.20
CA LEU D 629 17.03 -37.23 26.44
C LEU D 629 17.67 -35.87 26.19
N GLY D 630 17.69 -35.07 27.23
CA GLY D 630 18.31 -33.78 27.15
C GLY D 630 19.76 -33.81 27.56
N GLU D 631 20.42 -32.67 27.37
CA GLU D 631 21.82 -32.59 27.74
C GLU D 631 22.00 -32.60 29.25
N VAL D 632 21.11 -31.90 29.97
CA VAL D 632 21.20 -31.83 31.42
C VAL D 632 20.99 -33.19 32.04
N MET D 633 20.13 -34.01 31.44
CA MET D 633 19.88 -35.31 32.02
C MET D 633 21.02 -36.27 31.69
N LYS D 634 21.70 -36.07 30.56
CA LYS D 634 22.91 -36.82 30.28
C LYS D 634 24.01 -36.46 31.28
N GLU D 635 24.11 -35.19 31.63
CA GLU D 635 25.11 -34.80 32.62
C GLU D 635 24.74 -35.30 34.00
N SER D 636 23.44 -35.39 34.29
CA SER D 636 22.99 -36.00 35.54
C SER D 636 23.38 -37.47 35.60
N ALA D 637 23.28 -38.15 34.47
CA ALA D 637 23.70 -39.55 34.40
C ALA D 637 25.19 -39.69 34.58
N GLN D 638 25.96 -38.78 33.98
CA GLN D 638 27.41 -38.83 34.13
C GLN D 638 27.84 -38.50 35.55
N ALA D 639 27.12 -37.60 36.22
CA ALA D 639 27.46 -37.26 37.60
C ALA D 639 27.13 -38.40 38.55
N ALA D 640 25.99 -39.06 38.34
CA ALA D 640 25.67 -40.24 39.13
C ALA D 640 26.67 -41.34 38.88
N LEU D 641 27.10 -41.49 37.62
CA LEU D 641 28.11 -42.49 37.31
C LEU D 641 29.45 -42.14 37.92
N THR D 642 29.77 -40.85 38.00
CA THR D 642 31.04 -40.43 38.56
C THR D 642 31.07 -40.64 40.05
N TYR D 643 29.92 -40.43 40.72
CA TYR D 643 29.83 -40.81 42.12
C TYR D 643 29.95 -42.32 42.27
N LEU D 644 29.44 -43.09 41.31
CA LEU D 644 29.58 -44.53 41.41
C LEU D 644 31.00 -45.00 41.15
N ARG D 645 31.77 -44.28 40.34
CA ARG D 645 33.12 -44.71 40.01
C ARG D 645 34.07 -44.55 41.18
N ALA D 646 33.75 -43.67 42.11
CA ALA D 646 34.56 -43.43 43.28
C ALA D 646 34.14 -44.28 44.48
N HIS D 647 33.14 -45.15 44.33
CA HIS D 647 32.67 -45.96 45.44
C HIS D 647 32.38 -47.36 44.93
N THR D 648 33.40 -48.22 44.95
CA THR D 648 33.22 -49.61 44.55
C THR D 648 33.26 -50.57 45.72
N GLN D 649 33.95 -50.21 46.79
CA GLN D 649 33.87 -50.98 48.00
C GLN D 649 32.65 -50.63 48.82
N ASP D 650 32.02 -49.48 48.54
CA ASP D 650 30.79 -49.13 49.24
C ASP D 650 29.63 -50.01 48.80
N TYR D 651 29.63 -50.48 47.56
CA TYR D 651 28.49 -51.25 47.06
C TYR D 651 28.91 -52.53 46.37
N GLY D 652 30.18 -52.92 46.44
CA GLY D 652 30.63 -54.18 45.90
C GLY D 652 30.69 -54.23 44.39
N LEU D 653 30.65 -53.08 43.73
CA LEU D 653 30.64 -53.05 42.28
C LEU D 653 32.02 -53.41 41.73
N PRO D 654 32.07 -54.08 40.60
CA PRO D 654 33.36 -54.33 39.95
C PRO D 654 33.94 -53.01 39.46
N GLU D 655 35.16 -52.72 39.89
CA GLU D 655 35.73 -51.39 39.79
C GLU D 655 36.04 -50.99 38.34
N ASP D 656 36.27 -51.95 37.48
CA ASP D 656 36.66 -51.66 36.09
C ASP D 656 35.43 -51.59 35.20
N PHE D 657 34.46 -50.79 35.63
CA PHE D 657 33.25 -50.60 34.85
C PHE D 657 33.27 -49.29 34.09
N TYR D 658 34.27 -48.45 34.32
CA TYR D 658 34.64 -47.43 33.36
C TYR D 658 35.37 -48.05 32.19
N ASN D 659 35.97 -49.21 32.41
CA ASN D 659 36.93 -49.83 31.51
C ASN D 659 36.35 -50.98 30.71
N LYS D 660 35.54 -51.85 31.31
CA LYS D 660 35.19 -53.10 30.68
C LYS D 660 33.73 -53.26 30.32
N VAL D 661 32.85 -52.36 30.73
CA VAL D 661 31.43 -52.49 30.37
C VAL D 661 30.97 -51.22 29.68
N ASP D 662 30.01 -51.41 28.79
CA ASP D 662 29.36 -50.32 28.08
C ASP D 662 27.95 -50.19 28.61
N LEU D 663 27.55 -48.99 28.97
CA LEU D 663 26.33 -48.83 29.76
C LEU D 663 25.26 -48.11 28.96
N HIS D 664 24.45 -48.86 28.25
CA HIS D 664 23.35 -48.28 27.50
C HIS D 664 22.23 -47.95 28.46
N VAL D 665 21.63 -46.77 28.29
CA VAL D 665 20.56 -46.29 29.16
C VAL D 665 19.41 -45.84 28.29
N HIS D 666 18.27 -46.52 28.41
CA HIS D 666 17.09 -46.17 27.65
C HIS D 666 16.01 -45.66 28.58
N VAL D 667 15.27 -44.67 28.12
CA VAL D 667 14.14 -44.12 28.87
C VAL D 667 12.90 -44.27 28.01
N PRO D 668 12.14 -45.35 28.18
CA PRO D 668 10.89 -45.50 27.44
C PRO D 668 9.87 -44.46 27.89
N ASP D 669 9.04 -43.98 26.96
CA ASP D 669 8.98 -44.39 25.55
C ASP D 669 10.00 -43.70 24.66
N GLY D 670 10.12 -44.20 23.43
CA GLY D 670 11.22 -43.79 22.59
C GLY D 670 11.10 -42.42 21.99
N ALA D 671 9.88 -42.01 21.62
CA ALA D 671 9.69 -40.78 20.86
C ALA D 671 9.28 -39.61 21.74
N THR D 672 9.83 -39.53 22.96
CA THR D 672 9.50 -38.47 23.89
C THR D 672 10.79 -37.89 24.43
N PRO D 673 10.98 -36.54 24.40
CA PRO D 673 12.22 -35.92 24.84
C PRO D 673 12.10 -35.33 26.24
N LYS D 674 12.60 -36.02 27.25
CA LYS D 674 12.40 -35.52 28.63
C LYS D 674 13.72 -35.00 29.21
N ASP D 675 13.80 -33.71 29.54
CA ASP D 675 15.04 -33.09 30.08
C ASP D 675 14.72 -32.33 31.35
N GLY D 676 15.57 -32.86 32.31
CA GLY D 676 15.47 -32.19 33.60
C GLY D 676 16.63 -32.57 34.48
N PRO D 677 17.04 -31.78 35.48
CA PRO D 677 18.06 -32.21 36.39
C PRO D 677 17.45 -33.31 37.26
N SER D 678 16.12 -33.43 37.24
CA SER D 678 15.45 -34.42 38.13
C SER D 678 15.73 -35.83 37.65
N ALA D 679 15.57 -36.81 38.54
CA ALA D 679 15.70 -38.24 38.17
C ALA D 679 17.13 -38.70 38.10
N GLY D 680 17.86 -37.81 38.87
CA GLY D 680 19.27 -38.21 39.01
C GLY D 680 19.35 -39.32 40.04
N ILE D 681 18.48 -39.29 41.04
CA ILE D 681 18.39 -40.34 42.05
C ILE D 681 17.92 -41.64 41.43
N THR D 682 16.92 -41.56 40.54
CA THR D 682 16.41 -42.73 39.85
C THR D 682 17.48 -43.34 38.97
N MET D 683 18.24 -42.50 38.28
CA MET D 683 19.28 -43.01 37.40
C MET D 683 20.41 -43.62 38.20
N ALA D 684 20.71 -43.06 39.37
CA ALA D 684 21.75 -43.64 40.19
C ALA D 684 21.33 -44.98 40.75
N THR D 685 20.07 -45.10 41.18
CA THR D 685 19.54 -46.37 41.64
C THR D 685 19.54 -47.40 40.53
N ALA D 686 19.09 -47.00 39.33
CA ALA D 686 19.00 -47.91 38.20
C ALA D 686 20.38 -48.42 37.77
N ILE D 687 21.36 -47.52 37.69
CA ILE D 687 22.70 -47.91 37.27
C ILE D 687 23.34 -48.79 38.34
N ALA D 688 23.16 -48.46 39.61
CA ALA D 688 23.76 -49.30 40.64
C ALA D 688 23.10 -50.66 40.73
N SER D 689 21.81 -50.73 40.42
CA SER D 689 21.13 -52.01 40.38
C SER D 689 21.62 -52.85 39.22
N ALA D 690 21.69 -52.24 38.03
CA ALA D 690 22.11 -52.96 36.84
C ALA D 690 23.58 -53.33 36.88
N LEU D 691 24.40 -52.64 37.65
CA LEU D 691 25.78 -53.05 37.80
C LEU D 691 26.01 -53.96 38.98
N SER D 692 25.05 -54.06 39.89
CA SER D 692 25.25 -54.81 41.12
C SER D 692 24.52 -56.14 41.14
N ARG D 693 23.57 -56.34 40.22
CA ARG D 693 22.66 -57.50 40.19
C ARG D 693 21.87 -57.63 41.49
N ARG D 694 21.25 -56.53 41.88
CA ARG D 694 20.29 -56.50 42.97
C ARG D 694 19.07 -55.79 42.40
N PRO D 695 17.90 -56.41 42.41
CA PRO D 695 16.74 -55.78 41.79
C PRO D 695 16.24 -54.60 42.59
N ALA D 696 15.80 -53.58 41.88
CA ALA D 696 15.28 -52.37 42.51
C ALA D 696 13.78 -52.52 42.76
N ARG D 697 13.36 -52.20 43.98
CA ARG D 697 11.97 -52.30 44.37
C ARG D 697 11.13 -51.29 43.61
N MET D 698 10.31 -51.78 42.69
CA MET D 698 9.43 -50.92 41.92
C MET D 698 8.24 -50.42 42.71
N ASP D 699 8.05 -50.85 43.96
CA ASP D 699 6.94 -50.35 44.75
C ASP D 699 7.29 -49.08 45.51
N ILE D 700 8.39 -48.41 45.17
CA ILE D 700 8.79 -47.16 45.80
C ILE D 700 9.16 -46.21 44.67
N ALA D 701 8.38 -45.14 44.51
CA ALA D 701 8.80 -44.12 43.57
C ALA D 701 9.82 -43.21 44.22
N MET D 702 10.50 -42.41 43.39
CA MET D 702 11.35 -41.32 43.90
C MET D 702 11.53 -40.27 42.81
N THR D 703 12.15 -39.16 43.22
CA THR D 703 12.50 -38.05 42.35
C THR D 703 13.58 -37.25 43.06
N GLY D 704 14.20 -36.33 42.35
CA GLY D 704 15.16 -35.44 42.98
C GLY D 704 16.28 -35.06 42.02
N GLU D 705 17.40 -34.65 42.61
CA GLU D 705 18.58 -34.20 41.87
C GLU D 705 19.82 -34.48 42.69
N VAL D 706 20.84 -35.05 42.05
CA VAL D 706 22.02 -35.52 42.76
C VAL D 706 23.19 -34.62 42.39
N SER D 707 24.25 -34.71 43.19
CA SER D 707 25.48 -33.93 43.01
C SER D 707 26.63 -34.88 42.73
N LEU D 708 27.84 -34.33 42.75
CA LEU D 708 29.04 -35.10 42.52
C LEU D 708 29.61 -35.67 43.80
N ARG D 709 29.35 -35.03 44.93
CA ARG D 709 29.72 -35.57 46.24
C ARG D 709 28.68 -36.52 46.78
N GLY D 710 27.64 -36.82 46.02
CA GLY D 710 26.61 -37.68 46.52
C GLY D 710 25.62 -37.00 47.43
N LYS D 711 25.36 -35.72 47.23
CA LYS D 711 24.40 -35.00 48.05
C LYS D 711 23.15 -34.73 47.23
N VAL D 712 22.01 -34.96 47.83
CA VAL D 712 20.73 -34.74 47.16
C VAL D 712 20.41 -33.26 47.22
N MET D 713 19.78 -32.74 46.19
CA MET D 713 19.43 -31.34 46.18
C MET D 713 17.92 -31.18 46.00
N PRO D 714 17.34 -30.08 46.48
CA PRO D 714 15.88 -29.91 46.35
C PRO D 714 15.45 -29.60 44.93
N ILE D 715 14.19 -29.95 44.65
CA ILE D 715 13.61 -29.83 43.33
C ILE D 715 12.28 -29.09 43.43
N GLY D 716 11.61 -29.00 42.29
CA GLY D 716 10.33 -28.32 42.23
C GLY D 716 9.20 -29.24 41.83
N GLY D 717 7.97 -28.84 42.16
CA GLY D 717 6.79 -29.60 41.78
C GLY D 717 6.65 -30.92 42.49
N VAL D 718 6.60 -30.90 43.82
CA VAL D 718 6.60 -32.15 44.56
C VAL D 718 5.18 -32.70 44.66
N LYS D 719 4.18 -31.83 44.73
CA LYS D 719 2.82 -32.32 44.96
C LYS D 719 2.26 -33.00 43.72
N GLU D 720 2.67 -32.59 42.52
CA GLU D 720 2.14 -33.23 41.33
C GLU D 720 2.78 -34.59 41.13
N LYS D 721 4.07 -34.71 41.48
CA LYS D 721 4.75 -35.99 41.44
C LYS D 721 4.16 -36.96 42.44
N LEU D 722 3.91 -36.51 43.66
CA LEU D 722 3.37 -37.46 44.63
C LEU D 722 1.89 -37.74 44.39
N LEU D 723 1.18 -36.80 43.78
CA LEU D 723 -0.16 -37.05 43.28
C LEU D 723 -0.19 -38.19 42.29
N ALA D 724 0.69 -38.13 41.29
CA ALA D 724 0.74 -39.19 40.29
C ALA D 724 1.24 -40.50 40.87
N ALA D 725 2.14 -40.44 41.85
CA ALA D 725 2.62 -41.66 42.47
C ALA D 725 1.55 -42.34 43.29
N HIS D 726 0.61 -41.55 43.83
CA HIS D 726 -0.53 -42.19 44.50
C HIS D 726 -1.55 -42.69 43.51
N GLN D 727 -1.82 -41.92 42.45
CA GLN D 727 -2.83 -42.32 41.48
C GLN D 727 -2.41 -43.56 40.69
N ALA D 728 -1.11 -43.80 40.55
CA ALA D 728 -0.70 -45.06 39.95
C ALA D 728 -0.83 -46.20 40.93
N GLY D 729 -0.73 -45.92 42.22
CA GLY D 729 -0.83 -46.93 43.24
C GLY D 729 0.43 -47.22 44.03
N ILE D 730 1.41 -46.33 44.02
CA ILE D 730 2.62 -46.48 44.81
C ILE D 730 2.39 -45.81 46.16
N HIS D 731 2.85 -46.45 47.23
CA HIS D 731 2.61 -45.97 48.59
C HIS D 731 3.85 -45.45 49.29
N LYS D 732 5.02 -45.59 48.69
CA LYS D 732 6.26 -45.23 49.36
C LYS D 732 7.03 -44.28 48.46
N ILE D 733 7.45 -43.15 49.01
CA ILE D 733 8.18 -42.13 48.26
C ILE D 733 9.57 -42.03 48.87
N VAL D 734 10.56 -41.66 48.06
CA VAL D 734 11.87 -41.25 48.53
C VAL D 734 12.14 -39.85 48.02
N LEU D 735 12.39 -38.91 48.92
CA LEU D 735 12.30 -37.49 48.66
C LEU D 735 13.39 -36.79 49.45
N PRO D 736 13.91 -35.65 48.97
CA PRO D 736 14.99 -34.97 49.69
C PRO D 736 14.55 -34.45 51.03
N LYS D 737 15.49 -34.46 51.98
CA LYS D 737 15.20 -33.84 53.28
C LYS D 737 15.07 -32.33 53.13
N ASP D 738 15.70 -31.76 52.12
CA ASP D 738 15.55 -30.36 51.79
C ASP D 738 14.12 -30.00 51.39
N ASN D 739 13.34 -30.97 50.93
CA ASN D 739 11.92 -30.81 50.70
C ASN D 739 11.10 -31.36 51.84
N GLU D 740 11.59 -31.19 53.08
CA GLU D 740 10.75 -31.37 54.25
C GLU D 740 9.54 -30.44 54.20
N ALA D 741 9.80 -29.14 54.02
CA ALA D 741 8.79 -28.11 54.11
C ALA D 741 7.84 -28.09 52.94
N GLN D 742 8.13 -28.84 51.88
CA GLN D 742 7.28 -28.86 50.71
C GLN D 742 6.14 -29.87 50.81
N LEU D 743 5.93 -30.46 51.98
CA LEU D 743 4.91 -31.49 52.10
C LEU D 743 3.52 -30.94 52.37
N GLU D 744 3.40 -29.65 52.69
CA GLU D 744 2.12 -29.11 53.13
C GLU D 744 1.34 -28.47 52.00
N GLU D 745 1.57 -28.93 50.78
CA GLU D 745 0.68 -28.65 49.66
C GLU D 745 -0.05 -29.91 49.21
N LEU D 746 0.16 -31.01 49.90
CA LEU D 746 -0.50 -32.27 49.61
C LEU D 746 -1.87 -32.32 50.28
N PRO D 747 -2.87 -32.89 49.62
CA PRO D 747 -4.12 -33.16 50.31
C PRO D 747 -3.91 -34.23 51.37
N LYS D 748 -4.69 -34.12 52.44
CA LYS D 748 -4.52 -34.97 53.61
C LYS D 748 -4.83 -36.42 53.30
N GLU D 749 -5.81 -36.66 52.43
CA GLU D 749 -6.14 -38.01 51.99
C GLU D 749 -5.05 -38.63 51.15
N VAL D 750 -4.15 -37.83 50.58
CA VAL D 750 -2.93 -38.36 49.99
C VAL D 750 -1.84 -38.54 51.04
N LEU D 751 -1.67 -37.51 51.86
CA LEU D 751 -0.65 -37.45 52.89
C LEU D 751 -0.89 -38.43 54.04
N GLU D 752 -2.05 -39.07 54.08
CA GLU D 752 -2.34 -40.02 55.15
C GLU D 752 -1.77 -41.41 54.90
N GLY D 753 -1.34 -41.71 53.68
CA GLY D 753 -0.94 -43.07 53.37
C GLY D 753 0.47 -43.21 52.83
N LEU D 754 1.09 -42.10 52.46
CA LEU D 754 2.39 -42.15 51.83
C LEU D 754 3.48 -42.25 52.88
N GLU D 755 4.24 -43.34 52.85
CA GLU D 755 5.38 -43.51 53.75
C GLU D 755 6.57 -42.77 53.15
N ILE D 756 6.58 -41.46 53.34
CA ILE D 756 7.64 -40.62 52.78
C ILE D 756 8.89 -40.76 53.62
N LYS D 757 10.01 -41.06 52.98
CA LYS D 757 11.31 -41.05 53.63
C LYS D 757 12.08 -39.85 53.14
N LEU D 758 12.88 -39.26 54.02
CA LEU D 758 13.59 -38.03 53.70
C LEU D 758 15.09 -38.29 53.74
N VAL D 759 15.77 -37.86 52.69
CA VAL D 759 17.19 -38.15 52.53
C VAL D 759 17.95 -36.86 52.25
N GLU D 760 19.22 -36.87 52.65
CA GLU D 760 20.21 -35.88 52.27
C GLU D 760 21.29 -36.48 51.40
N ASP D 761 21.73 -37.68 51.75
CA ASP D 761 22.83 -38.37 51.12
C ASP D 761 22.33 -39.66 50.49
N VAL D 762 22.81 -39.99 49.30
CA VAL D 762 22.24 -41.11 48.55
C VAL D 762 22.72 -42.47 49.04
N GLY D 763 23.59 -42.53 50.05
CA GLY D 763 23.85 -43.83 50.68
C GLY D 763 22.62 -44.42 51.32
N GLU D 764 21.75 -43.54 51.85
CA GLU D 764 20.46 -43.94 52.39
C GLU D 764 19.56 -44.54 51.31
N VAL D 765 19.54 -43.92 50.13
CA VAL D 765 18.68 -44.41 49.06
C VAL D 765 19.22 -45.71 48.50
N LEU D 766 20.55 -45.83 48.36
CA LEU D 766 21.14 -47.08 47.90
C LEU D 766 21.05 -48.20 48.93
N GLU D 767 20.81 -47.89 50.19
CA GLU D 767 20.53 -48.98 51.11
C GLU D 767 19.05 -49.26 51.26
N TYR D 768 18.18 -48.34 50.88
CA TYR D 768 16.76 -48.57 51.12
C TYR D 768 16.05 -49.22 49.94
N LEU D 769 16.43 -48.92 48.69
CA LEU D 769 15.67 -49.42 47.55
C LEU D 769 16.02 -50.84 47.18
N LEU D 770 17.31 -51.14 47.06
CA LEU D 770 17.72 -52.39 46.47
C LEU D 770 17.46 -53.56 47.42
N LEU D 771 16.98 -54.65 46.88
CA LEU D 771 16.96 -55.89 47.64
C LEU D 771 18.39 -56.31 47.91
N PRO D 772 18.76 -56.57 49.16
CA PRO D 772 20.16 -56.82 49.50
C PRO D 772 20.69 -58.18 49.08
N GLU D 773 19.94 -58.98 48.33
CA GLU D 773 20.40 -60.30 47.94
C GLU D 773 20.96 -60.25 46.53
N PRO D 774 22.19 -60.75 46.30
CA PRO D 774 22.67 -60.90 44.93
C PRO D 774 22.13 -62.18 44.31
N THR D 775 21.52 -62.05 43.12
CA THR D 775 20.83 -63.16 42.49
C THR D 775 21.44 -63.55 41.15
N MET D 776 21.58 -62.62 40.22
CA MET D 776 22.12 -62.86 38.89
C MET D 776 23.64 -62.75 38.91
N PRO D 777 24.32 -63.36 37.94
CA PRO D 777 25.76 -63.15 37.83
C PRO D 777 26.06 -61.78 37.22
N PRO D 778 26.92 -60.99 37.86
CA PRO D 778 27.30 -59.71 37.28
C PRO D 778 28.14 -59.88 36.03
N VAL D 779 27.88 -59.03 35.05
CA VAL D 779 28.36 -59.23 33.70
C VAL D 779 29.84 -58.88 33.63
N VAL D 780 30.60 -59.71 32.89
CA VAL D 780 32.02 -59.52 32.67
C VAL D 780 32.24 -59.51 31.17
N ARG E 2 -99.13 -6.79 47.42
CA ARG E 2 -100.29 -6.94 48.28
C ARG E 2 -101.54 -6.43 47.56
N LEU E 3 -101.85 -7.09 46.43
CA LEU E 3 -103.15 -7.06 45.75
C LEU E 3 -103.15 -8.13 44.66
N GLU E 4 -104.27 -8.83 44.49
CA GLU E 4 -104.34 -9.89 43.48
C GLU E 4 -104.44 -9.29 42.08
N LEU E 5 -103.30 -9.11 41.42
CA LEU E 5 -103.23 -8.36 40.18
C LEU E 5 -102.68 -9.21 39.06
N PRO E 6 -103.15 -8.99 37.82
CA PRO E 6 -102.70 -9.81 36.69
C PRO E 6 -101.26 -9.47 36.29
N VAL E 7 -100.39 -10.47 36.35
CA VAL E 7 -99.08 -10.37 35.74
C VAL E 7 -99.25 -10.31 34.24
N ILE E 8 -98.62 -9.32 33.61
CA ILE E 8 -98.69 -9.17 32.17
C ILE E 8 -97.30 -9.40 31.60
N PRO E 9 -97.10 -10.45 30.79
CA PRO E 9 -95.76 -10.68 30.23
C PRO E 9 -95.39 -9.63 29.18
N LEU E 10 -94.20 -9.06 29.35
CA LEU E 10 -93.69 -8.02 28.48
C LEU E 10 -92.53 -8.58 27.65
N ARG E 11 -92.43 -8.10 26.42
CA ARG E 11 -91.41 -8.58 25.50
C ARG E 11 -90.46 -7.48 25.04
N ASN E 12 -90.78 -6.22 25.32
CA ASN E 12 -89.94 -5.10 24.89
C ASN E 12 -89.63 -4.14 26.03
N THR E 13 -90.57 -3.99 26.96
CA THR E 13 -90.42 -2.97 27.99
C THR E 13 -90.15 -3.59 29.36
N VAL E 14 -89.51 -2.80 30.22
CA VAL E 14 -89.25 -3.18 31.61
C VAL E 14 -89.93 -2.16 32.51
N ILE E 15 -90.21 -2.55 33.75
CA ILE E 15 -90.99 -1.75 34.68
C ILE E 15 -90.13 -1.45 35.90
N LEU E 16 -90.12 -0.17 36.32
CA LEU E 16 -89.36 0.27 37.46
C LEU E 16 -90.24 1.16 38.33
N PRO E 17 -89.99 1.23 39.63
CA PRO E 17 -90.68 2.23 40.45
C PRO E 17 -90.21 3.63 40.11
N HIS E 18 -91.00 4.62 40.56
CA HIS E 18 -90.81 6.06 40.36
C HIS E 18 -90.66 6.42 38.89
N THR E 19 -91.48 5.84 38.01
CA THR E 19 -91.34 6.03 36.57
C THR E 19 -92.75 6.13 35.96
N THR E 20 -92.87 6.76 34.79
CA THR E 20 -94.14 6.88 34.08
C THR E 20 -93.97 6.24 32.70
N THR E 21 -94.53 5.05 32.52
CA THR E 21 -94.10 4.14 31.46
C THR E 21 -95.29 3.64 30.64
N PRO E 22 -95.20 3.58 29.31
CA PRO E 22 -96.21 2.86 28.54
C PRO E 22 -96.04 1.36 28.67
N VAL E 23 -97.18 0.66 28.71
CA VAL E 23 -97.18 -0.80 28.65
C VAL E 23 -97.69 -1.17 27.26
N ASP E 24 -96.77 -1.55 26.38
CA ASP E 24 -97.12 -1.85 24.99
C ASP E 24 -97.54 -3.30 24.87
N VAL E 25 -98.80 -3.52 24.50
CA VAL E 25 -99.39 -4.85 24.55
C VAL E 25 -99.85 -5.23 23.14
N GLY E 26 -99.30 -6.32 22.62
CA GLY E 26 -99.68 -6.81 21.30
C GLY E 26 -99.73 -8.32 21.20
N ARG E 27 -99.56 -9.01 22.32
CA ARG E 27 -99.66 -10.46 22.39
C ARG E 27 -100.99 -10.84 23.03
N ALA E 28 -101.65 -11.84 22.45
CA ALA E 28 -102.94 -12.29 22.97
C ALA E 28 -102.82 -12.92 24.35
N LYS E 29 -101.69 -13.60 24.62
CA LYS E 29 -101.44 -14.14 25.95
C LYS E 29 -101.24 -13.03 26.98
N SER E 30 -100.78 -11.86 26.55
CA SER E 30 -100.77 -10.68 27.40
C SER E 30 -102.03 -9.84 27.27
N LYS E 31 -102.72 -9.92 26.12
CA LYS E 31 -103.97 -9.18 25.96
C LYS E 31 -105.05 -9.70 26.89
N ARG E 32 -105.09 -11.01 27.13
CA ARG E 32 -106.05 -11.58 28.08
C ARG E 32 -105.78 -11.09 29.50
N ALA E 33 -104.49 -10.94 29.86
CA ALA E 33 -104.16 -10.40 31.17
C ALA E 33 -104.52 -8.91 31.27
N VAL E 34 -104.40 -8.18 30.16
CA VAL E 34 -104.84 -6.78 30.13
C VAL E 34 -106.36 -6.70 30.27
N GLU E 35 -107.08 -7.62 29.62
CA GLU E 35 -108.54 -7.64 29.68
C GLU E 35 -109.03 -7.97 31.09
N GLU E 36 -108.32 -8.86 31.79
CA GLU E 36 -108.66 -9.06 33.20
C GLU E 36 -108.15 -7.95 34.09
N ALA E 37 -107.15 -7.18 33.63
CA ALA E 37 -106.60 -6.09 34.42
C ALA E 37 -107.48 -4.87 34.42
N MET E 38 -108.16 -4.59 33.30
CA MET E 38 -109.10 -3.46 33.28
C MET E 38 -110.37 -3.76 34.06
N GLY E 39 -110.64 -5.04 34.35
CA GLY E 39 -111.68 -5.40 35.29
C GLY E 39 -111.23 -5.41 36.73
N ALA E 40 -109.93 -5.25 36.99
CA ALA E 40 -109.37 -5.25 38.35
C ALA E 40 -109.21 -3.83 38.89
N ASP E 41 -109.92 -2.88 38.29
CA ASP E 41 -109.97 -1.46 38.69
C ASP E 41 -108.58 -0.80 38.67
N ARG E 42 -108.01 -0.79 37.46
CA ARG E 42 -106.91 0.08 37.03
C ARG E 42 -105.60 -0.16 37.78
N LEU E 43 -105.41 -1.32 38.39
CA LEU E 43 -104.19 -1.62 39.14
C LEU E 43 -103.59 -2.92 38.65
N ILE E 44 -102.27 -2.94 38.47
CA ILE E 44 -101.54 -4.06 37.86
C ILE E 44 -100.21 -4.24 38.58
N PHE E 45 -99.87 -5.49 38.90
CA PHE E 45 -98.50 -5.91 39.13
C PHE E 45 -97.85 -6.17 37.78
N LEU E 46 -96.78 -5.43 37.48
CA LEU E 46 -96.15 -5.47 36.17
C LEU E 46 -94.82 -6.23 36.26
N VAL E 47 -94.77 -7.39 35.61
CA VAL E 47 -93.64 -8.30 35.69
C VAL E 47 -93.15 -8.64 34.29
N ALA E 48 -91.86 -8.41 34.04
CA ALA E 48 -91.20 -8.85 32.83
C ALA E 48 -90.29 -10.04 33.12
N GLN E 49 -89.99 -10.82 32.09
CA GLN E 49 -89.17 -12.02 32.21
C GLN E 49 -87.73 -11.77 31.75
N ARG E 50 -86.96 -12.86 31.71
CA ARG E 50 -85.52 -12.78 31.54
C ARG E 50 -85.09 -12.61 30.08
N ASP E 51 -83.80 -12.31 29.89
CA ASP E 51 -82.98 -12.51 28.69
C ASP E 51 -82.36 -13.91 28.75
N PRO E 52 -81.43 -14.28 27.81
CA PRO E 52 -81.76 -15.32 26.80
C PRO E 52 -82.81 -16.33 27.21
N GLU E 53 -83.81 -16.47 26.35
CA GLU E 53 -85.20 -16.64 26.73
C GLU E 53 -85.74 -18.01 26.39
N VAL E 54 -86.86 -18.35 27.03
CA VAL E 54 -87.81 -19.34 26.53
C VAL E 54 -89.08 -18.57 26.20
N ASP E 55 -89.53 -18.65 24.94
CA ASP E 55 -90.56 -17.75 24.42
C ASP E 55 -91.92 -17.94 25.06
N ASP E 56 -92.27 -19.15 25.49
CA ASP E 56 -93.58 -19.39 26.05
C ASP E 56 -93.57 -19.15 27.55
N PRO E 57 -94.68 -18.71 28.16
CA PRO E 57 -94.65 -18.27 29.55
C PRO E 57 -94.48 -19.41 30.54
N ALA E 58 -93.95 -19.06 31.72
CA ALA E 58 -93.70 -19.98 32.81
C ALA E 58 -93.59 -19.16 34.08
N PRO E 59 -93.94 -19.72 35.25
CA PRO E 59 -93.77 -18.95 36.50
C PRO E 59 -92.33 -18.80 36.95
N ASP E 60 -91.37 -19.39 36.24
CA ASP E 60 -89.95 -19.21 36.53
C ASP E 60 -89.30 -18.12 35.68
N ASP E 61 -89.75 -17.94 34.43
CA ASP E 61 -89.16 -16.90 33.59
C ASP E 61 -89.56 -15.52 34.07
N LEU E 62 -90.84 -15.31 34.37
CA LEU E 62 -91.31 -14.09 35.00
C LEU E 62 -90.88 -14.07 36.46
N TYR E 63 -90.57 -12.88 36.97
CA TYR E 63 -89.91 -12.74 38.26
C TYR E 63 -90.91 -12.40 39.37
N THR E 64 -90.44 -12.54 40.61
CA THR E 64 -91.28 -12.39 41.78
C THR E 64 -91.33 -10.96 42.31
N TRP E 65 -90.82 -10.00 41.55
CA TRP E 65 -90.84 -8.60 41.96
C TRP E 65 -91.41 -7.78 40.82
N GLY E 66 -92.61 -7.22 41.05
CA GLY E 66 -93.27 -6.41 40.06
C GLY E 66 -93.94 -5.21 40.72
N VAL E 67 -93.86 -4.08 40.02
CA VAL E 67 -94.28 -2.79 40.56
C VAL E 67 -95.79 -2.73 40.59
N GLN E 68 -96.34 -2.38 41.75
CA GLN E 68 -97.74 -2.03 41.87
C GLN E 68 -97.97 -0.65 41.23
N ALA E 69 -98.49 -0.66 40.00
CA ALA E 69 -98.60 0.55 39.21
C ALA E 69 -100.07 0.79 38.85
N VAL E 70 -100.36 2.00 38.41
CA VAL E 70 -101.72 2.41 38.06
C VAL E 70 -101.72 2.92 36.63
N VAL E 71 -102.76 2.55 35.88
CA VAL E 71 -102.96 3.03 34.51
C VAL E 71 -103.27 4.52 34.55
N LYS E 72 -102.51 5.31 33.77
CA LYS E 72 -102.89 6.70 33.54
C LYS E 72 -103.93 6.81 32.42
N GLN E 73 -103.62 6.24 31.25
CA GLN E 73 -104.55 6.24 30.12
C GLN E 73 -104.25 5.02 29.25
N ALA E 74 -104.92 4.96 28.10
CA ALA E 74 -104.72 3.86 27.16
C ALA E 74 -104.99 4.37 25.75
N MET E 75 -104.33 3.74 24.78
CA MET E 75 -104.47 4.11 23.38
C MET E 75 -104.20 2.89 22.54
N ARG E 76 -104.59 2.94 21.27
CA ARG E 76 -104.39 1.83 20.36
C ARG E 76 -103.86 2.31 19.01
N LEU E 77 -103.16 1.41 18.32
CA LEU E 77 -102.47 1.71 17.07
C LEU E 77 -102.77 0.64 16.03
N PRO E 78 -102.86 1.01 14.74
CA PRO E 78 -103.14 0.01 13.70
C PRO E 78 -101.91 -0.74 13.22
N ASP E 79 -101.08 -1.19 14.15
CA ASP E 79 -99.97 -2.10 13.86
C ASP E 79 -100.14 -3.45 14.53
N GLY E 80 -101.11 -3.58 15.45
CA GLY E 80 -101.27 -4.76 16.24
C GLY E 80 -101.00 -4.57 17.72
N THR E 81 -100.88 -3.34 18.19
CA THR E 81 -100.52 -3.05 19.58
C THR E 81 -101.68 -2.36 20.27
N LEU E 82 -102.40 -3.11 21.12
CA LEU E 82 -103.44 -2.57 21.98
C LEU E 82 -102.79 -2.23 23.32
N GLN E 83 -102.06 -1.11 23.33
CA GLN E 83 -101.20 -0.73 24.44
C GLN E 83 -101.97 0.04 25.51
N VAL E 84 -101.27 0.34 26.62
CA VAL E 84 -101.87 1.03 27.75
C VAL E 84 -100.76 1.79 28.49
N MET E 85 -101.08 2.98 28.99
CA MET E 85 -100.12 3.85 29.67
C MET E 85 -100.30 3.70 31.17
N VAL E 86 -99.20 3.44 31.89
CA VAL E 86 -99.26 3.35 33.34
C VAL E 86 -98.28 4.32 33.99
N GLU E 87 -98.38 4.44 35.32
CA GLU E 87 -97.36 5.14 36.10
C GLU E 87 -97.12 4.31 37.36
N ALA E 88 -95.86 4.20 37.76
CA ALA E 88 -95.50 3.49 38.97
C ALA E 88 -95.92 4.28 40.20
N ARG E 89 -96.32 3.54 41.25
CA ARG E 89 -96.65 4.12 42.55
C ARG E 89 -95.75 3.58 43.64
N ALA E 90 -95.57 2.26 43.70
CA ALA E 90 -94.66 1.60 44.63
C ALA E 90 -94.33 0.23 44.07
N ARG E 91 -93.04 -0.07 44.04
CA ARG E 91 -92.62 -1.41 43.60
C ARG E 91 -93.00 -2.44 44.66
N ALA E 92 -93.07 -3.69 44.23
CA ALA E 92 -93.64 -4.72 45.10
C ALA E 92 -93.11 -6.08 44.72
N GLN E 93 -93.25 -7.01 45.66
CA GLN E 93 -93.08 -8.42 45.43
C GLN E 93 -94.36 -8.99 44.81
N VAL E 94 -94.20 -9.97 43.91
CA VAL E 94 -95.33 -10.69 43.33
C VAL E 94 -95.19 -12.14 43.77
N THR E 95 -96.15 -12.60 44.59
CA THR E 95 -95.96 -13.84 45.32
C THR E 95 -96.54 -15.06 44.61
N ASP E 96 -97.85 -15.09 44.39
CA ASP E 96 -98.46 -16.27 43.81
C ASP E 96 -98.39 -16.22 42.28
N TYR E 97 -98.48 -17.39 41.66
CA TYR E 97 -98.49 -17.50 40.21
C TYR E 97 -99.38 -18.67 39.80
N ILE E 98 -99.94 -18.54 38.59
CA ILE E 98 -100.79 -19.56 37.99
C ILE E 98 -100.10 -19.99 36.71
N PRO E 99 -100.01 -21.28 36.39
CA PRO E 99 -99.45 -21.68 35.09
C PRO E 99 -100.41 -21.37 33.97
N GLY E 100 -100.44 -20.11 33.54
CA GLY E 100 -101.43 -19.64 32.60
C GLY E 100 -100.85 -19.24 31.26
N PRO E 101 -101.29 -18.10 30.69
CA PRO E 101 -102.28 -17.06 31.07
C PRO E 101 -103.72 -17.58 31.22
N TYR E 102 -104.53 -17.05 32.14
CA TYR E 102 -104.31 -15.81 32.91
C TYR E 102 -103.35 -15.90 34.11
N LEU E 103 -103.01 -14.74 34.67
CA LEU E 103 -101.91 -14.63 35.63
C LEU E 103 -102.31 -13.75 36.82
N ARG E 104 -103.47 -14.02 37.43
CA ARG E 104 -103.89 -13.33 38.64
C ARG E 104 -102.92 -13.61 39.79
N ALA E 105 -102.39 -12.55 40.38
CA ALA E 105 -101.25 -12.72 41.27
C ALA E 105 -101.24 -11.65 42.35
N ARG E 106 -100.96 -12.10 43.58
CA ARG E 106 -100.89 -11.24 44.74
C ARG E 106 -99.45 -11.00 45.15
N GLY E 107 -99.25 -10.05 46.06
CA GLY E 107 -97.98 -9.86 46.72
C GLY E 107 -98.12 -9.93 48.21
N GLU E 108 -96.99 -9.93 48.92
CA GLU E 108 -97.02 -9.94 50.38
C GLU E 108 -97.22 -8.53 50.92
N VAL E 109 -96.25 -7.64 50.68
CA VAL E 109 -96.33 -6.26 51.10
C VAL E 109 -95.85 -5.37 49.96
N PHE E 110 -95.90 -4.06 50.20
CA PHE E 110 -95.32 -3.11 49.27
C PHE E 110 -93.82 -2.95 49.50
N SER E 111 -93.20 -2.15 48.65
CA SER E 111 -91.84 -1.70 48.85
C SER E 111 -91.75 -0.21 48.51
N GLU E 112 -91.37 0.57 49.51
CA GLU E 112 -91.16 2.02 49.37
C GLU E 112 -89.87 2.29 50.14
N ILE E 113 -89.03 1.27 50.25
CA ILE E 113 -87.93 1.29 51.21
C ILE E 113 -86.81 2.19 50.71
N PHE E 114 -86.21 2.92 51.65
CA PHE E 114 -85.03 3.74 51.45
C PHE E 114 -83.96 3.33 52.45
N PRO E 115 -82.68 3.32 52.06
CA PRO E 115 -81.64 2.90 53.00
C PRO E 115 -81.40 3.96 54.08
N ILE E 116 -81.19 3.48 55.31
CA ILE E 116 -80.91 4.38 56.42
C ILE E 116 -79.53 5.00 56.25
N ASP E 117 -79.29 6.12 56.93
CA ASP E 117 -78.12 6.98 56.77
C ASP E 117 -78.04 7.43 55.31
N GLU E 118 -78.98 8.28 54.88
CA GLU E 118 -79.18 8.72 53.50
C GLU E 118 -78.00 9.46 52.88
N ALA E 119 -76.92 9.73 53.63
CA ALA E 119 -75.77 10.44 53.08
C ALA E 119 -75.11 9.63 51.96
N VAL E 120 -74.89 8.33 52.20
CA VAL E 120 -74.29 7.50 51.17
C VAL E 120 -75.27 7.26 50.03
N VAL E 121 -76.58 7.34 50.30
CA VAL E 121 -77.58 7.26 49.25
C VAL E 121 -77.46 8.46 48.32
N ARG E 122 -77.34 9.65 48.90
CA ARG E 122 -77.24 10.86 48.09
C ARG E 122 -75.89 10.93 47.37
N VAL E 123 -74.82 10.47 48.01
CA VAL E 123 -73.49 10.52 47.39
C VAL E 123 -73.38 9.43 46.31
N LEU E 124 -74.11 8.33 46.45
CA LEU E 124 -74.14 7.35 45.36
C LEU E 124 -75.02 7.82 44.20
N VAL E 125 -76.07 8.59 44.49
CA VAL E 125 -76.79 9.28 43.42
C VAL E 125 -75.88 10.30 42.73
N GLU E 126 -74.97 10.92 43.50
CA GLU E 126 -73.97 11.80 42.91
C GLU E 126 -72.98 11.03 42.03
N GLU E 127 -72.60 9.83 42.45
CA GLU E 127 -71.72 8.99 41.64
C GLU E 127 -72.42 8.54 40.35
N LEU E 128 -73.71 8.25 40.45
CA LEU E 128 -74.49 7.93 39.27
C LEU E 128 -74.63 9.15 38.35
N LYS E 129 -74.72 10.34 38.92
CA LYS E 129 -74.75 11.56 38.11
C LYS E 129 -73.41 11.79 37.41
N GLU E 130 -72.30 11.40 38.08
CA GLU E 130 -70.99 11.40 37.42
C GLU E 130 -70.95 10.43 36.25
N ALA E 131 -71.62 9.29 36.40
CA ALA E 131 -71.69 8.35 35.27
C ALA E 131 -72.67 8.81 34.20
N PHE E 132 -73.62 9.69 34.55
CA PHE E 132 -74.69 10.03 33.62
C PHE E 132 -74.42 11.32 32.83
N GLU E 133 -73.69 12.28 33.39
CA GLU E 133 -73.45 13.53 32.68
C GLU E 133 -72.54 13.31 31.47
N LYS E 134 -71.65 12.33 31.55
CA LYS E 134 -70.76 11.99 30.45
C LYS E 134 -71.43 11.13 29.38
N TYR E 135 -72.71 10.77 29.55
CA TYR E 135 -73.35 9.83 28.63
C TYR E 135 -73.63 10.49 27.29
N VAL E 136 -74.18 11.71 27.31
CA VAL E 136 -74.47 12.41 26.07
C VAL E 136 -73.18 12.89 25.42
N ALA E 137 -72.12 13.08 26.22
CA ALA E 137 -70.82 13.49 25.68
C ALA E 137 -70.13 12.38 24.89
N ASN E 138 -70.62 11.15 24.99
CA ASN E 138 -70.16 10.06 24.15
C ASN E 138 -71.03 9.86 22.91
N HIS E 139 -72.12 10.63 22.77
CA HIS E 139 -72.96 10.57 21.59
C HIS E 139 -72.85 11.83 20.74
N LYS E 140 -71.71 12.54 20.81
CA LYS E 140 -71.58 13.82 20.14
C LYS E 140 -71.42 13.70 18.64
N SER E 141 -71.06 12.52 18.13
CA SER E 141 -70.96 12.34 16.69
C SER E 141 -72.31 12.03 16.07
N LEU E 142 -73.38 11.97 16.87
CA LEU E 142 -74.74 11.77 16.38
C LEU E 142 -75.50 13.07 16.14
N ARG E 143 -74.90 14.23 16.49
CA ARG E 143 -75.57 15.55 16.49
C ARG E 143 -76.85 15.52 17.32
N LEU E 144 -76.81 14.80 18.44
CA LEU E 144 -77.99 14.53 19.24
C LEU E 144 -78.45 15.79 19.97
N ASP E 145 -79.76 15.86 20.21
CA ASP E 145 -80.32 16.95 20.98
C ASP E 145 -79.90 16.84 22.45
N ARG E 146 -79.76 18.00 23.10
CA ARG E 146 -79.17 18.11 24.43
C ARG E 146 -80.21 18.15 25.54
N TYR E 147 -81.32 17.45 25.38
CA TYR E 147 -82.43 17.53 26.32
C TYR E 147 -82.49 16.37 27.30
N GLN E 148 -81.53 15.45 27.26
CA GLN E 148 -81.53 14.33 28.19
C GLN E 148 -81.15 14.76 29.60
N LEU E 149 -80.49 15.91 29.75
CA LEU E 149 -80.12 16.37 31.08
C LEU E 149 -81.14 17.34 31.65
N GLU E 150 -82.03 17.89 30.83
CA GLU E 150 -82.97 18.90 31.32
C GLU E 150 -84.14 18.27 32.05
N ALA E 151 -84.55 17.07 31.64
CA ALA E 151 -85.65 16.40 32.34
C ALA E 151 -85.18 15.85 33.69
N VAL E 152 -83.87 15.68 33.86
CA VAL E 152 -83.32 15.08 35.07
C VAL E 152 -82.67 16.10 36.00
N LYS E 153 -82.35 17.29 35.51
CA LYS E 153 -81.71 18.29 36.36
C LYS E 153 -82.69 18.91 37.35
N GLY E 154 -83.94 19.13 36.94
CA GLY E 154 -84.94 19.63 37.86
C GLY E 154 -85.46 18.58 38.83
N THR E 155 -85.20 17.31 38.57
CA THR E 155 -85.62 16.24 39.47
C THR E 155 -84.79 16.26 40.75
N SER E 156 -85.46 16.19 41.90
CA SER E 156 -84.77 16.40 43.18
C SER E 156 -84.92 15.22 44.16
N ASP E 157 -85.63 14.16 43.78
CA ASP E 157 -85.77 12.99 44.63
C ASP E 157 -84.71 11.98 44.21
N PRO E 158 -83.89 11.46 45.13
CA PRO E 158 -82.88 10.45 44.73
C PRO E 158 -83.48 9.15 44.19
N ALA E 159 -84.69 8.78 44.63
CA ALA E 159 -85.36 7.63 44.01
C ALA E 159 -85.83 7.96 42.59
N MET E 160 -86.44 9.13 42.40
CA MET E 160 -86.95 9.52 41.08
C MET E 160 -85.81 9.74 40.09
N LEU E 161 -84.81 10.53 40.48
CA LEU E 161 -83.64 10.75 39.62
C LEU E 161 -82.86 9.47 39.41
N ALA E 162 -82.75 8.63 40.44
CA ALA E 162 -82.03 7.37 40.35
C ALA E 162 -82.69 6.42 39.35
N ASP E 163 -84.01 6.27 39.45
CA ASP E 163 -84.74 5.40 38.53
C ASP E 163 -84.81 5.99 37.13
N THR E 164 -84.82 7.32 37.01
CA THR E 164 -84.81 7.97 35.70
C THR E 164 -83.50 7.73 34.96
N ILE E 165 -82.36 7.92 35.64
CA ILE E 165 -81.07 7.63 35.03
C ILE E 165 -80.90 6.13 34.78
N ALA E 166 -81.41 5.29 35.70
CA ALA E 166 -81.34 3.84 35.53
C ALA E 166 -82.26 3.32 34.43
N TYR E 167 -83.18 4.13 33.91
CA TYR E 167 -84.03 3.64 32.82
C TYR E 167 -83.51 4.08 31.44
N HIS E 168 -82.79 5.21 31.38
CA HIS E 168 -82.29 5.70 30.09
C HIS E 168 -81.20 4.83 29.47
N ALA E 169 -80.25 4.33 30.25
CA ALA E 169 -79.09 3.60 29.72
C ALA E 169 -79.36 2.10 29.77
N THR E 170 -79.62 1.53 28.60
CA THR E 170 -80.13 0.17 28.53
C THR E 170 -79.01 -0.86 28.62
N TRP E 171 -79.35 -2.03 29.16
CA TRP E 171 -78.56 -3.25 29.08
C TRP E 171 -79.51 -4.43 29.08
N THR E 172 -78.98 -5.60 29.44
CA THR E 172 -79.74 -6.84 29.40
C THR E 172 -80.92 -6.81 30.37
N VAL E 173 -82.05 -7.35 29.91
CA VAL E 173 -83.31 -7.29 30.64
C VAL E 173 -83.24 -8.10 31.93
N ALA E 174 -82.41 -9.15 31.96
CA ALA E 174 -82.24 -9.96 33.17
C ALA E 174 -81.60 -9.15 34.29
N GLU E 175 -80.57 -8.38 33.98
CA GLU E 175 -79.94 -7.52 34.99
C GLU E 175 -80.86 -6.38 35.41
N LYS E 176 -81.63 -5.82 34.46
CA LYS E 176 -82.63 -4.80 34.76
C LYS E 176 -83.70 -5.31 35.72
N GLN E 177 -84.14 -6.54 35.52
CA GLN E 177 -85.20 -7.07 36.35
C GLN E 177 -84.66 -7.60 37.67
N GLU E 178 -83.37 -7.96 37.72
CA GLU E 178 -82.71 -8.17 39.00
C GLU E 178 -82.60 -6.88 39.79
N ILE E 179 -82.32 -5.77 39.10
CA ILE E 179 -82.34 -4.44 39.70
C ILE E 179 -83.76 -4.09 40.18
N LEU E 180 -84.78 -4.53 39.45
CA LEU E 180 -86.15 -4.42 39.93
C LEU E 180 -86.39 -5.25 41.19
N GLU E 181 -85.83 -6.46 41.24
CA GLU E 181 -85.81 -7.21 42.47
C GLU E 181 -84.96 -6.52 43.53
N LEU E 182 -83.90 -5.81 43.11
CA LEU E 182 -83.09 -5.00 44.02
C LEU E 182 -83.84 -3.72 44.36
N THR E 183 -84.88 -3.83 45.19
CA THR E 183 -85.62 -2.68 45.65
C THR E 183 -84.83 -1.82 46.62
N ASP E 184 -83.74 -2.35 47.19
CA ASP E 184 -82.79 -1.55 47.95
C ASP E 184 -82.06 -0.61 47.00
N LEU E 185 -81.90 0.65 47.40
CA LEU E 185 -81.35 1.65 46.49
C LEU E 185 -79.86 1.45 46.23
N GLU E 186 -79.09 1.10 47.26
CA GLU E 186 -77.63 1.12 47.17
C GLU E 186 -77.10 0.09 46.18
N ALA E 187 -77.64 -1.14 46.24
CA ALA E 187 -77.13 -2.23 45.42
C ALA E 187 -77.44 -2.01 43.94
N ARG E 188 -78.68 -1.64 43.62
CA ARG E 188 -79.04 -1.39 42.24
C ARG E 188 -78.36 -0.14 41.70
N LEU E 189 -78.14 0.88 42.54
CA LEU E 189 -77.46 2.07 42.05
C LEU E 189 -75.97 1.86 41.84
N LYS E 190 -75.33 1.03 42.67
CA LYS E 190 -73.97 0.60 42.37
C LYS E 190 -73.93 -0.20 41.06
N LYS E 191 -74.97 -1.01 40.80
CA LYS E 191 -75.00 -1.78 39.56
C LYS E 191 -75.16 -0.88 38.34
N VAL E 192 -76.02 0.13 38.45
CA VAL E 192 -76.25 1.06 37.33
C VAL E 192 -75.02 1.94 37.11
N LEU E 193 -74.36 2.36 38.21
CA LEU E 193 -73.10 3.09 38.11
C LEU E 193 -72.00 2.28 37.45
N GLY E 194 -71.79 1.04 37.92
CA GLY E 194 -70.75 0.18 37.40
C GLY E 194 -70.96 -0.27 35.97
N LEU E 195 -72.20 -0.29 35.49
CA LEU E 195 -72.41 -0.53 34.07
C LEU E 195 -72.35 0.76 33.25
N LEU E 196 -72.78 1.88 33.81
CA LEU E 196 -72.87 3.11 33.03
C LEU E 196 -71.51 3.75 32.82
N SER E 197 -70.69 3.84 33.88
CA SER E 197 -69.33 4.36 33.70
C SER E 197 -68.48 3.42 32.85
N ARG E 198 -68.79 2.12 32.90
CA ARG E 198 -68.19 1.15 31.99
C ARG E 198 -68.54 1.46 30.54
N ASP E 199 -69.80 1.80 30.28
CA ASP E 199 -70.20 2.18 28.92
C ASP E 199 -69.58 3.49 28.49
N LEU E 200 -69.40 4.41 29.45
CA LEU E 200 -68.70 5.67 29.19
C LEU E 200 -67.29 5.42 28.68
N GLU E 201 -66.50 4.68 29.45
CA GLU E 201 -65.11 4.44 29.09
C GLU E 201 -65.00 3.49 27.90
N ARG E 202 -66.04 2.68 27.67
CA ARG E 202 -66.16 1.91 26.43
C ARG E 202 -66.21 2.82 25.22
N PHE E 203 -67.12 3.80 25.23
CA PHE E 203 -67.17 4.75 24.11
C PHE E 203 -65.95 5.66 24.05
N GLU E 204 -65.27 5.90 25.17
CA GLU E 204 -63.99 6.61 25.16
C GLU E 204 -62.94 5.85 24.34
N LEU E 205 -62.78 4.55 24.64
CA LEU E 205 -61.90 3.69 23.86
C LEU E 205 -62.32 3.62 22.39
N ASP E 206 -63.64 3.55 22.15
CA ASP E 206 -64.16 3.49 20.79
C ASP E 206 -63.80 4.73 19.99
N LYS E 207 -63.98 5.91 20.57
CA LYS E 207 -63.62 7.16 19.90
C LYS E 207 -62.12 7.27 19.67
N ARG E 208 -61.30 6.75 20.58
CA ARG E 208 -59.85 6.88 20.38
C ARG E 208 -59.37 5.93 19.27
N VAL E 209 -59.96 4.73 19.18
CA VAL E 209 -59.63 3.85 18.06
C VAL E 209 -60.16 4.42 16.74
N ALA E 210 -61.32 5.06 16.78
CA ALA E 210 -61.87 5.69 15.58
C ALA E 210 -61.01 6.85 15.10
N GLN E 211 -60.46 7.63 16.03
CA GLN E 211 -59.59 8.72 15.62
C GLN E 211 -58.22 8.23 15.19
N ARG E 212 -57.77 7.08 15.72
CA ARG E 212 -56.64 6.37 15.10
C ARG E 212 -56.92 6.10 13.63
N VAL E 213 -58.12 5.60 13.32
CA VAL E 213 -58.50 5.32 11.93
C VAL E 213 -58.56 6.61 11.11
N LYS E 214 -59.04 7.69 11.73
CA LYS E 214 -59.09 9.01 11.07
C LYS E 214 -57.70 9.48 10.68
N GLU E 215 -56.77 9.43 11.63
CA GLU E 215 -55.38 9.82 11.41
C GLU E 215 -54.72 8.97 10.34
N GLN E 216 -54.94 7.64 10.38
CA GLN E 216 -54.34 6.74 9.40
C GLN E 216 -54.90 7.01 8.01
N MET E 217 -56.22 7.20 7.89
CA MET E 217 -56.84 7.51 6.60
C MET E 217 -56.35 8.82 6.03
N ASP E 218 -56.31 9.89 6.82
CA ASP E 218 -55.92 11.20 6.28
C ASP E 218 -54.43 11.26 5.98
N THR E 219 -53.62 10.57 6.77
CA THR E 219 -52.19 10.53 6.49
C THR E 219 -51.94 9.70 5.24
N ASN E 220 -52.74 8.64 5.05
CA ASN E 220 -52.72 7.93 3.78
C ASN E 220 -53.13 8.81 2.63
N GLN E 221 -54.13 9.68 2.84
CA GLN E 221 -54.54 10.64 1.81
C GLN E 221 -53.40 11.54 1.41
N ARG E 222 -52.64 12.04 2.40
CA ARG E 222 -51.52 12.90 2.09
C ARG E 222 -50.41 12.13 1.38
N GLU E 223 -50.21 10.87 1.79
CA GLU E 223 -49.33 9.97 1.06
C GLU E 223 -49.74 9.85 -0.40
N TYR E 224 -51.03 9.56 -0.63
CA TYR E 224 -51.58 9.38 -1.97
C TYR E 224 -51.33 10.62 -2.79
N TYR E 225 -51.55 11.80 -2.19
CA TYR E 225 -51.53 13.05 -2.93
C TYR E 225 -50.11 13.50 -3.24
N LEU E 226 -49.20 13.33 -2.28
CA LEU E 226 -47.81 13.66 -2.54
C LEU E 226 -47.23 12.74 -3.59
N ARG E 227 -47.59 11.46 -3.54
CA ARG E 227 -47.12 10.54 -4.57
C ARG E 227 -47.87 10.76 -5.88
N GLU E 228 -49.10 11.32 -5.81
CA GLU E 228 -49.80 11.76 -7.02
C GLU E 228 -48.97 12.76 -7.78
N GLN E 229 -48.56 13.82 -7.10
CA GLN E 229 -47.88 14.88 -7.83
C GLN E 229 -46.44 14.50 -8.13
N MET E 230 -45.85 13.58 -7.36
CA MET E 230 -44.53 13.08 -7.71
C MET E 230 -44.58 12.24 -9.00
N LYS E 231 -45.56 11.35 -9.12
CA LYS E 231 -45.64 10.61 -10.36
C LYS E 231 -46.33 11.44 -11.46
N ALA E 232 -46.90 12.58 -11.09
CA ALA E 232 -47.26 13.56 -12.11
C ALA E 232 -46.03 14.20 -12.70
N ILE E 233 -44.97 14.36 -11.90
CA ILE E 233 -43.69 14.76 -12.49
C ILE E 233 -43.14 13.63 -13.34
N GLN E 234 -43.37 12.37 -12.93
CA GLN E 234 -42.94 11.20 -13.71
C GLN E 234 -43.54 11.20 -15.11
N LYS E 235 -44.87 11.19 -15.21
CA LYS E 235 -45.48 11.28 -16.52
C LYS E 235 -45.30 12.67 -17.13
N GLU E 236 -44.94 13.65 -16.31
CA GLU E 236 -44.65 14.97 -16.82
C GLU E 236 -43.25 15.05 -17.38
N LEU E 237 -42.22 14.82 -16.56
CA LEU E 237 -40.83 14.89 -17.02
C LEU E 237 -40.44 13.55 -17.66
N GLY E 238 -41.22 13.17 -18.68
CA GLY E 238 -41.43 11.76 -18.97
C GLY E 238 -40.27 11.07 -19.67
N GLY E 239 -39.05 11.51 -19.41
CA GLY E 239 -37.92 10.71 -19.82
C GLY E 239 -37.13 10.10 -18.68
N GLU E 240 -37.30 8.81 -18.38
CA GLU E 240 -38.44 8.01 -18.82
C GLU E 240 -39.54 8.24 -17.80
N ASP E 241 -39.24 7.89 -16.55
CA ASP E 241 -39.02 8.87 -15.48
C ASP E 241 -39.17 8.20 -14.13
N GLY E 242 -38.87 8.92 -13.06
CA GLY E 242 -39.28 8.65 -11.70
C GLY E 242 -38.24 7.78 -11.05
N LEU E 243 -37.45 7.21 -11.97
CA LEU E 243 -37.12 5.80 -12.04
C LEU E 243 -38.37 4.93 -11.83
N SER E 244 -39.57 5.43 -12.19
CA SER E 244 -40.91 5.03 -11.74
C SER E 244 -40.92 4.50 -10.29
N ASP E 245 -40.22 5.18 -9.40
CA ASP E 245 -39.54 4.47 -8.34
C ASP E 245 -40.28 4.68 -7.03
N LEU E 246 -39.96 3.80 -6.07
CA LEU E 246 -40.22 3.97 -4.63
C LEU E 246 -41.71 4.12 -4.32
N GLU E 247 -42.49 3.66 -5.28
CA GLU E 247 -43.84 3.17 -5.16
C GLU E 247 -43.89 1.66 -5.12
N ALA E 248 -42.74 0.98 -5.25
CA ALA E 248 -42.68 -0.35 -5.87
C ALA E 248 -41.95 -1.42 -5.07
N LEU E 249 -40.85 -1.12 -4.35
CA LEU E 249 -40.31 -2.06 -3.37
C LEU E 249 -41.10 -2.01 -2.07
N ARG E 250 -42.11 -1.13 -2.04
CA ARG E 250 -43.10 -1.00 -0.99
C ARG E 250 -43.88 -2.29 -0.77
N LYS E 251 -43.93 -3.16 -1.78
CA LYS E 251 -44.66 -4.42 -1.68
C LYS E 251 -43.78 -5.59 -1.23
N LYS E 252 -42.46 -5.55 -1.48
CA LYS E 252 -41.61 -6.62 -1.01
C LYS E 252 -41.01 -6.37 0.37
N ILE E 253 -41.45 -5.31 1.05
CA ILE E 253 -41.08 -5.11 2.44
C ILE E 253 -41.73 -6.17 3.32
N GLU E 254 -43.06 -6.20 3.33
CA GLU E 254 -43.79 -7.20 4.10
C GLU E 254 -43.80 -8.56 3.41
N GLU E 255 -43.44 -8.62 2.13
CA GLU E 255 -43.42 -9.89 1.42
C GLU E 255 -42.13 -10.65 1.68
N VAL E 256 -41.00 -10.02 1.43
CA VAL E 256 -39.69 -10.59 1.74
C VAL E 256 -39.39 -10.23 3.18
N GLY E 257 -39.61 -11.17 4.09
CA GLY E 257 -39.53 -10.86 5.51
C GLY E 257 -40.68 -9.95 5.90
N MET E 258 -40.41 -8.90 6.66
CA MET E 258 -39.11 -8.64 7.30
C MET E 258 -39.32 -8.21 8.73
N PRO E 259 -38.31 -8.37 9.59
CA PRO E 259 -38.35 -7.74 10.90
C PRO E 259 -38.31 -6.22 10.82
N GLU E 260 -38.51 -5.59 11.98
CA GLU E 260 -38.72 -4.15 12.05
C GLU E 260 -37.46 -3.35 11.77
N ALA E 261 -36.27 -3.87 12.09
CA ALA E 261 -35.06 -3.06 11.99
C ALA E 261 -34.62 -2.90 10.53
N VAL E 262 -34.79 -3.94 9.72
CA VAL E 262 -34.53 -3.85 8.29
C VAL E 262 -35.49 -2.84 7.67
N LYS E 263 -36.73 -2.82 8.17
CA LYS E 263 -37.70 -1.83 7.72
C LYS E 263 -37.28 -0.41 8.11
N THR E 264 -36.68 -0.26 9.31
CA THR E 264 -36.22 1.07 9.73
C THR E 264 -35.06 1.57 8.90
N LYS E 265 -34.16 0.68 8.49
CA LYS E 265 -33.03 1.15 7.68
C LYS E 265 -33.45 1.41 6.23
N ALA E 266 -34.35 0.58 5.69
CA ALA E 266 -34.64 0.64 4.26
C ALA E 266 -35.79 1.57 3.95
N LEU E 267 -36.69 1.82 4.90
CA LEU E 267 -37.60 2.92 4.70
C LEU E 267 -36.87 4.24 4.81
N LYS E 268 -35.74 4.28 5.54
CA LYS E 268 -34.79 5.37 5.37
C LYS E 268 -33.85 5.14 4.21
N GLU E 269 -34.21 4.24 3.30
CA GLU E 269 -33.78 4.26 1.92
C GLU E 269 -34.96 4.34 0.96
N LEU E 270 -35.89 5.29 1.18
CA LEU E 270 -36.85 5.66 0.14
C LEU E 270 -36.69 7.11 -0.31
N ASP E 271 -36.92 8.06 0.59
CA ASP E 271 -37.28 9.40 0.14
C ASP E 271 -36.07 10.33 0.18
N ARG E 272 -35.19 10.13 1.15
CA ARG E 272 -33.92 10.78 1.01
C ARG E 272 -33.12 10.15 -0.12
N LEU E 273 -33.48 8.95 -0.58
CA LEU E 273 -33.04 8.57 -1.91
C LEU E 273 -33.75 9.36 -2.97
N GLU E 274 -35.03 9.64 -2.76
CA GLU E 274 -35.82 10.30 -3.78
C GLU E 274 -35.35 11.70 -4.07
N ARG E 275 -34.51 12.27 -3.19
CA ARG E 275 -33.94 13.62 -3.29
C ARG E 275 -33.46 14.02 -4.68
N MET E 276 -33.00 13.10 -5.50
CA MET E 276 -32.80 13.34 -6.93
C MET E 276 -32.96 12.01 -7.63
N GLN E 277 -33.06 12.06 -8.96
CA GLN E 277 -33.19 10.83 -9.74
C GLN E 277 -32.17 10.70 -10.85
N GLN E 278 -30.91 10.93 -10.56
CA GLN E 278 -29.86 11.02 -11.55
C GLN E 278 -28.61 10.32 -11.02
N GLY E 279 -27.80 9.79 -11.93
CA GLY E 279 -26.56 9.14 -11.53
C GLY E 279 -26.81 7.77 -10.90
N SER E 280 -26.18 7.53 -9.76
CA SER E 280 -25.33 8.49 -9.05
C SER E 280 -24.01 7.81 -8.73
N PRO E 281 -23.05 8.55 -8.17
CA PRO E 281 -22.01 7.90 -7.36
C PRO E 281 -22.50 7.42 -5.99
N GLU E 282 -23.75 7.73 -5.61
CA GLU E 282 -24.39 7.17 -4.42
C GLU E 282 -25.41 6.10 -4.75
N ALA E 283 -26.16 6.25 -5.85
CA ALA E 283 -27.24 5.34 -6.19
C ALA E 283 -26.75 3.95 -6.55
N THR E 284 -25.49 3.78 -6.97
CA THR E 284 -25.00 2.44 -7.30
C THR E 284 -24.65 1.65 -6.05
N VAL E 285 -23.92 2.26 -5.11
CA VAL E 285 -23.54 1.56 -3.90
C VAL E 285 -24.77 1.33 -3.01
N ALA E 286 -25.62 2.34 -2.87
CA ALA E 286 -26.88 2.17 -2.15
C ALA E 286 -27.81 1.22 -2.90
N ARG E 287 -27.72 1.19 -4.23
CA ARG E 287 -28.49 0.24 -5.02
C ARG E 287 -28.10 -1.19 -4.71
N THR E 288 -26.79 -1.47 -4.70
CA THR E 288 -26.30 -2.82 -4.40
C THR E 288 -26.64 -3.22 -2.97
N TYR E 289 -26.46 -2.31 -2.01
CA TYR E 289 -26.76 -2.62 -0.62
C TYR E 289 -28.24 -2.85 -0.39
N LEU E 290 -29.10 -2.02 -1.00
CA LEU E 290 -30.54 -2.13 -0.77
C LEU E 290 -31.15 -3.31 -1.51
N ASP E 291 -30.77 -3.52 -2.77
CA ASP E 291 -31.27 -4.66 -3.51
C ASP E 291 -30.61 -5.96 -3.03
N TRP E 292 -29.51 -5.85 -2.27
CA TRP E 292 -29.06 -6.98 -1.46
C TRP E 292 -29.95 -7.15 -0.23
N LEU E 293 -30.45 -6.04 0.32
CA LEU E 293 -31.21 -6.07 1.56
C LEU E 293 -32.66 -6.47 1.33
N THR E 294 -33.11 -6.51 0.07
CA THR E 294 -34.50 -6.83 -0.21
C THR E 294 -34.67 -8.25 -0.77
N GLU E 295 -33.58 -8.99 -0.95
CA GLU E 295 -33.70 -10.30 -1.60
C GLU E 295 -33.04 -11.45 -0.84
N VAL E 296 -32.37 -11.19 0.29
CA VAL E 296 -31.88 -12.31 1.11
C VAL E 296 -33.03 -12.74 2.03
N PRO E 297 -33.22 -14.03 2.25
CA PRO E 297 -34.47 -14.49 2.86
C PRO E 297 -34.47 -14.56 4.38
N TRP E 298 -35.67 -14.54 4.93
CA TRP E 298 -35.95 -14.86 6.33
C TRP E 298 -37.30 -15.52 6.43
N SER E 299 -37.47 -16.31 7.50
CA SER E 299 -38.67 -17.10 7.79
C SER E 299 -39.05 -18.03 6.63
N LYS E 300 -38.05 -18.61 5.98
CA LYS E 300 -38.25 -19.45 4.79
C LYS E 300 -37.86 -20.88 5.14
N ALA E 301 -38.83 -21.65 5.61
CA ALA E 301 -38.56 -23.02 6.00
C ALA E 301 -39.04 -23.99 4.92
N ASP E 302 -38.56 -25.22 5.01
CA ASP E 302 -39.01 -26.34 4.18
C ASP E 302 -39.25 -27.53 5.10
N PRO E 303 -40.18 -28.42 4.75
CA PRO E 303 -40.46 -29.56 5.64
C PRO E 303 -39.35 -30.60 5.67
N GLU E 304 -38.67 -30.71 6.81
CA GLU E 304 -37.67 -31.75 6.97
C GLU E 304 -38.29 -32.98 7.64
N VAL E 305 -37.62 -34.12 7.46
CA VAL E 305 -38.08 -35.39 8.02
C VAL E 305 -36.96 -35.92 8.91
N LEU E 306 -37.16 -35.86 10.22
CA LEU E 306 -36.18 -36.35 11.19
C LEU E 306 -36.35 -37.84 11.44
N ASP E 307 -35.71 -38.64 10.59
CA ASP E 307 -35.79 -40.09 10.68
C ASP E 307 -34.38 -40.68 10.69
N ILE E 308 -34.14 -41.62 11.60
CA ILE E 308 -32.94 -42.44 11.54
C ILE E 308 -33.06 -43.42 10.38
N ASN E 309 -34.25 -43.99 10.19
CA ASN E 309 -34.45 -45.07 9.23
C ASN E 309 -34.33 -44.57 7.79
N HIS E 310 -35.00 -43.45 7.49
CA HIS E 310 -34.99 -42.90 6.14
C HIS E 310 -33.63 -42.36 5.76
N THR E 311 -32.97 -41.64 6.67
CA THR E 311 -31.64 -41.12 6.39
C THR E 311 -30.63 -42.25 6.26
N ARG E 312 -30.80 -43.32 7.05
CA ARG E 312 -29.91 -44.47 6.98
C ARG E 312 -30.06 -45.19 5.64
N GLN E 313 -31.30 -45.37 5.17
CA GLN E 313 -31.46 -46.05 3.88
C GLN E 313 -31.13 -45.15 2.70
N VAL E 314 -31.16 -43.82 2.87
CA VAL E 314 -30.66 -42.94 1.81
C VAL E 314 -29.15 -42.99 1.74
N LEU E 315 -28.48 -42.95 2.91
CA LEU E 315 -27.02 -43.05 2.94
C LEU E 315 -26.52 -44.40 2.44
N ASP E 316 -27.32 -45.46 2.66
CA ASP E 316 -26.90 -46.77 2.16
C ASP E 316 -27.04 -46.87 0.65
N GLU E 317 -27.88 -46.04 0.03
CA GLU E 317 -28.09 -46.07 -1.41
C GLU E 317 -27.36 -44.94 -2.12
N ASP E 318 -26.35 -44.35 -1.48
CA ASP E 318 -25.55 -43.29 -2.10
C ASP E 318 -24.05 -43.55 -2.08
N HIS E 319 -23.53 -44.27 -1.08
CA HIS E 319 -22.10 -44.43 -0.92
C HIS E 319 -21.79 -45.87 -0.54
N TYR E 320 -20.82 -46.46 -1.23
CA TYR E 320 -20.32 -47.76 -0.82
C TYR E 320 -19.54 -47.64 0.46
N GLY E 321 -19.74 -48.60 1.37
CA GLY E 321 -18.98 -48.62 2.60
C GLY E 321 -19.39 -47.51 3.56
N LEU E 322 -18.39 -46.91 4.21
CA LEU E 322 -18.53 -45.77 5.11
C LEU E 322 -19.46 -46.06 6.29
N LYS E 323 -19.43 -47.30 6.78
CA LYS E 323 -20.42 -47.77 7.75
C LYS E 323 -20.27 -47.08 9.10
N ASP E 324 -19.04 -46.94 9.59
CA ASP E 324 -18.83 -46.31 10.89
C ASP E 324 -19.11 -44.81 10.82
N VAL E 325 -18.82 -44.20 9.67
CA VAL E 325 -19.16 -42.80 9.47
C VAL E 325 -20.68 -42.63 9.42
N LYS E 326 -21.38 -43.60 8.81
CA LYS E 326 -22.85 -43.59 8.84
C LYS E 326 -23.37 -43.70 10.27
N GLU E 327 -22.73 -44.53 11.09
CA GLU E 327 -23.19 -44.71 12.46
C GLU E 327 -22.96 -43.47 13.30
N ARG E 328 -21.80 -42.86 13.21
CA ARG E 328 -21.55 -41.67 14.01
C ARG E 328 -22.03 -40.38 13.34
N ILE E 329 -22.68 -40.48 12.19
CA ILE E 329 -23.58 -39.42 11.75
C ILE E 329 -24.98 -39.63 12.31
N LEU E 330 -25.44 -40.88 12.36
CA LEU E 330 -26.75 -41.17 12.94
C LEU E 330 -26.78 -40.92 14.44
N GLU E 331 -25.64 -41.04 15.12
CA GLU E 331 -25.55 -40.65 16.53
C GLU E 331 -25.86 -39.17 16.72
N TYR E 332 -25.19 -38.32 15.95
CA TYR E 332 -25.42 -36.88 16.06
C TYR E 332 -26.82 -36.50 15.59
N LEU E 333 -27.38 -37.22 14.61
CA LEU E 333 -28.75 -36.94 14.20
C LEU E 333 -29.75 -37.35 15.27
N ALA E 334 -29.48 -38.45 15.99
CA ALA E 334 -30.31 -38.83 17.12
C ALA E 334 -30.26 -37.80 18.24
N VAL E 335 -29.05 -37.29 18.52
CA VAL E 335 -28.88 -36.22 19.51
C VAL E 335 -29.62 -34.96 19.08
N ARG E 336 -29.63 -34.67 17.78
CA ARG E 336 -30.41 -33.54 17.27
C ARG E 336 -31.91 -33.74 17.44
N GLN E 337 -32.42 -34.94 17.14
CA GLN E 337 -33.87 -35.12 17.19
C GLN E 337 -34.37 -35.22 18.63
N LEU E 338 -33.50 -35.67 19.54
CA LEU E 338 -33.88 -35.67 20.96
C LEU E 338 -33.95 -34.27 21.53
N THR E 339 -33.25 -33.32 20.90
CA THR E 339 -33.13 -31.96 21.43
C THR E 339 -33.82 -30.91 20.55
N GLN E 340 -34.96 -31.23 19.94
CA GLN E 340 -35.71 -30.21 19.19
C GLN E 340 -36.70 -29.49 20.08
N GLY E 341 -37.06 -30.08 21.22
CA GLY E 341 -38.01 -29.46 22.13
C GLY E 341 -37.46 -28.22 22.80
N LEU E 342 -36.33 -28.37 23.51
CA LEU E 342 -35.70 -27.23 24.16
C LEU E 342 -34.93 -26.40 23.13
N ASP E 343 -34.52 -25.20 23.56
CA ASP E 343 -33.79 -24.28 22.69
C ASP E 343 -32.29 -24.62 22.66
N VAL E 344 -31.58 -23.96 21.75
CA VAL E 344 -30.18 -24.26 21.50
C VAL E 344 -29.31 -23.71 22.63
N ARG E 345 -28.26 -24.46 22.97
CA ARG E 345 -27.34 -24.12 24.05
C ARG E 345 -26.03 -24.86 23.79
N ASN E 346 -25.19 -24.97 24.82
CA ASN E 346 -23.90 -25.64 24.69
C ASN E 346 -24.05 -27.15 24.55
N LYS E 347 -24.54 -27.58 23.39
CA LYS E 347 -24.77 -28.99 23.08
C LYS E 347 -24.77 -29.12 21.57
N ALA E 348 -24.92 -30.37 21.08
CA ALA E 348 -24.99 -30.76 19.68
C ALA E 348 -23.82 -30.20 18.87
N PRO E 349 -22.62 -30.79 19.01
CA PRO E 349 -21.42 -30.18 18.43
C PRO E 349 -21.41 -30.19 16.90
N ILE E 350 -21.05 -29.04 16.32
CA ILE E 350 -20.92 -28.92 14.88
C ILE E 350 -19.74 -29.77 14.45
N LEU E 351 -20.01 -30.88 13.77
CA LEU E 351 -19.00 -31.90 13.58
C LEU E 351 -18.01 -31.50 12.50
N VAL E 352 -16.77 -31.95 12.66
CA VAL E 352 -15.73 -31.72 11.68
C VAL E 352 -15.44 -33.05 10.98
N LEU E 353 -15.32 -32.98 9.66
CA LEU E 353 -14.93 -34.12 8.86
C LEU E 353 -13.42 -34.06 8.64
N VAL E 354 -12.73 -35.14 8.97
CA VAL E 354 -11.28 -35.20 8.91
C VAL E 354 -10.91 -36.27 7.91
N GLY E 355 -10.38 -35.86 6.75
CA GLY E 355 -9.99 -36.80 5.73
C GLY E 355 -9.10 -36.20 4.67
N PRO E 356 -8.33 -37.05 4.00
CA PRO E 356 -7.46 -36.59 2.91
C PRO E 356 -8.28 -36.19 1.70
N PRO E 357 -7.70 -35.43 0.76
CA PRO E 357 -8.46 -35.05 -0.43
C PRO E 357 -8.70 -36.23 -1.36
N GLY E 358 -9.82 -36.15 -2.07
CA GLY E 358 -10.26 -37.22 -2.94
C GLY E 358 -11.43 -37.96 -2.34
N VAL E 359 -11.40 -38.12 -1.01
CA VAL E 359 -12.42 -38.86 -0.30
C VAL E 359 -13.72 -38.07 -0.31
N GLY E 360 -14.82 -38.74 -0.68
CA GLY E 360 -16.11 -38.11 -0.77
C GLY E 360 -16.61 -37.61 0.57
N LYS E 361 -16.57 -36.29 0.73
CA LYS E 361 -17.03 -35.66 1.96
C LYS E 361 -18.01 -34.55 1.62
N THR E 362 -17.83 -33.90 0.46
CA THR E 362 -18.86 -33.00 -0.04
C THR E 362 -20.07 -33.79 -0.52
N SER E 363 -19.84 -34.99 -1.05
CA SER E 363 -20.94 -35.87 -1.41
C SER E 363 -21.68 -36.40 -0.18
N LEU E 364 -21.00 -36.53 0.96
CA LEU E 364 -21.69 -36.84 2.20
C LEU E 364 -22.62 -35.70 2.62
N GLY E 365 -22.20 -34.46 2.40
CA GLY E 365 -23.09 -33.34 2.63
C GLY E 365 -24.25 -33.29 1.67
N ARG E 366 -24.01 -33.70 0.41
CA ARG E 366 -25.11 -33.86 -0.55
C ARG E 366 -26.10 -34.91 -0.10
N SER E 367 -25.61 -36.02 0.46
CA SER E 367 -26.47 -37.11 0.89
C SER E 367 -27.27 -36.73 2.13
N ILE E 368 -26.65 -36.00 3.05
CA ILE E 368 -27.36 -35.50 4.22
C ILE E 368 -28.38 -34.44 3.83
N ALA E 369 -28.08 -33.66 2.78
CA ALA E 369 -29.03 -32.68 2.27
C ALA E 369 -30.26 -33.35 1.66
N ARG E 370 -30.03 -34.29 0.73
CA ARG E 370 -31.16 -34.94 0.06
C ARG E 370 -31.91 -35.90 0.97
N SER E 371 -31.26 -36.43 2.01
CA SER E 371 -31.97 -37.26 2.98
C SER E 371 -32.83 -36.42 3.91
N MET E 372 -32.40 -35.21 4.22
CA MET E 372 -33.15 -34.31 5.08
C MET E 372 -33.94 -33.30 4.26
N ASN E 373 -34.02 -33.52 2.94
CA ASN E 373 -34.71 -32.64 1.98
C ASN E 373 -34.19 -31.21 2.02
N ARG E 374 -32.87 -31.06 2.12
CA ARG E 374 -32.21 -29.77 2.25
C ARG E 374 -31.38 -29.46 1.01
N LYS E 375 -30.94 -28.21 0.92
CA LYS E 375 -30.05 -27.77 -0.13
C LYS E 375 -28.60 -28.01 0.31
N PHE E 376 -27.65 -27.66 -0.55
CA PHE E 376 -26.24 -27.87 -0.24
C PHE E 376 -25.42 -26.81 -0.96
N HIS E 377 -24.57 -26.11 -0.22
CA HIS E 377 -23.71 -25.08 -0.78
C HIS E 377 -22.29 -25.29 -0.28
N ARG E 378 -21.30 -24.94 -1.11
CA ARG E 378 -19.91 -25.24 -0.72
C ARG E 378 -19.35 -23.99 -0.07
N ILE E 379 -18.57 -23.22 -0.83
CA ILE E 379 -18.03 -21.92 -0.35
C ILE E 379 -17.16 -22.16 0.87
N SER E 380 -15.85 -22.10 0.67
CA SER E 380 -15.00 -22.45 1.84
C SER E 380 -13.68 -21.70 1.96
N LEU E 381 -12.93 -22.00 3.02
CA LEU E 381 -11.72 -21.19 3.33
C LEU E 381 -10.73 -21.16 2.18
N GLY E 382 -10.20 -19.97 1.88
CA GLY E 382 -9.21 -19.80 0.80
C GLY E 382 -9.64 -18.74 -0.20
N GLY E 383 -10.81 -18.12 -0.01
CA GLY E 383 -11.32 -17.17 -1.02
C GLY E 383 -11.33 -15.72 -0.54
N VAL E 384 -10.82 -15.46 0.66
CA VAL E 384 -10.84 -14.15 1.29
C VAL E 384 -9.43 -13.75 1.70
N ARG E 385 -9.23 -12.47 2.04
CA ARG E 385 -7.97 -11.99 2.55
C ARG E 385 -7.92 -11.90 4.07
N ASP E 386 -9.03 -11.57 4.72
CA ASP E 386 -9.10 -11.53 6.18
C ASP E 386 -10.51 -11.91 6.60
N GLU E 387 -10.74 -11.88 7.91
CA GLU E 387 -12.09 -12.13 8.41
C GLU E 387 -13.01 -10.94 8.20
N ALA E 388 -12.47 -9.77 7.86
CA ALA E 388 -13.31 -8.68 7.38
C ALA E 388 -13.92 -9.01 6.02
N GLU E 389 -13.25 -9.85 5.22
CA GLU E 389 -13.83 -10.33 3.98
C GLU E 389 -14.68 -11.58 4.18
N ILE E 390 -14.51 -12.28 5.31
CA ILE E 390 -15.52 -13.26 5.72
C ILE E 390 -16.82 -12.54 6.06
N ARG E 391 -16.72 -11.41 6.75
CA ARG E 391 -17.84 -10.49 6.89
C ARG E 391 -18.00 -9.69 5.61
N GLY E 392 -18.91 -8.74 5.60
CA GLY E 392 -19.09 -7.85 4.47
C GLY E 392 -18.21 -6.62 4.56
N HIS E 393 -18.61 -5.60 3.82
CA HIS E 393 -17.95 -4.30 3.89
C HIS E 393 -19.01 -3.21 3.81
N ARG E 394 -18.76 -2.11 4.53
CA ARG E 394 -19.72 -1.03 4.61
C ARG E 394 -19.84 -0.29 3.27
N ARG E 395 -20.91 0.49 3.13
CA ARG E 395 -21.17 1.21 1.89
C ARG E 395 -20.29 2.44 1.71
N THR E 396 -19.40 2.73 2.66
CA THR E 396 -18.41 3.79 2.53
C THR E 396 -17.47 3.56 1.36
N TYR E 397 -17.17 2.30 1.03
CA TYR E 397 -16.32 2.01 -0.11
C TYR E 397 -17.10 2.18 -1.43
N ILE E 398 -16.38 2.02 -2.53
CA ILE E 398 -16.99 1.93 -3.84
C ILE E 398 -17.17 0.49 -4.28
N GLY E 399 -16.13 -0.34 -4.08
CA GLY E 399 -16.28 -1.75 -4.31
C GLY E 399 -16.99 -2.39 -3.14
N ALA E 400 -18.27 -2.72 -3.33
CA ALA E 400 -19.09 -3.24 -2.25
C ALA E 400 -18.90 -4.75 -2.17
N MET E 401 -17.97 -5.19 -1.31
CA MET E 401 -17.68 -6.60 -1.16
C MET E 401 -18.65 -7.21 -0.13
N PRO E 402 -19.62 -8.06 -0.50
CA PRO E 402 -20.55 -8.53 0.51
C PRO E 402 -19.91 -9.53 1.46
N GLY E 403 -20.61 -9.86 2.52
CA GLY E 403 -20.09 -10.95 3.36
C GLY E 403 -20.19 -12.22 2.54
N LYS E 404 -19.18 -13.08 2.59
CA LYS E 404 -19.24 -14.28 1.72
C LYS E 404 -20.47 -15.08 2.12
N LEU E 405 -20.70 -15.22 3.43
CA LEU E 405 -21.80 -16.08 3.92
C LEU E 405 -23.11 -15.66 3.28
N ILE E 406 -23.42 -14.40 3.40
CA ILE E 406 -24.75 -13.96 2.97
C ILE E 406 -24.97 -14.29 1.49
N HIS E 407 -23.89 -14.35 0.70
CA HIS E 407 -24.04 -14.59 -0.74
C HIS E 407 -24.47 -16.02 -1.01
N ALA E 408 -24.08 -16.96 -0.15
CA ALA E 408 -24.60 -18.32 -0.24
C ALA E 408 -26.07 -18.36 0.20
N MET E 409 -26.43 -17.52 1.17
CA MET E 409 -27.82 -17.44 1.62
C MET E 409 -28.72 -16.81 0.56
N LYS E 410 -28.15 -15.98 -0.31
CA LYS E 410 -28.92 -15.32 -1.35
C LYS E 410 -29.41 -16.31 -2.40
N GLN E 411 -28.56 -17.27 -2.77
CA GLN E 411 -28.87 -18.24 -3.80
C GLN E 411 -29.81 -19.35 -3.34
N VAL E 412 -30.21 -19.35 -2.07
CA VAL E 412 -31.17 -20.31 -1.54
C VAL E 412 -32.38 -19.53 -1.02
N GLY E 413 -33.57 -20.07 -1.26
CA GLY E 413 -34.77 -19.48 -0.71
C GLY E 413 -35.24 -20.23 0.52
N VAL E 414 -34.30 -20.88 1.20
CA VAL E 414 -34.55 -21.67 2.40
C VAL E 414 -33.46 -21.32 3.42
N ILE E 415 -33.87 -21.03 4.66
CA ILE E 415 -32.91 -20.70 5.72
C ILE E 415 -32.58 -21.89 6.60
N ASN E 416 -33.06 -23.08 6.26
CA ASN E 416 -32.68 -24.34 6.91
C ASN E 416 -31.35 -25.02 6.54
N PRO E 417 -30.89 -25.07 5.27
CA PRO E 417 -30.02 -26.20 4.88
C PRO E 417 -28.60 -26.09 5.41
N VAL E 418 -27.81 -27.10 5.03
CA VAL E 418 -26.44 -27.19 5.50
C VAL E 418 -25.54 -26.27 4.69
N ILE E 419 -24.40 -25.91 5.28
CA ILE E 419 -23.33 -25.19 4.61
C ILE E 419 -22.03 -25.92 4.94
N LEU E 420 -21.39 -26.49 3.92
CA LEU E 420 -20.16 -27.25 4.13
C LEU E 420 -18.96 -26.31 4.08
N LEU E 421 -18.02 -26.52 5.00
CA LEU E 421 -16.82 -25.70 5.12
C LEU E 421 -15.63 -26.55 4.67
N ASP E 422 -15.38 -26.57 3.37
CA ASP E 422 -14.33 -27.41 2.79
C ASP E 422 -12.97 -26.81 3.12
N GLU E 423 -12.08 -27.66 3.68
CA GLU E 423 -10.67 -27.36 3.96
C GLU E 423 -10.53 -26.15 4.89
N ILE E 424 -11.09 -26.31 6.09
CA ILE E 424 -11.02 -25.23 7.08
C ILE E 424 -9.60 -25.09 7.63
N ASP E 425 -8.79 -26.14 7.52
CA ASP E 425 -7.40 -26.04 7.93
C ASP E 425 -6.57 -25.24 6.95
N LYS E 426 -7.01 -25.15 5.70
CA LYS E 426 -6.33 -24.35 4.68
C LYS E 426 -6.87 -22.92 4.79
N MET E 427 -6.29 -22.18 5.73
CA MET E 427 -6.83 -20.89 6.17
C MET E 427 -6.54 -19.79 5.15
N SER E 428 -7.00 -18.58 5.48
CA SER E 428 -6.82 -17.39 4.66
C SER E 428 -6.21 -16.26 5.47
N SER E 429 -5.30 -16.58 6.38
CA SER E 429 -4.80 -15.61 7.34
C SER E 429 -3.82 -14.63 6.68
N ASP E 430 -3.36 -13.69 7.48
CA ASP E 430 -2.44 -12.64 7.06
C ASP E 430 -1.84 -12.08 8.35
N TRP E 431 -0.88 -11.15 8.21
CA TRP E 431 -0.31 -10.49 9.39
C TRP E 431 -1.35 -9.64 10.11
N ARG E 432 -2.32 -9.12 9.38
CA ARG E 432 -3.55 -8.63 9.98
C ARG E 432 -4.63 -9.71 9.83
N GLY E 433 -5.16 -10.15 10.96
CA GLY E 433 -6.36 -10.98 10.94
C GLY E 433 -6.10 -12.47 10.80
N ASP E 434 -6.49 -13.21 11.79
CA ASP E 434 -6.63 -14.64 11.68
C ASP E 434 -8.10 -15.00 11.42
N PRO E 435 -8.39 -16.11 10.74
CA PRO E 435 -9.80 -16.52 10.57
C PRO E 435 -10.35 -17.20 11.82
N ALA E 436 -10.50 -16.42 12.89
CA ALA E 436 -11.01 -16.92 14.16
C ALA E 436 -12.28 -16.20 14.62
N SER E 437 -12.29 -14.87 14.61
CA SER E 437 -13.37 -14.12 15.27
C SER E 437 -14.66 -14.17 14.45
N ALA E 438 -14.58 -13.96 13.14
CA ALA E 438 -15.75 -14.12 12.28
C ALA E 438 -16.23 -15.56 12.21
N MET E 439 -15.34 -16.53 12.45
CA MET E 439 -15.71 -17.93 12.60
C MET E 439 -16.25 -18.25 13.98
N LEU E 440 -15.73 -17.62 15.03
CA LEU E 440 -16.24 -17.87 16.38
C LEU E 440 -17.62 -17.26 16.57
N GLU E 441 -17.95 -16.19 15.84
CA GLU E 441 -19.27 -15.59 15.93
C GLU E 441 -20.29 -16.25 15.01
N VAL E 442 -19.90 -17.25 14.23
CA VAL E 442 -20.86 -18.04 13.46
C VAL E 442 -20.89 -19.51 13.87
N LEU E 443 -19.87 -20.01 14.57
CA LEU E 443 -19.86 -21.40 14.99
C LEU E 443 -20.41 -21.60 16.41
N ASP E 444 -20.26 -20.59 17.27
CA ASP E 444 -20.85 -20.66 18.60
C ASP E 444 -22.36 -20.62 18.50
N PRO E 445 -23.08 -21.41 19.29
CA PRO E 445 -24.55 -21.41 19.19
C PRO E 445 -25.23 -20.29 19.97
N GLU E 446 -24.47 -19.26 20.37
CA GLU E 446 -24.99 -18.18 21.19
C GLU E 446 -25.05 -16.84 20.47
N GLN E 447 -23.94 -16.36 19.92
CA GLN E 447 -23.92 -15.03 19.33
C GLN E 447 -24.45 -15.03 17.89
N ASN E 448 -24.66 -16.21 17.31
CA ASN E 448 -25.12 -16.30 15.93
C ASN E 448 -26.60 -15.98 15.76
N ASN E 449 -27.35 -15.87 16.86
CA ASN E 449 -28.79 -15.63 16.77
C ASN E 449 -29.09 -14.22 16.30
N THR E 450 -28.21 -13.26 16.58
CA THR E 450 -28.28 -11.90 16.05
C THR E 450 -26.93 -11.60 15.42
N PHE E 451 -26.78 -11.96 14.14
CA PHE E 451 -25.52 -11.83 13.43
C PHE E 451 -25.51 -10.55 12.59
N THR E 452 -24.34 -9.94 12.47
CA THR E 452 -24.22 -8.65 11.78
C THR E 452 -22.95 -8.63 10.94
N ASP E 453 -23.10 -8.32 9.66
CA ASP E 453 -21.98 -8.00 8.79
C ASP E 453 -21.91 -6.50 8.53
N HIS E 454 -20.77 -6.07 7.98
CA HIS E 454 -20.64 -4.68 7.57
C HIS E 454 -21.43 -4.38 6.30
N TYR E 455 -21.67 -5.41 5.48
CA TYR E 455 -22.55 -5.28 4.33
C TYR E 455 -23.96 -5.76 4.64
N LEU E 456 -24.27 -5.98 5.91
CA LEU E 456 -25.64 -6.34 6.27
C LEU E 456 -26.24 -5.38 7.28
N ASP E 457 -25.55 -5.15 8.40
CA ASP E 457 -25.88 -4.12 9.42
C ASP E 457 -27.27 -4.29 10.03
N VAL E 458 -27.86 -5.47 9.95
CA VAL E 458 -29.17 -5.74 10.52
C VAL E 458 -29.06 -7.03 11.32
N PRO E 459 -29.98 -7.27 12.26
CA PRO E 459 -29.97 -8.57 12.98
C PRO E 459 -30.32 -9.73 12.05
N TYR E 460 -29.33 -10.59 11.83
CA TYR E 460 -29.49 -11.81 11.06
C TYR E 460 -29.50 -13.00 12.00
N ASP E 461 -30.31 -14.00 11.66
CA ASP E 461 -30.58 -15.14 12.52
C ASP E 461 -29.92 -16.40 11.98
N LEU E 462 -29.13 -17.07 12.82
CA LEU E 462 -28.54 -18.39 12.52
C LEU E 462 -28.99 -19.36 13.60
N SER E 463 -30.18 -19.91 13.45
CA SER E 463 -30.65 -20.98 14.32
C SER E 463 -31.32 -22.12 13.59
N LYS E 464 -31.69 -21.95 12.31
CA LYS E 464 -32.26 -23.03 11.53
C LYS E 464 -31.23 -23.74 10.67
N VAL E 465 -30.02 -23.21 10.57
CA VAL E 465 -28.99 -23.84 9.75
C VAL E 465 -28.24 -24.86 10.59
N PHE E 466 -27.63 -25.83 9.92
CA PHE E 466 -26.81 -26.85 10.55
C PHE E 466 -25.52 -26.97 9.74
N PHE E 467 -24.45 -26.38 10.27
CA PHE E 467 -23.23 -26.24 9.49
C PHE E 467 -22.42 -27.53 9.45
N ILE E 468 -21.70 -27.72 8.35
CA ILE E 468 -20.78 -28.82 8.16
C ILE E 468 -19.39 -28.23 7.98
N THR E 469 -18.41 -28.78 8.68
CA THR E 469 -17.04 -28.31 8.58
C THR E 469 -16.15 -29.47 8.12
N THR E 470 -15.32 -29.19 7.12
CA THR E 470 -14.45 -30.21 6.52
C THR E 470 -13.00 -29.79 6.72
N ALA E 471 -12.18 -30.73 7.20
CA ALA E 471 -10.77 -30.46 7.43
C ALA E 471 -9.96 -31.67 6.98
N ASN E 472 -8.64 -31.52 7.01
CA ASN E 472 -7.74 -32.62 6.74
C ASN E 472 -6.80 -32.81 7.93
N THR E 473 -6.50 -31.71 8.63
CA THR E 473 -5.58 -31.74 9.76
C THR E 473 -6.08 -30.79 10.83
N LEU E 474 -6.23 -31.30 12.05
CA LEU E 474 -6.72 -30.49 13.16
C LEU E 474 -5.64 -29.59 13.75
N GLN E 475 -4.38 -29.75 13.33
CA GLN E 475 -3.27 -29.10 14.02
C GLN E 475 -3.20 -27.61 13.75
N THR E 476 -3.60 -27.15 12.57
CA THR E 476 -3.63 -25.74 12.28
C THR E 476 -4.91 -25.08 12.74
N ILE E 477 -5.89 -25.85 13.18
CA ILE E 477 -7.11 -25.28 13.77
C ILE E 477 -6.78 -24.74 15.14
N PRO E 478 -7.20 -23.50 15.47
CA PRO E 478 -6.88 -22.94 16.78
C PRO E 478 -7.58 -23.66 17.92
N ARG E 479 -7.11 -23.39 19.13
CA ARG E 479 -7.70 -23.99 20.33
C ARG E 479 -9.16 -23.60 20.61
N PRO E 480 -9.59 -22.33 20.57
CA PRO E 480 -10.98 -22.05 20.99
C PRO E 480 -12.03 -22.56 20.01
N LEU E 481 -11.74 -22.62 18.71
CA LEU E 481 -12.71 -23.14 17.76
C LEU E 481 -12.85 -24.66 17.82
N LEU E 482 -11.99 -25.34 18.56
CA LEU E 482 -12.17 -26.76 18.85
C LEU E 482 -13.17 -27.03 19.97
N ASP E 483 -13.78 -25.98 20.53
CA ASP E 483 -14.82 -26.18 21.54
C ASP E 483 -16.08 -26.79 20.92
N ARG E 484 -16.29 -26.57 19.63
CA ARG E 484 -17.53 -26.97 18.99
C ARG E 484 -17.35 -28.12 18.01
N MET E 485 -16.12 -28.40 17.58
CA MET E 485 -15.91 -29.45 16.59
C MET E 485 -16.14 -30.84 17.16
N GLU E 486 -16.68 -31.72 16.34
CA GLU E 486 -16.85 -33.13 16.67
C GLU E 486 -16.15 -33.96 15.61
N VAL E 487 -15.26 -34.84 16.04
CA VAL E 487 -14.25 -35.45 15.17
C VAL E 487 -14.88 -36.61 14.40
N ILE E 488 -14.86 -36.50 13.07
CA ILE E 488 -15.30 -37.57 12.17
C ILE E 488 -14.11 -37.87 11.25
N GLU E 489 -13.49 -39.03 11.43
CA GLU E 489 -12.30 -39.38 10.67
C GLU E 489 -12.60 -40.42 9.59
N ILE E 490 -11.64 -40.58 8.68
CA ILE E 490 -11.83 -41.41 7.49
C ILE E 490 -10.86 -42.58 7.50
N PRO E 491 -11.34 -43.82 7.36
CA PRO E 491 -10.45 -44.98 7.40
C PRO E 491 -9.59 -45.19 6.16
N GLY E 492 -9.98 -44.66 5.01
CA GLY E 492 -9.28 -44.94 3.77
C GLY E 492 -10.11 -45.80 2.83
N TYR E 493 -9.46 -46.50 1.90
CA TYR E 493 -10.19 -47.34 0.97
C TYR E 493 -9.34 -48.53 0.57
N THR E 494 -9.94 -49.72 0.65
CA THR E 494 -9.32 -50.95 0.18
C THR E 494 -9.31 -50.93 -1.35
N ASN E 495 -8.33 -51.63 -1.93
CA ASN E 495 -8.34 -51.85 -3.37
C ASN E 495 -9.56 -52.67 -3.80
N MET E 496 -10.07 -53.52 -2.92
CA MET E 496 -11.37 -54.13 -3.19
C MET E 496 -12.47 -53.09 -3.07
N GLU E 497 -12.38 -52.22 -2.06
CA GLU E 497 -13.33 -51.12 -1.94
C GLU E 497 -13.19 -50.15 -3.11
N LYS E 498 -11.98 -49.89 -3.55
CA LYS E 498 -11.83 -49.01 -4.71
C LYS E 498 -12.29 -49.68 -5.99
N GLN E 499 -12.17 -51.00 -6.09
CA GLN E 499 -12.69 -51.66 -7.27
C GLN E 499 -14.20 -51.63 -7.28
N ALA E 500 -14.83 -51.79 -6.11
CA ALA E 500 -16.28 -51.72 -6.04
C ALA E 500 -16.78 -50.31 -6.31
N ILE E 501 -16.08 -49.30 -5.80
CA ILE E 501 -16.41 -47.90 -6.09
C ILE E 501 -16.26 -47.62 -7.57
N ALA E 502 -15.17 -48.08 -8.18
CA ALA E 502 -14.96 -47.78 -9.58
C ALA E 502 -15.87 -48.57 -10.50
N ARG E 503 -16.46 -49.66 -10.03
CA ARG E 503 -17.49 -50.28 -10.84
C ARG E 503 -18.83 -49.57 -10.68
N GLN E 504 -19.25 -49.35 -9.43
CA GLN E 504 -20.60 -48.85 -9.19
C GLN E 504 -20.74 -47.38 -9.59
N TYR E 505 -19.72 -46.57 -9.33
CA TYR E 505 -19.92 -45.15 -9.11
C TYR E 505 -19.06 -44.25 -9.96
N LEU E 506 -17.99 -44.74 -10.56
CA LEU E 506 -17.11 -43.88 -11.34
C LEU E 506 -17.11 -44.20 -12.82
N TRP E 507 -17.22 -45.47 -13.17
CA TRP E 507 -17.26 -45.86 -14.58
C TRP E 507 -18.48 -45.36 -15.35
N PRO E 508 -19.73 -45.41 -14.86
CA PRO E 508 -20.84 -44.86 -15.68
C PRO E 508 -20.78 -43.37 -15.87
N LYS E 509 -20.36 -42.60 -14.87
CA LYS E 509 -20.23 -41.15 -15.02
C LYS E 509 -19.19 -40.80 -16.06
N GLN E 510 -17.96 -41.30 -15.88
CA GLN E 510 -16.86 -40.96 -16.77
C GLN E 510 -17.00 -41.57 -18.16
N VAL E 511 -17.83 -42.59 -18.33
CA VAL E 511 -18.07 -43.11 -19.66
C VAL E 511 -19.22 -42.39 -20.34
N ARG E 512 -20.36 -42.25 -19.68
CA ARG E 512 -21.50 -41.59 -20.30
C ARG E 512 -21.31 -40.08 -20.44
N GLU E 513 -20.29 -39.50 -19.78
CA GLU E 513 -20.05 -38.08 -19.95
C GLU E 513 -19.44 -37.77 -21.31
N SER E 514 -18.57 -38.62 -21.82
CA SER E 514 -17.85 -38.38 -23.06
C SER E 514 -18.44 -39.15 -24.23
N GLY E 515 -19.76 -39.27 -24.27
CA GLY E 515 -20.45 -39.73 -25.46
C GLY E 515 -20.49 -41.22 -25.69
N MET E 516 -19.42 -41.91 -25.31
CA MET E 516 -19.36 -43.35 -25.51
C MET E 516 -20.26 -44.06 -24.51
N GLU E 517 -20.99 -45.07 -24.99
CA GLU E 517 -21.80 -45.95 -24.15
C GLU E 517 -22.19 -47.20 -24.94
N GLY E 518 -22.10 -48.37 -24.30
CA GLY E 518 -22.33 -49.63 -24.98
C GLY E 518 -21.26 -50.06 -25.95
N ARG E 519 -20.28 -49.22 -26.25
CA ARG E 519 -19.22 -49.51 -27.18
C ARG E 519 -17.90 -49.79 -26.50
N ILE E 520 -17.83 -49.63 -25.19
CA ILE E 520 -16.57 -49.66 -24.46
C ILE E 520 -16.84 -50.09 -23.03
N GLU E 521 -16.08 -51.08 -22.56
CA GLU E 521 -16.18 -51.54 -21.18
C GLU E 521 -14.81 -51.91 -20.65
N VAL E 522 -14.76 -52.21 -19.35
CA VAL E 522 -13.58 -52.74 -18.69
C VAL E 522 -14.00 -53.90 -17.81
N THR E 523 -13.00 -54.54 -17.21
CA THR E 523 -13.15 -55.66 -16.31
C THR E 523 -12.51 -55.32 -14.97
N ASP E 524 -12.67 -56.22 -14.01
CA ASP E 524 -12.04 -56.03 -12.70
C ASP E 524 -10.54 -56.14 -12.78
N ALA E 525 -10.05 -56.97 -13.71
CA ALA E 525 -8.62 -57.06 -13.96
C ALA E 525 -8.06 -55.71 -14.39
N ALA E 526 -8.80 -54.99 -15.23
CA ALA E 526 -8.33 -53.71 -15.73
C ALA E 526 -8.29 -52.66 -14.62
N ILE E 527 -9.32 -52.61 -13.77
CA ILE E 527 -9.32 -51.54 -12.79
C ILE E 527 -8.41 -51.87 -11.63
N LEU E 528 -8.23 -53.15 -11.32
CA LEU E 528 -7.21 -53.54 -10.34
C LEU E 528 -5.81 -53.23 -10.87
N ARG E 529 -5.61 -53.42 -12.18
CA ARG E 529 -4.37 -53.00 -12.83
C ARG E 529 -4.14 -51.49 -12.71
N VAL E 530 -5.19 -50.70 -12.97
CA VAL E 530 -5.07 -49.23 -12.95
C VAL E 530 -4.77 -48.73 -11.55
N ILE E 531 -5.53 -49.21 -10.56
CA ILE E 531 -5.34 -48.81 -9.17
C ILE E 531 -3.98 -49.27 -8.65
N SER E 532 -3.54 -50.45 -9.07
CA SER E 532 -2.28 -51.00 -8.58
C SER E 532 -1.08 -50.26 -9.15
N GLU E 533 -1.07 -49.98 -10.45
CA GLU E 533 0.14 -49.50 -11.09
C GLU E 533 0.06 -48.08 -11.64
N TYR E 534 -0.98 -47.32 -11.36
CA TYR E 534 -1.07 -46.03 -12.03
C TYR E 534 -1.43 -44.85 -11.14
N THR E 535 -1.72 -45.05 -9.85
CA THR E 535 -2.07 -43.93 -8.97
C THR E 535 -1.77 -44.33 -7.53
N ARG E 536 -1.04 -43.47 -6.81
CA ARG E 536 -0.80 -43.64 -5.36
C ARG E 536 -1.46 -42.50 -4.63
N GLU E 537 -2.63 -42.76 -4.07
CA GLU E 537 -3.35 -41.75 -3.30
C GLU E 537 -4.24 -42.45 -2.29
N ALA E 538 -4.64 -41.70 -1.26
CA ALA E 538 -5.64 -42.21 -0.35
C ALA E 538 -7.04 -41.98 -0.90
N GLY E 539 -7.21 -40.89 -1.66
CA GLY E 539 -8.50 -40.55 -2.24
C GLY E 539 -8.84 -41.37 -3.47
N VAL E 540 -9.64 -40.78 -4.35
CA VAL E 540 -10.15 -41.54 -5.48
C VAL E 540 -10.04 -40.71 -6.76
N ARG E 541 -9.49 -39.49 -6.64
CA ARG E 541 -9.48 -38.57 -7.79
C ARG E 541 -8.53 -38.99 -8.89
N GLY E 542 -7.38 -39.57 -8.54
CA GLY E 542 -6.46 -40.04 -9.57
C GLY E 542 -7.06 -41.16 -10.40
N LEU E 543 -7.81 -42.06 -9.76
CA LEU E 543 -8.55 -43.09 -10.47
C LEU E 543 -9.58 -42.49 -11.42
N GLU E 544 -10.24 -41.41 -10.98
CA GLU E 544 -11.21 -40.72 -11.82
C GLU E 544 -10.55 -40.11 -13.05
N ARG E 545 -9.37 -39.51 -12.87
CA ARG E 545 -8.67 -38.90 -13.99
C ARG E 545 -8.18 -39.96 -14.98
N GLU E 546 -7.73 -41.12 -14.48
CA GLU E 546 -7.30 -42.19 -15.37
C GLU E 546 -8.46 -42.76 -16.17
N LEU E 547 -9.62 -42.93 -15.53
CA LEU E 547 -10.78 -43.45 -16.24
C LEU E 547 -11.29 -42.46 -17.28
N GLY E 548 -11.25 -41.16 -16.98
CA GLY E 548 -11.60 -40.16 -17.98
C GLY E 548 -10.64 -40.14 -19.16
N LYS E 549 -9.36 -40.39 -18.90
CA LYS E 549 -8.37 -40.48 -19.98
C LYS E 549 -8.67 -41.69 -20.88
N ILE E 550 -9.06 -42.81 -20.27
CA ILE E 550 -9.47 -43.99 -21.05
C ILE E 550 -10.69 -43.67 -21.91
N ALA E 551 -11.64 -42.91 -21.36
CA ALA E 551 -12.84 -42.54 -22.10
C ALA E 551 -12.54 -41.65 -23.31
N ARG E 552 -11.66 -40.66 -23.13
CA ARG E 552 -11.33 -39.78 -24.25
C ARG E 552 -10.54 -40.52 -25.33
N LYS E 553 -9.62 -41.41 -24.93
CA LYS E 553 -8.93 -42.27 -25.89
C LYS E 553 -9.90 -43.13 -26.69
N GLY E 554 -10.90 -43.69 -26.02
CA GLY E 554 -11.89 -44.48 -26.70
C GLY E 554 -12.72 -43.66 -27.68
N ALA E 555 -13.01 -42.41 -27.33
CA ALA E 555 -13.77 -41.56 -28.25
C ALA E 555 -12.97 -41.20 -29.49
N LYS E 556 -11.68 -40.91 -29.31
CA LYS E 556 -10.83 -40.60 -30.46
C LYS E 556 -10.68 -41.81 -31.38
N PHE E 557 -10.52 -42.99 -30.80
CA PHE E 557 -10.44 -44.19 -31.63
C PHE E 557 -11.78 -44.53 -32.29
N TRP E 558 -12.90 -44.17 -31.66
CA TRP E 558 -14.17 -44.42 -32.29
C TRP E 558 -14.40 -43.49 -33.48
N LEU E 559 -13.97 -42.23 -33.38
CA LEU E 559 -14.19 -41.35 -34.53
C LEU E 559 -13.16 -41.55 -35.63
N GLU E 560 -11.92 -41.93 -35.31
CA GLU E 560 -11.01 -42.26 -36.39
C GLU E 560 -11.31 -43.64 -36.96
N GLY E 561 -11.19 -44.68 -36.14
CA GLY E 561 -11.50 -46.04 -36.54
C GLY E 561 -12.98 -46.32 -36.43
N ALA E 562 -13.30 -47.60 -36.22
CA ALA E 562 -14.65 -48.08 -35.95
C ALA E 562 -14.56 -49.51 -35.47
N TRP E 563 -15.55 -49.94 -34.72
CA TRP E 563 -15.71 -51.35 -34.38
C TRP E 563 -17.20 -51.61 -34.19
N GLU E 564 -17.53 -52.84 -33.79
CA GLU E 564 -18.93 -53.24 -33.67
C GLU E 564 -19.19 -53.81 -32.29
N GLY E 565 -20.39 -53.52 -31.77
CA GLY E 565 -20.82 -54.06 -30.50
C GLY E 565 -20.06 -53.46 -29.34
N LEU E 566 -19.16 -54.25 -28.76
CA LEU E 566 -18.43 -53.85 -27.57
C LEU E 566 -16.94 -54.07 -27.81
N ARG E 567 -16.13 -53.09 -27.43
CA ARG E 567 -14.69 -53.27 -27.33
C ARG E 567 -14.36 -53.33 -25.85
N THR E 568 -14.28 -54.53 -25.31
CA THR E 568 -13.91 -54.71 -23.91
C THR E 568 -12.43 -54.41 -23.75
N ILE E 569 -12.09 -53.63 -22.73
CA ILE E 569 -10.71 -53.26 -22.47
C ILE E 569 -10.22 -54.15 -21.34
N ASP E 570 -9.49 -55.20 -21.69
CA ASP E 570 -8.95 -56.09 -20.68
C ASP E 570 -7.71 -55.44 -20.06
N ALA E 571 -7.11 -56.12 -19.08
CA ALA E 571 -6.00 -55.55 -18.34
C ALA E 571 -4.75 -55.40 -19.18
N SER E 572 -4.63 -56.15 -20.26
CA SER E 572 -3.48 -56.01 -21.13
C SER E 572 -3.58 -54.80 -22.04
N ASP E 573 -4.79 -54.34 -22.33
CA ASP E 573 -5.01 -53.26 -23.28
C ASP E 573 -4.94 -51.88 -22.66
N ILE E 574 -4.69 -51.80 -21.36
CA ILE E 574 -4.56 -50.52 -20.67
C ILE E 574 -3.30 -49.76 -21.04
N PRO E 575 -2.03 -50.36 -21.04
CA PRO E 575 -0.87 -49.51 -21.35
C PRO E 575 -0.74 -49.11 -22.81
N THR E 576 -1.74 -49.40 -23.61
CA THR E 576 -1.91 -48.74 -24.90
C THR E 576 -2.80 -47.53 -24.80
N TYR E 577 -3.45 -47.30 -23.67
CA TYR E 577 -4.27 -46.11 -23.45
C TYR E 577 -3.68 -45.17 -22.42
N LEU E 578 -2.91 -45.68 -21.47
CA LEU E 578 -2.41 -44.87 -20.38
C LEU E 578 -0.88 -44.82 -20.34
N GLY E 579 -0.22 -45.18 -21.43
CA GLY E 579 1.21 -44.98 -21.51
C GLY E 579 1.98 -46.04 -20.78
N ILE E 580 2.91 -45.60 -19.94
CA ILE E 580 3.82 -46.49 -19.23
C ILE E 580 3.29 -46.61 -17.81
N PRO E 581 3.37 -47.78 -17.18
CA PRO E 581 3.11 -47.87 -15.74
C PRO E 581 4.14 -47.08 -14.95
N ARG E 582 3.68 -46.07 -14.21
CA ARG E 582 4.58 -45.21 -13.47
C ARG E 582 4.54 -45.46 -11.96
N TYR E 583 3.98 -46.59 -11.54
CA TYR E 583 4.18 -47.05 -10.17
C TYR E 583 4.33 -48.56 -10.21
N ARG E 584 5.05 -49.08 -9.23
CA ARG E 584 5.21 -50.51 -9.14
C ARG E 584 4.56 -51.01 -7.87
N PRO E 585 3.76 -52.06 -7.93
CA PRO E 585 3.10 -52.58 -6.74
C PRO E 585 4.08 -53.35 -5.87
N ASP E 586 3.75 -53.40 -4.58
CA ASP E 586 4.58 -54.10 -3.62
C ASP E 586 4.19 -55.55 -3.58
N LYS E 587 5.17 -56.42 -3.39
CA LYS E 587 4.93 -57.85 -3.32
C LYS E 587 5.57 -58.38 -2.05
N ALA E 588 5.66 -59.70 -1.93
CA ALA E 588 6.48 -60.30 -0.89
C ALA E 588 7.20 -61.50 -1.48
N GLU E 589 8.28 -61.91 -0.84
CA GLU E 589 8.90 -63.15 -1.26
C GLU E 589 8.05 -64.35 -0.87
N THR E 590 8.44 -65.49 -1.42
CA THR E 590 7.94 -66.77 -1.00
C THR E 590 8.99 -67.58 -0.26
N GLU E 591 10.20 -67.08 -0.18
CA GLU E 591 11.31 -67.88 0.32
C GLU E 591 11.88 -67.27 1.59
N PRO E 592 12.24 -68.09 2.56
CA PRO E 592 12.99 -67.57 3.70
C PRO E 592 14.39 -67.13 3.33
N GLN E 593 14.62 -65.82 3.33
CA GLN E 593 15.92 -65.24 2.99
C GLN E 593 16.64 -64.83 4.26
N VAL E 594 17.84 -65.37 4.47
CA VAL E 594 18.61 -65.05 5.66
C VAL E 594 19.07 -63.61 5.63
N GLY E 595 18.65 -62.86 6.65
CA GLY E 595 19.15 -61.52 6.84
C GLY E 595 18.19 -60.42 6.53
N THR E 596 16.89 -60.66 6.50
CA THR E 596 15.94 -59.60 6.29
C THR E 596 14.66 -59.89 7.03
N ALA E 597 13.71 -58.96 6.95
CA ALA E 597 12.44 -59.07 7.65
C ALA E 597 11.46 -58.13 7.00
N GLN E 598 10.24 -58.60 6.79
CA GLN E 598 9.24 -57.81 6.08
C GLN E 598 8.64 -56.78 7.02
N GLY E 599 9.06 -55.54 6.87
CA GLY E 599 8.54 -54.47 7.70
C GLY E 599 7.18 -54.01 7.24
N LEU E 600 6.62 -53.09 8.02
CA LEU E 600 5.34 -52.45 7.73
C LEU E 600 5.52 -50.98 8.06
N ALA E 601 5.16 -50.10 7.13
CA ALA E 601 5.34 -48.68 7.31
C ALA E 601 4.00 -47.96 7.35
N TRP E 602 4.01 -46.79 7.95
CA TRP E 602 2.86 -45.92 8.00
C TRP E 602 3.21 -44.64 7.26
N THR E 603 2.67 -44.48 6.10
CA THR E 603 2.85 -43.24 5.38
C THR E 603 1.51 -42.57 5.18
N PRO E 604 1.44 -41.23 5.17
CA PRO E 604 0.12 -40.57 5.09
C PRO E 604 -0.46 -40.51 3.69
N VAL E 605 -0.34 -41.60 2.95
CA VAL E 605 -0.97 -41.77 1.66
C VAL E 605 -1.56 -43.18 1.71
N GLY E 606 -1.45 -43.79 2.88
CA GLY E 606 -1.74 -45.20 3.03
C GLY E 606 -0.47 -45.91 3.39
N GLY E 607 -0.56 -47.03 4.09
CA GLY E 607 0.62 -47.71 4.55
C GLY E 607 1.36 -48.41 3.42
N THR E 608 2.66 -48.57 3.59
CA THR E 608 3.48 -49.29 2.64
C THR E 608 4.24 -50.38 3.37
N LEU E 609 4.85 -51.25 2.59
CA LEU E 609 5.79 -52.21 3.12
C LEU E 609 7.17 -51.57 3.23
N LEU E 610 7.92 -52.01 4.22
CA LEU E 610 9.35 -51.79 4.26
C LEU E 610 10.04 -53.14 4.23
N THR E 611 11.32 -53.12 3.95
CA THR E 611 12.10 -54.34 4.01
C THR E 611 13.44 -53.98 4.64
N ILE E 612 13.54 -54.18 5.94
CA ILE E 612 14.82 -54.04 6.60
C ILE E 612 15.71 -55.18 6.16
N GLU E 613 16.95 -54.87 5.78
CA GLU E 613 17.87 -55.96 5.51
C GLU E 613 19.23 -55.61 6.08
N VAL E 614 19.90 -56.62 6.62
CA VAL E 614 21.04 -56.46 7.51
C VAL E 614 22.15 -57.37 7.00
N ALA E 615 23.39 -56.92 7.09
CA ALA E 615 24.53 -57.78 6.84
C ALA E 615 25.38 -57.87 8.09
N ALA E 616 25.93 -59.04 8.35
CA ALA E 616 26.85 -59.27 9.44
C ALA E 616 28.17 -59.65 8.81
N VAL E 617 28.92 -58.65 8.40
CA VAL E 617 30.18 -58.84 7.70
C VAL E 617 31.24 -58.91 8.77
N PRO E 618 32.36 -59.59 8.56
CA PRO E 618 33.36 -59.72 9.62
C PRO E 618 34.10 -58.40 9.83
N GLY E 619 34.77 -58.31 10.96
CA GLY E 619 35.47 -57.08 11.29
C GLY E 619 35.73 -56.88 12.77
N SER E 620 35.60 -55.64 13.24
CA SER E 620 36.03 -55.31 14.60
C SER E 620 35.04 -54.36 15.29
N GLY E 621 33.75 -54.63 15.20
CA GLY E 621 32.81 -54.02 16.12
C GLY E 621 32.39 -52.59 15.88
N LYS E 622 31.65 -52.35 14.81
CA LYS E 622 31.10 -51.05 14.49
C LYS E 622 29.64 -51.25 14.11
N LEU E 623 28.83 -50.21 14.18
CA LEU E 623 27.43 -50.27 13.77
C LEU E 623 27.15 -49.16 12.75
N SER E 624 27.12 -49.53 11.48
CA SER E 624 26.75 -48.60 10.43
C SER E 624 25.25 -48.71 10.22
N LEU E 625 24.61 -47.56 10.00
CA LEU E 625 23.16 -47.51 9.88
C LEU E 625 22.85 -46.64 8.68
N THR E 626 22.79 -47.23 7.51
CA THR E 626 22.61 -46.45 6.30
C THR E 626 21.20 -46.61 5.74
N GLY E 627 20.82 -45.66 4.90
CA GLY E 627 19.50 -45.70 4.31
C GLY E 627 18.60 -44.63 4.85
N GLN E 628 19.16 -43.44 5.09
CA GLN E 628 18.41 -42.20 5.34
C GLN E 628 17.59 -42.26 6.63
N LEU E 629 18.05 -42.99 7.63
CA LEU E 629 17.25 -43.22 8.83
C LEU E 629 17.19 -41.99 9.72
N GLY E 630 16.01 -41.75 10.30
CA GLY E 630 15.91 -40.79 11.38
C GLY E 630 16.50 -41.35 12.65
N GLU E 631 16.78 -40.45 13.61
CA GLU E 631 17.60 -40.82 14.75
C GLU E 631 16.85 -41.72 15.73
N VAL E 632 15.53 -41.56 15.81
CA VAL E 632 14.70 -42.38 16.69
C VAL E 632 14.77 -43.82 16.27
N MET E 633 14.74 -44.06 14.97
CA MET E 633 14.83 -45.41 14.44
C MET E 633 16.24 -45.97 14.61
N LYS E 634 17.25 -45.09 14.57
CA LYS E 634 18.62 -45.52 14.84
C LYS E 634 18.75 -46.01 16.28
N GLU E 635 18.19 -45.28 17.22
CA GLU E 635 18.28 -45.73 18.61
C GLU E 635 17.35 -46.89 18.87
N SER E 636 16.32 -47.07 18.05
CA SER E 636 15.52 -48.29 18.11
C SER E 636 16.37 -49.50 17.76
N ALA E 637 17.16 -49.39 16.69
CA ALA E 637 18.06 -50.48 16.33
C ALA E 637 19.13 -50.71 17.37
N GLN E 638 19.60 -49.62 17.97
CA GLN E 638 20.64 -49.70 18.98
C GLN E 638 20.10 -50.36 20.25
N ALA E 639 18.85 -50.09 20.59
CA ALA E 639 18.20 -50.74 21.72
C ALA E 639 17.98 -52.22 21.45
N ALA E 640 17.60 -52.55 20.22
CA ALA E 640 17.43 -53.96 19.85
C ALA E 640 18.75 -54.72 19.93
N LEU E 641 19.83 -54.09 19.49
CA LEU E 641 21.13 -54.75 19.55
C LEU E 641 21.62 -54.88 20.98
N THR E 642 21.32 -53.89 21.82
CA THR E 642 21.70 -53.99 23.22
C THR E 642 20.94 -55.11 23.91
N TYR E 643 19.66 -55.27 23.58
CA TYR E 643 18.88 -56.38 24.11
C TYR E 643 19.45 -57.71 23.65
N LEU E 644 19.92 -57.78 22.42
CA LEU E 644 20.49 -59.04 21.96
C LEU E 644 21.84 -59.33 22.60
N ARG E 645 22.57 -58.29 23.01
CA ARG E 645 23.89 -58.52 23.59
C ARG E 645 23.84 -59.06 25.02
N ALA E 646 22.66 -59.18 25.63
CA ALA E 646 22.53 -59.71 26.97
C ALA E 646 21.81 -61.04 27.03
N HIS E 647 21.56 -61.67 25.88
CA HIS E 647 20.78 -62.90 25.83
C HIS E 647 21.40 -63.87 24.84
N THR E 648 22.72 -63.83 24.71
CA THR E 648 23.40 -64.56 23.66
C THR E 648 23.43 -66.06 23.88
N GLN E 649 23.15 -66.53 25.08
CA GLN E 649 23.07 -67.95 25.35
C GLN E 649 21.66 -68.49 25.14
N ASP E 650 20.76 -67.66 24.65
CA ASP E 650 19.36 -68.01 24.58
C ASP E 650 18.84 -68.13 23.15
N TYR E 651 19.63 -67.77 22.16
CA TYR E 651 19.18 -67.78 20.78
C TYR E 651 20.13 -68.45 19.81
N GLY E 652 21.41 -68.53 20.11
CA GLY E 652 22.37 -69.08 19.19
C GLY E 652 23.36 -68.09 18.64
N LEU E 653 23.35 -66.86 19.14
CA LEU E 653 24.33 -65.88 18.76
C LEU E 653 25.69 -66.28 19.36
N PRO E 654 26.79 -65.81 18.79
CA PRO E 654 28.10 -66.17 19.35
C PRO E 654 28.41 -65.48 20.67
N GLU E 655 29.64 -65.66 21.14
CA GLU E 655 30.03 -65.03 22.40
C GLU E 655 30.22 -63.53 22.22
N ASP E 656 31.16 -63.14 21.38
CA ASP E 656 31.54 -61.74 21.23
C ASP E 656 31.30 -61.30 19.80
N PHE E 657 30.07 -60.89 19.52
CA PHE E 657 29.80 -60.19 18.27
C PHE E 657 29.77 -58.70 18.49
N TYR E 658 30.18 -58.23 19.65
CA TYR E 658 30.25 -56.80 19.85
C TYR E 658 31.56 -56.21 19.36
N ASN E 659 32.63 -56.99 19.37
CA ASN E 659 33.93 -56.52 18.92
C ASN E 659 34.48 -57.30 17.74
N LYS E 660 33.66 -58.09 17.05
CA LYS E 660 34.13 -58.90 15.94
C LYS E 660 33.26 -58.83 14.70
N VAL E 661 32.08 -58.20 14.76
CA VAL E 661 31.16 -58.14 13.64
C VAL E 661 30.76 -56.69 13.45
N ASP E 662 30.82 -56.20 12.22
CA ASP E 662 30.55 -54.80 11.91
C ASP E 662 29.18 -54.72 11.23
N LEU E 663 28.13 -54.61 12.02
CA LEU E 663 26.78 -54.66 11.47
C LEU E 663 26.44 -53.41 10.70
N HIS E 664 26.28 -53.56 9.40
CA HIS E 664 25.71 -52.53 8.55
C HIS E 664 24.26 -52.85 8.30
N VAL E 665 23.37 -51.95 8.69
CA VAL E 665 21.95 -52.12 8.51
C VAL E 665 21.52 -51.26 7.35
N HIS E 666 20.77 -51.82 6.42
CA HIS E 666 20.35 -51.09 5.25
C HIS E 666 18.84 -51.15 5.10
N VAL E 667 18.22 -50.01 4.85
CA VAL E 667 16.78 -49.99 4.68
C VAL E 667 16.47 -49.51 3.26
N PRO E 668 16.34 -50.42 2.30
CA PRO E 668 15.98 -50.00 0.94
C PRO E 668 14.54 -49.56 0.88
N ASP E 669 14.23 -48.52 0.11
CA ASP E 669 15.16 -47.85 -0.81
C ASP E 669 15.97 -46.74 -0.16
N GLY E 670 16.93 -46.20 -0.91
CA GLY E 670 17.83 -45.21 -0.36
C GLY E 670 17.42 -43.77 -0.56
N ALA E 671 16.40 -43.50 -1.36
CA ALA E 671 16.01 -42.12 -1.65
C ALA E 671 14.86 -41.64 -0.77
N THR E 672 14.39 -42.46 0.17
CA THR E 672 13.31 -42.11 1.06
C THR E 672 13.79 -42.20 2.51
N PRO E 673 13.53 -41.19 3.38
CA PRO E 673 13.89 -41.30 4.79
C PRO E 673 12.88 -42.08 5.63
N LYS E 674 13.32 -42.63 6.75
CA LYS E 674 12.45 -43.49 7.60
C LYS E 674 12.41 -42.94 9.04
N ASP E 675 11.22 -42.81 9.64
CA ASP E 675 11.07 -42.21 11.00
C ASP E 675 10.07 -43.02 11.79
N GLY E 676 10.31 -42.74 13.14
CA GLY E 676 9.41 -43.42 14.08
C GLY E 676 10.03 -44.66 14.70
N PRO E 677 9.53 -45.16 15.84
CA PRO E 677 10.09 -46.30 16.50
C PRO E 677 9.32 -47.58 16.17
N SER E 678 8.44 -47.53 15.18
CA SER E 678 7.54 -48.68 14.91
C SER E 678 8.32 -49.93 14.55
N ALA E 679 9.50 -49.82 13.95
CA ALA E 679 10.24 -50.99 13.41
C ALA E 679 10.76 -52.02 14.40
N GLY E 680 11.16 -51.38 15.55
CA GLY E 680 11.76 -52.21 16.62
C GLY E 680 11.84 -53.72 16.39
N ILE E 681 10.74 -54.46 16.64
CA ILE E 681 10.72 -55.90 16.52
C ILE E 681 11.18 -56.32 15.13
N THR E 682 10.88 -55.49 14.14
CA THR E 682 11.35 -55.71 12.77
C THR E 682 12.86 -55.78 12.72
N MET E 683 13.52 -54.78 13.31
CA MET E 683 14.97 -54.75 13.28
C MET E 683 15.57 -55.78 14.21
N ALA E 684 14.88 -56.12 15.30
CA ALA E 684 15.41 -57.18 16.16
C ALA E 684 15.33 -58.52 15.46
N THR E 685 14.23 -58.76 14.73
CA THR E 685 14.08 -59.93 13.87
C THR E 685 15.22 -60.01 12.86
N ALA E 686 15.44 -58.89 12.16
CA ALA E 686 16.43 -58.84 11.09
C ALA E 686 17.84 -59.09 11.63
N ILE E 687 18.19 -58.43 12.73
CA ILE E 687 19.52 -58.55 13.30
C ILE E 687 19.77 -59.94 13.84
N ALA E 688 18.77 -60.53 14.50
CA ALA E 688 18.96 -61.86 15.05
C ALA E 688 19.03 -62.91 13.96
N SER E 689 18.27 -62.73 12.88
CA SER E 689 18.36 -63.62 11.74
C SER E 689 19.71 -63.53 11.06
N ALA E 690 20.20 -62.30 10.87
CA ALA E 690 21.47 -62.10 10.17
C ALA E 690 22.63 -62.62 10.99
N LEU E 691 22.62 -62.36 12.30
CA LEU E 691 23.70 -62.82 13.14
C LEU E 691 23.63 -64.29 13.46
N SER E 692 22.45 -64.89 13.36
CA SER E 692 22.24 -66.27 13.76
C SER E 692 22.40 -67.26 12.62
N ARG E 693 22.51 -66.77 11.38
CA ARG E 693 22.68 -67.59 10.17
C ARG E 693 21.52 -68.55 9.96
N ARG E 694 20.30 -68.04 10.17
CA ARG E 694 19.14 -68.85 9.85
C ARG E 694 18.01 -67.93 9.44
N PRO E 695 17.27 -68.29 8.39
CA PRO E 695 16.48 -67.29 7.67
C PRO E 695 15.24 -66.90 8.43
N ALA E 696 14.69 -65.77 8.04
CA ALA E 696 13.42 -65.30 8.58
C ALA E 696 12.32 -65.69 7.62
N ARG E 697 11.20 -66.11 8.17
CA ARG E 697 10.02 -66.36 7.36
C ARG E 697 9.50 -65.05 6.83
N MET E 698 9.71 -64.81 5.54
CA MET E 698 9.21 -63.63 4.86
C MET E 698 7.72 -63.68 4.59
N ASP E 699 7.04 -64.72 5.06
CA ASP E 699 5.62 -64.92 4.84
C ASP E 699 4.76 -64.08 5.77
N ILE E 700 5.36 -63.42 6.75
CA ILE E 700 4.67 -62.93 7.94
C ILE E 700 5.08 -61.48 8.18
N ALA E 701 4.12 -60.57 8.18
CA ALA E 701 4.41 -59.18 8.47
C ALA E 701 4.42 -58.94 9.98
N MET E 702 5.12 -57.88 10.41
CA MET E 702 5.30 -57.63 11.83
C MET E 702 5.51 -56.14 12.06
N THR E 703 5.50 -55.74 13.34
CA THR E 703 5.60 -54.35 13.75
C THR E 703 5.91 -54.29 15.26
N GLY E 704 5.80 -53.11 15.84
CA GLY E 704 5.86 -52.92 17.28
C GLY E 704 7.21 -52.44 17.76
N GLU E 705 7.19 -51.63 18.83
CA GLU E 705 8.41 -51.11 19.43
C GLU E 705 9.12 -52.17 20.27
N VAL E 706 10.17 -51.77 20.95
CA VAL E 706 10.90 -52.68 21.80
C VAL E 706 11.44 -51.88 22.98
N SER E 707 11.57 -52.55 24.12
CA SER E 707 12.19 -51.96 25.29
C SER E 707 13.58 -52.54 25.47
N LEU E 708 14.30 -51.99 26.43
CA LEU E 708 15.67 -52.41 26.62
C LEU E 708 15.74 -53.72 27.40
N ARG E 709 14.70 -54.08 28.14
CA ARG E 709 14.60 -55.41 28.72
C ARG E 709 13.72 -56.32 27.90
N GLY E 710 13.08 -55.79 26.88
CA GLY E 710 12.35 -56.58 25.92
C GLY E 710 10.89 -56.57 26.27
N LYS E 711 10.16 -55.64 25.68
CA LYS E 711 8.73 -55.48 25.93
C LYS E 711 8.15 -54.92 24.64
N VAL E 712 7.23 -55.66 24.04
CA VAL E 712 6.70 -55.22 22.77
C VAL E 712 5.64 -54.16 23.06
N MET E 713 6.07 -52.92 23.11
CA MET E 713 5.25 -51.78 23.47
C MET E 713 4.32 -51.43 22.32
N PRO E 714 3.23 -50.70 22.58
CA PRO E 714 2.26 -50.45 21.52
C PRO E 714 2.59 -49.28 20.62
N ILE E 715 2.18 -49.40 19.37
CA ILE E 715 2.49 -48.44 18.32
C ILE E 715 1.23 -47.79 17.78
N GLY E 716 1.39 -46.90 16.80
CA GLY E 716 0.26 -46.12 16.34
C GLY E 716 -0.17 -46.35 14.90
N GLY E 717 -1.47 -46.54 14.70
CA GLY E 717 -2.05 -46.63 13.38
C GLY E 717 -1.95 -48.01 12.75
N VAL E 718 -2.51 -49.02 13.41
CA VAL E 718 -2.29 -50.39 12.98
C VAL E 718 -3.08 -50.74 11.72
N LYS E 719 -4.17 -50.04 11.44
CA LYS E 719 -5.10 -50.52 10.42
C LYS E 719 -4.56 -50.30 9.02
N GLU E 720 -3.74 -49.27 8.82
CA GLU E 720 -3.17 -49.07 7.50
C GLU E 720 -2.06 -50.07 7.21
N LYS E 721 -1.29 -50.44 8.25
CA LYS E 721 -0.36 -51.55 8.13
C LYS E 721 -1.09 -52.85 7.81
N LEU E 722 -2.30 -53.03 8.36
CA LEU E 722 -3.05 -54.25 8.08
C LEU E 722 -3.61 -54.28 6.68
N LEU E 723 -4.16 -53.15 6.21
CA LEU E 723 -4.62 -53.04 4.83
C LEU E 723 -3.50 -53.33 3.85
N ALA E 724 -2.35 -52.65 4.03
CA ALA E 724 -1.25 -52.83 3.11
C ALA E 724 -0.62 -54.21 3.23
N ALA E 725 -0.67 -54.82 4.41
CA ALA E 725 -0.08 -56.16 4.55
C ALA E 725 -0.94 -57.20 3.85
N HIS E 726 -2.25 -57.02 3.89
CA HIS E 726 -3.13 -57.98 3.23
C HIS E 726 -3.18 -57.77 1.72
N GLN E 727 -3.05 -56.53 1.25
CA GLN E 727 -3.10 -56.29 -0.19
C GLN E 727 -1.80 -56.67 -0.91
N ALA E 728 -0.83 -57.25 -0.21
CA ALA E 728 0.43 -57.65 -0.82
C ALA E 728 0.72 -59.14 -0.65
N GLY E 729 -0.31 -59.92 -0.32
CA GLY E 729 -0.21 -61.35 -0.34
C GLY E 729 -0.03 -61.98 1.03
N ILE E 730 0.60 -61.28 1.96
CA ILE E 730 0.84 -61.84 3.29
C ILE E 730 -0.44 -61.78 4.10
N HIS E 731 -0.78 -62.89 4.75
CA HIS E 731 -2.01 -62.97 5.52
C HIS E 731 -1.78 -63.19 7.00
N LYS E 732 -0.55 -63.04 7.49
CA LYS E 732 -0.25 -63.32 8.88
C LYS E 732 0.53 -62.17 9.49
N ILE E 733 0.09 -61.70 10.64
CA ILE E 733 0.58 -60.49 11.28
C ILE E 733 1.21 -60.88 12.62
N VAL E 734 2.13 -60.05 13.11
CA VAL E 734 2.55 -60.05 14.51
C VAL E 734 2.38 -58.63 15.04
N LEU E 735 1.49 -58.45 16.00
CA LEU E 735 1.06 -57.17 16.52
C LEU E 735 1.13 -57.20 18.05
N PRO E 736 1.45 -56.08 18.70
CA PRO E 736 1.64 -56.10 20.16
C PRO E 736 0.35 -56.39 20.91
N LYS E 737 0.52 -56.70 22.20
CA LYS E 737 -0.60 -57.15 23.02
C LYS E 737 -1.61 -56.04 23.26
N ASP E 738 -1.14 -54.81 23.47
CA ASP E 738 -2.05 -53.71 23.73
C ASP E 738 -2.78 -53.23 22.50
N ASN E 739 -2.42 -53.71 21.32
CA ASN E 739 -3.11 -53.31 20.12
C ASN E 739 -4.27 -54.24 19.78
N GLU E 740 -4.67 -55.11 20.70
CA GLU E 740 -5.77 -56.02 20.43
C GLU E 740 -7.11 -55.31 20.35
N ALA E 741 -7.25 -54.18 21.04
CA ALA E 741 -8.46 -53.38 20.96
C ALA E 741 -8.26 -52.19 20.04
N GLN E 742 -7.39 -52.33 19.07
CA GLN E 742 -7.31 -51.41 17.96
C GLN E 742 -7.93 -52.01 16.70
N LEU E 743 -8.45 -53.23 16.82
CA LEU E 743 -8.86 -54.04 15.68
C LEU E 743 -10.29 -53.76 15.21
N GLU E 744 -11.04 -52.88 15.87
CA GLU E 744 -12.43 -52.72 15.51
C GLU E 744 -12.66 -51.89 14.26
N GLU E 745 -11.69 -51.08 13.84
CA GLU E 745 -11.83 -50.38 12.57
C GLU E 745 -11.25 -51.15 11.40
N LEU E 746 -10.63 -52.29 11.66
CA LEU E 746 -10.20 -53.22 10.61
C LEU E 746 -11.43 -53.85 9.96
N PRO E 747 -11.48 -53.92 8.63
CA PRO E 747 -12.59 -54.63 7.97
C PRO E 747 -12.58 -56.11 8.31
N LYS E 748 -13.78 -56.63 8.58
CA LYS E 748 -13.92 -58.02 8.98
C LYS E 748 -13.51 -58.96 7.85
N GLU E 749 -13.78 -58.57 6.60
CA GLU E 749 -13.30 -59.32 5.45
C GLU E 749 -11.78 -59.37 5.40
N VAL E 750 -11.12 -58.36 5.95
CA VAL E 750 -9.67 -58.40 6.10
C VAL E 750 -9.30 -59.09 7.41
N LEU E 751 -10.07 -58.83 8.46
CA LEU E 751 -9.85 -59.49 9.74
C LEU E 751 -10.10 -60.99 9.65
N GLU E 752 -11.01 -61.42 8.78
CA GLU E 752 -11.12 -62.84 8.53
C GLU E 752 -10.06 -63.35 7.59
N GLY E 753 -9.33 -62.46 6.92
CA GLY E 753 -8.20 -62.90 6.12
C GLY E 753 -6.88 -62.86 6.83
N LEU E 754 -6.78 -62.15 7.94
CA LEU E 754 -5.52 -61.95 8.64
C LEU E 754 -5.50 -62.77 9.91
N GLU E 755 -4.66 -63.80 9.92
CA GLU E 755 -4.37 -64.57 11.13
C GLU E 755 -3.48 -63.72 12.02
N ILE E 756 -4.10 -62.82 12.78
CA ILE E 756 -3.35 -61.90 13.63
C ILE E 756 -2.89 -62.65 14.88
N LYS E 757 -1.58 -62.66 15.12
CA LYS E 757 -1.02 -63.16 16.36
C LYS E 757 -0.77 -61.97 17.28
N LEU E 758 -1.01 -62.17 18.57
CA LEU E 758 -0.68 -61.16 19.57
C LEU E 758 0.51 -61.62 20.40
N VAL E 759 1.35 -60.67 20.78
CA VAL E 759 2.61 -60.99 21.43
C VAL E 759 2.87 -60.07 22.61
N GLU E 760 3.64 -60.59 23.58
CA GLU E 760 4.02 -59.88 24.78
C GLU E 760 5.52 -59.62 24.90
N ASP E 761 6.34 -60.30 24.13
CA ASP E 761 7.76 -60.32 24.38
C ASP E 761 8.49 -60.64 23.08
N VAL E 762 9.77 -60.26 23.04
CA VAL E 762 10.61 -60.55 21.90
C VAL E 762 10.89 -62.04 21.79
N GLY E 763 10.96 -62.74 22.92
CA GLY E 763 11.17 -64.17 22.90
C GLY E 763 10.02 -64.94 22.30
N GLU E 764 8.83 -64.34 22.29
CA GLU E 764 7.71 -64.92 21.57
C GLU E 764 7.89 -64.81 20.07
N VAL E 765 8.44 -63.69 19.61
CA VAL E 765 8.59 -63.47 18.17
C VAL E 765 9.74 -64.28 17.62
N LEU E 766 10.88 -64.30 18.33
CA LEU E 766 12.09 -64.87 17.76
C LEU E 766 12.10 -66.39 17.69
N GLU E 767 11.19 -67.07 18.36
CA GLU E 767 11.00 -68.49 18.09
C GLU E 767 9.78 -68.76 17.22
N TYR E 768 9.14 -67.70 16.74
CA TYR E 768 8.02 -67.81 15.84
C TYR E 768 8.39 -67.60 14.39
N LEU E 769 9.43 -66.81 14.11
CA LEU E 769 9.80 -66.44 12.74
C LEU E 769 11.01 -67.18 12.20
N LEU E 770 11.89 -67.68 13.04
CA LEU E 770 13.05 -68.36 12.52
C LEU E 770 12.68 -69.73 11.97
N LEU E 771 13.47 -70.19 11.04
CA LEU E 771 13.59 -71.60 10.75
C LEU E 771 14.58 -72.23 11.70
N PRO E 772 14.28 -73.41 12.25
CA PRO E 772 15.10 -73.94 13.35
C PRO E 772 16.47 -74.40 12.92
N GLU E 773 16.65 -74.76 11.71
CA GLU E 773 17.96 -75.20 11.29
C GLU E 773 18.83 -74.01 10.91
N PRO E 774 20.15 -74.14 11.04
CA PRO E 774 21.06 -73.15 10.45
C PRO E 774 21.43 -73.50 9.02
N THR E 775 21.59 -72.45 8.20
CA THR E 775 21.88 -72.59 6.78
C THR E 775 23.30 -72.22 6.41
N MET E 776 23.73 -71.01 6.75
CA MET E 776 25.04 -70.50 6.36
C MET E 776 26.04 -70.65 7.50
N PRO E 777 27.34 -70.71 7.19
CA PRO E 777 28.34 -70.67 8.24
C PRO E 777 28.38 -69.30 8.88
N PRO E 778 28.71 -69.22 10.16
CA PRO E 778 28.84 -67.91 10.82
C PRO E 778 30.14 -67.21 10.48
N VAL E 779 30.35 -66.04 11.11
CA VAL E 779 31.63 -65.34 11.01
C VAL E 779 32.70 -66.06 11.81
N VAL E 780 32.44 -66.25 13.10
CA VAL E 780 33.34 -66.95 13.99
C VAL E 780 33.33 -68.44 13.65
N ARG F 2 -14.41 69.32 34.86
CA ARG F 2 -13.56 70.49 34.98
C ARG F 2 -13.25 70.79 36.43
N LEU F 3 -14.28 70.71 37.27
CA LEU F 3 -14.16 70.85 38.71
C LEU F 3 -14.93 69.77 39.45
N GLU F 4 -14.74 68.52 39.06
CA GLU F 4 -15.42 67.33 39.59
C GLU F 4 -16.93 67.41 39.43
N LEU F 5 -17.39 67.36 38.18
CA LEU F 5 -18.79 67.19 37.81
C LEU F 5 -19.14 65.70 37.91
N PRO F 6 -20.41 65.36 38.15
CA PRO F 6 -20.76 63.93 38.26
C PRO F 6 -20.71 63.24 36.91
N VAL F 7 -19.82 62.25 36.82
CA VAL F 7 -19.47 61.62 35.56
C VAL F 7 -20.62 60.69 35.18
N ILE F 8 -21.14 60.88 33.98
CA ILE F 8 -22.28 60.12 33.48
C ILE F 8 -21.85 59.43 32.20
N PRO F 9 -21.93 58.11 32.12
CA PRO F 9 -21.22 57.35 31.09
C PRO F 9 -21.89 57.47 29.73
N LEU F 10 -21.06 57.45 28.69
CA LEU F 10 -21.53 57.22 27.33
C LEU F 10 -21.66 55.73 27.13
N ARG F 11 -22.73 55.33 26.47
CA ARG F 11 -23.00 53.92 26.24
C ARG F 11 -22.95 53.63 24.75
N ASN F 12 -22.49 54.60 23.95
CA ASN F 12 -22.39 54.49 22.51
C ASN F 12 -21.25 55.37 22.03
N THR F 13 -21.28 55.75 20.75
CA THR F 13 -20.18 56.45 20.10
C THR F 13 -19.94 57.82 20.71
N VAL F 14 -18.78 58.39 20.38
CA VAL F 14 -18.21 59.41 21.23
C VAL F 14 -18.75 60.77 20.82
N ILE F 15 -19.07 61.59 21.82
CA ILE F 15 -19.50 62.96 21.56
C ILE F 15 -18.30 63.79 21.15
N LEU F 16 -18.48 64.61 20.10
CA LEU F 16 -17.42 65.53 19.72
C LEU F 16 -17.84 66.96 20.05
N PRO F 17 -16.87 67.92 20.26
CA PRO F 17 -17.23 69.28 20.67
C PRO F 17 -18.18 70.05 19.75
N HIS F 18 -19.10 70.75 20.40
CA HIS F 18 -20.20 71.49 19.80
C HIS F 18 -21.06 70.64 18.87
N THR F 19 -21.54 69.51 19.38
CA THR F 19 -22.47 68.67 18.64
C THR F 19 -23.77 68.55 19.44
N THR F 20 -24.89 68.79 18.75
CA THR F 20 -26.22 68.79 19.35
C THR F 20 -26.58 67.34 19.65
N THR F 21 -26.38 66.92 20.89
CA THR F 21 -26.38 65.49 21.19
C THR F 21 -27.36 65.12 22.28
N PRO F 22 -28.39 64.34 21.96
CA PRO F 22 -29.18 63.66 23.01
C PRO F 22 -28.44 62.46 23.59
N VAL F 23 -28.53 62.25 24.91
CA VAL F 23 -27.76 61.23 25.62
C VAL F 23 -28.71 60.32 26.38
N ASP F 24 -28.61 59.02 26.12
CA ASP F 24 -29.34 58.00 26.87
C ASP F 24 -28.67 57.78 28.22
N VAL F 25 -29.45 57.75 29.29
CA VAL F 25 -28.94 57.41 30.62
C VAL F 25 -29.85 56.35 31.22
N GLY F 26 -29.49 55.08 31.09
CA GLY F 26 -30.31 53.98 31.56
C GLY F 26 -30.07 53.51 32.98
N ARG F 27 -28.82 53.31 33.38
CA ARG F 27 -28.51 52.73 34.68
C ARG F 27 -28.69 53.76 35.80
N ALA F 28 -29.35 53.34 36.88
CA ALA F 28 -29.69 54.22 37.99
C ALA F 28 -28.46 54.78 38.69
N LYS F 29 -27.36 54.02 38.70
CA LYS F 29 -26.06 54.46 39.21
C LYS F 29 -25.61 55.73 38.52
N SER F 30 -25.90 55.83 37.24
CA SER F 30 -25.64 57.03 36.48
C SER F 30 -26.75 58.08 36.65
N LYS F 31 -27.97 57.69 37.05
CA LYS F 31 -29.11 58.60 36.98
C LYS F 31 -29.09 59.66 38.08
N ARG F 32 -28.57 59.33 39.25
CA ARG F 32 -28.48 60.35 40.29
C ARG F 32 -27.30 61.27 40.03
N ALA F 33 -26.30 60.78 39.29
CA ALA F 33 -25.30 61.68 38.72
C ALA F 33 -25.92 62.62 37.70
N VAL F 34 -27.03 62.22 37.04
CA VAL F 34 -27.73 63.15 36.17
C VAL F 34 -28.49 64.19 36.99
N GLU F 35 -29.19 63.76 38.04
CA GLU F 35 -29.96 64.73 38.81
C GLU F 35 -29.08 65.67 39.61
N GLU F 36 -27.86 65.25 39.94
CA GLU F 36 -26.99 66.23 40.54
C GLU F 36 -25.92 66.74 39.58
N ALA F 37 -26.02 66.36 38.31
CA ALA F 37 -25.48 67.19 37.24
C ALA F 37 -26.40 68.36 36.98
N MET F 38 -27.71 68.12 37.11
CA MET F 38 -28.66 69.21 37.30
C MET F 38 -28.33 69.98 38.58
N GLY F 39 -27.89 69.28 39.62
CA GLY F 39 -27.29 69.94 40.77
C GLY F 39 -25.90 70.47 40.53
N ALA F 40 -25.31 70.20 39.36
CA ALA F 40 -24.00 70.76 39.00
C ALA F 40 -24.07 71.75 37.84
N ASP F 41 -25.11 72.60 37.80
CA ASP F 41 -25.22 73.76 36.91
C ASP F 41 -25.17 73.38 35.43
N ARG F 42 -25.88 72.30 35.09
CA ARG F 42 -26.15 71.87 33.70
C ARG F 42 -24.87 71.60 32.89
N LEU F 43 -23.78 71.28 33.57
CA LEU F 43 -22.49 71.03 32.94
C LEU F 43 -21.94 69.72 33.48
N ILE F 44 -21.62 68.80 32.58
CA ILE F 44 -21.12 67.47 32.95
C ILE F 44 -19.73 67.33 32.35
N PHE F 45 -18.81 66.84 33.15
CA PHE F 45 -17.52 66.45 32.66
C PHE F 45 -17.74 65.03 32.13
N LEU F 46 -18.20 64.94 30.88
CA LEU F 46 -18.52 63.67 30.23
C LEU F 46 -17.23 62.90 29.98
N VAL F 47 -17.06 61.75 30.64
CA VAL F 47 -15.92 60.86 30.42
C VAL F 47 -16.43 59.52 29.93
N ALA F 48 -16.15 59.22 28.67
CA ALA F 48 -16.67 58.02 28.03
C ALA F 48 -15.92 56.81 28.53
N GLN F 49 -16.57 55.65 28.44
CA GLN F 49 -15.94 54.38 28.71
C GLN F 49 -15.87 53.55 27.44
N ARG F 50 -15.41 52.32 27.61
CA ARG F 50 -15.39 51.37 26.52
C ARG F 50 -16.62 50.48 26.57
N ASP F 51 -17.00 49.99 25.40
CA ASP F 51 -18.16 49.16 25.12
C ASP F 51 -17.94 47.73 25.62
N PRO F 52 -18.88 46.77 25.37
CA PRO F 52 -19.73 46.24 26.45
C PRO F 52 -19.08 46.32 27.82
N GLU F 53 -19.82 46.96 28.70
CA GLU F 53 -19.22 47.98 29.55
C GLU F 53 -19.12 47.53 30.99
N VAL F 54 -18.10 48.01 31.67
CA VAL F 54 -17.99 47.79 33.10
C VAL F 54 -19.01 48.71 33.75
N ASP F 55 -20.18 48.15 34.01
CA ASP F 55 -21.31 48.90 34.51
C ASP F 55 -21.23 49.16 36.01
N ASP F 56 -20.11 48.86 36.64
CA ASP F 56 -19.75 49.50 37.89
C ASP F 56 -19.04 50.78 37.51
N PRO F 57 -19.55 51.93 37.92
CA PRO F 57 -18.85 53.19 37.67
C PRO F 57 -17.51 53.27 38.37
N ALA F 58 -16.49 53.58 37.59
CA ALA F 58 -15.13 53.66 38.06
C ALA F 58 -14.35 54.47 37.05
N PRO F 59 -13.25 55.09 37.46
CA PRO F 59 -12.20 55.50 36.51
C PRO F 59 -11.66 54.39 35.63
N ASP F 60 -11.71 53.12 36.06
CA ASP F 60 -11.27 51.98 35.27
C ASP F 60 -12.05 51.83 33.96
N ASP F 61 -13.31 52.26 33.92
CA ASP F 61 -14.17 52.06 32.77
C ASP F 61 -13.68 52.81 31.54
N LEU F 62 -12.93 53.87 31.74
CA LEU F 62 -13.19 55.11 31.05
C LEU F 62 -12.18 55.43 29.95
N TYR F 63 -12.40 56.58 29.30
CA TYR F 63 -11.54 57.12 28.26
C TYR F 63 -10.94 58.41 28.77
N THR F 64 -9.62 58.50 28.77
CA THR F 64 -8.89 59.52 29.51
C THR F 64 -8.89 60.87 28.85
N TRP F 65 -9.77 61.11 27.89
CA TRP F 65 -9.94 62.41 27.29
C TRP F 65 -11.45 62.64 27.26
N GLY F 66 -11.91 63.61 28.05
CA GLY F 66 -13.32 63.82 28.27
C GLY F 66 -13.81 65.16 27.76
N VAL F 67 -15.07 65.18 27.33
CA VAL F 67 -15.66 66.32 26.65
C VAL F 67 -16.52 67.11 27.64
N GLN F 68 -16.50 68.42 27.51
CA GLN F 68 -17.44 69.28 28.22
C GLN F 68 -18.68 69.49 27.37
N ALA F 69 -19.83 69.65 28.02
CA ALA F 69 -21.09 69.71 27.29
C ALA F 69 -22.13 70.49 28.07
N VAL F 70 -22.79 71.44 27.41
CA VAL F 70 -23.91 72.15 28.01
C VAL F 70 -25.20 71.46 27.63
N VAL F 71 -26.03 71.21 28.64
CA VAL F 71 -27.37 70.67 28.44
C VAL F 71 -28.22 71.74 27.77
N LYS F 72 -29.03 71.34 26.79
CA LYS F 72 -29.98 72.29 26.22
C LYS F 72 -31.35 72.15 26.87
N GLN F 73 -31.77 70.93 27.16
CA GLN F 73 -33.10 70.68 27.69
C GLN F 73 -33.09 69.40 28.50
N ALA F 74 -34.05 69.30 29.43
CA ALA F 74 -34.05 68.24 30.42
C ALA F 74 -35.35 67.45 30.29
N MET F 75 -35.26 66.23 29.79
CA MET F 75 -36.46 65.43 29.52
C MET F 75 -36.77 64.52 30.69
N ARG F 76 -37.94 64.71 31.29
CA ARG F 76 -38.44 63.83 32.34
C ARG F 76 -39.15 62.65 31.70
N LEU F 77 -38.39 61.73 31.11
CA LEU F 77 -38.96 60.60 30.40
C LEU F 77 -38.66 59.33 31.18
N PRO F 78 -39.61 58.80 31.94
CA PRO F 78 -39.34 57.64 32.82
C PRO F 78 -39.52 56.30 32.12
N ASP F 79 -38.71 56.07 31.08
CA ASP F 79 -38.79 54.81 30.35
C ASP F 79 -37.58 53.92 30.62
N GLY F 80 -37.07 53.94 31.85
CA GLY F 80 -35.88 53.18 32.18
C GLY F 80 -34.58 53.79 31.67
N THR F 81 -34.64 54.95 31.05
CA THR F 81 -33.47 55.58 30.47
C THR F 81 -33.68 57.08 30.42
N LEU F 82 -32.91 57.82 31.22
CA LEU F 82 -33.04 59.28 31.30
C LEU F 82 -32.53 59.88 30.00
N GLN F 83 -33.39 60.63 29.33
CA GLN F 83 -33.01 61.29 28.08
C GLN F 83 -32.60 62.72 28.40
N VAL F 84 -31.38 63.08 27.98
CA VAL F 84 -30.86 64.43 28.14
C VAL F 84 -30.13 64.85 26.87
N MET F 85 -30.48 66.02 26.34
CA MET F 85 -29.79 66.58 25.19
C MET F 85 -28.70 67.52 25.66
N VAL F 86 -27.49 67.33 25.15
CA VAL F 86 -26.37 68.17 25.49
C VAL F 86 -25.70 68.66 24.21
N GLU F 87 -25.33 69.93 24.18
CA GLU F 87 -24.46 70.45 23.14
C GLU F 87 -23.07 70.52 23.74
N ALA F 88 -22.09 70.02 23.02
CA ALA F 88 -20.79 69.85 23.64
C ALA F 88 -19.99 71.16 23.61
N ARG F 89 -18.91 71.19 24.40
CA ARG F 89 -18.07 72.38 24.49
C ARG F 89 -16.64 72.10 24.04
N ALA F 90 -15.95 71.18 24.70
CA ALA F 90 -14.52 71.02 24.50
C ALA F 90 -14.06 69.74 25.17
N ARG F 91 -13.11 69.06 24.52
CA ARG F 91 -12.38 67.94 25.11
C ARG F 91 -11.51 68.41 26.27
N ALA F 92 -11.04 67.46 27.08
CA ALA F 92 -10.19 67.81 28.21
C ALA F 92 -9.28 66.67 28.62
N GLN F 93 -8.14 67.02 29.22
CA GLN F 93 -7.27 66.04 29.84
C GLN F 93 -7.69 65.79 31.28
N VAL F 94 -7.70 64.51 31.67
CA VAL F 94 -8.27 64.16 32.97
C VAL F 94 -7.23 64.39 34.04
N THR F 95 -7.65 64.96 35.18
CA THR F 95 -6.73 65.31 36.25
C THR F 95 -7.02 64.68 37.61
N ASP F 96 -8.21 64.14 37.86
CA ASP F 96 -8.42 63.39 39.08
C ASP F 96 -9.54 62.38 38.88
N TYR F 97 -9.76 61.57 39.90
CA TYR F 97 -10.89 60.64 39.97
C TYR F 97 -11.25 60.32 41.40
N ILE F 98 -12.42 60.75 41.83
CA ILE F 98 -13.13 60.00 42.86
C ILE F 98 -13.91 58.96 42.06
N PRO F 99 -13.99 57.71 42.50
CA PRO F 99 -14.83 56.74 41.80
C PRO F 99 -16.30 56.94 42.13
N GLY F 100 -17.13 56.03 41.65
CA GLY F 100 -18.55 56.18 41.82
C GLY F 100 -19.34 54.89 41.93
N PRO F 101 -20.69 54.98 41.88
CA PRO F 101 -21.53 56.17 41.67
C PRO F 101 -21.70 57.09 42.88
N TYR F 102 -21.43 58.38 42.70
CA TYR F 102 -21.05 58.94 41.42
C TYR F 102 -19.62 59.46 41.49
N LEU F 103 -18.93 59.37 40.36
CA LEU F 103 -17.53 59.78 40.28
C LEU F 103 -17.39 61.29 40.46
N ARG F 104 -16.16 61.71 40.75
CA ARG F 104 -15.79 63.11 40.74
C ARG F 104 -14.45 63.25 40.03
N ALA F 105 -14.41 64.06 38.99
CA ALA F 105 -13.25 64.10 38.10
C ALA F 105 -13.17 65.45 37.41
N ARG F 106 -11.98 66.03 37.37
CA ARG F 106 -11.76 67.36 36.78
C ARG F 106 -11.06 67.24 35.44
N GLY F 107 -10.97 68.37 34.74
CA GLY F 107 -10.24 68.49 33.50
C GLY F 107 -9.53 69.83 33.39
N GLU F 108 -8.81 70.02 32.28
CA GLU F 108 -8.09 71.28 32.09
C GLU F 108 -8.46 72.10 30.85
N VAL F 109 -8.35 71.51 29.67
CA VAL F 109 -8.08 72.31 28.47
C VAL F 109 -9.36 72.63 27.69
N PHE F 110 -9.24 73.56 26.74
CA PHE F 110 -10.31 73.96 25.83
C PHE F 110 -9.95 73.68 24.38
N SER F 111 -10.99 73.53 23.56
CA SER F 111 -10.81 73.32 22.13
C SER F 111 -10.92 74.65 21.41
N GLU F 112 -10.08 75.61 21.79
CA GLU F 112 -10.12 76.97 21.25
C GLU F 112 -8.91 77.22 20.37
N ILE F 113 -8.21 76.15 20.00
CA ILE F 113 -6.82 76.26 19.58
C ILE F 113 -6.70 76.90 18.20
N PHE F 114 -5.85 77.91 18.11
CA PHE F 114 -5.59 78.67 16.89
C PHE F 114 -4.11 78.53 16.58
N PRO F 115 -3.71 77.59 15.72
CA PRO F 115 -2.29 77.51 15.35
C PRO F 115 -1.84 78.71 14.55
N ILE F 116 -0.53 78.99 14.63
CA ILE F 116 0.05 80.10 13.89
C ILE F 116 0.10 79.76 12.41
N ASP F 117 0.46 80.77 11.60
CA ASP F 117 0.39 80.75 10.14
C ASP F 117 -1.04 80.45 9.73
N GLU F 118 -1.93 81.43 9.97
CA GLU F 118 -3.38 81.26 9.79
C GLU F 118 -3.74 80.99 8.32
N ALA F 119 -2.83 81.26 7.39
CA ALA F 119 -2.99 80.83 6.01
C ALA F 119 -3.03 79.30 5.91
N VAL F 120 -2.13 78.59 6.59
CA VAL F 120 -2.16 77.13 6.54
C VAL F 120 -3.38 76.59 7.29
N VAL F 121 -3.83 77.32 8.32
CA VAL F 121 -5.10 77.03 9.00
C VAL F 121 -6.25 77.06 8.02
N ARG F 122 -6.45 78.20 7.35
CA ARG F 122 -7.59 78.34 6.46
C ARG F 122 -7.47 77.47 5.22
N VAL F 123 -6.24 77.14 4.79
CA VAL F 123 -6.08 76.31 3.60
C VAL F 123 -6.37 74.85 3.91
N LEU F 124 -5.84 74.32 5.02
CA LEU F 124 -6.15 72.93 5.36
C LEU F 124 -7.60 72.79 5.81
N VAL F 125 -8.19 73.87 6.36
CA VAL F 125 -9.62 73.90 6.62
C VAL F 125 -10.41 73.83 5.33
N GLU F 126 -10.03 74.62 4.31
CA GLU F 126 -10.73 74.55 3.03
C GLU F 126 -10.49 73.24 2.29
N GLU F 127 -9.35 72.58 2.50
CA GLU F 127 -9.12 71.31 1.82
C GLU F 127 -9.84 70.17 2.52
N LEU F 128 -9.97 70.24 3.85
CA LEU F 128 -10.86 69.32 4.55
C LEU F 128 -12.32 69.58 4.19
N LYS F 129 -12.66 70.85 3.96
CA LYS F 129 -13.99 71.24 3.49
C LYS F 129 -14.29 70.63 2.13
N GLU F 130 -13.34 70.75 1.20
CA GLU F 130 -13.50 70.15 -0.13
C GLU F 130 -13.51 68.63 -0.06
N ALA F 131 -12.70 68.05 0.83
CA ALA F 131 -12.73 66.61 1.04
C ALA F 131 -14.09 66.16 1.56
N PHE F 132 -14.70 66.94 2.45
CA PHE F 132 -16.03 66.62 2.95
C PHE F 132 -17.09 66.79 1.86
N GLU F 133 -16.98 67.85 1.06
CA GLU F 133 -17.95 68.11 0.01
C GLU F 133 -17.90 67.05 -1.08
N LYS F 134 -16.70 66.52 -1.35
CA LYS F 134 -16.60 65.42 -2.30
C LYS F 134 -17.05 64.11 -1.68
N TYR F 135 -16.66 63.86 -0.42
CA TYR F 135 -16.96 62.61 0.26
C TYR F 135 -18.46 62.45 0.48
N VAL F 136 -19.14 63.55 0.81
CA VAL F 136 -20.60 63.48 0.97
C VAL F 136 -21.26 63.29 -0.38
N ALA F 137 -20.62 63.73 -1.46
CA ALA F 137 -21.11 63.39 -2.78
C ALA F 137 -20.71 61.97 -3.17
N ASN F 138 -19.59 61.48 -2.62
CA ASN F 138 -19.12 60.13 -2.91
C ASN F 138 -19.81 59.08 -2.05
N HIS F 139 -20.46 59.48 -0.97
CA HIS F 139 -21.03 58.51 -0.05
C HIS F 139 -22.47 58.90 0.31
N LYS F 140 -23.27 59.20 -0.72
CA LYS F 140 -24.71 59.10 -0.61
C LYS F 140 -25.22 57.69 -0.82
N SER F 141 -24.30 56.72 -0.90
CA SER F 141 -24.62 55.33 -0.65
C SER F 141 -25.05 55.08 0.79
N LEU F 142 -24.73 55.99 1.71
CA LEU F 142 -25.35 56.02 3.02
C LEU F 142 -26.39 57.11 3.16
N ARG F 143 -26.56 57.96 2.15
CA ARG F 143 -27.55 59.05 2.10
C ARG F 143 -27.41 60.01 3.28
N LEU F 144 -26.26 60.69 3.32
CA LEU F 144 -25.97 61.61 4.40
C LEU F 144 -26.86 62.83 4.35
N ASP F 145 -26.81 63.61 5.42
CA ASP F 145 -27.87 64.58 5.66
C ASP F 145 -27.58 65.87 4.89
N ARG F 146 -28.65 66.53 4.42
CA ARG F 146 -28.51 67.77 3.68
C ARG F 146 -28.37 68.98 4.59
N TYR F 147 -28.75 68.86 5.86
CA TYR F 147 -28.47 69.88 6.85
C TYR F 147 -27.06 69.74 7.41
N GLN F 148 -26.40 68.61 7.13
CA GLN F 148 -24.98 68.46 7.39
C GLN F 148 -24.12 69.15 6.32
N LEU F 149 -24.75 69.81 5.35
CA LEU F 149 -24.10 70.77 4.47
C LEU F 149 -24.51 72.19 4.80
N GLU F 150 -25.74 72.40 5.26
CA GLU F 150 -26.24 73.74 5.54
C GLU F 150 -25.84 74.27 6.91
N ALA F 151 -25.51 73.40 7.86
CA ALA F 151 -25.11 73.84 9.19
C ALA F 151 -23.60 73.88 9.36
N VAL F 152 -22.85 73.14 8.54
CA VAL F 152 -21.40 73.28 8.47
C VAL F 152 -20.98 74.52 7.69
N LYS F 153 -21.95 75.20 7.09
CA LYS F 153 -21.78 76.56 6.61
C LYS F 153 -22.37 77.47 7.68
N GLY F 154 -21.53 78.30 8.27
CA GLY F 154 -21.89 78.98 9.50
C GLY F 154 -20.95 78.60 10.61
N THR F 155 -19.71 78.29 10.24
CA THR F 155 -18.67 77.84 11.16
C THR F 155 -17.52 78.83 11.19
N SER F 156 -17.02 79.12 12.40
CA SER F 156 -16.00 80.15 12.57
C SER F 156 -14.84 79.77 13.49
N ASP F 157 -14.92 78.62 14.19
CA ASP F 157 -13.79 78.11 14.98
C ASP F 157 -13.49 76.77 14.33
N PRO F 158 -12.32 76.62 13.71
CA PRO F 158 -12.03 75.40 12.96
C PRO F 158 -11.89 74.15 13.82
N ALA F 159 -11.69 74.30 15.14
CA ALA F 159 -11.59 73.15 16.04
C ALA F 159 -12.91 72.41 16.13
N MET F 160 -14.00 73.11 16.49
CA MET F 160 -15.32 72.50 16.48
C MET F 160 -15.79 72.19 15.06
N LEU F 161 -15.20 72.82 14.05
CA LEU F 161 -15.49 72.45 12.66
C LEU F 161 -14.98 71.05 12.35
N ALA F 162 -13.71 70.77 12.70
CA ALA F 162 -13.16 69.43 12.54
C ALA F 162 -13.91 68.42 13.38
N ASP F 163 -14.32 68.84 14.59
CA ASP F 163 -15.07 67.95 15.47
C ASP F 163 -16.48 67.67 14.96
N THR F 164 -17.15 68.68 14.38
CA THR F 164 -18.49 68.48 13.84
C THR F 164 -18.45 67.64 12.57
N ILE F 165 -17.40 67.80 11.76
CA ILE F 165 -17.27 67.01 10.55
C ILE F 165 -16.94 65.56 10.88
N ALA F 166 -16.03 65.34 11.84
CA ALA F 166 -15.74 63.98 12.27
C ALA F 166 -16.92 63.35 12.99
N TYR F 167 -17.78 64.18 13.60
CA TYR F 167 -18.95 63.65 14.27
C TYR F 167 -20.02 63.26 13.27
N HIS F 168 -20.23 64.06 12.23
CA HIS F 168 -21.14 63.73 11.14
C HIS F 168 -20.67 62.50 10.36
N ALA F 169 -19.39 62.16 10.40
CA ALA F 169 -18.84 61.04 9.65
C ALA F 169 -18.77 59.82 10.55
N THR F 170 -19.28 58.71 10.06
CA THR F 170 -19.42 57.50 10.87
C THR F 170 -18.09 56.78 10.92
N TRP F 171 -17.60 56.55 12.13
CA TRP F 171 -16.32 55.90 12.32
C TRP F 171 -16.38 54.89 13.46
N THR F 172 -15.21 54.44 13.87
CA THR F 172 -15.13 53.62 15.06
C THR F 172 -15.12 54.51 16.29
N VAL F 173 -15.33 53.88 17.45
CA VAL F 173 -15.18 54.56 18.73
C VAL F 173 -13.74 54.98 18.97
N ALA F 174 -12.80 54.12 18.59
CA ALA F 174 -11.38 54.38 18.78
C ALA F 174 -10.94 55.63 18.03
N GLU F 175 -11.42 55.83 16.80
CA GLU F 175 -11.06 57.00 16.00
C GLU F 175 -11.55 58.29 16.61
N LYS F 176 -12.78 58.31 17.14
CA LYS F 176 -13.32 59.51 17.76
C LYS F 176 -12.58 59.83 19.05
N GLN F 177 -12.27 58.79 19.83
CA GLN F 177 -11.49 58.99 21.05
C GLN F 177 -10.09 59.50 20.75
N GLU F 178 -9.50 59.04 19.64
CA GLU F 178 -8.20 59.52 19.22
C GLU F 178 -8.25 60.97 18.76
N ILE F 179 -9.34 61.38 18.10
CA ILE F 179 -9.53 62.79 17.78
C ILE F 179 -9.66 63.62 19.05
N LEU F 180 -10.26 63.04 20.09
CA LEU F 180 -10.35 63.78 21.33
C LEU F 180 -9.08 63.72 22.19
N GLU F 181 -8.15 62.82 21.88
CA GLU F 181 -6.91 62.78 22.65
C GLU F 181 -6.03 63.97 22.32
N LEU F 182 -5.63 64.10 21.05
CA LEU F 182 -4.92 65.29 20.63
C LEU F 182 -5.88 66.47 20.58
N THR F 183 -5.38 67.62 21.02
CA THR F 183 -6.18 68.83 21.13
C THR F 183 -6.05 69.71 19.88
N ASP F 184 -5.02 69.49 19.07
CA ASP F 184 -4.65 70.40 18.01
C ASP F 184 -5.64 70.38 16.85
N LEU F 185 -5.79 71.56 16.26
CA LEU F 185 -6.54 71.76 15.03
C LEU F 185 -6.04 70.91 13.88
N GLU F 186 -4.80 71.17 13.45
CA GLU F 186 -4.29 70.70 12.18
C GLU F 186 -4.18 69.19 12.14
N ALA F 187 -3.88 68.60 13.30
CA ALA F 187 -3.86 67.16 13.43
C ALA F 187 -5.24 66.56 13.21
N ARG F 188 -6.28 67.19 13.76
CA ARG F 188 -7.61 66.63 13.61
C ARG F 188 -8.13 66.86 12.21
N LEU F 189 -7.74 67.96 11.59
CA LEU F 189 -7.95 68.19 10.17
C LEU F 189 -7.35 67.12 9.30
N LYS F 190 -6.06 66.82 9.48
CA LYS F 190 -5.39 65.80 8.67
C LYS F 190 -5.91 64.41 9.02
N LYS F 191 -6.37 64.24 10.26
CA LYS F 191 -6.99 63.00 10.70
C LYS F 191 -8.26 62.71 9.91
N VAL F 192 -9.19 63.66 9.91
CA VAL F 192 -10.45 63.50 9.17
C VAL F 192 -10.16 63.37 7.68
N LEU F 193 -9.17 64.12 7.18
CA LEU F 193 -8.80 64.05 5.77
C LEU F 193 -8.26 62.68 5.37
N GLY F 194 -7.37 62.10 6.19
CA GLY F 194 -6.83 60.79 5.88
C GLY F 194 -7.89 59.70 5.97
N LEU F 195 -8.81 59.85 6.93
CA LEU F 195 -9.91 58.90 7.04
C LEU F 195 -10.86 58.97 5.85
N LEU F 196 -11.18 60.18 5.39
CA LEU F 196 -12.03 60.33 4.21
C LEU F 196 -11.34 59.75 2.99
N SER F 197 -10.03 59.98 2.84
CA SER F 197 -9.29 59.46 1.69
C SER F 197 -9.23 57.94 1.70
N ARG F 198 -9.03 57.34 2.88
CA ARG F 198 -8.92 55.89 2.90
C ARG F 198 -10.29 55.24 2.67
N ASP F 199 -11.37 55.89 3.12
CA ASP F 199 -12.69 55.38 2.80
C ASP F 199 -12.99 55.58 1.31
N LEU F 200 -12.46 56.64 0.71
CA LEU F 200 -12.56 56.79 -0.73
C LEU F 200 -11.84 55.66 -1.45
N GLU F 201 -10.74 55.17 -0.88
CA GLU F 201 -10.06 54.03 -1.49
C GLU F 201 -10.87 52.74 -1.33
N ARG F 202 -11.55 52.59 -0.19
CA ARG F 202 -12.50 51.50 -0.03
C ARG F 202 -13.59 51.56 -1.08
N PHE F 203 -14.13 52.76 -1.30
CA PHE F 203 -15.17 53.01 -2.29
C PHE F 203 -14.68 52.71 -3.70
N GLU F 204 -13.40 53.01 -3.96
CA GLU F 204 -12.82 52.67 -5.26
C GLU F 204 -12.73 51.17 -5.45
N LEU F 205 -12.32 50.45 -4.39
CA LEU F 205 -12.35 48.98 -4.42
C LEU F 205 -13.77 48.47 -4.65
N ASP F 206 -14.77 49.18 -4.11
CA ASP F 206 -16.16 48.80 -4.31
C ASP F 206 -16.58 48.95 -5.76
N LYS F 207 -16.21 50.08 -6.38
CA LYS F 207 -16.49 50.29 -7.80
C LYS F 207 -15.78 49.26 -8.66
N ARG F 208 -14.57 48.88 -8.25
CA ARG F 208 -13.76 47.92 -8.98
C ARG F 208 -14.42 46.54 -9.00
N VAL F 209 -14.79 46.03 -7.83
CA VAL F 209 -15.44 44.72 -7.79
C VAL F 209 -16.84 44.79 -8.39
N ALA F 210 -17.47 45.97 -8.39
CA ALA F 210 -18.75 46.13 -9.07
C ALA F 210 -18.61 45.95 -10.57
N GLN F 211 -17.54 46.52 -11.15
CA GLN F 211 -17.24 46.27 -12.54
C GLN F 211 -16.92 44.81 -12.81
N ARG F 212 -16.23 44.15 -11.86
CA ARG F 212 -15.95 42.71 -12.01
C ARG F 212 -17.22 41.88 -12.07
N VAL F 213 -18.18 42.17 -11.20
CA VAL F 213 -19.46 41.44 -11.21
C VAL F 213 -20.20 41.70 -12.51
N LYS F 214 -20.18 42.95 -12.99
CA LYS F 214 -20.78 43.27 -14.28
C LYS F 214 -20.16 42.47 -15.42
N GLU F 215 -18.83 42.38 -15.44
CA GLU F 215 -18.10 41.53 -16.38
C GLU F 215 -18.56 40.09 -16.34
N GLN F 216 -18.64 39.52 -15.14
CA GLN F 216 -19.03 38.11 -15.00
C GLN F 216 -20.44 37.88 -15.51
N MET F 217 -21.38 38.76 -15.14
CA MET F 217 -22.78 38.59 -15.53
C MET F 217 -22.94 38.74 -17.04
N ASP F 218 -22.30 39.75 -17.61
CA ASP F 218 -22.41 39.97 -19.05
C ASP F 218 -21.78 38.85 -19.86
N THR F 219 -20.58 38.39 -19.45
CA THR F 219 -19.93 37.26 -20.13
C THR F 219 -20.75 35.99 -20.06
N ASN F 220 -21.26 35.64 -18.87
CA ASN F 220 -21.92 34.36 -18.73
C ASN F 220 -23.29 34.38 -19.40
N GLN F 221 -23.97 35.53 -19.38
CA GLN F 221 -25.27 35.62 -20.03
C GLN F 221 -25.14 35.62 -21.55
N ARG F 222 -24.16 36.38 -22.06
CA ARG F 222 -23.83 36.36 -23.48
C ARG F 222 -23.44 34.96 -23.95
N GLU F 223 -22.66 34.26 -23.15
CA GLU F 223 -22.30 32.89 -23.46
C GLU F 223 -23.50 31.97 -23.44
N TYR F 224 -24.43 32.18 -22.51
CA TYR F 224 -25.61 31.33 -22.46
C TYR F 224 -26.48 31.54 -23.68
N TYR F 225 -26.62 32.81 -24.10
CA TYR F 225 -27.36 33.11 -25.33
C TYR F 225 -26.70 32.49 -26.56
N LEU F 226 -25.39 32.63 -26.69
CA LEU F 226 -24.76 32.10 -27.89
C LEU F 226 -24.73 30.59 -27.88
N ARG F 227 -24.70 29.98 -26.70
CA ARG F 227 -24.86 28.54 -26.61
C ARG F 227 -26.27 28.11 -26.98
N GLU F 228 -27.27 28.95 -26.69
CA GLU F 228 -28.62 28.73 -27.25
C GLU F 228 -28.59 28.72 -28.77
N GLN F 229 -27.88 29.68 -29.37
CA GLN F 229 -27.75 29.75 -30.83
C GLN F 229 -27.10 28.50 -31.39
N MET F 230 -26.02 28.08 -30.73
CA MET F 230 -25.26 26.91 -31.11
C MET F 230 -26.11 25.65 -31.04
N LYS F 231 -26.85 25.48 -29.97
CA LYS F 231 -27.61 24.26 -29.83
C LYS F 231 -28.91 24.27 -30.64
N ALA F 232 -29.41 25.45 -30.99
CA ALA F 232 -30.48 25.54 -31.97
C ALA F 232 -30.03 25.01 -33.32
N ILE F 233 -28.88 25.52 -33.79
CA ILE F 233 -28.23 25.01 -35.01
C ILE F 233 -28.01 23.51 -34.92
N GLN F 234 -27.64 23.04 -33.73
CA GLN F 234 -27.41 21.62 -33.51
C GLN F 234 -28.68 20.81 -33.63
N LYS F 235 -29.80 21.30 -33.09
CA LYS F 235 -30.96 20.43 -33.20
C LYS F 235 -31.54 20.44 -34.61
N GLU F 236 -31.32 21.52 -35.39
CA GLU F 236 -31.55 21.34 -36.82
C GLU F 236 -30.53 20.40 -37.43
N LEU F 237 -29.32 20.35 -36.88
CA LEU F 237 -28.33 19.43 -37.40
C LEU F 237 -28.66 18.00 -37.04
N GLY F 238 -29.10 17.77 -35.82
CA GLY F 238 -29.50 16.44 -35.39
C GLY F 238 -30.76 15.99 -36.10
N GLY F 239 -31.50 16.94 -36.66
CA GLY F 239 -32.35 16.61 -37.80
C GLY F 239 -31.54 16.23 -39.03
N GLU F 240 -30.64 17.11 -39.47
CA GLU F 240 -30.01 16.98 -40.79
C GLU F 240 -28.90 15.91 -40.79
N ASP F 241 -27.93 16.03 -39.90
CA ASP F 241 -26.90 15.00 -39.74
C ASP F 241 -26.82 14.70 -38.25
N GLY F 242 -27.41 13.60 -37.84
CA GLY F 242 -27.73 13.40 -36.45
C GLY F 242 -29.01 12.61 -36.44
N LEU F 243 -29.58 12.44 -37.62
CA LEU F 243 -30.43 11.29 -37.81
C LEU F 243 -29.53 10.19 -38.36
N SER F 244 -29.97 8.95 -38.25
CA SER F 244 -29.44 7.78 -38.97
C SER F 244 -28.03 7.37 -38.55
N ASP F 245 -27.55 7.77 -37.37
CA ASP F 245 -26.43 7.07 -36.74
C ASP F 245 -26.75 6.55 -35.34
N LEU F 246 -27.29 7.40 -34.46
CA LEU F 246 -27.86 6.91 -33.21
C LEU F 246 -29.12 6.12 -33.50
N GLU F 247 -29.91 6.59 -34.46
CA GLU F 247 -30.98 5.80 -35.07
C GLU F 247 -30.45 4.50 -35.66
N ALA F 248 -29.25 4.54 -36.27
CA ALA F 248 -28.67 3.33 -36.84
C ALA F 248 -28.15 2.40 -35.76
N LEU F 249 -27.73 2.95 -34.62
CA LEU F 249 -27.38 2.08 -33.49
C LEU F 249 -28.62 1.48 -32.85
N ARG F 250 -29.71 2.24 -32.77
CA ARG F 250 -30.99 1.71 -32.31
C ARG F 250 -31.52 0.63 -33.23
N LYS F 251 -31.21 0.70 -34.52
CA LYS F 251 -31.38 -0.46 -35.39
C LYS F 251 -30.45 -1.59 -34.97
N LYS F 252 -29.14 -1.31 -34.90
CA LYS F 252 -28.16 -2.36 -34.69
C LYS F 252 -28.09 -2.86 -33.26
N ILE F 253 -28.67 -2.13 -32.30
CA ILE F 253 -28.78 -2.75 -30.98
C ILE F 253 -29.98 -3.70 -30.97
N GLU F 254 -30.92 -3.52 -31.89
CA GLU F 254 -32.04 -4.44 -32.03
C GLU F 254 -31.86 -5.41 -33.18
N GLU F 255 -30.67 -5.45 -33.79
CA GLU F 255 -30.35 -6.47 -34.79
C GLU F 255 -29.93 -7.77 -34.12
N VAL F 256 -29.32 -8.67 -34.90
CA VAL F 256 -29.20 -10.06 -34.51
C VAL F 256 -28.16 -10.21 -33.41
N GLY F 257 -28.46 -11.08 -32.45
CA GLY F 257 -27.50 -11.49 -31.45
C GLY F 257 -27.87 -11.25 -30.01
N MET F 258 -28.58 -10.16 -29.75
CA MET F 258 -28.68 -9.66 -28.38
C MET F 258 -29.69 -10.46 -27.57
N PRO F 259 -29.34 -10.84 -26.34
CA PRO F 259 -30.31 -11.51 -25.47
C PRO F 259 -31.36 -10.54 -24.97
N GLU F 260 -32.34 -11.11 -24.25
CA GLU F 260 -33.53 -10.34 -23.87
C GLU F 260 -33.22 -9.33 -22.77
N ALA F 261 -32.43 -9.72 -21.77
CA ALA F 261 -32.05 -8.79 -20.72
C ALA F 261 -31.15 -7.68 -21.25
N VAL F 262 -30.31 -8.01 -22.24
CA VAL F 262 -29.50 -7.00 -22.91
C VAL F 262 -30.40 -6.04 -23.69
N LYS F 263 -31.50 -6.54 -24.25
CA LYS F 263 -32.47 -5.64 -24.88
C LYS F 263 -33.17 -4.76 -23.86
N THR F 264 -33.41 -5.26 -22.65
CA THR F 264 -33.99 -4.40 -21.61
C THR F 264 -33.03 -3.30 -21.18
N LYS F 265 -31.74 -3.65 -20.99
CA LYS F 265 -30.76 -2.63 -20.65
C LYS F 265 -30.48 -1.68 -21.81
N ALA F 266 -30.74 -2.12 -23.04
CA ALA F 266 -30.72 -1.22 -24.18
C ALA F 266 -31.94 -0.30 -24.23
N LEU F 267 -33.09 -0.77 -23.75
CA LEU F 267 -34.27 0.08 -23.61
C LEU F 267 -34.18 1.00 -22.39
N LYS F 268 -33.22 0.76 -21.49
CA LYS F 268 -33.04 1.63 -20.34
C LYS F 268 -32.63 3.05 -20.72
N GLU F 269 -31.84 3.20 -21.78
CA GLU F 269 -31.16 4.46 -22.05
C GLU F 269 -31.89 5.37 -23.05
N LEU F 270 -33.21 5.23 -23.25
CA LEU F 270 -33.91 5.94 -24.33
C LEU F 270 -34.71 7.18 -23.87
N ASP F 271 -34.01 8.16 -23.28
CA ASP F 271 -34.75 9.36 -22.87
C ASP F 271 -34.00 10.67 -23.11
N ARG F 272 -33.31 10.79 -24.23
CA ARG F 272 -32.09 11.57 -24.29
C ARG F 272 -32.31 13.06 -24.15
N LEU F 273 -31.22 13.77 -23.89
CA LEU F 273 -31.27 15.08 -23.30
C LEU F 273 -30.69 16.10 -24.26
N GLU F 274 -29.99 15.60 -25.28
CA GLU F 274 -29.71 16.29 -26.54
C GLU F 274 -28.91 17.58 -26.35
N ARG F 275 -27.66 17.41 -25.95
CA ARG F 275 -26.76 18.55 -25.88
C ARG F 275 -25.33 18.17 -26.25
N MET F 276 -25.16 17.31 -27.25
CA MET F 276 -23.89 16.66 -27.57
C MET F 276 -22.82 17.56 -28.17
N GLN F 277 -22.95 18.88 -28.12
CA GLN F 277 -21.87 19.70 -28.62
C GLN F 277 -21.21 20.55 -27.55
N GLN F 278 -21.97 21.02 -26.56
CA GLN F 278 -21.47 22.00 -25.59
C GLN F 278 -20.93 21.32 -24.34
N GLY F 279 -20.24 20.21 -24.56
CA GLY F 279 -20.08 19.19 -23.54
C GLY F 279 -20.15 17.85 -24.24
N SER F 280 -20.75 16.86 -23.57
CA SER F 280 -21.38 16.96 -22.27
C SER F 280 -20.98 15.71 -21.48
N PRO F 281 -20.72 15.86 -20.19
CA PRO F 281 -20.23 14.71 -19.41
C PRO F 281 -21.28 13.65 -19.17
N GLU F 282 -22.56 13.96 -19.38
CA GLU F 282 -23.59 12.93 -19.27
C GLU F 282 -24.10 12.47 -20.63
N ALA F 283 -23.49 12.97 -21.71
CA ALA F 283 -23.90 12.57 -23.06
C ALA F 283 -22.92 11.59 -23.68
N THR F 284 -21.64 11.70 -23.34
CA THR F 284 -20.63 10.92 -24.05
C THR F 284 -20.35 9.56 -23.41
N VAL F 285 -20.55 9.42 -22.09
CA VAL F 285 -20.27 8.12 -21.47
C VAL F 285 -21.41 7.13 -21.74
N ALA F 286 -22.64 7.63 -21.96
CA ALA F 286 -23.74 6.75 -22.34
C ALA F 286 -23.57 6.24 -23.77
N ARG F 287 -23.15 7.13 -24.69
CA ARG F 287 -22.77 6.72 -26.05
C ARG F 287 -21.63 5.72 -26.03
N THR F 288 -20.65 5.92 -25.13
CA THR F 288 -19.53 5.02 -25.02
C THR F 288 -19.96 3.65 -24.53
N TYR F 289 -20.83 3.61 -23.52
CA TYR F 289 -21.34 2.33 -23.03
C TYR F 289 -22.20 1.64 -24.07
N LEU F 290 -22.97 2.41 -24.84
CA LEU F 290 -23.77 1.83 -25.91
C LEU F 290 -22.89 1.22 -27.00
N ASP F 291 -21.81 1.92 -27.37
CA ASP F 291 -20.92 1.41 -28.40
C ASP F 291 -20.18 0.16 -27.93
N TRP F 292 -19.72 0.15 -26.68
CA TRP F 292 -19.07 -1.03 -26.13
C TRP F 292 -20.04 -2.20 -26.02
N LEU F 293 -21.31 -1.92 -25.73
CA LEU F 293 -22.26 -3.02 -25.60
C LEU F 293 -22.68 -3.55 -26.95
N THR F 294 -22.66 -2.72 -27.98
CA THR F 294 -23.07 -3.15 -29.32
C THR F 294 -21.91 -3.66 -30.16
N GLU F 295 -20.66 -3.50 -29.73
CA GLU F 295 -19.56 -3.99 -30.56
C GLU F 295 -18.99 -5.32 -30.11
N VAL F 296 -19.28 -5.80 -28.91
CA VAL F 296 -18.86 -7.13 -28.50
C VAL F 296 -19.69 -8.14 -29.30
N PRO F 297 -19.15 -9.30 -29.66
CA PRO F 297 -19.91 -10.21 -30.53
C PRO F 297 -20.99 -10.95 -29.74
N TRP F 298 -22.19 -11.00 -30.32
CA TRP F 298 -23.32 -11.71 -29.73
C TRP F 298 -23.75 -12.82 -30.68
N SER F 299 -23.45 -14.07 -30.29
CA SER F 299 -23.91 -15.31 -30.93
C SER F 299 -23.50 -15.39 -32.40
N LYS F 300 -22.19 -15.41 -32.61
CA LYS F 300 -21.64 -15.59 -33.95
C LYS F 300 -20.32 -16.33 -33.84
N ALA F 301 -20.13 -17.37 -34.65
CA ALA F 301 -18.89 -18.12 -34.67
C ALA F 301 -18.71 -18.76 -36.03
N ASP F 302 -17.46 -18.81 -36.49
CA ASP F 302 -17.11 -19.61 -37.65
C ASP F 302 -17.30 -21.09 -37.31
N PRO F 303 -17.66 -21.91 -38.30
CA PRO F 303 -18.17 -23.26 -37.99
C PRO F 303 -17.12 -24.21 -37.42
N GLU F 304 -17.62 -25.32 -36.92
CA GLU F 304 -16.77 -26.33 -36.32
C GLU F 304 -15.92 -27.03 -37.36
N VAL F 305 -14.82 -27.61 -36.90
CA VAL F 305 -13.96 -28.41 -37.75
C VAL F 305 -14.61 -29.77 -37.97
N LEU F 306 -14.51 -30.27 -39.20
CA LEU F 306 -15.13 -31.54 -39.56
C LEU F 306 -14.16 -32.70 -39.64
N ASP F 307 -12.98 -32.49 -40.21
CA ASP F 307 -11.97 -33.53 -40.33
C ASP F 307 -10.96 -33.35 -39.21
N ILE F 308 -10.74 -34.38 -38.43
CA ILE F 308 -9.67 -34.35 -37.44
C ILE F 308 -8.39 -34.96 -37.97
N ASN F 309 -8.44 -35.63 -39.12
CA ASN F 309 -7.20 -35.99 -39.80
C ASN F 309 -6.56 -34.74 -40.39
N HIS F 310 -7.37 -33.82 -40.88
CA HIS F 310 -6.88 -32.54 -41.39
C HIS F 310 -6.26 -31.70 -40.29
N THR F 311 -6.73 -31.88 -39.06
CA THR F 311 -6.06 -31.28 -37.90
C THR F 311 -4.63 -31.78 -37.76
N ARG F 312 -4.41 -33.06 -38.02
CA ARG F 312 -3.05 -33.56 -38.04
C ARG F 312 -2.31 -33.10 -39.29
N GLN F 313 -3.03 -32.80 -40.37
CA GLN F 313 -2.37 -32.25 -41.55
C GLN F 313 -1.89 -30.83 -41.29
N VAL F 314 -2.53 -30.12 -40.39
CA VAL F 314 -2.14 -28.73 -40.11
C VAL F 314 -1.15 -28.64 -38.96
N LEU F 315 -1.37 -29.35 -37.86
CA LEU F 315 -0.50 -29.25 -36.69
C LEU F 315 0.89 -29.83 -36.90
N ASP F 316 1.12 -30.59 -37.96
CA ASP F 316 2.42 -31.21 -38.16
C ASP F 316 3.35 -30.41 -39.05
N GLU F 317 2.90 -29.30 -39.62
CA GLU F 317 3.76 -28.46 -40.43
C GLU F 317 4.17 -27.18 -39.71
N ASP F 318 4.17 -27.22 -38.39
CA ASP F 318 4.66 -26.15 -37.53
C ASP F 318 5.69 -26.62 -36.52
N HIS F 319 5.55 -27.84 -36.00
CA HIS F 319 6.45 -28.31 -34.97
C HIS F 319 6.78 -29.77 -35.18
N TYR F 320 8.06 -30.10 -35.13
CA TYR F 320 8.47 -31.49 -34.97
C TYR F 320 8.33 -31.86 -33.50
N GLY F 321 7.63 -32.95 -33.23
CA GLY F 321 7.53 -33.42 -31.86
C GLY F 321 6.26 -32.95 -31.20
N LEU F 322 6.29 -32.89 -29.85
CA LEU F 322 5.17 -32.47 -29.01
C LEU F 322 3.94 -33.33 -29.26
N LYS F 323 4.08 -34.61 -28.90
CA LYS F 323 3.01 -35.57 -29.15
C LYS F 323 1.80 -35.30 -28.28
N ASP F 324 2.02 -35.02 -26.98
CA ASP F 324 0.95 -35.01 -26.00
C ASP F 324 -0.07 -33.91 -26.26
N VAL F 325 0.41 -32.72 -26.64
CA VAL F 325 -0.49 -31.59 -26.84
C VAL F 325 -1.36 -31.81 -28.06
N LYS F 326 -0.77 -32.35 -29.13
CA LYS F 326 -1.53 -32.70 -30.33
C LYS F 326 -2.58 -33.76 -30.03
N GLU F 327 -2.22 -34.72 -29.17
CA GLU F 327 -3.18 -35.75 -28.77
C GLU F 327 -4.34 -35.16 -28.00
N ARG F 328 -4.07 -34.23 -27.07
CA ARG F 328 -5.15 -33.62 -26.29
C ARG F 328 -6.08 -32.79 -27.16
N ILE F 329 -5.53 -32.13 -28.19
CA ILE F 329 -6.38 -31.36 -29.10
C ILE F 329 -7.28 -32.29 -29.92
N LEU F 330 -6.71 -33.38 -30.44
CA LEU F 330 -7.51 -34.35 -31.19
C LEU F 330 -8.58 -34.99 -30.31
N GLU F 331 -8.24 -35.26 -29.05
CA GLU F 331 -9.20 -35.81 -28.10
C GLU F 331 -10.33 -34.84 -27.83
N TYR F 332 -10.03 -33.55 -27.70
CA TYR F 332 -11.08 -32.59 -27.42
C TYR F 332 -11.98 -32.39 -28.63
N LEU F 333 -11.40 -32.46 -29.83
CA LEU F 333 -12.23 -32.36 -31.02
C LEU F 333 -13.11 -33.59 -31.21
N ALA F 334 -12.57 -34.78 -30.89
CA ALA F 334 -13.35 -36.00 -30.99
C ALA F 334 -14.49 -36.03 -29.97
N VAL F 335 -14.21 -35.56 -28.75
CA VAL F 335 -15.24 -35.53 -27.73
C VAL F 335 -16.31 -34.49 -28.06
N ARG F 336 -15.91 -33.33 -28.58
CA ARG F 336 -16.89 -32.30 -28.94
C ARG F 336 -17.73 -32.73 -30.15
N GLN F 337 -17.14 -33.50 -31.07
CA GLN F 337 -17.92 -34.01 -32.18
C GLN F 337 -18.88 -35.12 -31.78
N LEU F 338 -18.42 -36.09 -30.99
CA LEU F 338 -19.13 -37.33 -30.75
C LEU F 338 -20.16 -37.22 -29.64
N THR F 339 -20.04 -36.25 -28.74
CA THR F 339 -21.03 -36.07 -27.69
C THR F 339 -22.30 -35.47 -28.28
N GLN F 340 -23.43 -36.13 -28.03
CA GLN F 340 -24.74 -35.57 -28.25
C GLN F 340 -25.57 -35.54 -26.99
N GLY F 341 -25.02 -36.01 -25.87
CA GLY F 341 -25.67 -35.87 -24.58
C GLY F 341 -25.29 -34.56 -23.92
N LEU F 342 -24.80 -34.62 -22.69
CA LEU F 342 -24.36 -33.42 -21.97
C LEU F 342 -23.12 -33.76 -21.15
N ASP F 343 -22.80 -32.87 -20.21
CA ASP F 343 -21.83 -32.93 -19.13
C ASP F 343 -20.38 -32.73 -19.59
N VAL F 344 -20.10 -32.66 -20.90
CA VAL F 344 -18.75 -32.35 -21.36
C VAL F 344 -18.70 -31.20 -22.35
N ARG F 345 -19.80 -30.87 -23.05
CA ARG F 345 -19.85 -29.66 -23.86
C ARG F 345 -19.83 -28.42 -22.99
N ASN F 346 -20.41 -28.51 -21.79
CA ASN F 346 -20.35 -27.44 -20.81
C ASN F 346 -19.01 -27.46 -20.07
N LYS F 347 -18.61 -28.63 -19.58
CA LYS F 347 -17.39 -28.79 -18.79
C LYS F 347 -16.29 -29.39 -19.68
N ALA F 348 -15.48 -28.50 -20.24
CA ALA F 348 -14.29 -28.87 -20.99
C ALA F 348 -13.10 -28.18 -20.32
N PRO F 349 -12.10 -28.92 -19.84
CA PRO F 349 -11.09 -28.33 -18.97
C PRO F 349 -10.13 -27.40 -19.71
N ILE F 350 -9.38 -26.64 -18.93
CA ILE F 350 -8.48 -25.60 -19.41
C ILE F 350 -7.06 -26.13 -19.43
N LEU F 351 -6.40 -26.04 -20.57
CA LEU F 351 -5.03 -26.50 -20.68
C LEU F 351 -4.08 -25.54 -19.96
N VAL F 352 -3.16 -26.11 -19.18
CA VAL F 352 -2.11 -25.36 -18.52
C VAL F 352 -0.78 -25.95 -18.99
N LEU F 353 -0.08 -25.21 -19.83
CA LEU F 353 1.20 -25.68 -20.37
C LEU F 353 2.31 -25.26 -19.42
N VAL F 354 3.15 -26.22 -19.03
CA VAL F 354 4.24 -25.98 -18.10
C VAL F 354 5.51 -26.56 -18.71
N GLY F 355 6.56 -25.74 -18.79
CA GLY F 355 7.81 -26.21 -19.34
C GLY F 355 8.98 -25.28 -19.10
N PRO F 356 10.19 -25.80 -19.31
CA PRO F 356 11.39 -24.98 -19.15
C PRO F 356 11.48 -23.95 -20.24
N PRO F 357 12.19 -22.84 -20.03
CA PRO F 357 12.22 -21.78 -21.03
C PRO F 357 12.99 -22.19 -22.27
N GLY F 358 12.33 -22.05 -23.43
CA GLY F 358 12.93 -22.36 -24.72
C GLY F 358 12.10 -23.31 -25.55
N VAL F 359 11.27 -24.13 -24.91
CA VAL F 359 10.37 -25.00 -25.65
C VAL F 359 9.21 -24.18 -26.22
N GLY F 360 8.55 -24.73 -27.22
CA GLY F 360 7.51 -23.97 -27.90
C GLY F 360 6.22 -23.87 -27.12
N LYS F 361 5.82 -22.66 -26.72
CA LYS F 361 4.52 -22.48 -26.06
C LYS F 361 3.62 -21.51 -26.81
N THR F 362 4.13 -20.34 -27.18
CA THR F 362 3.31 -19.34 -27.86
C THR F 362 3.09 -19.70 -29.32
N SER F 363 4.13 -20.25 -29.95
CA SER F 363 3.99 -20.79 -31.30
C SER F 363 2.99 -21.94 -31.34
N LEU F 364 2.88 -22.70 -30.25
CA LEU F 364 1.76 -23.62 -30.11
C LEU F 364 0.44 -22.89 -30.06
N GLY F 365 0.39 -21.70 -29.47
CA GLY F 365 -0.87 -20.95 -29.45
C GLY F 365 -1.32 -20.58 -30.84
N ARG F 366 -0.39 -20.09 -31.67
CA ARG F 366 -0.72 -19.78 -33.06
C ARG F 366 -1.07 -21.04 -33.85
N SER F 367 -0.37 -22.14 -33.59
CA SER F 367 -0.59 -23.36 -34.36
C SER F 367 -1.93 -23.99 -34.00
N ILE F 368 -2.34 -23.92 -32.74
CA ILE F 368 -3.64 -24.41 -32.34
C ILE F 368 -4.75 -23.54 -32.91
N ALA F 369 -4.56 -22.22 -32.92
CA ALA F 369 -5.60 -21.36 -33.45
C ALA F 369 -5.75 -21.49 -34.96
N ARG F 370 -4.67 -21.79 -35.68
CA ARG F 370 -4.81 -22.02 -37.11
C ARG F 370 -5.25 -23.43 -37.42
N SER F 371 -5.03 -24.36 -36.48
CA SER F 371 -5.40 -25.76 -36.70
C SER F 371 -6.91 -25.93 -36.75
N MET F 372 -7.60 -25.44 -35.73
CA MET F 372 -9.05 -25.48 -35.70
C MET F 372 -9.67 -24.44 -36.61
N ASN F 373 -8.85 -23.56 -37.20
CA ASN F 373 -9.28 -22.42 -38.02
C ASN F 373 -10.23 -21.51 -37.24
N ARG F 374 -9.81 -21.18 -36.02
CA ARG F 374 -10.52 -20.22 -35.19
C ARG F 374 -9.70 -18.93 -35.09
N LYS F 375 -10.34 -17.88 -34.59
CA LYS F 375 -9.65 -16.63 -34.39
C LYS F 375 -8.72 -16.71 -33.18
N PHE F 376 -7.94 -15.65 -32.99
CA PHE F 376 -6.89 -15.71 -32.00
C PHE F 376 -6.62 -14.33 -31.42
N HIS F 377 -6.34 -14.31 -30.12
CA HIS F 377 -5.86 -13.13 -29.43
C HIS F 377 -5.07 -13.60 -28.22
N ARG F 378 -4.06 -12.83 -27.83
CA ARG F 378 -3.11 -13.25 -26.81
C ARG F 378 -2.98 -12.18 -25.74
N ILE F 379 -3.37 -12.51 -24.51
CA ILE F 379 -3.28 -11.61 -23.38
C ILE F 379 -2.02 -11.97 -22.61
N SER F 380 -1.14 -11.00 -22.43
CA SER F 380 0.08 -11.18 -21.65
C SER F 380 -0.12 -10.59 -20.26
N LEU F 381 0.14 -11.40 -19.25
CA LEU F 381 0.09 -10.99 -17.86
C LEU F 381 1.49 -11.05 -17.27
N GLY F 382 1.62 -10.51 -16.06
CA GLY F 382 2.89 -10.51 -15.38
C GLY F 382 3.27 -9.14 -14.89
N GLY F 383 2.99 -8.13 -15.70
CA GLY F 383 3.09 -6.76 -15.28
C GLY F 383 1.82 -6.24 -14.68
N VAL F 384 0.79 -7.06 -14.65
CA VAL F 384 -0.52 -6.67 -14.13
C VAL F 384 -0.57 -7.05 -12.67
N ARG F 385 -0.76 -6.05 -11.81
CA ARG F 385 -1.03 -6.30 -10.40
C ARG F 385 -2.35 -5.69 -9.97
N ASP F 386 -2.96 -4.85 -10.79
CA ASP F 386 -4.24 -4.28 -10.46
C ASP F 386 -5.38 -5.20 -10.90
N GLU F 387 -6.47 -5.18 -10.13
CA GLU F 387 -7.62 -6.02 -10.46
C GLU F 387 -8.43 -5.49 -11.63
N ALA F 388 -8.42 -4.17 -11.87
CA ALA F 388 -9.31 -3.57 -12.85
C ALA F 388 -8.75 -3.62 -14.27
N GLU F 389 -7.80 -4.50 -14.54
CA GLU F 389 -7.46 -4.87 -15.90
C GLU F 389 -8.09 -6.19 -16.30
N ILE F 390 -8.48 -7.01 -15.35
CA ILE F 390 -9.25 -8.22 -15.62
C ILE F 390 -10.74 -7.94 -15.53
N ARG F 391 -11.13 -7.07 -14.62
CA ARG F 391 -12.53 -6.71 -14.40
C ARG F 391 -12.88 -5.38 -15.04
N GLY F 392 -12.16 -4.32 -14.68
CA GLY F 392 -12.45 -2.98 -15.14
C GLY F 392 -12.88 -2.08 -14.01
N HIS F 393 -13.13 -0.82 -14.38
CA HIS F 393 -13.61 0.19 -13.45
C HIS F 393 -15.10 0.45 -13.68
N ARG F 394 -15.74 1.04 -12.68
CA ARG F 394 -17.15 1.39 -12.75
C ARG F 394 -17.37 2.46 -13.81
N ARG F 395 -18.43 2.29 -14.60
CA ARG F 395 -18.70 3.11 -15.77
C ARG F 395 -19.14 4.54 -15.45
N THR F 396 -19.26 4.91 -14.18
CA THR F 396 -19.61 6.28 -13.84
C THR F 396 -18.40 7.20 -13.74
N TYR F 397 -17.19 6.67 -13.86
CA TYR F 397 -15.98 7.46 -13.70
C TYR F 397 -15.71 8.28 -14.97
N ILE F 398 -14.51 8.85 -15.04
CA ILE F 398 -14.16 9.69 -16.17
C ILE F 398 -13.73 8.84 -17.36
N GLY F 399 -12.67 8.06 -17.19
CA GLY F 399 -12.20 7.19 -18.25
C GLY F 399 -12.97 5.88 -18.26
N ALA F 400 -13.65 5.61 -19.38
CA ALA F 400 -14.42 4.38 -19.55
C ALA F 400 -13.45 3.26 -19.88
N MET F 401 -13.20 2.38 -18.92
CA MET F 401 -12.16 1.37 -19.06
C MET F 401 -12.69 -0.01 -18.66
N PRO F 402 -13.17 -0.79 -19.62
CA PRO F 402 -13.39 -2.21 -19.35
C PRO F 402 -12.07 -2.97 -19.34
N GLY F 403 -12.13 -4.21 -18.89
CA GLY F 403 -10.94 -5.02 -18.71
C GLY F 403 -10.32 -5.48 -20.01
N LYS F 404 -9.28 -6.30 -19.88
CA LYS F 404 -8.60 -6.84 -21.05
C LYS F 404 -9.44 -7.86 -21.79
N LEU F 405 -10.42 -8.47 -21.14
CA LEU F 405 -11.23 -9.50 -21.77
C LEU F 405 -12.19 -8.90 -22.79
N ILE F 406 -12.75 -7.72 -22.51
CA ILE F 406 -13.65 -7.09 -23.47
C ILE F 406 -12.90 -6.60 -24.70
N HIS F 407 -11.66 -6.12 -24.50
CA HIS F 407 -10.78 -5.86 -25.64
C HIS F 407 -10.50 -7.12 -26.44
N ALA F 408 -10.13 -8.20 -25.76
CA ALA F 408 -9.78 -9.44 -26.44
C ALA F 408 -10.98 -10.07 -27.14
N MET F 409 -12.19 -9.76 -26.71
CA MET F 409 -13.36 -10.28 -27.39
C MET F 409 -13.87 -9.36 -28.50
N LYS F 410 -13.61 -8.05 -28.44
CA LYS F 410 -13.96 -7.22 -29.59
C LYS F 410 -12.89 -7.23 -30.66
N GLN F 411 -11.67 -7.69 -30.36
CA GLN F 411 -10.67 -7.89 -31.40
C GLN F 411 -11.11 -8.96 -32.38
N VAL F 412 -11.33 -10.18 -31.88
CA VAL F 412 -11.90 -11.24 -32.70
C VAL F 412 -13.35 -10.92 -33.01
N GLY F 413 -13.84 -11.49 -34.10
CA GLY F 413 -15.21 -11.21 -34.50
C GLY F 413 -16.18 -12.24 -33.99
N VAL F 414 -15.66 -13.43 -33.68
CA VAL F 414 -16.49 -14.54 -33.28
C VAL F 414 -16.67 -14.55 -31.77
N ILE F 415 -17.67 -15.31 -31.31
CA ILE F 415 -17.90 -15.47 -29.88
C ILE F 415 -17.14 -16.66 -29.32
N ASN F 416 -16.49 -17.46 -30.17
CA ASN F 416 -15.74 -18.64 -29.72
C ASN F 416 -14.29 -18.59 -30.21
N PRO F 417 -13.46 -17.68 -29.65
CA PRO F 417 -12.06 -17.62 -30.08
C PRO F 417 -11.16 -18.52 -29.24
N VAL F 418 -9.86 -18.46 -29.50
CA VAL F 418 -8.85 -19.05 -28.63
C VAL F 418 -8.08 -17.90 -28.00
N ILE F 419 -7.92 -17.94 -26.67
CA ILE F 419 -7.24 -16.89 -25.93
C ILE F 419 -6.05 -17.50 -25.20
N LEU F 420 -4.87 -16.99 -25.46
CA LEU F 420 -3.64 -17.43 -24.81
C LEU F 420 -3.31 -16.46 -23.69
N LEU F 421 -3.34 -16.97 -22.45
CA LEU F 421 -3.04 -16.17 -21.27
C LEU F 421 -1.57 -16.41 -20.90
N ASP F 422 -0.72 -15.47 -21.27
CA ASP F 422 0.71 -15.63 -21.01
C ASP F 422 1.04 -15.40 -19.54
N GLU F 423 1.78 -16.35 -18.97
CA GLU F 423 2.52 -16.19 -17.71
C GLU F 423 1.59 -15.84 -16.54
N ILE F 424 0.79 -16.84 -16.17
CA ILE F 424 0.04 -16.77 -14.91
C ILE F 424 0.91 -17.02 -13.69
N ASP F 425 2.21 -17.23 -13.88
CA ASP F 425 3.14 -17.31 -12.76
C ASP F 425 3.33 -15.96 -12.08
N LYS F 426 3.18 -14.86 -12.82
CA LYS F 426 3.78 -13.60 -12.45
C LYS F 426 2.76 -12.50 -12.15
N MET F 427 1.52 -12.85 -11.85
CA MET F 427 0.57 -11.86 -11.39
C MET F 427 0.88 -11.51 -9.94
N SER F 428 1.55 -10.39 -9.72
CA SER F 428 1.92 -9.98 -8.38
C SER F 428 0.72 -9.36 -7.67
N SER F 429 0.72 -9.45 -6.35
CA SER F 429 -0.34 -8.90 -5.52
C SER F 429 0.03 -7.52 -5.00
N ASP F 430 -0.97 -6.78 -4.56
CA ASP F 430 -0.77 -5.49 -3.90
C ASP F 430 -1.97 -5.21 -3.00
N TRP F 431 -2.11 -3.94 -2.59
CA TRP F 431 -3.26 -3.51 -1.83
C TRP F 431 -4.51 -3.58 -2.69
N ARG F 432 -5.67 -3.68 -2.02
CA ARG F 432 -6.93 -4.19 -2.58
C ARG F 432 -6.73 -5.56 -3.25
N GLY F 433 -5.90 -6.40 -2.64
CA GLY F 433 -5.71 -7.76 -3.08
C GLY F 433 -5.03 -7.90 -4.43
N ASP F 434 -5.14 -9.10 -4.98
CA ASP F 434 -4.61 -9.51 -6.26
C ASP F 434 -5.75 -9.72 -7.26
N PRO F 435 -5.47 -9.69 -8.57
CA PRO F 435 -6.52 -10.06 -9.53
C PRO F 435 -6.69 -11.56 -9.73
N ALA F 436 -6.06 -12.36 -8.87
CA ALA F 436 -6.24 -13.80 -8.92
C ALA F 436 -7.65 -14.22 -8.54
N SER F 437 -8.36 -13.40 -7.77
CA SER F 437 -9.77 -13.68 -7.50
C SER F 437 -10.62 -13.48 -8.76
N ALA F 438 -10.28 -12.48 -9.56
CA ALA F 438 -10.92 -12.34 -10.87
C ALA F 438 -10.53 -13.49 -11.79
N MET F 439 -9.31 -14.01 -11.63
CA MET F 439 -8.90 -15.18 -12.40
C MET F 439 -9.70 -16.41 -11.99
N LEU F 440 -10.01 -16.54 -10.69
CA LEU F 440 -10.94 -17.57 -10.22
C LEU F 440 -12.32 -17.36 -10.83
N GLU F 441 -12.74 -16.09 -10.95
CA GLU F 441 -14.05 -15.80 -11.51
C GLU F 441 -14.11 -16.09 -13.01
N VAL F 442 -12.98 -16.10 -13.70
CA VAL F 442 -12.98 -16.35 -15.14
C VAL F 442 -12.55 -17.77 -15.51
N LEU F 443 -11.80 -18.47 -14.66
CA LEU F 443 -11.25 -19.78 -14.99
C LEU F 443 -11.97 -20.87 -14.19
N ASP F 444 -13.29 -20.75 -14.08
CA ASP F 444 -14.12 -21.79 -13.48
C ASP F 444 -15.43 -21.85 -14.25
N PRO F 445 -15.66 -22.90 -15.05
CA PRO F 445 -16.84 -22.95 -15.94
C PRO F 445 -18.14 -23.34 -15.25
N GLU F 446 -18.43 -22.68 -14.13
CA GLU F 446 -19.71 -22.83 -13.47
C GLU F 446 -20.29 -21.51 -13.01
N GLN F 447 -19.58 -20.40 -13.19
CA GLN F 447 -20.10 -19.07 -12.92
C GLN F 447 -19.74 -18.04 -14.00
N ASN F 448 -18.83 -18.38 -14.92
CA ASN F 448 -18.52 -17.46 -16.02
C ASN F 448 -19.58 -17.49 -17.12
N ASN F 449 -20.56 -18.38 -17.02
CA ASN F 449 -21.73 -18.27 -17.89
C ASN F 449 -22.54 -17.02 -17.54
N THR F 450 -22.47 -16.58 -16.29
CA THR F 450 -23.09 -15.34 -15.83
C THR F 450 -22.03 -14.32 -15.44
N PHE F 451 -20.95 -14.25 -16.23
CA PHE F 451 -19.84 -13.35 -15.94
C PHE F 451 -20.23 -11.91 -16.25
N THR F 452 -20.31 -11.07 -15.23
CA THR F 452 -20.56 -9.66 -15.38
C THR F 452 -19.28 -8.88 -15.12
N ASP F 453 -19.30 -7.61 -15.49
CA ASP F 453 -18.15 -6.73 -15.32
C ASP F 453 -18.46 -5.66 -14.29
N HIS F 454 -17.45 -4.85 -13.98
CA HIS F 454 -17.69 -3.57 -13.35
C HIS F 454 -18.04 -2.49 -14.35
N TYR F 455 -17.54 -2.59 -15.58
CA TYR F 455 -17.92 -1.64 -16.61
C TYR F 455 -19.26 -2.01 -17.23
N LEU F 456 -19.33 -3.20 -17.82
CA LEU F 456 -20.59 -3.67 -18.37
C LEU F 456 -21.54 -4.08 -17.26
N ASP F 457 -22.84 -3.95 -17.51
CA ASP F 457 -23.86 -4.37 -16.57
C ASP F 457 -24.75 -5.47 -17.13
N VAL F 458 -24.22 -6.27 -18.05
CA VAL F 458 -24.96 -7.42 -18.57
C VAL F 458 -24.19 -8.68 -18.20
N PRO F 459 -24.85 -9.82 -18.06
CA PRO F 459 -24.10 -11.08 -17.84
C PRO F 459 -23.56 -11.68 -19.13
N TYR F 460 -22.23 -11.65 -19.30
CA TYR F 460 -21.61 -12.23 -20.49
C TYR F 460 -21.19 -13.66 -20.18
N ASP F 461 -21.00 -14.46 -21.24
CA ASP F 461 -20.72 -15.89 -21.10
C ASP F 461 -19.36 -16.28 -21.69
N LEU F 462 -18.37 -16.43 -20.81
CA LEU F 462 -17.05 -16.92 -21.22
C LEU F 462 -16.93 -18.41 -20.91
N SER F 463 -17.76 -19.19 -21.60
CA SER F 463 -17.80 -20.63 -21.40
C SER F 463 -17.12 -21.40 -22.52
N LYS F 464 -17.44 -21.08 -23.77
CA LYS F 464 -16.94 -21.84 -24.92
C LYS F 464 -15.54 -21.40 -25.34
N VAL F 465 -15.02 -20.31 -24.76
CA VAL F 465 -13.71 -19.79 -25.13
C VAL F 465 -12.63 -20.76 -24.64
N PHE F 466 -11.82 -21.24 -25.57
CA PHE F 466 -10.81 -22.25 -25.28
C PHE F 466 -9.57 -21.55 -24.76
N PHE F 467 -9.40 -21.56 -23.43
CA PHE F 467 -8.26 -20.89 -22.81
C PHE F 467 -7.04 -21.81 -22.78
N ILE F 468 -5.87 -21.22 -23.06
CA ILE F 468 -4.58 -21.90 -22.96
C ILE F 468 -3.68 -21.01 -22.13
N THR F 469 -3.07 -21.56 -21.09
CA THR F 469 -2.21 -20.80 -20.19
C THR F 469 -0.83 -21.43 -20.14
N THR F 470 0.20 -20.60 -20.14
CA THR F 470 1.58 -21.06 -20.04
C THR F 470 2.14 -20.73 -18.67
N ALA F 471 3.15 -21.49 -18.27
CA ALA F 471 3.76 -21.34 -16.95
C ALA F 471 5.13 -21.98 -16.97
N ASN F 472 5.94 -21.62 -15.97
CA ASN F 472 7.24 -22.24 -15.80
C ASN F 472 7.33 -23.10 -14.55
N THR F 473 6.49 -22.84 -13.55
CA THR F 473 6.36 -23.68 -12.37
C THR F 473 4.98 -23.43 -11.76
N LEU F 474 4.54 -24.36 -10.93
CA LEU F 474 3.15 -24.37 -10.47
C LEU F 474 2.94 -23.76 -9.09
N GLN F 475 4.00 -23.38 -8.39
CA GLN F 475 3.86 -22.96 -6.99
C GLN F 475 3.23 -21.58 -6.89
N THR F 476 3.72 -20.63 -7.68
CA THR F 476 3.23 -19.26 -7.64
C THR F 476 1.85 -19.09 -8.27
N ILE F 477 1.32 -20.11 -8.93
CA ILE F 477 -0.10 -20.08 -9.33
C ILE F 477 -0.95 -20.30 -8.08
N PRO F 478 -1.99 -19.50 -7.85
CA PRO F 478 -2.79 -19.66 -6.62
C PRO F 478 -3.57 -20.96 -6.59
N ARG F 479 -3.70 -21.51 -5.39
CA ARG F 479 -4.45 -22.74 -5.11
C ARG F 479 -5.95 -22.69 -5.46
N PRO F 480 -6.63 -21.54 -5.43
CA PRO F 480 -7.96 -21.51 -6.10
C PRO F 480 -7.92 -21.63 -7.62
N LEU F 481 -6.75 -21.61 -8.26
CA LEU F 481 -6.68 -21.88 -9.69
C LEU F 481 -6.29 -23.32 -10.00
N LEU F 482 -5.68 -24.03 -9.06
CA LEU F 482 -5.41 -25.46 -9.23
C LEU F 482 -6.60 -26.31 -8.78
N ASP F 483 -7.79 -25.97 -9.28
CA ASP F 483 -8.97 -26.80 -9.11
C ASP F 483 -9.65 -27.01 -10.46
N ARG F 484 -9.51 -26.03 -11.35
CA ARG F 484 -10.09 -26.10 -12.68
C ARG F 484 -8.98 -26.03 -13.72
N MET F 485 -7.93 -26.80 -13.51
CA MET F 485 -6.73 -26.80 -14.33
C MET F 485 -6.59 -28.16 -15.01
N GLU F 486 -5.63 -28.24 -15.94
CA GLU F 486 -5.21 -29.53 -16.49
C GLU F 486 -3.77 -29.35 -16.97
N VAL F 487 -2.82 -29.84 -16.19
CA VAL F 487 -1.42 -29.58 -16.50
C VAL F 487 -0.96 -30.50 -17.63
N ILE F 488 -0.02 -29.99 -18.43
CA ILE F 488 0.65 -30.76 -19.47
C ILE F 488 2.13 -30.42 -19.39
N GLU F 489 2.95 -31.40 -19.03
CA GLU F 489 4.38 -31.17 -18.85
C GLU F 489 5.09 -31.37 -20.17
N ILE F 490 5.73 -30.31 -20.67
CA ILE F 490 6.61 -30.39 -21.83
C ILE F 490 8.03 -30.62 -21.30
N PRO F 491 8.59 -31.82 -21.45
CA PRO F 491 9.80 -32.17 -20.69
C PRO F 491 11.06 -31.50 -21.19
N GLY F 492 11.06 -31.00 -22.41
CA GLY F 492 12.26 -30.55 -23.08
C GLY F 492 12.52 -31.36 -24.33
N TYR F 493 13.50 -30.88 -25.09
CA TYR F 493 13.84 -31.53 -26.33
C TYR F 493 15.14 -32.31 -26.17
N THR F 494 15.35 -33.23 -27.10
CA THR F 494 16.57 -34.02 -27.15
C THR F 494 17.34 -33.72 -28.43
N ASN F 495 18.45 -34.42 -28.62
CA ASN F 495 19.37 -34.07 -29.69
C ASN F 495 18.79 -34.38 -31.06
N MET F 496 18.08 -35.49 -31.19
CA MET F 496 17.46 -35.80 -32.48
C MET F 496 16.31 -34.86 -32.77
N GLU F 497 15.54 -34.52 -31.74
CA GLU F 497 14.46 -33.56 -31.89
C GLU F 497 15.00 -32.18 -32.24
N LYS F 498 16.09 -31.77 -31.58
CA LYS F 498 16.69 -30.48 -31.90
C LYS F 498 17.26 -30.47 -33.30
N GLN F 499 17.81 -31.59 -33.76
CA GLN F 499 18.39 -31.63 -35.08
C GLN F 499 17.32 -31.55 -36.16
N ALA F 500 16.18 -32.21 -35.91
CA ALA F 500 15.08 -32.16 -36.86
C ALA F 500 14.47 -30.77 -36.94
N ILE F 501 14.22 -30.13 -35.79
CA ILE F 501 13.70 -28.77 -35.86
C ILE F 501 14.76 -27.83 -36.38
N ALA F 502 16.02 -28.14 -36.13
CA ALA F 502 17.13 -27.30 -36.54
C ALA F 502 17.16 -27.15 -38.05
N ARG F 503 17.18 -28.28 -38.76
CA ARG F 503 17.03 -28.29 -40.21
C ARG F 503 15.73 -27.63 -40.63
N GLN F 504 14.63 -28.33 -40.36
CA GLN F 504 13.39 -28.07 -41.06
C GLN F 504 12.71 -26.79 -40.61
N TYR F 505 13.13 -26.19 -39.54
CA TYR F 505 12.52 -24.92 -39.21
C TYR F 505 13.54 -23.84 -38.95
N LEU F 506 14.67 -24.16 -38.31
CA LEU F 506 15.55 -23.08 -37.95
C LEU F 506 16.48 -22.70 -39.08
N TRP F 507 16.89 -23.64 -39.96
CA TRP F 507 17.92 -23.18 -40.89
C TRP F 507 17.42 -22.28 -42.03
N PRO F 508 16.31 -22.57 -42.74
CA PRO F 508 15.92 -21.65 -43.81
C PRO F 508 15.44 -20.30 -43.32
N LYS F 509 14.92 -20.20 -42.10
CA LYS F 509 14.61 -18.88 -41.57
C LYS F 509 15.89 -18.13 -41.23
N GLN F 510 16.88 -18.81 -40.64
CA GLN F 510 18.13 -18.15 -40.30
C GLN F 510 19.00 -17.85 -41.51
N VAL F 511 18.66 -18.36 -42.68
CA VAL F 511 19.41 -17.97 -43.86
C VAL F 511 18.61 -17.02 -44.74
N ARG F 512 17.28 -17.11 -44.72
CA ARG F 512 16.46 -16.27 -45.56
C ARG F 512 16.49 -14.80 -45.11
N GLU F 513 16.63 -14.56 -43.81
CA GLU F 513 16.77 -13.19 -43.33
C GLU F 513 18.16 -12.64 -43.60
N SER F 514 19.17 -13.51 -43.58
CA SER F 514 20.56 -13.12 -43.70
C SER F 514 21.03 -12.98 -45.14
N GLY F 515 20.16 -13.20 -46.11
CA GLY F 515 20.49 -12.94 -47.50
C GLY F 515 21.44 -13.92 -48.15
N MET F 516 21.88 -14.96 -47.44
CA MET F 516 22.85 -15.91 -47.97
C MET F 516 22.17 -17.14 -48.51
N GLU F 517 20.99 -17.00 -49.10
CA GLU F 517 20.27 -18.14 -49.63
C GLU F 517 20.94 -18.67 -50.88
N GLY F 518 21.26 -19.96 -50.87
CA GLY F 518 21.87 -20.58 -52.03
C GLY F 518 23.30 -20.17 -52.25
N ARG F 519 23.98 -19.72 -51.20
CA ARG F 519 25.40 -19.45 -51.24
C ARG F 519 26.16 -20.20 -50.17
N ILE F 520 25.46 -20.86 -49.26
CA ILE F 520 26.08 -21.50 -48.12
C ILE F 520 25.15 -22.62 -47.69
N GLU F 521 25.71 -23.68 -47.14
CA GLU F 521 24.91 -24.81 -46.72
C GLU F 521 25.61 -25.53 -45.58
N VAL F 522 24.85 -25.90 -44.59
CA VAL F 522 25.35 -26.63 -43.44
C VAL F 522 24.98 -28.10 -43.61
N THR F 523 25.82 -28.99 -43.12
CA THR F 523 25.55 -30.41 -43.25
C THR F 523 24.74 -30.88 -42.05
N ASP F 524 24.67 -32.19 -41.82
CA ASP F 524 23.97 -32.71 -40.66
C ASP F 524 24.90 -33.14 -39.54
N ALA F 525 26.16 -33.42 -39.85
CA ALA F 525 27.12 -33.59 -38.77
C ALA F 525 27.45 -32.26 -38.12
N ALA F 526 27.34 -31.18 -38.89
CA ALA F 526 27.69 -29.87 -38.36
C ALA F 526 26.66 -29.35 -37.39
N ILE F 527 25.38 -29.67 -37.62
CA ILE F 527 24.36 -29.31 -36.65
C ILE F 527 24.58 -30.07 -35.35
N LEU F 528 25.04 -31.30 -35.44
CA LEU F 528 25.35 -32.07 -34.24
C LEU F 528 26.52 -31.48 -33.49
N ARG F 529 27.54 -30.98 -34.22
CA ARG F 529 28.63 -30.25 -33.55
C ARG F 529 28.13 -29.01 -32.84
N VAL F 530 27.24 -28.24 -33.49
CA VAL F 530 26.74 -27.01 -32.89
C VAL F 530 25.94 -27.31 -31.64
N ILE F 531 25.13 -28.36 -31.67
CA ILE F 531 24.30 -28.71 -30.52
C ILE F 531 25.16 -29.21 -29.37
N SER F 532 26.07 -30.15 -29.65
CA SER F 532 26.83 -30.76 -28.59
C SER F 532 27.92 -29.85 -28.05
N GLU F 533 28.35 -28.84 -28.79
CA GLU F 533 29.50 -28.07 -28.34
C GLU F 533 29.29 -26.56 -28.27
N TYR F 534 28.10 -26.04 -28.51
CA TYR F 534 27.95 -24.60 -28.47
C TYR F 534 26.68 -24.12 -27.79
N THR F 535 25.95 -25.00 -27.10
CA THR F 535 24.76 -24.63 -26.36
C THR F 535 24.47 -25.68 -25.31
N ARG F 536 24.02 -25.24 -24.13
CA ARG F 536 23.49 -26.12 -23.09
C ARG F 536 22.19 -25.50 -22.61
N GLU F 537 21.08 -25.98 -23.13
CA GLU F 537 19.79 -25.46 -22.72
C GLU F 537 18.76 -26.55 -22.93
N ALA F 538 17.62 -26.38 -22.31
CA ALA F 538 16.48 -27.24 -22.58
C ALA F 538 15.60 -26.70 -23.70
N GLY F 539 16.05 -25.65 -24.38
CA GLY F 539 15.26 -25.05 -25.42
C GLY F 539 16.00 -24.93 -26.72
N VAL F 540 15.56 -24.04 -27.60
CA VAL F 540 16.08 -23.94 -28.95
C VAL F 540 16.51 -22.53 -29.32
N ARG F 541 16.51 -21.58 -28.39
CA ARG F 541 16.92 -20.23 -28.73
C ARG F 541 18.43 -20.11 -28.85
N GLY F 542 19.17 -20.83 -27.99
CA GLY F 542 20.61 -20.81 -28.09
C GLY F 542 21.09 -21.42 -29.39
N LEU F 543 20.43 -22.50 -29.82
CA LEU F 543 20.71 -23.10 -31.12
C LEU F 543 20.36 -22.15 -32.25
N GLU F 544 19.28 -21.38 -32.07
CA GLU F 544 18.87 -20.41 -33.08
C GLU F 544 19.91 -19.32 -33.26
N ARG F 545 20.42 -18.76 -32.17
CA ARG F 545 21.43 -17.72 -32.29
C ARG F 545 22.76 -18.27 -32.76
N GLU F 546 23.08 -19.52 -32.39
CA GLU F 546 24.33 -20.08 -32.84
C GLU F 546 24.30 -20.36 -34.34
N LEU F 547 23.14 -20.68 -34.90
CA LEU F 547 23.04 -20.77 -36.36
C LEU F 547 23.09 -19.40 -37.01
N GLY F 548 22.45 -18.41 -36.39
CA GLY F 548 22.48 -17.07 -36.94
C GLY F 548 23.87 -16.46 -37.00
N LYS F 549 24.74 -16.85 -36.08
CA LYS F 549 26.12 -16.39 -36.13
C LYS F 549 26.85 -16.95 -37.33
N ILE F 550 26.55 -18.19 -37.70
CA ILE F 550 27.14 -18.79 -38.89
C ILE F 550 26.67 -18.07 -40.14
N ALA F 551 25.38 -17.72 -40.18
CA ALA F 551 24.84 -16.99 -41.33
C ALA F 551 25.49 -15.62 -41.49
N ARG F 552 25.75 -14.93 -40.38
CA ARG F 552 26.37 -13.61 -40.47
C ARG F 552 27.84 -13.70 -40.84
N LYS F 553 28.57 -14.70 -40.32
CA LYS F 553 29.98 -14.86 -40.68
C LYS F 553 30.13 -15.19 -42.17
N GLY F 554 29.22 -16.00 -42.71
CA GLY F 554 29.22 -16.22 -44.14
C GLY F 554 28.88 -14.97 -44.92
N ALA F 555 27.92 -14.17 -44.43
CA ALA F 555 27.59 -12.92 -45.11
C ALA F 555 28.72 -11.91 -45.07
N LYS F 556 29.60 -11.99 -44.07
CA LYS F 556 30.76 -11.12 -44.06
C LYS F 556 31.85 -11.63 -44.99
N PHE F 557 32.07 -12.95 -45.01
CA PHE F 557 33.09 -13.52 -45.88
C PHE F 557 32.74 -13.34 -47.35
N TRP F 558 31.46 -13.22 -47.68
CA TRP F 558 31.05 -13.01 -49.07
C TRP F 558 31.53 -11.68 -49.62
N LEU F 559 31.55 -10.62 -48.80
CA LEU F 559 31.94 -9.31 -49.30
C LEU F 559 33.44 -9.17 -49.47
N GLU F 560 34.24 -10.05 -48.85
CA GLU F 560 35.68 -10.01 -48.99
C GLU F 560 36.18 -10.75 -50.21
N GLY F 561 35.27 -11.22 -51.07
CA GLY F 561 35.59 -11.95 -52.27
C GLY F 561 34.70 -13.15 -52.41
N ALA F 562 33.94 -13.20 -53.50
CA ALA F 562 32.89 -14.19 -53.65
C ALA F 562 33.48 -15.52 -54.10
N TRP F 563 32.66 -16.55 -54.04
CA TRP F 563 33.01 -17.86 -54.56
C TRP F 563 31.92 -18.31 -55.51
N GLU F 564 32.05 -19.54 -56.01
CA GLU F 564 31.10 -20.06 -56.97
C GLU F 564 30.37 -21.27 -56.41
N GLY F 565 29.15 -21.48 -56.91
CA GLY F 565 28.29 -22.52 -56.39
C GLY F 565 27.82 -22.18 -55.01
N LEU F 566 28.16 -23.02 -54.04
CA LEU F 566 27.89 -22.73 -52.64
C LEU F 566 28.88 -23.50 -51.79
N ARG F 567 29.52 -22.79 -50.86
CA ARG F 567 30.45 -23.44 -49.95
C ARG F 567 29.67 -24.24 -48.94
N THR F 568 30.13 -25.46 -48.67
CA THR F 568 29.42 -26.36 -47.77
C THR F 568 30.21 -26.49 -46.48
N ILE F 569 29.53 -26.41 -45.36
CA ILE F 569 30.18 -26.40 -44.05
C ILE F 569 30.08 -27.79 -43.46
N ASP F 570 31.17 -28.54 -43.51
CA ASP F 570 31.24 -29.79 -42.77
C ASP F 570 31.42 -29.51 -41.28
N ALA F 571 31.40 -30.59 -40.49
CA ALA F 571 31.48 -30.48 -39.05
C ALA F 571 32.86 -30.06 -38.57
N SER F 572 33.86 -30.10 -39.44
CA SER F 572 35.20 -29.66 -39.09
C SER F 572 35.43 -28.18 -39.35
N ASP F 573 34.65 -27.57 -40.22
CA ASP F 573 34.87 -26.17 -40.56
C ASP F 573 34.05 -25.23 -39.70
N ILE F 574 33.46 -25.72 -38.62
CA ILE F 574 32.74 -24.83 -37.70
C ILE F 574 33.62 -23.80 -36.98
N PRO F 575 34.74 -24.16 -36.32
CA PRO F 575 35.42 -23.17 -35.47
C PRO F 575 36.03 -22.00 -36.19
N THR F 576 36.15 -22.03 -37.52
CA THR F 576 36.35 -20.79 -38.27
C THR F 576 35.18 -19.86 -38.07
N TYR F 577 33.97 -20.40 -38.03
CA TYR F 577 32.78 -19.58 -37.97
C TYR F 577 32.31 -19.30 -36.56
N LEU F 578 32.68 -20.12 -35.59
CA LEU F 578 32.13 -19.96 -34.26
C LEU F 578 33.17 -19.96 -33.15
N GLY F 579 34.45 -19.81 -33.48
CA GLY F 579 35.45 -19.62 -32.45
C GLY F 579 35.79 -20.88 -31.68
N ILE F 580 36.01 -20.77 -30.38
CA ILE F 580 36.45 -21.91 -29.59
C ILE F 580 35.22 -22.68 -29.11
N PRO F 581 35.22 -24.00 -29.22
CA PRO F 581 34.13 -24.81 -28.66
C PRO F 581 34.11 -24.69 -27.14
N ARG F 582 32.99 -24.24 -26.60
CA ARG F 582 32.91 -23.96 -25.17
C ARG F 582 32.77 -25.22 -24.34
N TYR F 583 31.78 -26.05 -24.64
CA TYR F 583 31.50 -27.23 -23.86
C TYR F 583 32.24 -28.38 -24.51
N ARG F 584 33.00 -29.12 -23.71
CA ARG F 584 33.78 -30.23 -24.25
C ARG F 584 32.84 -31.33 -24.73
N PRO F 585 33.20 -32.03 -25.79
CA PRO F 585 32.37 -33.16 -26.23
C PRO F 585 32.51 -34.33 -25.28
N ASP F 586 31.42 -35.05 -25.12
CA ASP F 586 31.39 -36.22 -24.26
C ASP F 586 31.98 -37.39 -25.04
N LYS F 587 33.17 -37.83 -24.66
CA LYS F 587 33.81 -38.91 -25.39
C LYS F 587 33.60 -40.22 -24.66
N ALA F 588 33.97 -41.30 -25.34
CA ALA F 588 33.85 -42.64 -24.80
C ALA F 588 35.15 -43.38 -25.04
N GLU F 589 35.67 -44.01 -24.00
CA GLU F 589 36.92 -44.74 -24.15
C GLU F 589 36.72 -46.00 -24.97
N THR F 590 37.84 -46.60 -25.36
CA THR F 590 37.87 -47.79 -26.21
C THR F 590 38.87 -48.80 -25.69
N GLU F 591 38.85 -49.09 -24.39
CA GLU F 591 39.94 -49.87 -23.82
C GLU F 591 39.47 -50.53 -22.53
N PRO F 592 39.95 -51.72 -22.22
CA PRO F 592 39.86 -52.24 -20.85
C PRO F 592 40.90 -51.59 -19.95
N GLN F 593 40.42 -50.89 -18.92
CA GLN F 593 41.29 -50.31 -17.90
C GLN F 593 40.85 -50.75 -16.52
N VAL F 594 41.77 -50.67 -15.58
CA VAL F 594 41.63 -51.28 -14.27
C VAL F 594 41.01 -50.28 -13.31
N GLY F 595 39.95 -50.67 -12.63
CA GLY F 595 39.36 -49.87 -11.58
C GLY F 595 38.70 -48.64 -12.15
N THR F 596 37.88 -48.83 -13.16
CA THR F 596 37.26 -47.71 -13.85
C THR F 596 35.99 -48.21 -14.49
N ALA F 597 34.88 -47.51 -14.31
CA ALA F 597 33.60 -47.97 -14.83
C ALA F 597 32.85 -46.82 -15.46
N GLN F 598 32.50 -46.97 -16.73
CA GLN F 598 31.70 -45.96 -17.41
C GLN F 598 30.27 -45.99 -16.88
N GLY F 599 29.75 -44.82 -16.52
CA GLY F 599 28.44 -44.76 -15.92
C GLY F 599 27.68 -43.54 -16.39
N LEU F 600 26.38 -43.70 -16.48
CA LEU F 600 25.50 -42.65 -16.97
C LEU F 600 24.92 -41.86 -15.81
N ALA F 601 24.59 -40.61 -16.06
CA ALA F 601 23.92 -39.80 -15.05
C ALA F 601 23.05 -38.77 -15.75
N TRP F 602 22.32 -38.00 -14.96
CA TRP F 602 21.16 -37.28 -15.48
C TRP F 602 21.11 -35.88 -14.90
N THR F 603 21.42 -34.92 -15.71
CA THR F 603 21.20 -33.51 -15.44
C THR F 603 19.92 -33.07 -16.14
N PRO F 604 19.26 -31.98 -15.71
CA PRO F 604 17.98 -31.61 -16.35
C PRO F 604 18.12 -31.04 -17.75
N VAL F 605 19.33 -30.82 -18.25
CA VAL F 605 19.53 -30.43 -19.63
C VAL F 605 20.08 -31.59 -20.47
N GLY F 606 20.01 -32.81 -19.96
CA GLY F 606 20.44 -33.98 -20.68
C GLY F 606 21.36 -34.85 -19.86
N GLY F 607 21.76 -35.96 -20.46
CA GLY F 607 22.60 -36.91 -19.78
C GLY F 607 24.05 -36.50 -19.78
N THR F 608 24.87 -37.38 -19.22
CA THR F 608 26.31 -37.24 -19.21
C THR F 608 26.92 -38.62 -19.13
N LEU F 609 28.21 -38.69 -18.83
CA LEU F 609 28.91 -39.98 -18.68
C LEU F 609 29.86 -39.89 -17.49
N LEU F 610 29.37 -40.28 -16.30
CA LEU F 610 30.25 -40.31 -15.14
C LEU F 610 31.26 -41.42 -15.26
N THR F 611 32.49 -41.13 -14.88
CA THR F 611 33.53 -42.14 -14.93
C THR F 611 34.06 -42.27 -13.52
N ILE F 612 33.42 -43.13 -12.75
CA ILE F 612 33.88 -43.42 -11.40
C ILE F 612 35.20 -44.18 -11.48
N GLU F 613 36.20 -43.69 -10.78
CA GLU F 613 37.49 -44.36 -10.71
C GLU F 613 37.94 -44.43 -9.26
N VAL F 614 38.49 -45.57 -8.86
CA VAL F 614 38.78 -45.83 -7.47
C VAL F 614 40.22 -46.32 -7.36
N ALA F 615 40.67 -46.58 -6.14
CA ALA F 615 42.04 -46.99 -5.92
C ALA F 615 42.14 -47.90 -4.72
N ALA F 616 43.04 -48.87 -4.81
CA ALA F 616 43.27 -49.86 -3.76
C ALA F 616 44.72 -49.72 -3.30
N VAL F 617 44.94 -48.92 -2.28
CA VAL F 617 46.28 -48.59 -1.81
C VAL F 617 46.53 -49.45 -0.59
N PRO F 618 47.76 -49.59 -0.09
CA PRO F 618 47.94 -50.26 1.20
C PRO F 618 47.40 -49.40 2.32
N GLY F 619 47.07 -50.05 3.44
CA GLY F 619 46.57 -49.26 4.54
C GLY F 619 45.77 -49.95 5.63
N SER F 620 44.71 -49.29 6.09
CA SER F 620 44.04 -49.67 7.34
C SER F 620 42.57 -50.02 7.21
N GLY F 621 41.91 -49.66 6.11
CA GLY F 621 40.48 -49.84 6.01
C GLY F 621 39.81 -48.52 6.28
N LYS F 622 39.46 -47.82 5.22
CA LYS F 622 39.04 -46.43 5.31
C LYS F 622 38.48 -46.05 3.96
N LEU F 623 37.36 -45.35 3.95
CA LEU F 623 36.66 -45.13 2.70
C LEU F 623 36.53 -43.62 2.46
N SER F 624 37.56 -43.03 1.87
CA SER F 624 37.45 -41.66 1.40
C SER F 624 36.51 -41.60 0.21
N LEU F 625 35.60 -40.65 0.22
CA LEU F 625 34.57 -40.52 -0.81
C LEU F 625 34.61 -39.07 -1.28
N THR F 626 35.50 -38.77 -2.21
CA THR F 626 35.69 -37.40 -2.65
C THR F 626 35.11 -37.21 -4.04
N GLY F 627 35.33 -36.03 -4.60
CA GLY F 627 34.67 -35.68 -5.83
C GLY F 627 33.32 -35.04 -5.63
N GLN F 628 33.08 -34.48 -4.46
CA GLN F 628 31.86 -33.75 -4.09
C GLN F 628 30.62 -34.64 -4.18
N LEU F 629 30.73 -35.84 -3.62
CA LEU F 629 29.61 -36.77 -3.59
C LEU F 629 28.69 -36.43 -2.43
N GLY F 630 27.39 -36.45 -2.70
CA GLY F 630 26.40 -36.24 -1.67
C GLY F 630 26.25 -37.45 -0.77
N GLU F 631 25.21 -37.40 0.06
CA GLU F 631 25.10 -38.40 1.12
C GLU F 631 24.59 -39.74 0.61
N VAL F 632 23.58 -39.72 -0.26
CA VAL F 632 22.97 -40.96 -0.74
C VAL F 632 23.95 -41.74 -1.58
N MET F 633 24.78 -41.02 -2.35
CA MET F 633 25.88 -41.62 -3.08
C MET F 633 26.84 -42.33 -2.15
N LYS F 634 27.17 -41.70 -1.01
CA LYS F 634 28.08 -42.31 -0.06
C LYS F 634 27.46 -43.54 0.58
N GLU F 635 26.16 -43.49 0.85
CA GLU F 635 25.49 -44.65 1.43
C GLU F 635 25.48 -45.82 0.46
N SER F 636 25.27 -45.54 -0.82
CA SER F 636 25.28 -46.61 -1.81
C SER F 636 26.68 -47.18 -2.00
N ALA F 637 27.72 -46.35 -1.86
CA ALA F 637 29.08 -46.89 -1.96
C ALA F 637 29.42 -47.77 -0.77
N GLN F 638 28.99 -47.37 0.41
CA GLN F 638 29.13 -48.23 1.59
C GLN F 638 28.33 -49.51 1.46
N ALA F 639 27.15 -49.43 0.82
CA ALA F 639 26.31 -50.60 0.61
C ALA F 639 26.98 -51.60 -0.32
N ALA F 640 27.52 -51.12 -1.44
CA ALA F 640 28.19 -52.01 -2.37
C ALA F 640 29.46 -52.61 -1.78
N LEU F 641 30.19 -51.83 -0.99
CA LEU F 641 31.38 -52.37 -0.35
C LEU F 641 31.01 -53.38 0.72
N THR F 642 29.85 -53.21 1.35
CA THR F 642 29.42 -54.19 2.33
C THR F 642 29.03 -55.49 1.65
N TYR F 643 28.41 -55.39 0.47
CA TYR F 643 28.07 -56.60 -0.27
C TYR F 643 29.32 -57.35 -0.72
N LEU F 644 30.34 -56.64 -1.18
CA LEU F 644 31.54 -57.38 -1.55
C LEU F 644 32.33 -57.86 -0.34
N ARG F 645 32.14 -57.26 0.83
CA ARG F 645 32.71 -57.90 2.00
C ARG F 645 31.95 -59.16 2.37
N ALA F 646 30.67 -59.22 2.02
CA ALA F 646 29.90 -60.43 2.28
C ALA F 646 30.34 -61.58 1.39
N HIS F 647 30.38 -61.36 0.08
CA HIS F 647 30.66 -62.42 -0.87
C HIS F 647 32.04 -62.17 -1.45
N THR F 648 33.05 -62.72 -0.78
CA THR F 648 34.42 -62.43 -1.18
C THR F 648 35.09 -63.56 -1.93
N GLN F 649 34.65 -64.81 -1.77
CA GLN F 649 35.28 -65.89 -2.49
C GLN F 649 34.80 -65.94 -3.93
N ASP F 650 33.59 -65.45 -4.18
CA ASP F 650 32.95 -65.62 -5.47
C ASP F 650 33.56 -64.77 -6.56
N TYR F 651 34.38 -63.78 -6.21
CA TYR F 651 34.83 -62.80 -7.18
C TYR F 651 36.34 -62.67 -7.20
N GLY F 652 37.07 -63.59 -6.56
CA GLY F 652 38.51 -63.57 -6.61
C GLY F 652 39.16 -62.45 -5.84
N LEU F 653 38.43 -61.82 -4.93
CA LEU F 653 38.97 -60.73 -4.15
C LEU F 653 39.98 -61.25 -3.14
N PRO F 654 40.83 -60.38 -2.59
CA PRO F 654 41.60 -60.76 -1.41
C PRO F 654 40.66 -61.04 -0.24
N GLU F 655 41.11 -61.92 0.65
CA GLU F 655 40.23 -62.43 1.70
C GLU F 655 39.85 -61.34 2.69
N ASP F 656 40.82 -60.77 3.40
CA ASP F 656 40.56 -59.75 4.41
C ASP F 656 41.04 -58.39 3.93
N PHE F 657 40.20 -57.73 3.15
CA PHE F 657 40.50 -56.38 2.74
C PHE F 657 39.77 -55.36 3.58
N TYR F 658 39.05 -55.79 4.61
CA TYR F 658 38.30 -54.84 5.40
C TYR F 658 39.22 -53.99 6.27
N ASN F 659 40.35 -54.54 6.70
CA ASN F 659 41.27 -53.83 7.58
C ASN F 659 42.63 -53.59 6.94
N LYS F 660 42.76 -53.68 5.62
CA LYS F 660 44.06 -53.54 4.99
C LYS F 660 44.11 -52.60 3.81
N VAL F 661 43.00 -52.28 3.18
CA VAL F 661 43.00 -51.51 1.95
C VAL F 661 42.22 -50.23 2.19
N ASP F 662 42.91 -49.12 2.16
CA ASP F 662 42.24 -47.83 2.19
C ASP F 662 41.69 -47.57 0.80
N LEU F 663 40.37 -47.45 0.67
CA LEU F 663 39.77 -47.23 -0.63
C LEU F 663 39.40 -45.78 -0.78
N HIS F 664 39.91 -45.13 -1.81
CA HIS F 664 39.57 -43.77 -2.14
C HIS F 664 38.72 -43.79 -3.41
N VAL F 665 37.53 -43.24 -3.33
CA VAL F 665 36.59 -43.28 -4.43
C VAL F 665 36.49 -41.87 -4.98
N HIS F 666 37.07 -41.64 -6.14
CA HIS F 666 37.10 -40.32 -6.75
C HIS F 666 36.18 -40.28 -7.96
N VAL F 667 35.31 -39.29 -8.02
CA VAL F 667 34.45 -39.23 -9.19
C VAL F 667 34.73 -37.93 -9.94
N PRO F 668 35.55 -37.96 -10.98
CA PRO F 668 35.72 -36.78 -11.82
C PRO F 668 34.44 -36.47 -12.58
N ASP F 669 34.17 -35.19 -12.84
CA ASP F 669 35.04 -34.05 -12.58
C ASP F 669 34.84 -33.43 -11.22
N GLY F 670 35.89 -32.80 -10.72
CA GLY F 670 35.78 -32.07 -9.47
C GLY F 670 34.94 -30.82 -9.61
N ALA F 671 34.52 -30.30 -8.46
CA ALA F 671 33.68 -29.12 -8.32
C ALA F 671 32.35 -29.26 -9.07
N THR F 672 31.81 -30.47 -9.13
CA THR F 672 30.49 -30.73 -9.69
C THR F 672 29.73 -31.60 -8.71
N PRO F 673 28.65 -31.12 -8.05
CA PRO F 673 27.97 -31.94 -7.07
C PRO F 673 27.36 -33.17 -7.74
N LYS F 674 27.55 -34.34 -7.14
CA LYS F 674 26.97 -35.59 -7.69
C LYS F 674 26.22 -36.33 -6.57
N ASP F 675 25.00 -36.80 -6.84
CA ASP F 675 24.20 -37.58 -5.86
C ASP F 675 23.07 -38.25 -6.62
N GLY F 676 22.31 -38.93 -5.68
CA GLY F 676 21.20 -39.71 -6.24
C GLY F 676 21.54 -41.17 -6.09
N PRO F 677 20.58 -42.11 -6.03
CA PRO F 677 20.96 -43.49 -5.81
C PRO F 677 21.14 -44.13 -7.18
N SER F 678 21.06 -43.33 -8.24
CA SER F 678 21.05 -43.89 -9.61
C SER F 678 22.26 -44.77 -9.86
N ALA F 679 23.43 -44.36 -9.43
CA ALA F 679 24.58 -45.21 -9.74
C ALA F 679 25.10 -45.77 -8.46
N GLY F 680 24.88 -47.12 -8.62
CA GLY F 680 25.32 -47.88 -7.44
C GLY F 680 26.00 -49.11 -7.94
N ILE F 681 25.52 -49.65 -9.07
CA ILE F 681 26.27 -50.79 -9.57
C ILE F 681 27.53 -50.34 -10.30
N THR F 682 27.60 -49.07 -10.69
CA THR F 682 28.82 -48.53 -11.24
C THR F 682 29.94 -48.60 -10.21
N MET F 683 29.63 -48.26 -8.97
CA MET F 683 30.64 -48.30 -7.94
C MET F 683 30.96 -49.72 -7.54
N ALA F 684 29.99 -50.63 -7.60
CA ALA F 684 30.29 -52.03 -7.35
C ALA F 684 31.20 -52.59 -8.41
N THR F 685 30.96 -52.21 -9.66
CA THR F 685 31.82 -52.64 -10.76
C THR F 685 33.22 -52.07 -10.60
N ALA F 686 33.32 -50.79 -10.26
CA ALA F 686 34.60 -50.12 -10.11
C ALA F 686 35.38 -50.71 -8.95
N ILE F 687 34.71 -50.95 -7.83
CA ILE F 687 35.38 -51.46 -6.64
C ILE F 687 35.84 -52.89 -6.83
N ALA F 688 35.01 -53.73 -7.45
CA ALA F 688 35.44 -55.10 -7.71
C ALA F 688 36.54 -55.16 -8.76
N SER F 689 36.49 -54.22 -9.71
CA SER F 689 37.55 -54.08 -10.68
C SER F 689 38.86 -53.70 -10.00
N ALA F 690 38.80 -52.78 -9.05
CA ALA F 690 39.99 -52.32 -8.36
C ALA F 690 40.57 -53.40 -7.48
N LEU F 691 39.72 -54.06 -6.70
CA LEU F 691 40.20 -55.05 -5.75
C LEU F 691 40.59 -56.35 -6.41
N SER F 692 40.10 -56.61 -7.62
CA SER F 692 40.45 -57.83 -8.32
C SER F 692 41.52 -57.63 -9.36
N ARG F 693 41.74 -56.39 -9.80
CA ARG F 693 42.62 -56.02 -10.90
C ARG F 693 42.26 -56.77 -12.19
N ARG F 694 40.98 -56.78 -12.49
CA ARG F 694 40.48 -57.27 -13.75
C ARG F 694 39.88 -56.09 -14.49
N PRO F 695 40.39 -55.74 -15.66
CA PRO F 695 40.09 -54.43 -16.27
C PRO F 695 38.63 -54.32 -16.73
N ALA F 696 37.88 -53.48 -16.05
CA ALA F 696 36.46 -53.34 -16.34
C ALA F 696 36.26 -52.66 -17.68
N ARG F 697 35.61 -53.36 -18.60
CA ARG F 697 35.45 -52.94 -19.99
C ARG F 697 34.70 -51.63 -20.10
N MET F 698 35.30 -50.67 -20.79
CA MET F 698 34.79 -49.31 -20.83
C MET F 698 33.78 -49.08 -21.93
N ASP F 699 33.49 -50.07 -22.76
CA ASP F 699 32.60 -49.87 -23.90
C ASP F 699 31.15 -50.15 -23.58
N ILE F 700 30.84 -50.45 -22.32
CA ILE F 700 29.50 -50.84 -21.90
C ILE F 700 29.06 -49.85 -20.84
N ALA F 701 28.11 -48.99 -21.19
CA ALA F 701 27.51 -48.15 -20.18
C ALA F 701 26.64 -49.00 -19.26
N MET F 702 26.45 -48.52 -18.04
CA MET F 702 25.59 -49.21 -17.10
C MET F 702 24.82 -48.19 -16.28
N THR F 703 23.80 -48.67 -15.58
CA THR F 703 23.12 -47.94 -14.51
C THR F 703 22.36 -48.95 -13.67
N GLY F 704 22.25 -48.67 -12.38
CA GLY F 704 21.58 -49.59 -11.48
C GLY F 704 21.94 -49.42 -10.01
N GLU F 705 20.94 -49.59 -9.15
CA GLU F 705 21.02 -49.33 -7.72
C GLU F 705 21.11 -50.63 -6.94
N VAL F 706 22.12 -50.74 -6.11
CA VAL F 706 22.38 -51.98 -5.39
C VAL F 706 21.84 -51.86 -3.97
N SER F 707 21.40 -52.98 -3.43
CA SER F 707 21.07 -53.10 -2.01
C SER F 707 21.46 -54.51 -1.59
N LEU F 708 21.66 -54.69 -0.27
CA LEU F 708 22.57 -55.70 0.28
C LEU F 708 22.24 -57.15 -0.09
N ARG F 709 21.05 -57.45 -0.58
CA ARG F 709 20.90 -58.78 -1.14
C ARG F 709 21.51 -58.88 -2.53
N GLY F 710 21.74 -57.77 -3.19
CA GLY F 710 22.15 -57.75 -4.56
C GLY F 710 21.05 -57.39 -5.52
N LYS F 711 19.82 -57.25 -5.04
CA LYS F 711 18.69 -57.03 -5.94
C LYS F 711 18.77 -55.63 -6.53
N VAL F 712 19.12 -55.57 -7.80
CA VAL F 712 19.30 -54.33 -8.53
C VAL F 712 17.93 -53.69 -8.70
N MET F 713 17.67 -52.66 -7.92
CA MET F 713 16.38 -52.02 -7.92
C MET F 713 16.22 -51.19 -9.18
N PRO F 714 14.98 -50.91 -9.61
CA PRO F 714 14.80 -50.07 -10.80
C PRO F 714 15.07 -48.61 -10.52
N ILE F 715 15.89 -48.00 -11.36
CA ILE F 715 16.29 -46.63 -11.22
C ILE F 715 15.40 -45.75 -12.10
N GLY F 716 15.46 -44.45 -11.85
CA GLY F 716 14.67 -43.52 -12.62
C GLY F 716 15.51 -42.80 -13.66
N GLY F 717 14.80 -42.10 -14.56
CA GLY F 717 15.42 -41.31 -15.60
C GLY F 717 16.19 -42.14 -16.61
N VAL F 718 15.49 -42.93 -17.42
CA VAL F 718 16.14 -43.98 -18.17
C VAL F 718 16.21 -43.67 -19.67
N LYS F 719 15.43 -42.72 -20.18
CA LYS F 719 15.56 -42.45 -21.61
C LYS F 719 16.75 -41.55 -21.88
N GLU F 720 17.04 -40.62 -20.98
CA GLU F 720 18.03 -39.61 -21.29
C GLU F 720 19.43 -40.16 -21.14
N LYS F 721 19.62 -41.05 -20.15
CA LYS F 721 20.85 -41.80 -20.02
C LYS F 721 21.13 -42.63 -21.26
N LEU F 722 20.10 -43.25 -21.84
CA LEU F 722 20.35 -44.07 -23.01
C LEU F 722 20.57 -43.25 -24.27
N LEU F 723 19.90 -42.11 -24.41
CA LEU F 723 20.20 -41.23 -25.54
C LEU F 723 21.63 -40.71 -25.48
N ALA F 724 22.08 -40.33 -24.30
CA ALA F 724 23.44 -39.83 -24.19
C ALA F 724 24.48 -40.94 -24.25
N ALA F 725 24.11 -42.17 -23.93
CA ALA F 725 25.04 -43.27 -24.17
C ALA F 725 25.10 -43.64 -25.63
N HIS F 726 24.00 -43.43 -26.36
CA HIS F 726 24.03 -43.65 -27.80
C HIS F 726 24.93 -42.65 -28.49
N GLN F 727 24.61 -41.35 -28.37
CA GLN F 727 25.28 -40.40 -29.25
C GLN F 727 26.72 -40.13 -28.87
N ALA F 728 27.18 -40.61 -27.74
CA ALA F 728 28.61 -40.65 -27.51
C ALA F 728 29.23 -41.97 -27.95
N GLY F 729 28.47 -42.81 -28.64
CA GLY F 729 29.03 -43.99 -29.25
C GLY F 729 29.26 -45.15 -28.31
N ILE F 730 28.21 -45.61 -27.64
CA ILE F 730 28.25 -46.83 -26.83
C ILE F 730 27.07 -47.68 -27.24
N HIS F 731 27.31 -48.97 -27.49
CA HIS F 731 26.29 -49.84 -28.07
C HIS F 731 26.02 -51.09 -27.25
N LYS F 732 26.46 -51.17 -26.00
CA LYS F 732 26.10 -52.26 -25.12
C LYS F 732 25.72 -51.68 -23.77
N ILE F 733 24.56 -52.09 -23.25
CA ILE F 733 24.01 -51.50 -22.03
C ILE F 733 23.81 -52.61 -21.00
N VAL F 734 23.91 -52.24 -19.72
CA VAL F 734 23.44 -53.03 -18.60
C VAL F 734 22.37 -52.21 -17.89
N LEU F 735 21.30 -52.87 -17.42
CA LEU F 735 20.08 -52.19 -17.01
C LEU F 735 19.29 -53.16 -16.14
N PRO F 736 18.53 -52.67 -15.16
CA PRO F 736 17.75 -53.59 -14.33
C PRO F 736 16.62 -54.23 -15.11
N LYS F 737 16.21 -55.43 -14.68
CA LYS F 737 15.12 -56.14 -15.34
C LYS F 737 13.80 -55.37 -15.21
N ASP F 738 13.64 -54.65 -14.12
CA ASP F 738 12.38 -53.98 -13.86
C ASP F 738 12.18 -52.76 -14.73
N ASN F 739 13.20 -52.31 -15.46
CA ASN F 739 13.07 -51.18 -16.35
C ASN F 739 12.82 -51.56 -17.79
N GLU F 740 12.55 -52.84 -18.09
CA GLU F 740 12.29 -53.20 -19.47
C GLU F 740 10.94 -52.70 -19.95
N ALA F 741 10.04 -52.34 -19.04
CA ALA F 741 8.83 -51.66 -19.43
C ALA F 741 9.07 -50.19 -19.70
N GLN F 742 10.23 -49.68 -19.35
CA GLN F 742 10.55 -48.28 -19.55
C GLN F 742 11.24 -48.01 -20.88
N LEU F 743 11.60 -49.04 -21.62
CA LEU F 743 12.30 -48.84 -22.89
C LEU F 743 11.43 -48.30 -23.99
N GLU F 744 10.11 -48.34 -23.83
CA GLU F 744 9.21 -48.13 -24.95
C GLU F 744 8.75 -46.69 -25.08
N GLU F 745 9.59 -45.73 -24.69
CA GLU F 745 9.38 -44.33 -25.08
C GLU F 745 10.65 -43.76 -25.70
N LEU F 746 11.56 -44.61 -26.13
CA LEU F 746 12.86 -44.47 -26.76
C LEU F 746 12.72 -44.76 -28.24
N PRO F 747 13.34 -43.94 -29.10
CA PRO F 747 13.00 -43.97 -30.54
C PRO F 747 13.39 -45.27 -31.22
N LYS F 748 12.83 -45.44 -32.41
CA LYS F 748 13.00 -46.68 -33.16
C LYS F 748 14.44 -46.82 -33.64
N GLU F 749 15.01 -45.74 -34.18
CA GLU F 749 16.35 -45.80 -34.72
C GLU F 749 17.42 -46.00 -33.65
N VAL F 750 17.12 -45.66 -32.40
CA VAL F 750 18.09 -45.86 -31.33
C VAL F 750 18.09 -47.31 -30.91
N LEU F 751 16.94 -47.97 -31.04
CA LEU F 751 16.71 -49.21 -30.32
C LEU F 751 17.44 -50.39 -30.95
N GLU F 752 17.57 -50.41 -32.28
CA GLU F 752 18.36 -51.44 -32.95
C GLU F 752 19.79 -51.03 -33.16
N GLY F 753 20.32 -50.17 -32.29
CA GLY F 753 21.74 -49.92 -32.27
C GLY F 753 22.31 -50.33 -30.94
N LEU F 754 21.44 -50.73 -30.02
CA LEU F 754 21.82 -51.05 -28.66
C LEU F 754 21.55 -52.52 -28.39
N GLU F 755 22.22 -53.03 -27.36
CA GLU F 755 22.10 -54.41 -26.91
C GLU F 755 21.83 -54.35 -25.42
N ILE F 756 20.56 -54.20 -25.05
CA ILE F 756 20.19 -54.08 -23.65
C ILE F 756 20.34 -55.44 -22.98
N LYS F 757 21.05 -55.49 -21.86
CA LYS F 757 21.20 -56.72 -21.12
C LYS F 757 20.55 -56.55 -19.76
N LEU F 758 19.34 -57.07 -19.63
CA LEU F 758 18.55 -56.88 -18.42
C LEU F 758 19.03 -57.83 -17.33
N VAL F 759 19.29 -57.28 -16.15
CA VAL F 759 19.75 -58.06 -15.02
C VAL F 759 18.84 -57.81 -13.84
N GLU F 760 18.97 -58.68 -12.83
CA GLU F 760 18.38 -58.41 -11.53
C GLU F 760 19.25 -58.87 -10.37
N ASP F 761 20.46 -59.35 -10.62
CA ASP F 761 21.41 -59.65 -9.56
C ASP F 761 22.76 -59.07 -9.98
N VAL F 762 23.65 -58.92 -9.01
CA VAL F 762 24.92 -58.28 -9.27
C VAL F 762 25.90 -59.25 -9.93
N GLY F 763 25.81 -60.53 -9.58
CA GLY F 763 26.79 -61.51 -10.03
C GLY F 763 26.81 -61.70 -11.53
N GLU F 764 25.67 -61.54 -12.18
CA GLU F 764 25.65 -61.61 -13.63
C GLU F 764 26.24 -60.36 -14.27
N VAL F 765 26.12 -59.19 -13.64
CA VAL F 765 26.77 -57.99 -14.17
C VAL F 765 28.28 -58.11 -14.04
N LEU F 766 28.75 -58.57 -12.88
CA LEU F 766 30.18 -58.73 -12.68
C LEU F 766 30.74 -59.85 -13.54
N GLU F 767 29.91 -60.83 -13.88
CA GLU F 767 30.31 -61.78 -14.90
C GLU F 767 30.42 -61.12 -16.26
N TYR F 768 29.54 -60.17 -16.53
CA TYR F 768 29.47 -59.64 -17.88
C TYR F 768 30.59 -58.67 -18.19
N LEU F 769 30.95 -57.79 -17.26
CA LEU F 769 31.86 -56.70 -17.64
C LEU F 769 33.32 -56.98 -17.41
N LEU F 770 33.68 -57.85 -16.50
CA LEU F 770 35.08 -57.97 -16.18
C LEU F 770 35.76 -58.96 -17.12
N LEU F 771 37.07 -58.84 -17.22
CA LEU F 771 37.77 -59.79 -18.07
C LEU F 771 38.38 -60.91 -17.22
N PRO F 772 38.34 -62.15 -17.70
CA PRO F 772 38.64 -63.31 -16.84
C PRO F 772 40.08 -63.39 -16.35
N GLU F 773 40.99 -62.75 -17.00
CA GLU F 773 42.37 -62.88 -16.58
C GLU F 773 42.78 -61.66 -15.78
N PRO F 774 43.40 -61.84 -14.61
CA PRO F 774 43.90 -60.68 -13.87
C PRO F 774 45.11 -60.06 -14.55
N THR F 775 45.16 -58.73 -14.50
CA THR F 775 46.15 -57.95 -15.25
C THR F 775 47.19 -57.30 -14.33
N MET F 776 46.76 -56.48 -13.43
CA MET F 776 47.68 -55.85 -12.50
C MET F 776 47.87 -56.73 -11.28
N PRO F 777 48.98 -56.58 -10.57
CA PRO F 777 49.05 -57.11 -9.23
C PRO F 777 48.20 -56.26 -8.30
N PRO F 778 47.33 -56.87 -7.48
CA PRO F 778 46.66 -56.12 -6.42
C PRO F 778 47.61 -55.67 -5.32
N VAL F 779 47.04 -55.04 -4.28
CA VAL F 779 47.83 -54.44 -3.22
C VAL F 779 48.57 -55.49 -2.39
N VAL F 780 47.91 -56.60 -2.06
CA VAL F 780 48.60 -57.73 -1.45
C VAL F 780 49.43 -58.41 -2.53
N UNK G 1 -29.34 27.90 -14.19
CA UNK G 1 -28.93 26.56 -14.67
C UNK G 1 -27.48 26.32 -14.26
N UNK G 2 -27.21 26.23 -12.96
CA UNK G 2 -25.81 26.10 -12.48
C UNK G 2 -25.20 24.79 -12.99
N UNK G 3 -23.93 24.82 -13.39
CA UNK G 3 -23.27 23.57 -13.81
C UNK G 3 -22.74 22.91 -12.54
N UNK G 4 -23.43 21.88 -12.07
CA UNK G 4 -23.05 21.24 -10.80
C UNK G 4 -23.03 19.72 -10.96
N UNK G 5 -22.47 18.99 -9.99
CA UNK G 5 -22.41 17.51 -9.99
C UNK G 5 -21.17 17.05 -10.76
N UNK G 6 -20.12 16.64 -10.04
CA UNK G 6 -18.87 16.23 -10.69
C UNK G 6 -18.80 14.71 -10.71
N UNK G 7 -18.61 14.11 -11.89
CA UNK G 7 -18.44 12.65 -11.94
C UNK G 7 -17.17 12.34 -11.16
N UNK G 8 -17.14 11.23 -10.42
CA UNK G 8 -16.00 10.97 -9.53
C UNK G 8 -14.74 10.73 -10.35
N UNK G 9 -13.57 10.96 -9.76
CA UNK G 9 -12.29 10.69 -10.44
C UNK G 9 -11.55 9.63 -9.64
N UNK G 10 -10.87 8.68 -10.29
CA UNK G 10 -10.23 7.58 -9.53
C UNK G 10 -8.76 7.92 -9.35
N UNK G 11 -8.23 7.65 -8.17
CA UNK G 11 -6.84 8.04 -7.90
C UNK G 11 -6.04 6.86 -7.40
N UNK G 12 -4.82 6.73 -7.86
CA UNK G 12 -3.93 5.65 -7.45
C UNK G 12 -3.09 6.11 -6.27
N UNK G 13 -3.00 5.29 -5.24
CA UNK G 13 -2.25 5.61 -4.03
C UNK G 13 -1.24 4.51 -3.75
N UNK G 14 -0.12 4.91 -3.17
CA UNK G 14 0.93 3.95 -2.82
C UNK G 14 0.57 3.36 -1.47
N UNK G 15 1.22 2.28 -1.09
CA UNK G 15 0.96 1.61 0.20
C UNK G 15 2.28 1.45 0.90
N UNK G 16 2.27 1.37 2.22
CA UNK G 16 3.54 1.34 2.96
C UNK G 16 4.00 -0.10 3.04
N UNK G 17 3.27 -0.98 2.36
CA UNK G 17 3.56 -2.43 2.45
C UNK G 17 3.26 -2.87 3.87
N UNK G 18 4.20 -3.57 4.51
CA UNK G 18 4.00 -4.10 5.87
C UNK G 18 5.20 -4.99 6.17
N UNK G 19 4.97 -6.13 6.83
CA UNK G 19 6.08 -7.09 7.02
C UNK G 19 5.81 -8.34 6.18
N UNK G 20 6.74 -8.69 5.31
CA UNK G 20 6.58 -9.95 4.58
C UNK G 20 7.56 -10.94 5.22
N UNK G 21 7.07 -12.09 5.67
CA UNK G 21 7.93 -13.06 6.38
C UNK G 21 9.05 -13.53 5.46
N UNK G 22 8.73 -13.83 4.21
CA UNK G 22 9.76 -14.35 3.29
C UNK G 22 10.78 -13.25 3.00
#